data_6PO3
#
_entry.id   6PO3
#
_cell.length_a   1.00
_cell.length_b   1.00
_cell.length_c   1.00
_cell.angle_alpha   90.00
_cell.angle_beta   90.00
_cell.angle_gamma   90.00
#
_symmetry.space_group_name_H-M   'P 1'
#
loop_
_entity.id
_entity.type
_entity.pdbx_description
1 polymer 'ATP-dependent Clp protease ATP-binding subunit ClpX'
2 polymer 'ATP-dependent Clp protease proteolytic subunit'
3 polymer 'substrate peptide'
4 non-polymer 'PHOSPHOTHIOPHOSPHORIC ACID-ADENYLATE ESTER'
5 non-polymer "ADENOSINE-5'-DIPHOSPHATE"
#
loop_
_entity_poly.entity_id
_entity_poly.type
_entity_poly.pdbx_seq_one_letter_code
_entity_poly.pdbx_strand_id
1 'polypeptide(L)'
;SALPTPHEIRNHLDDYVIGQEQAKKVLAVAVYNHYKRLRNGDTSNGVELGKSNILLIGPTGSGKTLLAETLARLLDVPFT
MADATTLTEAGYVGEDVENIIQKLLQKSDYDVQKAQRGIVYIDQIDKISRKSDNPSITRDVSGEGVQQALLKLIEGTVAA
VPPQGGRKHPQQEFLQVDTSKILFICGGAFAGLDKVISHRVETGSGIGFGATVKAKSDKASEGELLAQVEPEDLIKFGLI
PEFIGRLPVVATLNELSEEALIQILKEPKNALTKQYQALFNLEGVDLEFRDEALDAIAKKAMARKTGARGLRSIVEAALL
DTMYDLPSMEDVEKVVIDESVIDGQSEPLLIYGKPEAQQASGEGGGTSG
;
A,B,C,D,E,F
2 'polypeptide(L)'
;MSYSGERDNFAPHMALVPMVIEQTSRGERSFDIYSRLLKERVIFLTGQVEDHMANLIVAQMLFLEAENPEKDIYLYINSP
GGVITAGMSIYDTMQFIKPDVSTICMGQAASMGAFLLTAGAKGKRFCLPNSRVMIHQPLGGYQGQATDIEIHAREILKVK
GRMNELMALHTGQSLEQIERDTERDRFLSAPEAVEYGLVDSILTHRN
;
H,I,J,K,L,M,N
3 'polypeptide(L)' (UNK)(UNK)H(UNK)(UNK)(UNK)(UNK) S
#
# COMPACT_ATOMS: atom_id res chain seq x y z
N LEU A 3 52.86 28.58 23.27
CA LEU A 3 53.43 28.41 21.89
C LEU A 3 52.39 28.54 20.77
N PRO A 4 51.21 27.90 20.90
CA PRO A 4 50.20 28.04 19.85
C PRO A 4 49.71 29.48 19.77
N THR A 5 49.44 29.92 18.54
CA THR A 5 48.97 31.29 18.28
C THR A 5 47.74 31.21 17.38
N PRO A 6 46.56 31.70 17.81
CA PRO A 6 45.40 31.63 16.91
C PRO A 6 45.45 32.66 15.79
N HIS A 7 46.08 33.80 16.01
CA HIS A 7 46.17 34.81 14.95
C HIS A 7 47.06 34.32 13.82
N GLU A 8 48.27 33.88 14.14
CA GLU A 8 49.22 33.43 13.12
C GLU A 8 48.75 32.15 12.43
N ILE A 9 48.20 31.20 13.18
CA ILE A 9 47.77 29.94 12.58
C ILE A 9 46.71 30.17 11.51
N ARG A 10 45.82 31.15 11.72
CA ARG A 10 44.81 31.45 10.71
C ARG A 10 45.47 31.96 9.44
N ASN A 11 46.49 32.81 9.60
CA ASN A 11 47.21 33.32 8.44
C ASN A 11 47.94 32.19 7.73
N HIS A 12 48.54 31.27 8.49
CA HIS A 12 49.26 30.16 7.89
C HIS A 12 48.34 29.27 7.06
N LEU A 13 47.15 28.98 7.58
CA LEU A 13 46.21 28.16 6.83
C LEU A 13 45.71 28.90 5.60
N ASP A 14 45.62 30.24 5.67
CA ASP A 14 45.18 31.01 4.52
C ASP A 14 46.13 30.87 3.35
N ASP A 15 47.42 30.66 3.62
CA ASP A 15 48.40 30.52 2.55
C ASP A 15 48.12 29.27 1.72
N TYR A 16 47.63 28.20 2.35
CA TYR A 16 47.35 26.94 1.68
C TYR A 16 45.88 26.66 1.43
N VAL A 17 44.97 27.34 2.14
CA VAL A 17 43.54 27.13 2.01
C VAL A 17 42.85 28.46 1.78
N ILE A 18 41.84 28.47 0.92
CA ILE A 18 41.08 29.67 0.58
C ILE A 18 39.60 29.31 0.50
N GLY A 19 38.76 30.27 0.89
CA GLY A 19 37.32 30.13 0.81
C GLY A 19 36.63 29.70 2.09
N GLN A 20 37.37 29.37 3.15
CA GLN A 20 36.79 28.94 4.42
C GLN A 20 37.43 29.75 5.55
N GLU A 21 36.84 30.91 5.84
CA GLU A 21 37.36 31.79 6.89
C GLU A 21 36.83 31.41 8.28
N GLN A 22 35.53 31.07 8.37
CA GLN A 22 34.96 30.72 9.66
C GLN A 22 35.57 29.44 10.21
N ALA A 23 35.85 28.46 9.35
CA ALA A 23 36.40 27.19 9.80
C ALA A 23 37.79 27.37 10.42
N LYS A 24 38.59 28.30 9.90
CA LYS A 24 39.93 28.50 10.46
C LYS A 24 39.86 29.00 11.89
N LYS A 25 38.85 29.83 12.19
CA LYS A 25 38.71 30.35 13.55
C LYS A 25 38.35 29.24 14.53
N VAL A 26 37.51 28.30 14.09
CA VAL A 26 37.07 27.23 14.98
C VAL A 26 38.23 26.30 15.34
N LEU A 27 39.05 25.95 14.35
CA LEU A 27 40.17 25.05 14.62
C LEU A 27 41.22 25.68 15.52
N ALA A 28 41.46 26.98 15.36
CA ALA A 28 42.46 27.65 16.17
C ALA A 28 42.08 27.66 17.65
N VAL A 29 40.79 27.78 17.94
CA VAL A 29 40.34 27.79 19.33
C VAL A 29 40.48 26.40 19.94
N ALA A 30 39.99 25.37 19.24
CA ALA A 30 40.08 24.01 19.76
C ALA A 30 41.53 23.56 19.88
N VAL A 31 42.35 23.88 18.89
CA VAL A 31 43.76 23.47 18.92
C VAL A 31 44.48 24.15 20.09
N TYR A 32 44.22 25.45 20.28
CA TYR A 32 44.85 26.18 21.38
C TYR A 32 44.35 25.68 22.72
N ASN A 33 43.04 25.46 22.85
CA ASN A 33 42.47 25.01 24.11
C ASN A 33 42.96 23.62 24.49
N HIS A 34 43.03 22.72 23.51
CA HIS A 34 43.45 21.34 23.81
C HIS A 34 44.86 21.30 24.37
N TYR A 35 45.80 22.01 23.75
CA TYR A 35 47.17 22.01 24.26
C TYR A 35 47.28 22.77 25.56
N LYS A 36 46.52 23.86 25.71
CA LYS A 36 46.55 24.62 26.96
C LYS A 36 46.09 23.74 28.11
N ARG A 37 45.10 22.87 27.87
CA ARG A 37 44.63 21.96 28.90
C ARG A 37 45.77 21.07 29.40
N LEU A 38 46.53 20.49 28.46
CA LEU A 38 47.62 19.60 28.83
C LEU A 38 48.76 20.32 29.53
N ARG A 39 48.89 21.63 29.35
CA ARG A 39 49.96 22.36 30.03
C ARG A 39 49.76 22.27 31.54
N ASN A 40 48.52 22.41 32.00
CA ASN A 40 48.14 22.29 33.41
C ASN A 40 46.98 21.31 33.43
N GLY A 41 47.29 20.02 33.52
CA GLY A 41 46.28 18.98 33.51
C GLY A 41 45.46 18.79 34.77
N ASP A 42 44.18 19.14 34.70
CA ASP A 42 43.22 18.96 35.81
C ASP A 42 43.70 19.60 37.11
N THR A 43 44.50 20.67 37.01
CA THR A 43 45.01 21.36 38.19
C THR A 43 44.20 22.60 38.54
N SER A 44 43.41 23.13 37.61
CA SER A 44 42.59 24.29 37.86
C SER A 44 41.46 23.94 38.83
N ASN A 45 40.76 24.99 39.28
CA ASN A 45 39.64 24.79 40.19
C ASN A 45 38.45 24.14 39.48
N GLY A 46 38.27 24.44 38.19
CA GLY A 46 37.15 23.89 37.44
C GLY A 46 37.31 22.40 37.25
N VAL A 47 36.41 21.61 37.83
CA VAL A 47 36.42 20.16 37.73
C VAL A 47 35.47 19.74 36.62
N GLU A 48 35.71 18.55 36.06
CA GLU A 48 34.90 18.01 34.96
C GLU A 48 34.97 18.93 33.74
N LEU A 49 36.19 19.22 33.32
CA LEU A 49 36.41 20.08 32.16
C LEU A 49 36.01 19.34 30.88
N GLY A 50 35.28 20.04 30.01
CA GLY A 50 34.83 19.43 28.77
C GLY A 50 35.98 19.07 27.85
N LYS A 51 35.86 17.92 27.19
CA LYS A 51 36.89 17.46 26.27
C LYS A 51 36.89 18.31 25.01
N SER A 52 38.09 18.64 24.54
CA SER A 52 38.29 19.44 23.33
C SER A 52 38.55 18.51 22.15
N ASN A 53 37.57 18.41 21.24
CA ASN A 53 37.67 17.59 20.05
C ASN A 53 37.23 18.42 18.84
N ILE A 54 37.36 17.84 17.65
CA ILE A 54 37.03 18.50 16.39
C ILE A 54 36.16 17.58 15.54
N LEU A 55 35.18 18.18 14.86
CA LEU A 55 34.28 17.46 13.97
C LEU A 55 34.18 18.25 12.65
N LEU A 56 34.94 17.82 11.64
CA LEU A 56 34.92 18.48 10.35
C LEU A 56 33.74 17.99 9.52
N ILE A 57 32.96 18.93 8.98
CA ILE A 57 31.80 18.61 8.16
C ILE A 57 31.76 19.63 7.02
N GLY A 58 31.86 19.14 5.78
CA GLY A 58 31.82 20.00 4.62
C GLY A 58 31.57 19.19 3.36
N PRO A 59 31.29 19.86 2.24
CA PRO A 59 31.04 19.10 1.00
C PRO A 59 32.31 18.54 0.39
N THR A 60 32.17 17.89 -0.76
CA THR A 60 33.32 17.31 -1.44
C THR A 60 34.21 18.42 -1.99
N GLY A 61 35.52 18.16 -2.01
CA GLY A 61 36.46 19.13 -2.52
C GLY A 61 36.52 20.41 -1.73
N SER A 62 36.02 20.41 -0.49
CA SER A 62 36.01 21.59 0.35
C SER A 62 37.33 21.81 1.08
N GLY A 63 38.24 20.84 1.05
CA GLY A 63 39.52 20.96 1.71
C GLY A 63 39.65 20.21 3.02
N LYS A 64 38.80 19.20 3.26
CA LYS A 64 38.90 18.44 4.50
C LYS A 64 40.24 17.73 4.59
N THR A 65 40.59 16.99 3.54
CA THR A 65 41.88 16.30 3.52
C THR A 65 43.03 17.30 3.43
N LEU A 66 42.78 18.48 2.86
CA LEU A 66 43.83 19.49 2.74
C LEU A 66 44.20 20.08 4.08
N LEU A 67 43.21 20.35 4.94
CA LEU A 67 43.49 20.93 6.24
C LEU A 67 44.34 19.99 7.09
N ALA A 68 44.13 18.68 6.96
CA ALA A 68 44.92 17.72 7.72
C ALA A 68 46.36 17.72 7.26
N GLU A 69 46.59 17.94 5.96
CA GLU A 69 47.95 17.94 5.43
C GLU A 69 48.69 19.23 5.81
N THR A 70 48.03 20.37 5.63
CA THR A 70 48.64 21.65 5.97
C THR A 70 48.94 21.75 7.46
N LEU A 71 48.00 21.31 8.30
CA LEU A 71 48.19 21.37 9.74
C LEU A 71 49.37 20.52 10.18
N ALA A 72 49.53 19.34 9.55
CA ALA A 72 50.63 18.45 9.92
C ALA A 72 51.98 19.10 9.63
N ARG A 73 52.10 19.77 8.48
CA ARG A 73 53.35 20.43 8.12
C ARG A 73 53.67 21.57 9.09
N LEU A 74 52.68 22.40 9.40
CA LEU A 74 52.90 23.52 10.30
C LEU A 74 53.16 23.07 11.73
N LEU A 75 52.41 22.09 12.21
CA LEU A 75 52.55 21.63 13.59
C LEU A 75 53.81 20.80 13.78
N ASP A 76 54.37 20.89 15.00
CA ASP A 76 55.60 20.17 15.33
C ASP A 76 55.37 18.73 15.76
N VAL A 77 54.26 18.43 16.43
CA VAL A 77 54.02 17.07 16.92
C VAL A 77 53.73 16.16 15.73
N PRO A 78 53.95 14.85 15.84
CA PRO A 78 53.67 13.97 14.70
C PRO A 78 52.19 13.91 14.40
N PHE A 79 51.89 13.71 13.12
CA PHE A 79 50.52 13.66 12.61
C PHE A 79 50.33 12.34 11.85
N THR A 80 49.08 11.89 11.81
CA THR A 80 48.72 10.65 11.13
C THR A 80 47.48 10.88 10.28
N MET A 81 47.36 10.09 9.22
CA MET A 81 46.25 10.17 8.28
C MET A 81 45.74 8.74 8.08
N ALA A 82 44.67 8.39 8.78
CA ALA A 82 44.09 7.06 8.72
C ALA A 82 42.84 7.10 7.85
N ASP A 83 42.17 5.95 7.77
CA ASP A 83 40.97 5.79 6.97
C ASP A 83 40.00 4.89 7.73
N ALA A 84 38.71 5.22 7.65
CA ALA A 84 37.70 4.46 8.35
C ALA A 84 37.23 3.24 7.56
N THR A 85 37.40 3.24 6.24
CA THR A 85 36.97 2.09 5.45
C THR A 85 37.77 0.84 5.81
N THR A 86 39.07 1.00 6.05
CA THR A 86 39.91 -0.13 6.41
C THR A 86 39.54 -0.69 7.77
N LEU A 87 39.05 0.16 8.67
CA LEU A 87 38.70 -0.26 10.03
C LEU A 87 37.63 -1.35 10.00
N THR A 88 37.83 -2.35 10.86
CA THR A 88 36.92 -3.48 11.01
C THR A 88 36.87 -3.83 12.49
N GLU A 89 35.81 -4.54 12.88
CA GLU A 89 35.64 -4.93 14.27
C GLU A 89 36.19 -6.32 14.49
N ALA A 90 36.75 -6.53 15.69
CA ALA A 90 37.36 -7.78 16.13
C ALA A 90 38.41 -8.30 15.14
N GLY A 91 38.99 -7.41 14.33
CA GLY A 91 40.06 -7.74 13.39
C GLY A 91 39.97 -9.03 12.62
N TYR A 92 38.92 -9.29 11.83
CA TYR A 92 38.91 -10.61 11.20
C TYR A 92 40.00 -10.72 10.13
N VAL A 93 39.92 -9.93 9.06
CA VAL A 93 41.01 -9.91 8.07
C VAL A 93 41.39 -8.48 7.66
N GLY A 94 40.52 -7.51 7.94
CA GLY A 94 40.80 -6.16 7.48
C GLY A 94 41.83 -5.33 8.20
N GLU A 95 41.58 -5.00 9.45
CA GLU A 95 42.46 -4.16 10.27
C GLU A 95 41.91 -4.20 11.68
N ASP A 96 42.59 -3.51 12.59
CA ASP A 96 42.17 -3.39 13.97
C ASP A 96 42.32 -1.93 14.38
N VAL A 97 41.57 -1.54 15.41
CA VAL A 97 41.61 -0.16 15.88
C VAL A 97 42.97 0.15 16.47
N GLU A 98 43.58 -0.82 17.15
CA GLU A 98 44.88 -0.60 17.78
C GLU A 98 45.97 -0.28 16.77
N ASN A 99 45.82 -0.71 15.51
CA ASN A 99 46.83 -0.41 14.50
C ASN A 99 47.03 1.08 14.32
N ILE A 100 45.98 1.88 14.56
CA ILE A 100 46.09 3.33 14.44
C ILE A 100 47.15 3.87 15.37
N ILE A 101 47.28 3.25 16.56
CA ILE A 101 48.28 3.70 17.51
C ILE A 101 49.67 3.26 17.08
N GLN A 102 49.77 2.10 16.42
CA GLN A 102 51.07 1.62 15.96
C GLN A 102 51.66 2.56 14.92
N LYS A 103 50.85 3.01 13.95
CA LYS A 103 51.36 3.93 12.95
C LYS A 103 51.76 5.26 13.57
N LEU A 104 51.09 5.66 14.65
CA LEU A 104 51.43 6.91 15.30
C LEU A 104 52.83 6.83 15.91
N LEU A 105 53.20 5.68 16.47
CA LEU A 105 54.52 5.54 17.06
C LEU A 105 55.60 5.55 15.98
N GLN A 106 55.31 4.98 14.81
CA GLN A 106 56.29 5.00 13.73
C GLN A 106 56.62 6.43 13.34
N LYS A 107 55.62 7.32 13.36
CA LYS A 107 55.86 8.72 13.06
C LYS A 107 56.59 9.40 14.22
N SER A 108 56.32 8.97 15.45
CA SER A 108 56.94 9.52 16.64
C SER A 108 58.19 8.77 17.07
N ASP A 109 58.55 7.69 16.36
CA ASP A 109 59.73 6.89 16.68
C ASP A 109 59.69 6.36 18.11
N TYR A 110 58.61 5.61 18.40
CA TYR A 110 58.35 4.98 19.69
C TYR A 110 58.64 5.90 20.87
N ASP A 111 58.04 7.09 20.83
CA ASP A 111 58.19 8.10 21.88
C ASP A 111 56.81 8.29 22.52
N VAL A 112 56.59 7.64 23.67
CA VAL A 112 55.30 7.74 24.34
C VAL A 112 55.05 9.16 24.82
N GLN A 113 56.07 9.82 25.36
CA GLN A 113 55.91 11.20 25.83
C GLN A 113 55.58 12.13 24.67
N LYS A 114 56.13 11.87 23.50
CA LYS A 114 55.90 12.68 22.31
C LYS A 114 54.68 12.23 21.52
N ALA A 115 54.23 10.99 21.72
CA ALA A 115 53.07 10.47 20.99
C ALA A 115 51.76 10.85 21.66
N GLN A 116 51.73 10.96 22.99
CA GLN A 116 50.48 11.32 23.67
C GLN A 116 50.01 12.72 23.30
N ARG A 117 50.93 13.60 22.89
CA ARG A 117 50.59 14.95 22.48
C ARG A 117 50.37 15.06 20.98
N GLY A 118 50.13 13.92 20.30
CA GLY A 118 49.92 13.92 18.87
C GLY A 118 48.48 14.20 18.48
N ILE A 119 48.28 14.34 17.17
CA ILE A 119 46.97 14.62 16.57
C ILE A 119 46.56 13.43 15.73
N VAL A 120 45.26 13.20 15.65
CA VAL A 120 44.68 12.10 14.88
C VAL A 120 43.59 12.65 13.97
N TYR A 121 43.57 12.18 12.73
CA TYR A 121 42.59 12.61 11.73
C TYR A 121 42.10 11.38 10.99
N ILE A 122 40.79 11.14 11.05
CA ILE A 122 40.16 10.00 10.40
C ILE A 122 39.28 10.53 9.27
N ASP A 123 39.56 10.09 8.05
CA ASP A 123 38.79 10.48 6.88
C ASP A 123 37.59 9.57 6.71
N GLN A 124 36.60 10.07 5.97
CA GLN A 124 35.37 9.34 5.66
C GLN A 124 34.68 8.84 6.93
N ILE A 125 34.38 9.79 7.83
CA ILE A 125 33.72 9.45 9.08
C ILE A 125 32.34 8.86 8.82
N ASP A 126 31.67 9.28 7.74
CA ASP A 126 30.34 8.76 7.43
C ASP A 126 30.34 7.26 7.14
N LYS A 127 31.49 6.70 6.75
CA LYS A 127 31.58 5.27 6.44
C LYS A 127 31.16 4.40 7.62
N ILE A 128 31.48 4.83 8.84
CA ILE A 128 31.17 4.02 10.02
C ILE A 128 29.74 4.21 10.50
N SER A 129 28.93 4.96 9.74
CA SER A 129 27.54 5.15 10.10
C SER A 129 26.86 3.80 10.26
N ARG A 130 26.13 3.65 11.36
CA ARG A 130 25.46 2.38 11.66
C ARG A 130 24.22 2.23 10.80
N LYS A 131 24.29 1.30 9.84
CA LYS A 131 23.17 0.96 8.97
C LYS A 131 23.08 -0.56 9.08
N SER A 132 22.33 -1.01 10.08
CA SER A 132 22.13 -2.43 10.37
C SER A 132 20.66 -2.83 10.24
N ASP A 133 19.94 -2.19 9.31
CA ASP A 133 18.53 -2.53 9.13
C ASP A 133 18.36 -4.00 8.79
N ASN A 134 19.13 -4.49 7.81
CA ASN A 134 19.10 -5.90 7.44
C ASN A 134 20.44 -6.53 7.78
N PRO A 135 20.59 -7.14 8.97
CA PRO A 135 21.85 -7.78 9.36
C PRO A 135 21.92 -9.25 8.96
N ARG A 139 27.61 -11.12 10.59
CA ARG A 139 27.27 -9.90 11.33
C ARG A 139 27.85 -8.67 10.64
N ASP A 140 27.54 -7.49 11.18
CA ASP A 140 28.02 -6.24 10.62
C ASP A 140 29.44 -5.98 11.12
N VAL A 141 30.39 -5.86 10.19
CA VAL A 141 31.79 -5.64 10.52
C VAL A 141 32.20 -4.18 10.40
N SER A 142 31.49 -3.37 9.62
CA SER A 142 31.81 -1.97 9.40
C SER A 142 30.82 -1.01 10.06
N GLY A 143 29.77 -1.51 10.70
CA GLY A 143 28.77 -0.66 11.31
C GLY A 143 28.97 -0.38 12.79
N GLU A 144 28.06 -0.87 13.62
CA GLU A 144 28.10 -0.63 15.05
C GLU A 144 29.42 -1.10 15.67
N GLY A 145 29.94 -2.23 15.21
CA GLY A 145 31.18 -2.75 15.78
C GLY A 145 32.33 -1.77 15.70
N VAL A 146 32.47 -1.06 14.59
CA VAL A 146 33.56 -0.10 14.44
C VAL A 146 33.33 1.10 15.36
N GLN A 147 32.14 1.69 15.29
CA GLN A 147 31.82 2.85 16.11
C GLN A 147 31.94 2.54 17.59
N GLN A 148 31.51 1.35 18.00
CA GLN A 148 31.60 0.97 19.42
C GLN A 148 33.06 0.93 19.87
N ALA A 149 33.93 0.33 19.06
CA ALA A 149 35.35 0.26 19.40
C ALA A 149 35.98 1.65 19.40
N LEU A 150 35.64 2.47 18.39
CA LEU A 150 36.20 3.81 18.31
C LEU A 150 35.75 4.67 19.48
N LEU A 151 34.47 4.54 19.88
CA LEU A 151 33.98 5.33 21.00
C LEU A 151 34.72 4.97 22.28
N LYS A 152 35.04 3.69 22.46
CA LYS A 152 35.80 3.28 23.64
C LYS A 152 37.16 3.95 23.64
N LEU A 153 37.81 4.01 22.48
CA LEU A 153 39.11 4.66 22.36
C LEU A 153 38.97 6.17 22.54
N ILE A 154 37.95 6.76 21.94
CA ILE A 154 37.78 8.22 22.02
C ILE A 154 37.45 8.63 23.45
N GLU A 155 36.78 7.75 24.21
CA GLU A 155 36.47 8.07 25.61
C GLU A 155 37.74 8.34 26.41
N GLY A 156 38.80 7.60 26.11
CA GLY A 156 40.09 7.72 26.78
C GLY A 156 40.36 6.50 27.61
N THR A 157 41.21 5.62 27.08
CA THR A 157 41.58 4.38 27.75
C THR A 157 42.98 4.00 27.30
N VAL A 158 43.66 3.22 28.14
CA VAL A 158 45.01 2.74 27.84
C VAL A 158 44.89 1.41 27.12
N ALA A 159 45.53 1.32 25.95
CA ALA A 159 45.49 0.11 25.13
C ALA A 159 46.89 -0.48 25.00
N ALA A 160 46.96 -1.80 25.07
CA ALA A 160 48.23 -2.50 24.94
C ALA A 160 48.73 -2.39 23.50
N VAL A 161 49.99 -1.99 23.34
CA VAL A 161 50.62 -1.85 22.03
C VAL A 161 52.03 -2.43 22.12
N PRO A 162 52.38 -3.51 21.42
CA PRO A 162 53.74 -4.04 21.53
C PRO A 162 54.74 -3.05 20.95
N PRO A 163 55.67 -2.50 21.75
CA PRO A 163 56.64 -1.56 21.18
C PRO A 163 57.66 -2.30 20.33
N GLN A 164 57.76 -1.92 19.06
CA GLN A 164 58.68 -2.49 18.08
C GLN A 164 58.28 -3.90 17.64
N GLY A 165 57.20 -4.47 18.19
CA GLY A 165 56.78 -5.81 17.84
C GLY A 165 57.35 -6.90 18.72
N GLY A 166 58.44 -6.63 19.43
CA GLY A 166 59.05 -7.62 20.29
C GLY A 166 60.05 -8.48 19.56
N ARG A 167 61.12 -8.87 20.25
CA ARG A 167 62.17 -9.70 19.65
C ARG A 167 61.71 -11.15 19.57
N GLN A 171 59.36 -11.57 25.25
CA GLN A 171 59.10 -10.31 25.93
C GLN A 171 57.72 -10.31 26.57
N GLN A 172 56.70 -10.65 25.76
CA GLN A 172 55.30 -10.73 26.20
C GLN A 172 54.88 -9.52 27.04
N GLU A 173 55.31 -8.34 26.63
CA GLU A 173 54.97 -7.09 27.33
C GLU A 173 54.39 -6.10 26.34
N PHE A 174 53.61 -5.15 26.88
CA PHE A 174 52.97 -4.11 26.11
C PHE A 174 52.96 -2.83 26.92
N LEU A 175 52.93 -1.69 26.23
CA LEU A 175 52.92 -0.39 26.87
C LEU A 175 51.50 0.14 26.99
N GLN A 176 51.21 0.81 28.11
CA GLN A 176 49.89 1.37 28.38
C GLN A 176 49.92 2.85 28.00
N VAL A 177 49.83 3.12 26.71
CA VAL A 177 49.85 4.49 26.21
C VAL A 177 48.48 5.12 26.45
N ASP A 178 48.46 6.29 27.07
CA ASP A 178 47.21 6.99 27.32
C ASP A 178 46.55 7.41 26.01
N THR A 179 45.27 7.77 26.10
CA THR A 179 44.49 8.21 24.95
C THR A 179 43.70 9.49 25.18
N SER A 180 43.40 9.86 26.42
CA SER A 180 42.64 11.07 26.66
C SER A 180 43.39 12.33 26.23
N LYS A 181 44.72 12.30 26.32
CA LYS A 181 45.52 13.47 25.93
C LYS A 181 45.52 13.66 24.42
N ILE A 182 45.61 12.56 23.66
CA ILE A 182 45.68 12.65 22.21
C ILE A 182 44.40 13.26 21.66
N LEU A 183 44.55 14.11 20.65
CA LEU A 183 43.44 14.78 19.98
C LEU A 183 42.98 13.94 18.79
N PHE A 184 41.71 14.15 18.42
CA PHE A 184 41.10 13.44 17.30
C PHE A 184 40.31 14.41 16.44
N ILE A 185 40.42 14.23 15.12
CA ILE A 185 39.74 15.08 14.15
C ILE A 185 38.92 14.15 13.25
N CYS A 186 37.65 13.97 13.60
CA CYS A 186 36.74 13.14 12.83
C CYS A 186 36.14 13.98 11.72
N GLY A 187 36.41 13.61 10.47
CA GLY A 187 35.92 14.37 9.34
C GLY A 187 35.64 13.50 8.13
N GLY A 188 34.70 13.95 7.32
CA GLY A 188 34.32 13.24 6.11
C GLY A 188 33.10 13.91 5.50
N ALA A 189 32.84 13.53 4.25
CA ALA A 189 31.72 14.10 3.52
C ALA A 189 30.43 13.40 3.92
N PHE A 190 29.44 14.20 4.32
CA PHE A 190 28.14 13.71 4.74
C PHE A 190 27.16 13.84 3.58
N ALA A 191 26.71 12.71 3.05
CA ALA A 191 25.76 12.67 1.94
C ALA A 191 24.39 12.30 2.48
N GLY A 192 23.41 13.16 2.23
CA GLY A 192 22.06 12.98 2.71
C GLY A 192 21.77 13.73 3.99
N LEU A 193 22.80 14.32 4.61
CA LEU A 193 22.62 15.08 5.85
C LEU A 193 21.79 16.33 5.60
N ASP A 194 22.02 17.01 4.47
CA ASP A 194 21.26 18.21 4.14
C ASP A 194 19.77 17.91 4.10
N LYS A 195 19.39 16.79 3.47
CA LYS A 195 17.99 16.41 3.40
C LYS A 195 17.41 16.22 4.80
N VAL A 196 18.20 15.64 5.71
CA VAL A 196 17.73 15.42 7.07
C VAL A 196 17.46 16.74 7.77
N ILE A 197 18.37 17.71 7.63
CA ILE A 197 18.15 19.01 8.25
C ILE A 197 16.98 19.70 7.56
N SER A 198 16.90 19.59 6.23
CA SER A 198 15.79 20.21 5.53
C SER A 198 14.46 19.58 5.93
N HIS A 199 14.45 18.27 6.13
CA HIS A 199 13.23 17.56 6.53
C HIS A 199 12.72 18.08 7.87
N ARG A 200 13.63 18.32 8.81
CA ARG A 200 13.23 18.79 10.13
C ARG A 200 12.71 20.22 10.09
N VAL A 201 13.41 21.11 9.38
CA VAL A 201 13.05 22.52 9.29
C VAL A 201 12.85 22.91 7.83
N GLU A 202 11.60 23.20 7.46
CA GLU A 202 11.27 23.68 6.11
C GLU A 202 10.67 25.08 6.19
N THR A 203 9.68 25.24 7.06
CA THR A 203 8.94 26.48 7.27
C THR A 203 8.53 27.11 5.93
N GLY A 204 7.74 26.35 5.18
CA GLY A 204 7.29 26.78 3.87
C GLY A 204 5.96 26.17 3.47
N SER A 205 5.79 26.00 2.15
CA SER A 205 4.60 25.41 1.55
C SER A 205 3.32 26.12 1.98
N GLY A 206 3.32 27.44 1.83
CA GLY A 206 2.16 28.25 2.14
C GLY A 206 1.38 28.57 0.88
N ILE A 207 0.11 28.17 0.84
CA ILE A 207 -0.75 28.40 -0.32
C ILE A 207 -1.55 29.69 -0.22
N GLY A 208 -1.56 30.36 0.92
CA GLY A 208 -2.31 31.59 1.06
C GLY A 208 -1.67 32.76 0.34
N PHE A 209 -2.50 33.79 0.05
CA PHE A 209 -1.99 34.99 -0.60
C PHE A 209 -0.88 35.62 0.22
N GLY A 210 -1.09 35.72 1.53
CA GLY A 210 -0.08 36.31 2.39
C GLY A 210 1.18 35.47 2.49
N ALA A 211 1.01 34.15 2.50
CA ALA A 211 2.16 33.27 2.61
C ALA A 211 3.04 33.36 1.37
N THR A 212 4.32 33.06 1.56
CA THR A 212 5.33 33.11 0.53
C THR A 212 5.84 31.69 0.24
N VAL A 213 6.24 31.48 -1.01
CA VAL A 213 6.74 30.19 -1.48
C VAL A 213 8.10 30.40 -2.14
N LYS A 214 9.06 29.56 -1.78
CA LYS A 214 10.42 29.62 -2.30
C LYS A 214 10.76 28.25 -2.88
N ALA A 215 10.73 28.14 -4.21
CA ALA A 215 11.02 26.88 -4.88
C ALA A 215 12.50 26.74 -5.22
N LYS A 216 13.11 27.79 -5.77
CA LYS A 216 14.52 27.75 -6.12
C LYS A 216 15.37 28.19 -4.93
N SER A 217 15.01 29.31 -4.31
CA SER A 217 15.73 29.78 -3.14
C SER A 217 15.58 28.76 -2.02
N ASP A 218 16.72 28.37 -1.43
CA ASP A 218 16.74 27.39 -0.35
C ASP A 218 17.48 27.94 0.87
N LYS A 219 17.47 29.27 1.03
CA LYS A 219 18.12 29.96 2.14
C LYS A 219 19.55 29.47 2.34
N ALA A 220 20.37 29.64 1.29
CA ALA A 220 21.78 29.22 1.29
C ALA A 220 21.93 27.79 1.81
N SER A 221 21.29 26.87 1.10
CA SER A 221 21.26 25.47 1.50
C SER A 221 22.66 24.89 1.71
N GLU A 222 23.63 25.28 0.86
CA GLU A 222 24.97 24.74 1.01
C GLU A 222 25.63 25.17 2.32
N GLY A 223 25.54 26.45 2.68
CA GLY A 223 26.17 26.92 3.91
C GLY A 223 25.31 27.18 5.13
N GLU A 224 24.15 27.83 4.94
CA GLU A 224 23.29 28.13 6.08
C GLU A 224 22.75 26.86 6.73
N LEU A 225 22.37 25.88 5.91
CA LEU A 225 21.80 24.65 6.45
C LEU A 225 22.79 23.95 7.36
N LEU A 226 24.07 23.93 6.97
CA LEU A 226 25.09 23.31 7.80
C LEU A 226 25.24 24.05 9.13
N ALA A 227 25.18 25.38 9.08
CA ALA A 227 25.32 26.18 10.29
C ALA A 227 24.25 25.85 11.33
N GLN A 228 23.06 25.44 10.89
CA GLN A 228 21.96 25.12 11.79
C GLN A 228 21.86 23.63 12.09
N VAL A 229 22.96 22.88 11.94
CA VAL A 229 22.94 21.46 12.21
C VAL A 229 22.88 21.25 13.73
N GLU A 230 22.26 20.15 14.14
CA GLU A 230 22.09 19.79 15.53
C GLU A 230 22.53 18.35 15.75
N PRO A 231 22.86 17.97 16.99
CA PRO A 231 23.27 16.58 17.24
C PRO A 231 22.16 15.59 16.93
N GLU A 232 20.92 15.94 17.27
CA GLU A 232 19.77 15.05 17.05
C GLU A 232 19.62 14.69 15.59
N ASP A 233 20.07 15.54 14.67
CA ASP A 233 19.95 15.24 13.25
C ASP A 233 20.89 14.10 12.86
N LEU A 234 22.09 14.08 13.45
CA LEU A 234 23.04 13.02 13.16
C LEU A 234 22.59 11.67 13.71
N ILE A 235 21.74 11.68 14.73
CA ILE A 235 21.27 10.41 15.31
C ILE A 235 20.44 9.66 14.28
N LYS A 236 19.59 10.38 13.54
CA LYS A 236 18.80 9.75 12.49
C LYS A 236 19.67 9.29 11.33
N PHE A 237 20.86 9.90 11.17
CA PHE A 237 21.76 9.51 10.09
C PHE A 237 22.32 8.11 10.33
N GLY A 238 22.60 7.78 11.59
CA GLY A 238 23.13 6.48 11.95
C GLY A 238 24.17 6.54 13.06
N LEU A 239 24.72 7.72 13.34
CA LEU A 239 25.73 7.81 14.38
C LEU A 239 25.11 7.61 15.76
N ILE A 240 25.98 7.28 16.71
CA ILE A 240 25.60 7.03 18.09
C ILE A 240 25.56 8.38 18.81
N PRO A 241 24.58 8.66 19.69
CA PRO A 241 24.59 9.97 20.36
C PRO A 241 25.80 10.19 21.26
N GLU A 242 26.27 9.13 21.91
CA GLU A 242 27.43 9.26 22.79
C GLU A 242 28.66 9.69 22.00
N PHE A 243 28.77 9.25 20.74
CA PHE A 243 29.92 9.64 19.93
C PHE A 243 29.87 11.13 19.61
N ILE A 244 28.68 11.66 19.34
CA ILE A 244 28.56 13.08 19.04
C ILE A 244 28.70 13.91 20.30
N GLY A 245 28.30 13.37 21.44
CA GLY A 245 28.43 14.09 22.70
C GLY A 245 29.86 14.42 23.04
N ARG A 246 30.80 13.57 22.63
CA ARG A 246 32.21 13.75 22.91
C ARG A 246 32.88 14.78 22.00
N LEU A 247 32.16 15.39 21.06
CA LEU A 247 32.74 16.37 20.14
C LEU A 247 31.88 17.64 20.14
N PRO A 248 32.09 18.52 21.12
CA PRO A 248 31.32 19.78 21.14
C PRO A 248 31.62 20.73 20.00
N VAL A 249 32.74 20.57 19.29
CA VAL A 249 33.16 21.49 18.24
C VAL A 249 32.87 20.88 16.88
N VAL A 250 32.11 21.62 16.07
CA VAL A 250 31.75 21.22 14.72
C VAL A 250 32.12 22.35 13.77
N ALA A 251 32.71 21.98 12.63
CA ALA A 251 33.14 22.93 11.60
C ALA A 251 32.21 22.83 10.40
N THR A 252 31.71 23.97 9.95
CA THR A 252 30.81 24.06 8.81
C THR A 252 31.52 24.78 7.68
N LEU A 253 31.51 24.17 6.50
CA LEU A 253 32.16 24.72 5.31
C LEU A 253 31.12 24.98 4.22
N ASN A 254 31.07 26.22 3.74
CA ASN A 254 30.16 26.58 2.67
C ASN A 254 30.75 26.19 1.32
N GLU A 255 29.89 26.18 0.30
CA GLU A 255 30.35 25.86 -1.04
C GLU A 255 31.28 26.95 -1.53
N LEU A 256 32.29 26.56 -2.31
CA LEU A 256 33.26 27.52 -2.81
C LEU A 256 32.59 28.53 -3.72
N SER A 257 33.01 29.79 -3.59
CA SER A 257 32.50 30.88 -4.42
C SER A 257 33.31 30.98 -5.70
N GLU A 258 32.71 31.62 -6.70
CA GLU A 258 33.41 31.80 -7.98
C GLU A 258 34.69 32.61 -7.79
N GLU A 259 34.67 33.57 -6.88
CA GLU A 259 35.87 34.36 -6.62
C GLU A 259 36.98 33.48 -6.03
N ALA A 260 36.62 32.60 -5.10
CA ALA A 260 37.60 31.70 -4.49
C ALA A 260 38.25 30.80 -5.53
N LEU A 261 37.45 30.31 -6.48
CA LEU A 261 37.99 29.42 -7.51
C LEU A 261 39.10 30.10 -8.30
N ILE A 262 38.89 31.36 -8.69
CA ILE A 262 39.91 32.09 -9.44
C ILE A 262 41.20 32.17 -8.63
N GLN A 263 41.08 32.46 -7.33
CA GLN A 263 42.25 32.54 -6.47
C GLN A 263 42.99 31.21 -6.41
N ILE A 264 42.24 30.10 -6.41
CA ILE A 264 42.87 28.78 -6.31
C ILE A 264 43.65 28.43 -7.56
N LEU A 265 43.30 29.01 -8.71
CA LEU A 265 44.03 28.75 -9.95
C LEU A 265 45.25 29.64 -10.12
N LYS A 266 45.40 30.70 -9.32
CA LYS A 266 46.52 31.63 -9.44
C LYS A 266 47.47 31.61 -8.25
N GLU A 267 46.97 31.80 -7.03
CA GLU A 267 47.84 31.87 -5.86
C GLU A 267 48.58 30.57 -5.53
N PRO A 268 47.94 29.40 -5.49
CA PRO A 268 48.68 28.19 -5.10
C PRO A 268 49.76 27.80 -6.09
N LYS A 269 50.74 27.08 -5.57
CA LYS A 269 51.84 26.56 -6.38
C LYS A 269 51.48 25.25 -7.07
N ASN A 270 50.31 24.69 -6.76
CA ASN A 270 49.79 23.48 -7.37
C ASN A 270 48.64 23.81 -8.33
N ALA A 271 48.57 25.06 -8.77
CA ALA A 271 47.53 25.52 -9.67
C ALA A 271 47.56 24.75 -10.98
N LEU A 272 46.38 24.54 -11.55
CA LEU A 272 46.27 23.81 -12.81
C LEU A 272 47.02 24.54 -13.93
N THR A 273 46.84 25.86 -14.01
CA THR A 273 47.52 26.65 -15.05
C THR A 273 49.03 26.55 -14.91
N LYS A 274 49.54 26.56 -13.68
CA LYS A 274 50.99 26.50 -13.48
C LYS A 274 51.55 25.15 -13.88
N GLN A 275 50.89 24.06 -13.48
CA GLN A 275 51.40 22.74 -13.86
C GLN A 275 51.20 22.49 -15.35
N TYR A 276 50.03 22.83 -15.90
CA TYR A 276 49.78 22.60 -17.31
C TYR A 276 50.71 23.45 -18.18
N GLN A 277 50.89 24.72 -17.84
CA GLN A 277 51.81 25.55 -18.62
C GLN A 277 53.23 25.02 -18.48
N ALA A 278 53.59 24.54 -17.29
CA ALA A 278 54.90 23.94 -17.09
C ALA A 278 55.06 22.72 -17.99
N LEU A 279 54.01 21.92 -18.11
CA LEU A 279 54.05 20.76 -18.99
C LEU A 279 54.23 21.20 -20.43
N PHE A 280 53.51 22.25 -20.84
CA PHE A 280 53.65 22.77 -22.19
C PHE A 280 55.04 23.35 -22.40
N ASN A 281 55.62 23.95 -21.36
CA ASN A 281 56.97 24.50 -21.46
C ASN A 281 57.97 23.40 -21.80
N LEU A 282 57.77 22.20 -21.26
CA LEU A 282 58.66 21.09 -21.59
C LEU A 282 58.60 20.81 -23.08
N GLU A 283 57.40 20.87 -23.66
CA GLU A 283 57.26 20.69 -25.10
C GLU A 283 57.96 21.82 -25.85
N GLY A 284 57.98 23.02 -25.28
CA GLY A 284 58.64 24.18 -25.86
C GLY A 284 57.73 25.34 -26.21
N VAL A 285 56.43 25.28 -25.93
CA VAL A 285 55.48 26.35 -26.24
C VAL A 285 54.88 26.87 -24.94
N ASP A 286 54.85 28.20 -24.80
CA ASP A 286 54.28 28.83 -23.62
C ASP A 286 52.75 28.81 -23.70
N LEU A 287 52.11 28.79 -22.53
CA LEU A 287 50.67 28.78 -22.40
C LEU A 287 50.21 30.05 -21.73
N GLU A 288 49.23 30.73 -22.34
CA GLU A 288 48.69 31.99 -21.83
C GLU A 288 47.19 31.88 -21.62
N PHE A 289 46.73 32.30 -20.44
CA PHE A 289 45.32 32.30 -20.07
C PHE A 289 44.92 33.71 -19.68
N ARG A 290 43.83 34.20 -20.29
CA ARG A 290 43.33 35.54 -19.99
C ARG A 290 42.42 35.52 -18.77
N ASP A 291 42.20 36.71 -18.20
CA ASP A 291 41.33 36.83 -17.03
C ASP A 291 39.89 36.48 -17.38
N GLU A 292 39.44 36.80 -18.60
CA GLU A 292 38.08 36.50 -19.01
C GLU A 292 37.81 35.01 -18.96
N ALA A 293 38.80 34.19 -19.31
CA ALA A 293 38.64 32.75 -19.26
C ALA A 293 38.47 32.25 -17.82
N LEU A 294 39.17 32.88 -16.88
CA LEU A 294 39.13 32.41 -15.49
C LEU A 294 37.73 32.52 -14.89
N ASP A 295 37.08 33.68 -14.99
CA ASP A 295 35.74 33.82 -14.42
C ASP A 295 34.75 32.91 -15.13
N ALA A 296 34.92 32.71 -16.45
CA ALA A 296 34.04 31.81 -17.17
C ALA A 296 34.17 30.39 -16.64
N ILE A 297 35.39 29.96 -16.33
CA ILE A 297 35.63 28.63 -15.80
C ILE A 297 34.91 28.45 -14.48
N ALA A 298 34.95 29.48 -13.63
CA ALA A 298 34.32 29.41 -12.32
C ALA A 298 32.82 29.15 -12.43
N LYS A 299 32.15 29.81 -13.37
CA LYS A 299 30.72 29.62 -13.53
C LYS A 299 30.40 28.18 -13.92
N LYS A 300 31.18 27.61 -14.85
CA LYS A 300 30.96 26.23 -15.26
C LYS A 300 31.23 25.27 -14.11
N ALA A 301 32.28 25.52 -13.33
CA ALA A 301 32.63 24.65 -12.22
C ALA A 301 31.52 24.62 -11.17
N MET A 302 30.97 25.78 -10.82
CA MET A 302 29.92 25.83 -9.81
C MET A 302 28.67 25.09 -10.29
N ALA A 303 28.41 25.11 -11.60
CA ALA A 303 27.26 24.40 -12.14
C ALA A 303 27.38 22.89 -11.91
N ARG A 304 28.60 22.36 -12.08
CA ARG A 304 28.83 20.94 -11.88
C ARG A 304 28.60 20.52 -10.43
N LYS A 305 28.84 21.42 -9.49
CA LYS A 305 28.66 21.15 -8.06
C LYS A 305 29.53 19.97 -7.61
N THR A 306 30.75 19.91 -8.15
CA THR A 306 31.71 18.86 -7.82
C THR A 306 32.86 19.37 -6.96
N GLY A 307 32.94 20.67 -6.69
CA GLY A 307 34.02 21.21 -5.91
C GLY A 307 35.25 21.46 -6.77
N ALA A 308 36.36 21.74 -6.08
CA ALA A 308 37.61 21.99 -6.79
C ALA A 308 38.10 20.76 -7.53
N ARG A 309 37.85 19.57 -6.99
CA ARG A 309 38.31 18.34 -7.62
C ARG A 309 37.76 18.17 -9.03
N GLY A 310 36.56 18.68 -9.30
CA GLY A 310 35.98 18.58 -10.63
C GLY A 310 36.31 19.74 -11.53
N LEU A 311 37.07 20.70 -11.04
CA LEU A 311 37.47 21.86 -11.85
C LEU A 311 38.30 21.42 -13.05
N ARG A 312 39.17 20.43 -12.85
CA ARG A 312 40.07 19.95 -13.90
C ARG A 312 39.33 19.52 -15.16
N SER A 313 38.14 18.93 -15.00
CA SER A 313 37.38 18.43 -16.15
C SER A 313 37.15 19.52 -17.20
N ILE A 314 36.76 20.71 -16.76
CA ILE A 314 36.48 21.79 -17.71
C ILE A 314 37.77 22.21 -18.42
N VAL A 315 38.87 22.34 -17.67
CA VAL A 315 40.13 22.78 -18.25
C VAL A 315 40.69 21.75 -19.22
N GLU A 316 40.61 20.47 -18.87
CA GLU A 316 41.21 19.44 -19.71
C GLU A 316 40.39 19.19 -20.97
N ALA A 317 39.07 19.03 -20.83
CA ALA A 317 38.20 18.81 -21.98
C ALA A 317 38.34 19.94 -23.00
N ALA A 318 38.47 21.18 -22.51
CA ALA A 318 38.62 22.32 -23.41
C ALA A 318 39.92 22.25 -24.19
N LEU A 319 40.99 21.76 -23.56
CA LEU A 319 42.30 21.66 -24.19
C LEU A 319 42.56 20.28 -24.80
N LEU A 320 41.54 19.43 -24.89
CA LEU A 320 41.73 18.10 -25.45
C LEU A 320 42.16 18.19 -26.91
N ASP A 321 41.47 19.01 -27.70
CA ASP A 321 41.82 19.15 -29.11
C ASP A 321 43.17 19.82 -29.29
N THR A 322 43.46 20.84 -28.47
CA THR A 322 44.71 21.58 -28.60
C THR A 322 45.92 20.67 -28.33
N MET A 323 45.87 19.91 -27.24
CA MET A 323 47.00 19.04 -26.89
C MET A 323 47.16 17.91 -27.88
N TYR A 324 46.06 17.40 -28.43
CA TYR A 324 46.12 16.28 -29.36
C TYR A 324 46.97 16.58 -30.58
N ASP A 325 46.84 17.78 -31.15
CA ASP A 325 47.57 18.17 -32.36
C ASP A 325 48.72 19.14 -32.10
N LEU A 326 48.99 19.51 -30.86
CA LEU A 326 50.08 20.44 -30.60
C LEU A 326 51.45 19.87 -30.95
N PRO A 327 51.78 18.61 -30.65
CA PRO A 327 53.12 18.11 -31.03
C PRO A 327 53.37 18.14 -32.52
N SER A 328 52.38 17.76 -33.33
CA SER A 328 52.56 17.79 -34.78
C SER A 328 52.78 19.21 -35.27
N MET A 329 52.07 20.16 -34.68
CA MET A 329 52.22 21.56 -35.06
C MET A 329 53.60 22.07 -34.69
N GLU A 330 54.14 22.96 -35.52
CA GLU A 330 55.47 23.52 -35.32
C GLU A 330 55.42 25.02 -35.64
N ASP A 331 56.47 25.72 -35.21
CA ASP A 331 56.62 27.16 -35.39
C ASP A 331 55.62 27.95 -34.55
N VAL A 332 55.15 27.37 -33.45
CA VAL A 332 54.20 28.01 -32.55
C VAL A 332 54.99 28.44 -31.31
N GLU A 333 55.23 29.73 -31.19
CA GLU A 333 55.99 30.25 -30.05
C GLU A 333 55.17 30.27 -28.76
N LYS A 334 53.92 30.75 -28.85
CA LYS A 334 53.05 30.87 -27.69
C LYS A 334 51.63 30.47 -28.04
N VAL A 335 50.87 30.12 -27.00
CA VAL A 335 49.47 29.74 -27.12
C VAL A 335 48.63 30.75 -26.37
N VAL A 336 47.59 31.27 -27.02
CA VAL A 336 46.68 32.24 -26.43
C VAL A 336 45.30 31.60 -26.33
N ILE A 337 44.69 31.70 -25.14
CA ILE A 337 43.37 31.14 -24.87
C ILE A 337 42.43 32.28 -24.48
N ASP A 338 41.30 32.38 -25.17
CA ASP A 338 40.28 33.38 -24.91
C ASP A 338 39.12 32.76 -24.14
N GLU A 339 38.21 33.63 -23.68
CA GLU A 339 37.06 33.16 -22.93
C GLU A 339 36.18 32.22 -23.73
N SER A 340 36.06 32.43 -25.05
CA SER A 340 35.22 31.57 -25.87
C SER A 340 35.71 30.13 -25.89
N VAL A 341 37.03 29.92 -25.77
CA VAL A 341 37.58 28.57 -25.75
C VAL A 341 37.00 27.75 -24.61
N ILE A 342 36.72 28.38 -23.48
CA ILE A 342 36.15 27.65 -22.35
C ILE A 342 34.78 27.13 -22.73
N ASP A 343 33.99 27.93 -23.44
CA ASP A 343 32.68 27.50 -23.90
C ASP A 343 32.82 26.40 -24.94
N GLY A 344 33.85 26.51 -25.80
CA GLY A 344 34.10 25.57 -26.87
C GLY A 344 33.53 25.97 -28.20
N GLN A 345 32.88 27.13 -28.29
CA GLN A 345 32.31 27.58 -29.55
C GLN A 345 33.38 27.95 -30.55
N SER A 346 34.47 28.59 -30.09
CA SER A 346 35.57 29.03 -30.93
C SER A 346 36.85 28.31 -30.52
N GLU A 347 37.59 27.83 -31.51
CA GLU A 347 38.84 27.14 -31.25
C GLU A 347 39.92 28.14 -30.84
N PRO A 348 40.89 27.73 -30.03
CA PRO A 348 41.95 28.67 -29.62
C PRO A 348 42.86 29.01 -30.78
N LEU A 349 43.40 30.22 -30.74
CA LEU A 349 44.30 30.72 -31.78
C LEU A 349 45.73 30.65 -31.27
N LEU A 350 46.59 29.97 -32.02
CA LEU A 350 47.98 29.82 -31.68
C LEU A 350 48.78 31.04 -32.14
N ILE A 351 49.94 31.23 -31.53
CA ILE A 351 50.84 32.34 -31.85
C ILE A 351 52.13 31.75 -32.43
N TYR A 352 52.55 32.28 -33.57
CA TYR A 352 53.76 31.83 -34.26
C TYR A 352 54.85 32.89 -34.17
N ALA B 2 63.02 8.75 -27.23
CA ALA B 2 61.85 9.44 -27.74
C ALA B 2 60.57 8.81 -27.20
N LEU B 3 59.44 9.46 -27.49
CA LEU B 3 58.12 9.01 -27.07
C LEU B 3 57.17 9.03 -28.26
N PRO B 4 56.15 8.18 -28.26
CA PRO B 4 55.20 8.21 -29.39
C PRO B 4 54.36 9.47 -29.37
N THR B 5 53.93 9.89 -30.56
CA THR B 5 53.13 11.09 -30.72
C THR B 5 51.64 10.73 -30.77
N PRO B 6 50.75 11.70 -30.48
CA PRO B 6 49.31 11.37 -30.52
C PRO B 6 48.84 10.90 -31.89
N HIS B 7 49.35 11.51 -32.96
CA HIS B 7 48.96 11.12 -34.31
C HIS B 7 49.46 9.72 -34.64
N GLU B 8 50.63 9.36 -34.13
CA GLU B 8 51.20 8.05 -34.41
C GLU B 8 50.44 6.93 -33.69
N ILE B 9 50.06 7.16 -32.43
CA ILE B 9 49.33 6.14 -31.68
C ILE B 9 47.92 5.99 -32.22
N ARG B 10 47.32 7.08 -32.71
CA ARG B 10 45.96 6.97 -33.22
C ARG B 10 45.94 6.23 -34.54
N ASN B 11 47.00 6.39 -35.36
CA ASN B 11 47.07 5.66 -36.61
C ASN B 11 47.13 4.16 -36.34
N HIS B 12 47.74 3.77 -35.22
CA HIS B 12 47.79 2.36 -34.84
C HIS B 12 46.44 1.88 -34.35
N LEU B 13 45.75 2.72 -33.58
CA LEU B 13 44.43 2.36 -33.07
C LEU B 13 43.39 2.30 -34.18
N ASP B 14 43.58 3.10 -35.24
CA ASP B 14 42.63 3.09 -36.34
C ASP B 14 42.56 1.74 -37.02
N ASP B 15 43.65 0.97 -37.00
CA ASP B 15 43.66 -0.35 -37.61
C ASP B 15 42.73 -1.30 -36.87
N TYR B 16 42.58 -1.12 -35.55
CA TYR B 16 41.75 -1.97 -34.71
C TYR B 16 40.44 -1.34 -34.28
N VAL B 17 40.28 -0.03 -34.41
CA VAL B 17 39.07 0.67 -33.98
C VAL B 17 38.63 1.64 -35.07
N ILE B 18 37.31 1.79 -35.22
CA ILE B 18 36.72 2.66 -36.23
C ILE B 18 35.54 3.41 -35.64
N GLY B 19 35.32 4.62 -36.15
CA GLY B 19 34.17 5.43 -35.75
C GLY B 19 34.14 5.89 -34.31
N GLN B 20 35.30 6.05 -33.68
CA GLN B 20 35.40 6.51 -32.30
C GLN B 20 36.46 7.59 -32.17
N GLU B 21 36.43 8.54 -33.10
CA GLU B 21 37.40 9.63 -33.11
C GLU B 21 37.39 10.42 -31.81
N GLN B 22 36.20 10.65 -31.24
CA GLN B 22 36.11 11.40 -30.00
C GLN B 22 36.83 10.71 -28.85
N ALA B 23 36.82 9.38 -28.83
CA ALA B 23 37.44 8.63 -27.74
C ALA B 23 38.94 8.43 -27.96
N LYS B 24 39.39 8.33 -29.21
CA LYS B 24 40.80 8.10 -29.46
C LYS B 24 41.64 9.30 -29.03
N LYS B 25 41.14 10.51 -29.22
CA LYS B 25 41.88 11.69 -28.83
C LYS B 25 42.02 11.79 -27.31
N VAL B 26 41.02 11.32 -26.56
CA VAL B 26 41.07 11.40 -25.10
C VAL B 26 42.15 10.49 -24.56
N LEU B 27 42.19 9.25 -25.05
CA LEU B 27 43.21 8.32 -24.57
C LEU B 27 44.60 8.76 -25.02
N ALA B 28 44.70 9.43 -26.16
CA ALA B 28 45.99 9.87 -26.66
C ALA B 28 46.61 10.93 -25.77
N VAL B 29 45.81 11.90 -25.31
CA VAL B 29 46.37 12.96 -24.47
C VAL B 29 46.82 12.40 -23.13
N ALA B 30 46.10 11.41 -22.59
CA ALA B 30 46.50 10.84 -21.31
C ALA B 30 47.82 10.11 -21.43
N VAL B 31 47.95 9.27 -22.47
CA VAL B 31 49.21 8.55 -22.69
C VAL B 31 50.33 9.54 -22.91
N TYR B 32 50.07 10.59 -23.70
CA TYR B 32 51.08 11.62 -23.92
C TYR B 32 51.42 12.31 -22.61
N ASN B 33 50.40 12.62 -21.80
CA ASN B 33 50.63 13.25 -20.51
C ASN B 33 51.39 12.31 -19.58
N HIS B 34 51.04 11.03 -19.59
CA HIS B 34 51.71 10.06 -18.72
C HIS B 34 53.19 9.96 -19.06
N TYR B 35 53.51 9.86 -20.35
CA TYR B 35 54.91 9.76 -20.73
C TYR B 35 55.65 11.05 -20.42
N LYS B 36 55.00 12.20 -20.63
CA LYS B 36 55.63 13.48 -20.30
C LYS B 36 55.87 13.56 -18.80
N ARG B 37 54.92 13.06 -18.00
CA ARG B 37 55.09 13.04 -16.56
C ARG B 37 56.24 12.13 -16.17
N LEU B 38 56.45 11.06 -16.94
CA LEU B 38 57.52 10.10 -16.71
C LEU B 38 58.79 10.45 -17.48
N ARG B 39 58.80 11.55 -18.23
CA ARG B 39 59.98 11.95 -18.98
C ARG B 39 60.97 12.66 -18.06
N ASN B 40 60.47 13.55 -17.22
CA ASN B 40 61.29 14.30 -16.29
C ASN B 40 61.34 13.58 -14.95
N GLY B 41 62.52 13.60 -14.32
CA GLY B 41 62.69 12.93 -13.04
C GLY B 41 62.28 13.80 -11.88
N ASP B 42 60.97 14.04 -11.77
CA ASP B 42 60.39 14.85 -10.71
C ASP B 42 60.99 16.25 -10.68
N THR B 43 61.28 16.79 -11.87
CA THR B 43 61.81 18.14 -12.03
C THR B 43 60.97 18.85 -13.07
N SER B 44 60.36 19.96 -12.67
CA SER B 44 59.51 20.73 -13.57
C SER B 44 59.38 22.15 -13.05
N ASN B 45 58.92 23.03 -13.95
CA ASN B 45 58.71 24.42 -13.56
C ASN B 45 57.61 24.49 -12.50
N GLY B 46 56.56 23.70 -12.67
CA GLY B 46 55.46 23.62 -11.72
C GLY B 46 55.54 22.31 -10.97
N VAL B 47 55.62 22.42 -9.65
CA VAL B 47 55.74 21.27 -8.76
C VAL B 47 54.34 20.68 -8.54
N GLU B 48 54.27 19.47 -8.00
CA GLU B 48 53.02 18.77 -7.73
C GLU B 48 52.21 18.55 -9.01
N LEU B 49 52.83 17.90 -9.99
CA LEU B 49 52.16 17.57 -11.25
C LEU B 49 50.87 16.81 -10.99
N GLY B 50 49.78 17.25 -11.65
CA GLY B 50 48.49 16.63 -11.45
C GLY B 50 48.31 15.32 -12.20
N LYS B 51 47.31 14.56 -11.73
CA LYS B 51 46.94 13.27 -12.29
C LYS B 51 45.51 13.34 -12.81
N SER B 52 45.30 12.89 -14.04
CA SER B 52 43.99 12.87 -14.68
C SER B 52 43.53 11.44 -14.90
N ASN B 53 42.30 11.15 -14.49
CA ASN B 53 41.70 9.82 -14.64
C ASN B 53 40.59 9.86 -15.69
N ILE B 54 40.58 8.86 -16.57
CA ILE B 54 39.61 8.76 -17.65
C ILE B 54 38.41 7.94 -17.20
N LEU B 55 37.22 8.35 -17.66
CA LEU B 55 35.97 7.65 -17.39
C LEU B 55 35.35 7.33 -18.75
N LEU B 56 35.57 6.10 -19.23
CA LEU B 56 35.03 5.69 -20.52
C LEU B 56 33.57 5.28 -20.37
N ILE B 57 32.69 5.94 -21.12
CA ILE B 57 31.26 5.65 -21.11
C ILE B 57 30.80 5.51 -22.56
N GLY B 58 30.06 4.45 -22.85
CA GLY B 58 29.56 4.23 -24.19
C GLY B 58 28.48 3.18 -24.21
N PRO B 59 27.83 2.98 -25.36
CA PRO B 59 26.78 1.95 -25.43
C PRO B 59 27.37 0.55 -25.36
N THR B 60 26.50 -0.46 -25.43
CA THR B 60 26.96 -1.84 -25.38
C THR B 60 27.67 -2.21 -26.67
N GLY B 61 28.80 -2.90 -26.52
CA GLY B 61 29.56 -3.35 -27.68
C GLY B 61 30.10 -2.21 -28.53
N SER B 62 30.33 -1.04 -27.93
CA SER B 62 30.84 0.09 -28.69
C SER B 62 32.33 -0.01 -28.98
N GLY B 63 33.07 -0.77 -28.17
CA GLY B 63 34.50 -0.95 -28.35
C GLY B 63 35.33 -0.51 -27.16
N LYS B 64 34.72 -0.48 -25.97
CA LYS B 64 35.46 -0.07 -24.77
C LYS B 64 36.52 -1.10 -24.40
N THR B 65 36.11 -2.36 -24.26
CA THR B 65 37.05 -3.41 -23.89
C THR B 65 38.12 -3.60 -24.94
N LEU B 66 37.82 -3.27 -26.20
CA LEU B 66 38.80 -3.43 -27.27
C LEU B 66 39.94 -2.43 -27.13
N LEU B 67 39.64 -1.21 -26.69
CA LEU B 67 40.67 -0.19 -26.57
C LEU B 67 41.70 -0.54 -25.51
N ALA B 68 41.24 -1.07 -24.37
CA ALA B 68 42.17 -1.43 -23.31
C ALA B 68 43.10 -2.57 -23.74
N GLU B 69 42.59 -3.49 -24.57
CA GLU B 69 43.43 -4.59 -25.03
C GLU B 69 44.46 -4.12 -26.05
N THR B 70 44.02 -3.32 -27.03
CA THR B 70 44.93 -2.82 -28.04
C THR B 70 45.95 -1.85 -27.44
N LEU B 71 45.56 -1.13 -26.39
CA LEU B 71 46.46 -0.17 -25.78
C LEU B 71 47.67 -0.86 -25.17
N ALA B 72 47.46 -2.00 -24.51
CA ALA B 72 48.56 -2.72 -23.88
C ALA B 72 49.57 -3.23 -24.90
N ARG B 73 49.13 -3.51 -26.13
CA ARG B 73 50.05 -4.01 -27.15
C ARG B 73 51.08 -2.96 -27.53
N LEU B 74 50.63 -1.73 -27.78
CA LEU B 74 51.54 -0.65 -28.17
C LEU B 74 52.19 0.01 -26.97
N LEU B 75 51.63 -0.15 -25.78
CA LEU B 75 52.18 0.46 -24.57
C LEU B 75 53.41 -0.30 -24.10
N ASP B 76 54.49 0.44 -23.82
CA ASP B 76 55.73 -0.17 -23.34
C ASP B 76 55.70 -0.39 -21.84
N VAL B 77 55.23 0.60 -21.08
CA VAL B 77 55.13 0.51 -19.63
C VAL B 77 54.18 -0.63 -19.28
N PRO B 78 54.12 -1.10 -18.03
CA PRO B 78 53.21 -2.20 -17.71
C PRO B 78 51.76 -1.79 -17.76
N PHE B 79 50.91 -2.78 -18.01
CA PHE B 79 49.46 -2.60 -18.09
C PHE B 79 48.77 -3.80 -17.46
N THR B 80 47.66 -3.54 -16.79
CA THR B 80 46.86 -4.58 -16.16
C THR B 80 45.40 -4.37 -16.54
N MET B 81 44.65 -5.47 -16.55
CA MET B 81 43.23 -5.48 -16.91
C MET B 81 42.48 -6.15 -15.75
N ALA B 82 42.07 -5.34 -14.78
CA ALA B 82 41.35 -5.83 -13.62
C ALA B 82 39.84 -5.76 -13.87
N ASP B 83 39.07 -6.13 -12.85
CA ASP B 83 37.62 -6.13 -12.94
C ASP B 83 37.04 -5.74 -11.58
N ALA B 84 35.95 -4.99 -11.61
CA ALA B 84 35.29 -4.53 -10.40
C ALA B 84 34.26 -5.53 -9.85
N THR B 85 34.05 -6.65 -10.55
CA THR B 85 33.08 -7.64 -10.11
C THR B 85 33.47 -8.29 -8.79
N THR B 86 34.76 -8.59 -8.60
CA THR B 86 35.24 -9.31 -7.43
C THR B 86 35.73 -8.42 -6.29
N LEU B 87 35.70 -7.10 -6.44
CA LEU B 87 36.15 -6.22 -5.37
C LEU B 87 35.32 -6.41 -4.11
N THR B 88 36.00 -6.67 -2.99
CA THR B 88 35.38 -6.92 -1.69
C THR B 88 35.79 -5.85 -0.68
N GLU B 89 34.93 -4.85 -0.50
CA GLU B 89 35.19 -3.80 0.48
C GLU B 89 34.99 -4.32 1.90
N ALA B 90 35.84 -3.82 2.80
CA ALA B 90 35.82 -4.17 4.22
C ALA B 90 36.31 -5.60 4.47
N GLY B 91 37.19 -6.08 3.59
CA GLY B 91 37.78 -7.40 3.72
C GLY B 91 36.84 -8.57 3.87
N TYR B 92 35.88 -8.73 2.95
CA TYR B 92 34.99 -9.88 2.98
C TYR B 92 35.59 -10.96 2.07
N VAL B 93 34.92 -12.11 2.00
CA VAL B 93 35.42 -13.19 1.14
C VAL B 93 35.45 -12.73 -0.31
N GLY B 94 36.55 -13.06 -0.99
CA GLY B 94 36.76 -12.69 -2.38
C GLY B 94 37.94 -11.74 -2.51
N GLU B 95 38.19 -11.34 -3.75
CA GLU B 95 39.31 -10.45 -4.03
C GLU B 95 39.09 -9.08 -3.41
N ASP B 96 40.21 -8.42 -3.12
CA ASP B 96 40.24 -7.10 -2.50
C ASP B 96 40.92 -6.10 -3.44
N VAL B 97 40.61 -4.82 -3.21
CA VAL B 97 41.18 -3.72 -3.99
C VAL B 97 42.68 -3.89 -4.16
N GLU B 98 43.38 -4.19 -3.07
CA GLU B 98 44.83 -4.37 -3.10
C GLU B 98 45.27 -5.39 -4.14
N ASN B 99 44.45 -6.42 -4.41
CA ASN B 99 44.76 -7.43 -5.41
C ASN B 99 45.18 -6.81 -6.74
N ILE B 100 44.49 -5.74 -7.15
CA ILE B 100 44.81 -5.03 -8.39
C ILE B 100 46.28 -4.67 -8.43
N ILE B 101 46.84 -4.27 -7.29
CA ILE B 101 48.25 -3.90 -7.24
C ILE B 101 49.12 -5.14 -7.33
N GLN B 102 48.75 -6.21 -6.61
CA GLN B 102 49.55 -7.43 -6.67
C GLN B 102 49.54 -8.01 -8.07
N LYS B 103 48.43 -7.88 -8.78
CA LYS B 103 48.35 -8.39 -10.15
C LYS B 103 49.27 -7.59 -11.06
N LEU B 104 49.46 -6.30 -10.77
CA LEU B 104 50.32 -5.46 -11.58
C LEU B 104 51.79 -5.84 -11.51
N LEU B 105 52.19 -6.68 -10.55
CA LEU B 105 53.58 -7.10 -10.44
C LEU B 105 53.89 -8.28 -11.35
N GLN B 106 52.88 -9.10 -11.66
CA GLN B 106 53.10 -10.23 -12.56
C GLN B 106 53.55 -9.74 -13.93
N LYS B 107 52.97 -8.63 -14.40
CA LYS B 107 53.36 -8.06 -15.68
C LYS B 107 54.65 -7.28 -15.57
N SER B 108 54.91 -6.69 -14.40
CA SER B 108 56.12 -5.92 -14.15
C SER B 108 57.25 -6.75 -13.56
N ASP B 109 56.98 -7.99 -13.15
CA ASP B 109 57.99 -8.89 -12.59
C ASP B 109 58.63 -8.32 -11.33
N TYR B 110 57.78 -7.97 -10.36
CA TYR B 110 58.21 -7.45 -9.06
C TYR B 110 59.21 -6.31 -9.17
N ASP B 111 58.77 -5.23 -9.82
CA ASP B 111 59.59 -4.02 -10.02
C ASP B 111 58.76 -2.84 -9.54
N VAL B 112 59.08 -2.33 -8.35
CA VAL B 112 58.33 -1.23 -7.76
C VAL B 112 58.51 0.04 -8.58
N GLN B 113 59.76 0.36 -8.93
CA GLN B 113 60.01 1.57 -9.71
C GLN B 113 59.35 1.47 -11.08
N LYS B 114 59.28 0.26 -11.64
CA LYS B 114 58.63 0.06 -12.93
C LYS B 114 57.12 -0.09 -12.80
N ALA B 115 56.63 -0.40 -11.59
CA ALA B 115 55.20 -0.57 -11.38
C ALA B 115 54.49 0.75 -11.12
N GLN B 116 55.17 1.70 -10.46
CA GLN B 116 54.53 2.99 -10.18
C GLN B 116 54.23 3.74 -11.47
N ARG B 117 54.98 3.47 -12.54
CA ARG B 117 54.75 4.09 -13.83
C ARG B 117 53.79 3.27 -14.71
N GLY B 118 53.00 2.39 -14.10
CA GLY B 118 52.07 1.57 -14.84
C GLY B 118 50.71 2.21 -15.03
N ILE B 119 49.90 1.55 -15.88
CA ILE B 119 48.55 1.98 -16.19
C ILE B 119 47.61 0.89 -15.72
N VAL B 120 46.41 1.30 -15.29
CA VAL B 120 45.40 0.39 -14.77
C VAL B 120 44.09 0.62 -15.51
N TYR B 121 43.39 -0.48 -15.81
CA TYR B 121 42.10 -0.45 -16.49
C TYR B 121 41.13 -1.33 -15.72
N ILE B 122 39.92 -0.82 -15.52
CA ILE B 122 38.86 -1.52 -14.83
C ILE B 122 37.67 -1.58 -15.78
N ASP B 123 36.76 -2.50 -15.52
CA ASP B 123 35.57 -2.68 -16.34
C ASP B 123 34.38 -2.98 -15.43
N GLN B 124 33.19 -2.73 -15.97
CA GLN B 124 31.95 -2.94 -15.23
C GLN B 124 31.90 -2.05 -13.98
N ILE B 125 32.36 -0.80 -14.14
CA ILE B 125 32.34 0.13 -13.02
C ILE B 125 30.92 0.59 -12.73
N ASP B 126 30.06 0.59 -13.73
CA ASP B 126 28.66 0.98 -13.52
C ASP B 126 27.96 0.02 -12.56
N LYS B 127 28.33 -1.27 -12.62
CA LYS B 127 27.71 -2.30 -11.79
C LYS B 127 27.85 -2.04 -10.29
N ILE B 128 28.84 -1.27 -9.85
CA ILE B 128 29.06 -1.05 -8.43
C ILE B 128 28.35 0.20 -7.92
N SER B 129 27.45 0.77 -8.72
CA SER B 129 26.71 1.95 -8.32
C SER B 129 25.44 1.57 -7.58
N ARG B 130 25.02 2.44 -6.67
CA ARG B 130 23.81 2.18 -5.90
C ARG B 130 22.59 2.21 -6.82
N LYS B 131 21.52 1.55 -6.38
CA LYS B 131 20.30 1.44 -7.17
C LYS B 131 19.47 2.72 -7.06
N SER B 132 20.02 3.78 -7.67
CA SER B 132 19.40 5.11 -7.73
C SER B 132 18.91 5.60 -6.37
N ASP B 133 19.62 5.25 -5.31
CA ASP B 133 19.29 5.66 -3.94
C ASP B 133 20.54 6.22 -3.29
N ASN B 134 20.44 7.42 -2.72
CA ASN B 134 21.60 8.00 -2.06
C ASN B 134 21.93 7.29 -0.75
N PRO B 135 20.97 7.08 0.18
CA PRO B 135 21.32 6.35 1.40
C PRO B 135 21.18 4.84 1.24
N SER B 136 22.20 4.08 1.59
CA SER B 136 22.15 2.62 1.47
C SER B 136 21.57 2.04 2.74
N ILE B 137 20.60 1.13 2.59
CA ILE B 137 19.91 0.56 3.73
C ILE B 137 20.66 -0.61 4.35
N THR B 138 21.22 -1.51 3.52
CA THR B 138 21.85 -2.73 4.02
C THR B 138 23.36 -2.76 3.81
N ARG B 139 24.01 -1.59 3.74
CA ARG B 139 25.46 -1.51 3.60
C ARG B 139 25.98 -2.36 2.44
N ASP B 140 25.55 -1.98 1.22
CA ASP B 140 25.96 -2.70 0.01
C ASP B 140 27.47 -2.87 -0.06
N VAL B 141 27.90 -4.12 -0.25
CA VAL B 141 29.32 -4.43 -0.30
C VAL B 141 29.95 -3.88 -1.58
N SER B 142 29.21 -3.91 -2.68
CA SER B 142 29.68 -3.41 -3.97
C SER B 142 28.95 -2.14 -4.39
N GLY B 143 28.23 -1.50 -3.47
CA GLY B 143 27.50 -0.26 -3.69
C GLY B 143 28.25 0.83 -2.95
N GLU B 144 27.72 1.17 -1.77
CA GLU B 144 28.27 2.15 -0.83
C GLU B 144 29.62 1.70 -0.23
N GLY B 145 30.12 0.54 -0.65
CA GLY B 145 31.34 -0.10 -0.17
C GLY B 145 32.48 0.17 -1.13
N VAL B 146 32.76 -0.77 -2.03
CA VAL B 146 33.89 -0.75 -2.98
C VAL B 146 34.12 0.64 -3.58
N GLN B 147 33.05 1.35 -3.96
CA GLN B 147 33.22 2.70 -4.48
C GLN B 147 34.02 3.57 -3.52
N GLN B 148 33.73 3.46 -2.22
CA GLN B 148 34.47 4.23 -1.23
C GLN B 148 35.90 3.72 -1.10
N ALA B 149 36.06 2.40 -1.05
CA ALA B 149 37.38 1.78 -0.92
C ALA B 149 38.32 2.24 -2.03
N LEU B 150 37.79 2.40 -3.24
CA LEU B 150 38.63 2.79 -4.37
C LEU B 150 39.11 4.23 -4.26
N LEU B 151 38.37 5.09 -3.55
CA LEU B 151 38.75 6.50 -3.40
C LEU B 151 40.18 6.66 -2.90
N LYS B 152 40.59 5.85 -1.92
CA LYS B 152 41.93 5.97 -1.37
C LYS B 152 43.00 5.69 -2.41
N LEU B 153 42.77 4.68 -3.26
CA LEU B 153 43.77 4.32 -4.26
C LEU B 153 43.93 5.42 -5.31
N ILE B 154 42.82 5.97 -5.80
CA ILE B 154 42.91 7.01 -6.82
C ILE B 154 43.50 8.29 -6.24
N GLU B 155 43.11 8.62 -5.01
CA GLU B 155 43.60 9.84 -4.37
C GLU B 155 45.12 9.79 -4.21
N GLY B 156 45.65 8.61 -3.88
CA GLY B 156 47.08 8.42 -3.71
C GLY B 156 47.42 8.04 -2.28
N THR B 157 47.80 6.78 -2.10
CA THR B 157 48.18 6.24 -0.79
C THR B 157 49.12 5.06 -1.04
N VAL B 158 49.44 4.34 0.03
CA VAL B 158 50.32 3.18 -0.03
C VAL B 158 49.62 2.02 0.67
N ALA B 159 49.63 0.86 0.02
CA ALA B 159 48.99 -0.35 0.53
C ALA B 159 49.99 -1.49 0.57
N ALA B 160 49.99 -2.23 1.67
CA ALA B 160 50.89 -3.37 1.81
C ALA B 160 50.40 -4.51 0.92
N VAL B 161 51.35 -5.18 0.27
CA VAL B 161 51.06 -6.26 -0.66
C VAL B 161 51.96 -7.46 -0.36
N PRO B 162 51.46 -8.70 -0.33
CA PRO B 162 52.36 -9.84 -0.08
C PRO B 162 53.36 -9.97 -1.23
N PRO B 163 54.67 -10.03 -0.95
CA PRO B 163 55.62 -10.11 -2.07
C PRO B 163 55.55 -11.42 -2.83
N GLN B 164 55.41 -12.55 -2.15
CA GLN B 164 55.35 -13.86 -2.79
C GLN B 164 54.16 -14.65 -2.25
N GLY B 165 53.85 -15.74 -2.95
CA GLY B 165 52.74 -16.60 -2.56
C GLY B 165 53.18 -17.73 -1.64
N GLN B 171 60.21 -14.61 7.20
CA GLN B 171 60.14 -13.16 7.08
C GLN B 171 58.69 -12.72 6.89
N GLN B 172 58.14 -13.02 5.72
CA GLN B 172 56.77 -12.68 5.37
C GLN B 172 56.47 -11.19 5.60
N GLU B 173 57.38 -10.35 5.10
CA GLU B 173 57.25 -8.90 5.22
C GLU B 173 56.63 -8.36 3.93
N PHE B 174 56.02 -7.18 4.03
CA PHE B 174 55.32 -6.55 2.92
C PHE B 174 56.05 -5.32 2.42
N LEU B 175 55.67 -4.89 1.23
CA LEU B 175 56.23 -3.72 0.55
C LEU B 175 55.15 -2.66 0.33
N GLN B 176 55.57 -1.41 0.26
CA GLN B 176 54.70 -0.26 0.05
C GLN B 176 54.96 0.36 -1.31
N VAL B 177 53.89 0.57 -2.08
CA VAL B 177 53.97 1.17 -3.41
C VAL B 177 52.90 2.25 -3.51
N ASP B 178 53.31 3.48 -3.83
CA ASP B 178 52.37 4.58 -3.96
C ASP B 178 51.61 4.52 -5.27
N THR B 179 50.39 5.04 -5.24
CA THR B 179 49.51 5.12 -6.41
C THR B 179 49.29 6.54 -6.89
N SER B 180 49.91 7.54 -6.25
CA SER B 180 49.72 8.94 -6.64
C SER B 180 50.09 9.20 -8.09
N LYS B 181 51.03 8.44 -8.64
CA LYS B 181 51.50 8.61 -10.01
C LYS B 181 51.20 7.38 -10.86
N ILE B 182 50.00 6.83 -10.68
CA ILE B 182 49.53 5.67 -11.43
C ILE B 182 48.18 6.05 -12.03
N LEU B 183 47.99 5.72 -13.31
CA LEU B 183 46.76 6.04 -14.00
C LEU B 183 45.74 4.93 -13.84
N PHE B 184 44.47 5.31 -13.88
CA PHE B 184 43.34 4.39 -13.76
C PHE B 184 42.29 4.77 -14.77
N ILE B 185 41.81 3.78 -15.53
CA ILE B 185 40.78 3.97 -16.54
C ILE B 185 39.60 3.10 -16.14
N CYS B 186 38.62 3.71 -15.49
CA CYS B 186 37.42 3.04 -15.00
C CYS B 186 36.27 3.40 -15.93
N GLY B 187 35.80 2.42 -16.70
CA GLY B 187 34.71 2.64 -17.63
C GLY B 187 33.83 1.43 -17.85
N GLY B 188 32.52 1.66 -17.95
CA GLY B 188 31.57 0.58 -18.16
C GLY B 188 30.29 1.11 -18.74
N ALA B 189 29.63 0.28 -19.53
CA ALA B 189 28.38 0.65 -20.19
C ALA B 189 27.28 0.78 -19.15
N PHE B 190 26.85 2.02 -18.88
CA PHE B 190 25.81 2.27 -17.90
C PHE B 190 24.45 1.91 -18.46
N ALA B 191 23.64 1.25 -17.64
CA ALA B 191 22.30 0.81 -18.01
C ALA B 191 21.27 1.68 -17.30
N GLY B 192 20.28 2.14 -18.06
CA GLY B 192 19.22 2.98 -17.52
C GLY B 192 19.60 4.43 -17.34
N LEU B 193 20.80 4.84 -17.77
CA LEU B 193 21.21 6.22 -17.61
C LEU B 193 20.38 7.16 -18.48
N ASP B 194 19.87 6.69 -19.61
CA ASP B 194 19.08 7.54 -20.49
C ASP B 194 17.80 8.02 -19.82
N LYS B 195 17.21 7.21 -18.95
CA LYS B 195 16.00 7.62 -18.25
C LYS B 195 16.27 8.80 -17.32
N VAL B 196 17.40 8.78 -16.62
CA VAL B 196 17.74 9.86 -15.70
C VAL B 196 18.04 11.13 -16.47
N ILE B 197 18.82 11.02 -17.55
CA ILE B 197 19.17 12.21 -18.34
C ILE B 197 17.93 12.84 -18.94
N SER B 198 16.98 12.01 -19.40
CA SER B 198 15.75 12.52 -19.98
C SER B 198 14.97 13.35 -18.98
N HIS B 199 14.95 12.91 -17.72
CA HIS B 199 14.22 13.62 -16.67
C HIS B 199 14.72 15.05 -16.48
N ARG B 200 16.03 15.25 -16.59
CA ARG B 200 16.63 16.55 -16.34
C ARG B 200 16.79 17.44 -17.57
N VAL B 201 16.60 16.92 -18.79
CA VAL B 201 16.83 17.72 -19.99
C VAL B 201 15.62 17.82 -20.90
N GLU B 202 14.67 16.89 -20.87
CA GLU B 202 13.55 17.01 -21.81
C GLU B 202 12.63 18.15 -21.42
N THR B 203 12.26 18.23 -20.13
CA THR B 203 11.37 19.23 -19.56
C THR B 203 10.19 19.55 -20.47
N GLY B 204 9.50 18.51 -20.94
CA GLY B 204 8.35 18.68 -21.80
C GLY B 204 7.25 17.66 -21.52
N SER B 205 7.31 17.04 -20.34
CA SER B 205 6.33 16.02 -20.01
C SER B 205 5.03 16.66 -19.52
N GLY B 206 3.93 16.00 -19.83
CA GLY B 206 2.61 16.45 -19.45
C GLY B 206 1.59 16.28 -20.54
N ILE B 207 0.35 16.64 -20.25
CA ILE B 207 -0.76 16.55 -21.19
C ILE B 207 -1.26 17.96 -21.48
N GLY B 208 -1.40 18.28 -22.77
CA GLY B 208 -1.88 19.59 -23.15
C GLY B 208 -1.47 19.97 -24.55
N PHE B 209 -2.17 20.98 -25.08
CA PHE B 209 -1.91 21.48 -26.42
C PHE B 209 -0.51 22.07 -26.52
N GLY B 210 -0.07 22.77 -25.48
CA GLY B 210 1.22 23.43 -25.47
C GLY B 210 2.32 22.64 -24.79
N ALA B 211 2.14 21.32 -24.68
CA ALA B 211 3.12 20.45 -24.06
C ALA B 211 3.89 19.72 -25.15
N THR B 212 5.19 19.98 -25.23
CA THR B 212 6.05 19.36 -26.24
C THR B 212 6.25 17.89 -25.89
N VAL B 213 5.51 17.02 -26.57
CA VAL B 213 5.59 15.57 -26.35
C VAL B 213 5.74 14.93 -27.72
N LYS B 214 6.98 14.63 -28.10
CA LYS B 214 7.30 13.99 -29.37
C LYS B 214 8.40 12.98 -29.07
N ALA B 215 8.08 11.70 -29.12
CA ALA B 215 9.05 10.65 -28.79
C ALA B 215 8.93 9.49 -29.76
N LYS B 216 9.97 8.65 -29.75
CA LYS B 216 10.16 7.45 -30.53
C LYS B 216 10.53 7.76 -31.99
N SER B 217 10.55 9.03 -32.41
CA SER B 217 10.92 9.42 -33.77
C SER B 217 12.18 10.28 -33.80
N ASP B 218 12.20 11.36 -33.01
CA ASP B 218 13.32 12.30 -32.94
C ASP B 218 14.03 12.28 -31.60
N LYS B 219 13.29 12.39 -30.50
CA LYS B 219 13.88 12.46 -29.17
C LYS B 219 14.27 11.08 -28.67
N ALA B 220 14.94 11.08 -27.51
CA ALA B 220 15.42 9.87 -26.83
C ALA B 220 16.55 9.20 -27.59
N SER B 221 17.37 9.98 -28.30
CA SER B 221 18.51 9.40 -29.00
C SER B 221 19.56 9.00 -27.98
N GLU B 222 20.11 7.79 -28.14
CA GLU B 222 21.11 7.31 -27.20
C GLU B 222 22.39 8.14 -27.24
N GLY B 223 22.86 8.49 -28.43
CA GLY B 223 24.09 9.27 -28.53
C GLY B 223 23.96 10.67 -28.00
N GLU B 224 22.87 11.37 -28.37
CA GLU B 224 22.68 12.74 -27.93
C GLU B 224 22.53 12.84 -26.42
N LEU B 225 21.80 11.92 -25.81
CA LEU B 225 21.58 11.95 -24.37
C LEU B 225 22.90 11.83 -23.60
N LEU B 226 23.75 10.89 -24.01
CA LEU B 226 25.03 10.69 -23.33
C LEU B 226 25.92 11.92 -23.46
N ALA B 227 25.88 12.58 -24.61
CA ALA B 227 26.73 13.76 -24.83
C ALA B 227 26.41 14.86 -23.83
N GLN B 228 25.14 15.04 -23.49
CA GLN B 228 24.70 16.06 -22.55
C GLN B 228 24.89 15.65 -21.09
N VAL B 229 25.59 14.55 -20.81
CA VAL B 229 25.79 14.10 -19.44
C VAL B 229 26.67 15.09 -18.68
N GLU B 230 26.44 15.15 -17.36
CA GLU B 230 27.20 16.01 -16.46
C GLU B 230 27.42 15.25 -15.16
N PRO B 231 28.35 15.69 -14.29
CA PRO B 231 28.55 14.96 -13.03
C PRO B 231 27.33 14.96 -12.13
N GLU B 232 26.54 16.04 -12.14
CA GLU B 232 25.35 16.09 -11.30
C GLU B 232 24.34 15.02 -11.69
N ASP B 233 24.34 14.61 -12.96
CA ASP B 233 23.40 13.59 -13.41
C ASP B 233 23.72 12.23 -12.81
N LEU B 234 25.02 11.94 -12.63
CA LEU B 234 25.41 10.65 -12.07
C LEU B 234 25.02 10.51 -10.61
N ILE B 235 24.77 11.61 -9.89
CA ILE B 235 24.39 11.50 -8.49
C ILE B 235 23.02 10.85 -8.37
N LYS B 236 22.10 11.19 -9.29
CA LYS B 236 20.79 10.58 -9.28
C LYS B 236 20.85 9.11 -9.68
N PHE B 237 21.91 8.72 -10.41
CA PHE B 237 22.07 7.34 -10.84
C PHE B 237 22.49 6.44 -9.69
N GLY B 238 23.33 6.94 -8.79
CA GLY B 238 23.80 6.17 -7.65
C GLY B 238 25.25 6.39 -7.29
N LEU B 239 26.04 6.93 -8.21
CA LEU B 239 27.44 7.17 -7.93
C LEU B 239 27.61 8.25 -6.86
N ILE B 240 28.68 8.12 -6.08
CA ILE B 240 29.00 9.05 -5.01
C ILE B 240 29.72 10.23 -5.65
N PRO B 241 29.53 11.47 -5.21
CA PRO B 241 30.26 12.58 -5.87
C PRO B 241 31.76 12.49 -5.65
N GLU B 242 32.20 11.94 -4.52
CA GLU B 242 33.63 11.80 -4.27
C GLU B 242 34.30 10.95 -5.34
N PHE B 243 33.65 9.84 -5.74
CA PHE B 243 34.22 8.98 -6.76
C PHE B 243 34.26 9.68 -8.11
N ILE B 244 33.23 10.49 -8.41
CA ILE B 244 33.22 11.20 -9.68
C ILE B 244 34.26 12.31 -9.67
N GLY B 245 34.54 12.89 -8.50
CA GLY B 245 35.54 13.94 -8.43
C GLY B 245 36.93 13.47 -8.82
N ARG B 246 37.25 12.22 -8.52
CA ARG B 246 38.55 11.67 -8.88
C ARG B 246 38.69 11.38 -10.36
N LEU B 247 37.59 11.43 -11.13
CA LEU B 247 37.59 11.16 -12.57
C LEU B 247 37.07 12.40 -13.27
N PRO B 248 37.91 13.42 -13.48
CA PRO B 248 37.41 14.62 -14.16
C PRO B 248 37.11 14.39 -15.63
N VAL B 249 37.98 13.67 -16.34
CA VAL B 249 37.77 13.45 -17.77
C VAL B 249 36.64 12.47 -17.98
N VAL B 250 35.87 12.69 -19.04
CA VAL B 250 34.74 11.85 -19.42
C VAL B 250 34.73 11.72 -20.93
N ALA B 251 34.56 10.50 -21.42
CA ALA B 251 34.52 10.22 -22.85
C ALA B 251 33.16 9.61 -23.17
N THR B 252 32.44 10.26 -24.08
CA THR B 252 31.10 9.83 -24.50
C THR B 252 31.19 9.20 -25.88
N LEU B 253 31.09 7.88 -25.94
CA LEU B 253 31.10 7.21 -27.22
C LEU B 253 29.69 7.20 -27.80
N ASN B 254 29.59 6.87 -29.08
CA ASN B 254 28.33 6.86 -29.80
C ASN B 254 27.97 5.46 -30.25
N GLU B 255 26.73 5.31 -30.70
CA GLU B 255 26.23 4.05 -31.23
C GLU B 255 26.78 3.88 -32.63
N LEU B 256 27.15 2.65 -32.98
CA LEU B 256 27.70 2.39 -34.30
C LEU B 256 26.67 2.70 -35.38
N SER B 257 27.10 3.43 -36.40
CA SER B 257 26.28 3.81 -37.53
C SER B 257 26.27 2.70 -38.58
N GLU B 258 25.34 2.82 -39.52
CA GLU B 258 25.27 1.83 -40.60
C GLU B 258 26.56 1.81 -41.40
N GLU B 259 27.11 2.98 -41.71
CA GLU B 259 28.37 3.04 -42.43
C GLU B 259 29.50 2.45 -41.62
N ALA B 260 29.49 2.71 -40.30
CA ALA B 260 30.53 2.19 -39.42
C ALA B 260 30.57 0.67 -39.45
N LEU B 261 29.40 0.04 -39.50
CA LEU B 261 29.35 -1.42 -39.52
C LEU B 261 30.02 -1.96 -40.78
N ILE B 262 29.78 -1.32 -41.93
CA ILE B 262 30.38 -1.78 -43.18
C ILE B 262 31.90 -1.66 -43.10
N GLN B 263 32.39 -0.56 -42.55
CA GLN B 263 33.84 -0.38 -42.42
C GLN B 263 34.44 -1.41 -41.48
N ILE B 264 33.74 -1.70 -40.37
CA ILE B 264 34.25 -2.66 -39.40
C ILE B 264 34.25 -4.08 -39.98
N LEU B 265 33.40 -4.35 -40.95
CA LEU B 265 33.37 -5.68 -41.54
C LEU B 265 34.61 -5.99 -42.36
N LYS B 266 35.24 -4.98 -42.98
CA LYS B 266 36.40 -5.19 -43.84
C LYS B 266 37.70 -4.57 -43.34
N GLU B 267 37.67 -3.29 -42.94
CA GLU B 267 38.91 -2.60 -42.58
C GLU B 267 39.68 -3.17 -41.38
N PRO B 268 39.06 -3.59 -40.28
CA PRO B 268 39.85 -4.10 -39.15
C PRO B 268 40.68 -5.32 -39.49
N LYS B 269 41.79 -5.47 -38.76
CA LYS B 269 42.67 -6.61 -38.94
C LYS B 269 41.96 -7.91 -38.61
N ASN B 270 41.13 -7.89 -37.57
CA ASN B 270 40.39 -9.06 -37.11
C ASN B 270 38.90 -8.92 -37.40
N ALA B 271 38.57 -8.33 -38.54
CA ALA B 271 37.17 -8.18 -38.91
C ALA B 271 36.55 -9.55 -39.12
N LEU B 272 35.29 -9.70 -38.68
CA LEU B 272 34.59 -10.97 -38.75
C LEU B 272 34.61 -11.58 -40.15
N THR B 273 34.50 -10.74 -41.18
CA THR B 273 34.54 -11.25 -42.54
C THR B 273 35.88 -11.93 -42.83
N LYS B 274 36.97 -11.34 -42.35
CA LYS B 274 38.29 -11.94 -42.55
C LYS B 274 38.44 -13.22 -41.75
N GLN B 275 37.91 -13.23 -40.52
CA GLN B 275 38.03 -14.42 -39.68
C GLN B 275 37.34 -15.61 -40.31
N TYR B 276 36.13 -15.41 -40.85
CA TYR B 276 35.43 -16.52 -41.50
C TYR B 276 36.17 -16.98 -42.73
N GLN B 277 36.78 -16.05 -43.47
CA GLN B 277 37.56 -16.42 -44.65
C GLN B 277 38.73 -17.30 -44.24
N ALA B 278 39.38 -16.97 -43.13
CA ALA B 278 40.46 -17.80 -42.62
C ALA B 278 39.95 -19.18 -42.26
N LEU B 279 38.79 -19.23 -41.60
CA LEU B 279 38.19 -20.51 -41.24
C LEU B 279 37.90 -21.33 -42.49
N PHE B 280 37.34 -20.70 -43.51
CA PHE B 280 37.06 -21.40 -44.75
C PHE B 280 38.34 -21.72 -45.53
N ASN B 281 39.35 -20.85 -45.43
CA ASN B 281 40.59 -21.05 -46.18
C ASN B 281 41.27 -22.38 -45.86
N LEU B 282 41.31 -22.76 -44.58
CA LEU B 282 41.95 -24.03 -44.24
C LEU B 282 41.18 -25.20 -44.84
N GLU B 283 39.86 -25.09 -44.92
CA GLU B 283 39.05 -26.14 -45.52
C GLU B 283 39.41 -26.32 -46.99
N GLY B 284 39.90 -25.27 -47.64
CA GLY B 284 40.27 -25.30 -49.04
C GLY B 284 39.31 -24.59 -49.98
N VAL B 285 38.23 -24.02 -49.46
CA VAL B 285 37.23 -23.31 -50.25
C VAL B 285 37.29 -21.83 -49.90
N ASP B 286 37.44 -20.99 -50.92
CA ASP B 286 37.48 -19.55 -50.70
C ASP B 286 36.08 -19.03 -50.42
N LEU B 287 36.02 -17.95 -49.64
CA LEU B 287 34.76 -17.30 -49.29
C LEU B 287 34.83 -15.83 -49.66
N GLU B 288 33.85 -15.37 -50.42
CA GLU B 288 33.76 -13.97 -50.84
C GLU B 288 32.38 -13.43 -50.50
N PHE B 289 32.34 -12.18 -50.05
CA PHE B 289 31.10 -11.50 -49.71
C PHE B 289 30.86 -10.39 -50.72
N ARG B 290 29.70 -10.41 -51.36
CA ARG B 290 29.34 -9.37 -52.31
C ARG B 290 28.90 -8.14 -51.54
N ASP B 291 29.41 -6.98 -51.94
CA ASP B 291 29.11 -5.68 -51.32
C ASP B 291 27.65 -5.51 -50.95
N GLU B 292 26.75 -5.77 -51.90
CA GLU B 292 25.31 -5.67 -51.66
C GLU B 292 24.89 -6.48 -50.43
N ALA B 293 25.45 -7.67 -50.27
CA ALA B 293 25.11 -8.53 -49.14
C ALA B 293 25.57 -7.94 -47.81
N LEU B 294 26.74 -7.30 -47.80
CA LEU B 294 27.29 -6.77 -46.56
C LEU B 294 26.39 -5.71 -45.92
N ASP B 295 25.82 -4.82 -46.74
CA ASP B 295 24.97 -3.77 -46.17
C ASP B 295 23.72 -4.34 -45.51
N ALA B 296 23.17 -5.43 -46.06
CA ALA B 296 21.98 -6.04 -45.49
C ALA B 296 22.24 -6.51 -44.07
N ILE B 297 23.41 -7.09 -43.81
CA ILE B 297 23.75 -7.57 -42.47
C ILE B 297 23.78 -6.41 -41.49
N ALA B 298 24.29 -5.26 -41.93
CA ALA B 298 24.39 -4.09 -41.05
C ALA B 298 23.01 -3.63 -40.59
N LYS B 299 22.03 -3.64 -41.48
CA LYS B 299 20.68 -3.21 -41.11
C LYS B 299 20.09 -4.10 -40.04
N LYS B 300 20.30 -5.41 -40.14
CA LYS B 300 19.77 -6.34 -39.16
C LYS B 300 20.40 -6.13 -37.79
N ALA B 301 21.70 -5.84 -37.75
CA ALA B 301 22.40 -5.66 -36.48
C ALA B 301 21.82 -4.52 -35.67
N MET B 302 21.51 -3.39 -36.31
CA MET B 302 20.97 -2.25 -35.58
C MET B 302 19.62 -2.56 -34.97
N ALA B 303 18.80 -3.36 -35.65
CA ALA B 303 17.49 -3.72 -35.11
C ALA B 303 17.62 -4.49 -33.81
N ARG B 304 18.60 -5.38 -33.73
CA ARG B 304 18.81 -6.17 -32.52
C ARG B 304 19.21 -5.29 -31.33
N LYS B 305 19.89 -4.18 -31.59
CA LYS B 305 20.34 -3.28 -30.52
C LYS B 305 21.26 -3.99 -29.54
N THR B 306 22.12 -4.87 -30.09
CA THR B 306 23.08 -5.62 -29.30
C THR B 306 24.52 -5.19 -29.56
N GLY B 307 24.75 -4.24 -30.46
CA GLY B 307 26.09 -3.78 -30.75
C GLY B 307 26.80 -4.64 -31.78
N ALA B 308 28.10 -4.38 -31.90
CA ALA B 308 28.94 -5.12 -32.83
C ALA B 308 29.00 -6.60 -32.49
N ARG B 309 28.96 -6.93 -31.19
CA ARG B 309 29.04 -8.31 -30.77
C ARG B 309 27.88 -9.12 -31.32
N GLY B 310 26.69 -8.52 -31.39
CA GLY B 310 25.52 -9.21 -31.92
C GLY B 310 25.61 -9.57 -33.38
N LEU B 311 26.49 -8.91 -34.14
CA LEU B 311 26.62 -9.17 -35.57
C LEU B 311 26.93 -10.63 -35.87
N ARG B 312 27.67 -11.30 -34.98
CA ARG B 312 28.01 -12.71 -35.19
C ARG B 312 26.77 -13.57 -35.37
N SER B 313 25.71 -13.25 -34.63
CA SER B 313 24.47 -14.03 -34.70
C SER B 313 23.92 -14.07 -36.12
N ILE B 314 23.89 -12.91 -36.79
CA ILE B 314 23.34 -12.84 -38.14
C ILE B 314 24.17 -13.68 -39.10
N VAL B 315 25.49 -13.55 -39.03
CA VAL B 315 26.36 -14.30 -39.93
C VAL B 315 26.27 -15.80 -39.67
N GLU B 316 26.26 -16.20 -38.40
CA GLU B 316 26.21 -17.62 -38.06
C GLU B 316 24.95 -18.28 -38.62
N ALA B 317 23.79 -17.62 -38.46
CA ALA B 317 22.55 -18.18 -38.95
C ALA B 317 22.52 -18.25 -40.48
N ALA B 318 23.09 -17.25 -41.14
CA ALA B 318 23.09 -17.21 -42.60
C ALA B 318 23.87 -18.37 -43.20
N LEU B 319 25.02 -18.71 -42.61
CA LEU B 319 25.89 -19.76 -43.10
C LEU B 319 25.81 -21.04 -42.26
N LEU B 320 24.78 -21.16 -41.41
CA LEU B 320 24.66 -22.35 -40.58
C LEU B 320 24.47 -23.60 -41.43
N ASP B 321 23.59 -23.52 -42.43
CA ASP B 321 23.33 -24.68 -43.29
C ASP B 321 24.55 -25.03 -44.15
N THR B 322 25.20 -24.02 -44.72
CA THR B 322 26.35 -24.27 -45.59
C THR B 322 27.51 -24.90 -44.82
N MET B 323 27.74 -24.42 -43.59
CA MET B 323 28.83 -24.98 -42.78
C MET B 323 28.61 -26.45 -42.52
N TYR B 324 27.35 -26.84 -42.32
CA TYR B 324 27.03 -28.23 -42.05
C TYR B 324 27.31 -29.12 -43.25
N ASP B 325 26.95 -28.65 -44.45
CA ASP B 325 27.12 -29.42 -45.67
C ASP B 325 28.46 -29.24 -46.37
N LEU B 326 29.27 -28.26 -45.96
CA LEU B 326 30.55 -28.06 -46.62
C LEU B 326 31.53 -29.22 -46.45
N PRO B 327 31.70 -29.83 -45.26
CA PRO B 327 32.66 -30.94 -45.16
C PRO B 327 32.28 -32.14 -46.00
N SER B 328 31.00 -32.52 -46.03
CA SER B 328 30.58 -33.68 -46.81
C SER B 328 30.70 -33.42 -48.31
N MET B 329 30.62 -32.16 -48.73
CA MET B 329 30.75 -31.83 -50.15
C MET B 329 32.22 -31.84 -50.54
N GLU B 330 32.48 -32.07 -51.82
CA GLU B 330 33.83 -32.14 -52.36
C GLU B 330 33.93 -31.35 -53.66
N ASP B 331 35.18 -31.13 -54.08
CA ASP B 331 35.52 -30.41 -55.30
C ASP B 331 34.83 -29.05 -55.36
N VAL B 332 34.97 -28.28 -54.29
CA VAL B 332 34.41 -26.94 -54.17
C VAL B 332 35.58 -25.98 -54.01
N GLU B 333 35.73 -25.05 -54.95
CA GLU B 333 36.82 -24.09 -54.92
C GLU B 333 36.42 -22.75 -54.29
N LYS B 334 35.28 -22.19 -54.69
CA LYS B 334 34.83 -20.90 -54.18
C LYS B 334 33.35 -20.94 -53.83
N VAL B 335 33.00 -20.18 -52.79
CA VAL B 335 31.62 -20.05 -52.32
C VAL B 335 31.28 -18.56 -52.29
N VAL B 336 30.16 -18.19 -52.90
CA VAL B 336 29.71 -16.80 -52.97
C VAL B 336 28.41 -16.68 -52.19
N ILE B 337 28.31 -15.64 -51.36
CA ILE B 337 27.13 -15.35 -50.56
C ILE B 337 26.44 -14.13 -51.15
N ASP B 338 25.12 -14.23 -51.30
CA ASP B 338 24.30 -13.15 -51.86
C ASP B 338 23.46 -12.51 -50.77
N GLU B 339 22.89 -11.35 -51.10
CA GLU B 339 22.06 -10.62 -50.15
C GLU B 339 20.83 -11.43 -49.77
N SER B 340 20.27 -12.18 -50.71
CA SER B 340 19.09 -12.99 -50.43
C SER B 340 19.39 -14.06 -49.39
N VAL B 341 20.62 -14.57 -49.38
CA VAL B 341 21.01 -15.60 -48.43
C VAL B 341 20.88 -15.10 -47.00
N ILE B 342 21.16 -13.81 -46.77
CA ILE B 342 21.05 -13.26 -45.42
C ILE B 342 19.61 -13.33 -44.95
N ASP B 343 18.66 -13.07 -45.85
CA ASP B 343 17.25 -13.17 -45.49
C ASP B 343 16.87 -14.61 -45.16
N GLY B 344 17.51 -15.58 -45.81
CA GLY B 344 17.24 -16.98 -45.62
C GLY B 344 16.33 -17.58 -46.68
N GLN B 345 15.78 -16.77 -47.58
CA GLN B 345 14.91 -17.28 -48.63
C GLN B 345 15.68 -18.12 -49.63
N SER B 346 16.89 -17.70 -49.98
CA SER B 346 17.74 -18.37 -50.95
C SER B 346 18.96 -18.98 -50.29
N GLU B 347 19.61 -19.90 -51.03
CA GLU B 347 20.80 -20.60 -50.61
C GLU B 347 22.01 -20.07 -51.38
N PRO B 348 23.17 -19.89 -50.73
CA PRO B 348 24.33 -19.36 -51.46
C PRO B 348 24.83 -20.30 -52.54
N LEU B 349 25.29 -19.70 -53.63
CA LEU B 349 25.83 -20.46 -54.74
C LEU B 349 27.21 -21.00 -54.39
N LEU B 350 27.57 -22.09 -55.06
CA LEU B 350 28.85 -22.76 -54.87
C LEU B 350 29.54 -22.91 -56.21
N ILE B 351 30.87 -22.93 -56.18
CA ILE B 351 31.69 -23.04 -57.38
C ILE B 351 32.51 -24.31 -57.25
N TYR B 352 32.50 -25.12 -58.31
CA TYR B 352 33.23 -26.38 -58.35
C TYR B 352 34.47 -26.26 -59.23
N ALA C 2 42.88 -37.29 -38.61
CA ALA C 2 41.53 -37.02 -39.11
C ALA C 2 40.66 -36.41 -38.01
N LEU C 3 39.49 -35.93 -38.40
CA LEU C 3 38.54 -35.32 -37.48
C LEU C 3 37.14 -35.77 -37.84
N PRO C 4 36.16 -35.61 -36.93
CA PRO C 4 34.80 -36.01 -37.27
C PRO C 4 34.15 -35.01 -38.20
N THR C 5 32.89 -35.20 -38.54
CA THR C 5 32.17 -34.31 -39.45
C THR C 5 30.77 -34.05 -38.90
N PRO C 6 30.09 -33.00 -39.40
CA PRO C 6 28.73 -32.73 -38.90
C PRO C 6 27.76 -33.86 -39.17
N HIS C 7 27.90 -34.54 -40.31
CA HIS C 7 27.01 -35.65 -40.62
C HIS C 7 27.28 -36.83 -39.69
N GLU C 8 28.54 -37.06 -39.35
CA GLU C 8 28.88 -38.18 -38.47
C GLU C 8 28.48 -37.88 -37.04
N ILE C 9 28.77 -36.68 -36.54
CA ILE C 9 28.41 -36.33 -35.17
C ILE C 9 26.89 -36.26 -35.03
N ARG C 10 26.18 -35.86 -36.08
CA ARG C 10 24.74 -35.77 -36.00
C ARG C 10 24.10 -37.15 -35.98
N ASN C 11 24.69 -38.10 -36.72
CA ASN C 11 24.16 -39.46 -36.70
C ASN C 11 24.27 -40.08 -35.32
N HIS C 12 25.29 -39.68 -34.56
CA HIS C 12 25.46 -40.20 -33.21
C HIS C 12 24.41 -39.60 -32.27
N LEU C 13 24.19 -38.29 -32.37
CA LEU C 13 23.21 -37.64 -31.52
C LEU C 13 21.80 -38.11 -31.84
N ASP C 14 21.55 -38.52 -33.09
CA ASP C 14 20.23 -38.99 -33.46
C ASP C 14 19.87 -40.26 -32.69
N ASP C 15 20.87 -41.05 -32.31
CA ASP C 15 20.61 -42.27 -31.55
C ASP C 15 20.03 -41.97 -30.17
N TYR C 16 20.39 -40.82 -29.59
CA TYR C 16 19.92 -40.42 -28.27
C TYR C 16 18.89 -39.30 -28.31
N VAL C 17 18.72 -38.61 -29.44
CA VAL C 17 17.76 -37.51 -29.56
C VAL C 17 16.97 -37.72 -30.84
N ILE C 18 15.67 -37.43 -30.77
CA ILE C 18 14.77 -37.58 -31.91
C ILE C 18 13.91 -36.34 -32.05
N GLY C 19 13.58 -36.01 -33.30
CA GLY C 19 12.70 -34.89 -33.59
C GLY C 19 13.27 -33.51 -33.40
N GLN C 20 14.59 -33.33 -33.55
CA GLN C 20 15.24 -32.03 -33.38
C GLN C 20 16.25 -31.87 -34.52
N GLU C 21 15.81 -31.25 -35.62
CA GLU C 21 16.67 -31.05 -36.76
C GLU C 21 17.54 -29.80 -36.61
N GLN C 22 16.91 -28.65 -36.37
CA GLN C 22 17.66 -27.39 -36.26
C GLN C 22 18.57 -27.36 -35.05
N ALA C 23 18.18 -27.98 -33.94
CA ALA C 23 19.00 -27.94 -32.74
C ALA C 23 20.32 -28.69 -32.94
N LYS C 24 20.29 -29.83 -33.63
CA LYS C 24 21.50 -30.60 -33.83
C LYS C 24 22.50 -29.88 -34.72
N LYS C 25 22.01 -29.06 -35.66
CA LYS C 25 22.92 -28.37 -36.58
C LYS C 25 23.77 -27.34 -35.86
N VAL C 26 23.21 -26.65 -34.87
CA VAL C 26 23.95 -25.62 -34.16
C VAL C 26 25.08 -26.24 -33.35
N LEU C 27 24.79 -27.32 -32.62
CA LEU C 27 25.81 -27.96 -31.81
C LEU C 27 26.89 -28.59 -32.66
N ALA C 28 26.53 -29.13 -33.82
CA ALA C 28 27.53 -29.77 -34.69
C ALA C 28 28.52 -28.76 -35.23
N VAL C 29 28.03 -27.60 -35.65
CA VAL C 29 28.91 -26.57 -36.20
C VAL C 29 29.84 -26.03 -35.13
N ALA C 30 29.33 -25.86 -33.90
CA ALA C 30 30.17 -25.33 -32.83
C ALA C 30 31.30 -26.31 -32.50
N VAL C 31 30.97 -27.58 -32.31
CA VAL C 31 32.00 -28.57 -32.02
C VAL C 31 32.94 -28.73 -33.20
N TYR C 32 32.40 -28.76 -34.41
CA TYR C 32 33.22 -28.90 -35.60
C TYR C 32 34.13 -27.68 -35.78
N ASN C 33 33.67 -26.52 -35.34
CA ASN C 33 34.46 -25.30 -35.44
C ASN C 33 35.43 -25.14 -34.28
N HIS C 34 35.16 -25.79 -33.15
CA HIS C 34 36.05 -25.66 -31.99
C HIS C 34 37.41 -26.27 -32.26
N TYR C 35 37.45 -27.43 -32.92
CA TYR C 35 38.73 -28.06 -33.21
C TYR C 35 39.54 -27.23 -34.20
N LYS C 36 38.88 -26.52 -35.11
CA LYS C 36 39.59 -25.71 -36.09
C LYS C 36 40.27 -24.52 -35.42
N ARG C 37 39.56 -23.85 -34.50
CA ARG C 37 40.13 -22.68 -33.84
C ARG C 37 41.34 -23.06 -33.00
N LEU C 38 41.27 -24.21 -32.32
CA LEU C 38 42.39 -24.64 -31.48
C LEU C 38 43.61 -24.96 -32.35
N ARG C 39 43.41 -25.78 -33.39
CA ARG C 39 44.52 -26.14 -34.27
C ARG C 39 45.11 -24.92 -34.95
N ASN C 40 44.26 -24.03 -35.49
CA ASN C 40 44.75 -22.82 -36.15
C ASN C 40 44.99 -21.75 -35.09
N GLY C 41 46.03 -22.05 -34.32
CA GLY C 41 46.62 -21.37 -33.18
C GLY C 41 48.03 -20.85 -33.35
N ASP C 42 48.38 -19.58 -33.04
CA ASP C 42 49.82 -19.27 -33.12
C ASP C 42 50.49 -19.28 -34.51
N THR C 43 50.26 -18.21 -35.28
CA THR C 43 50.66 -18.03 -36.69
C THR C 43 49.82 -18.82 -37.69
N SER C 44 48.54 -18.47 -37.63
CA SER C 44 47.48 -18.82 -38.57
C SER C 44 47.23 -17.49 -39.27
N ASN C 45 47.09 -17.51 -40.61
CA ASN C 45 47.03 -16.26 -41.38
C ASN C 45 45.97 -15.30 -40.84
N GLY C 46 44.79 -15.80 -40.46
CA GLY C 46 43.80 -14.92 -39.88
C GLY C 46 44.00 -14.88 -38.37
N VAL C 47 44.65 -13.83 -37.87
CA VAL C 47 44.91 -13.70 -36.44
C VAL C 47 43.64 -13.30 -35.70
N GLU C 48 43.64 -13.49 -34.37
CA GLU C 48 42.51 -13.10 -33.54
C GLU C 48 41.21 -13.76 -33.97
N LEU C 49 41.14 -15.08 -33.90
CA LEU C 49 39.95 -15.79 -34.33
C LEU C 49 38.82 -15.57 -33.33
N GLY C 50 37.62 -15.36 -33.88
CA GLY C 50 36.45 -15.09 -33.06
C GLY C 50 35.89 -16.32 -32.36
N LYS C 51 34.91 -16.04 -31.51
CA LYS C 51 34.22 -17.05 -30.72
C LYS C 51 32.72 -16.85 -30.87
N SER C 52 31.97 -17.95 -30.75
CA SER C 52 30.51 -17.90 -30.90
C SER C 52 29.91 -18.91 -29.94
N ASN C 53 29.36 -18.41 -28.82
CA ASN C 53 28.74 -19.26 -27.83
C ASN C 53 27.36 -19.69 -28.32
N ILE C 54 26.66 -20.50 -27.51
CA ILE C 54 25.35 -21.03 -27.87
C ILE C 54 24.38 -20.80 -26.72
N LEU C 55 23.12 -20.50 -27.06
CA LEU C 55 22.05 -20.26 -26.10
C LEU C 55 20.87 -21.17 -26.49
N LEU C 56 20.70 -22.26 -25.76
CA LEU C 56 19.60 -23.20 -26.02
C LEU C 56 18.34 -22.74 -25.31
N ILE C 57 17.22 -22.79 -26.02
CA ILE C 57 15.92 -22.41 -25.50
C ILE C 57 14.91 -23.47 -25.92
N GLY C 58 14.04 -23.85 -24.99
CA GLY C 58 13.01 -24.83 -25.28
C GLY C 58 12.12 -25.10 -24.08
N PRO C 59 11.00 -25.80 -24.31
CA PRO C 59 10.10 -26.10 -23.18
C PRO C 59 10.68 -27.07 -22.18
N THR C 60 9.90 -27.35 -21.13
CA THR C 60 10.32 -28.26 -20.09
C THR C 60 10.32 -29.70 -20.61
N GLY C 61 11.28 -30.48 -20.13
CA GLY C 61 11.37 -31.88 -20.50
C GLY C 61 11.50 -32.13 -21.99
N SER C 62 12.05 -31.16 -22.71
CA SER C 62 12.18 -31.24 -24.16
C SER C 62 13.50 -31.86 -24.63
N GLY C 63 14.49 -31.98 -23.75
CA GLY C 63 15.77 -32.56 -24.08
C GLY C 63 16.97 -31.63 -24.05
N LYS C 64 16.88 -30.49 -23.37
CA LYS C 64 18.02 -29.59 -23.29
C LYS C 64 19.16 -30.23 -22.50
N THR C 65 18.85 -30.67 -21.27
CA THR C 65 19.85 -31.30 -20.41
C THR C 65 20.38 -32.60 -21.00
N LEU C 66 19.59 -33.26 -21.85
CA LEU C 66 20.03 -34.52 -22.44
C LEU C 66 21.15 -34.30 -23.44
N LEU C 67 21.11 -33.20 -24.19
CA LEU C 67 22.13 -32.94 -25.19
C LEU C 67 23.50 -32.73 -24.55
N ALA C 68 23.54 -32.07 -23.39
CA ALA C 68 24.81 -31.85 -22.73
C ALA C 68 25.42 -33.14 -22.24
N GLU C 69 24.59 -34.08 -21.79
CA GLU C 69 25.09 -35.35 -21.30
C GLU C 69 25.58 -36.23 -22.45
N THR C 70 24.79 -36.34 -23.52
CA THR C 70 25.17 -37.17 -24.65
C THR C 70 26.42 -36.66 -25.34
N LEU C 71 26.64 -35.35 -25.31
CA LEU C 71 27.81 -34.77 -25.98
C LEU C 71 29.10 -35.20 -25.29
N ALA C 72 29.08 -35.30 -23.96
CA ALA C 72 30.29 -35.69 -23.23
C ALA C 72 30.72 -37.12 -23.56
N ARG C 73 29.78 -37.98 -23.94
CA ARG C 73 30.12 -39.36 -24.27
C ARG C 73 31.05 -39.42 -25.47
N LEU C 74 30.74 -38.65 -26.51
CA LEU C 74 31.53 -38.65 -27.74
C LEU C 74 32.61 -37.58 -27.78
N LEU C 75 32.56 -36.59 -26.90
CA LEU C 75 33.53 -35.51 -26.92
C LEU C 75 34.80 -35.91 -26.18
N ASP C 76 35.94 -35.89 -26.89
CA ASP C 76 37.21 -36.27 -26.29
C ASP C 76 37.71 -35.23 -25.30
N VAL C 77 37.53 -33.94 -25.62
CA VAL C 77 38.02 -32.86 -24.77
C VAL C 77 37.15 -32.79 -23.52
N PRO C 78 37.67 -32.25 -22.41
CA PRO C 78 36.87 -32.22 -21.17
C PRO C 78 35.57 -31.44 -21.29
N PHE C 79 34.60 -31.86 -20.49
CA PHE C 79 33.27 -31.26 -20.46
C PHE C 79 32.72 -31.39 -19.05
N THR C 80 31.86 -30.45 -18.67
CA THR C 80 31.26 -30.42 -17.35
C THR C 80 29.81 -29.97 -17.46
N MET C 81 29.06 -30.15 -16.37
CA MET C 81 27.65 -29.78 -16.32
C MET C 81 27.36 -29.10 -14.98
N ALA C 82 27.48 -27.77 -14.96
CA ALA C 82 27.24 -26.97 -13.78
C ALA C 82 25.86 -26.31 -13.90
N ASP C 83 25.53 -25.44 -12.93
CA ASP C 83 24.26 -24.74 -12.93
C ASP C 83 24.46 -23.36 -12.31
N ALA C 84 23.55 -22.45 -12.65
CA ALA C 84 23.60 -21.08 -12.17
C ALA C 84 22.78 -20.86 -10.90
N THR C 85 21.95 -21.82 -10.50
CA THR C 85 21.16 -21.66 -9.28
C THR C 85 22.08 -21.54 -8.07
N THR C 86 23.05 -22.43 -7.98
CA THR C 86 24.01 -22.43 -6.86
C THR C 86 25.20 -21.52 -7.19
N LEU C 87 24.90 -20.23 -7.31
CA LEU C 87 25.92 -19.25 -7.62
C LEU C 87 25.52 -17.89 -7.05
N THR C 88 26.52 -17.17 -6.54
CA THR C 88 26.32 -15.86 -5.96
C THR C 88 27.56 -15.02 -6.22
N GLU C 89 27.34 -13.74 -6.47
CA GLU C 89 28.42 -12.81 -6.81
C GLU C 89 28.96 -12.11 -5.55
N ALA C 90 30.09 -11.42 -5.75
CA ALA C 90 30.78 -10.68 -4.70
C ALA C 90 31.13 -11.57 -3.50
N GLY C 91 31.56 -12.79 -3.79
CA GLY C 91 31.96 -13.75 -2.77
C GLY C 91 31.01 -13.90 -1.60
N TYR C 92 29.76 -14.28 -1.88
CA TYR C 92 28.76 -14.45 -0.84
C TYR C 92 28.80 -15.89 -0.35
N VAL C 93 27.84 -16.27 0.50
CA VAL C 93 27.80 -17.62 1.07
C VAL C 93 27.76 -18.67 -0.02
N GLY C 94 27.05 -18.38 -1.12
CA GLY C 94 26.99 -19.34 -2.20
C GLY C 94 28.28 -19.40 -2.99
N GLU C 95 28.40 -20.47 -3.78
CA GLU C 95 29.58 -20.68 -4.60
C GLU C 95 29.81 -19.50 -5.55
N ASP C 96 31.07 -19.11 -5.69
CA ASP C 96 31.43 -18.02 -6.58
C ASP C 96 31.61 -18.53 -8.01
N VAL C 97 31.68 -17.59 -8.95
CA VAL C 97 31.80 -17.92 -10.37
C VAL C 97 33.03 -18.79 -10.64
N GLU C 98 34.10 -18.60 -9.89
CA GLU C 98 35.33 -19.38 -10.11
C GLU C 98 35.07 -20.88 -10.00
N ASN C 99 34.15 -21.28 -9.12
CA ASN C 99 33.79 -22.68 -8.90
C ASN C 99 33.66 -23.49 -10.19
N ILE C 100 32.94 -22.93 -11.18
CA ILE C 100 32.76 -23.58 -12.47
C ILE C 100 34.08 -24.04 -13.05
N ILE C 101 35.10 -23.19 -12.98
CA ILE C 101 36.40 -23.55 -13.52
C ILE C 101 37.04 -24.65 -12.69
N GLN C 102 36.78 -24.67 -11.38
CA GLN C 102 37.38 -25.70 -10.53
C GLN C 102 36.87 -27.09 -10.90
N LYS C 103 35.58 -27.20 -11.23
CA LYS C 103 35.03 -28.49 -11.62
C LYS C 103 35.65 -28.99 -12.92
N LEU C 104 36.06 -28.08 -13.80
CA LEU C 104 36.65 -28.49 -15.07
C LEU C 104 37.99 -29.19 -14.87
N LEU C 105 38.78 -28.73 -13.89
CA LEU C 105 40.09 -29.32 -13.67
C LEU C 105 39.99 -30.72 -13.07
N GLN C 106 38.90 -31.02 -12.34
CA GLN C 106 38.76 -32.34 -11.76
C GLN C 106 38.69 -33.41 -12.84
N LYS C 107 37.98 -33.12 -13.94
CA LYS C 107 37.89 -34.04 -15.05
C LYS C 107 39.11 -33.97 -15.96
N SER C 108 39.82 -32.84 -15.95
CA SER C 108 41.01 -32.64 -16.77
C SER C 108 42.30 -33.00 -16.04
N ASP C 109 42.22 -33.41 -14.77
CA ASP C 109 43.40 -33.76 -13.99
C ASP C 109 44.33 -32.57 -13.80
N TYR C 110 43.72 -31.42 -13.47
CA TYR C 110 44.43 -30.17 -13.23
C TYR C 110 45.44 -29.85 -14.33
N ASP C 111 44.98 -29.95 -15.58
CA ASP C 111 45.80 -29.66 -16.75
C ASP C 111 45.39 -28.30 -17.28
N VAL C 112 46.21 -27.28 -17.03
CA VAL C 112 45.90 -25.93 -17.48
C VAL C 112 45.88 -25.87 -18.99
N GLN C 113 46.84 -26.53 -19.65
CA GLN C 113 46.88 -26.49 -21.11
C GLN C 113 45.69 -27.22 -21.72
N LYS C 114 45.26 -28.31 -21.09
CA LYS C 114 44.12 -29.09 -21.59
C LYS C 114 42.78 -28.56 -21.11
N ALA C 115 42.77 -27.63 -20.15
CA ALA C 115 41.54 -27.07 -19.64
C ALA C 115 41.04 -25.91 -20.50
N GLN C 116 41.96 -25.13 -21.06
CA GLN C 116 41.56 -24.00 -21.89
C GLN C 116 40.84 -24.45 -23.15
N ARG C 117 41.15 -25.64 -23.65
CA ARG C 117 40.52 -26.18 -24.85
C ARG C 117 39.26 -26.98 -24.55
N GLY C 118 38.71 -26.86 -23.34
CA GLY C 118 37.51 -27.58 -22.96
C GLY C 118 36.25 -26.84 -23.33
N ILE C 119 35.12 -27.50 -23.06
CA ILE C 119 33.79 -26.96 -23.31
C ILE C 119 33.07 -26.90 -21.97
N VAL C 120 32.17 -25.93 -21.83
CA VAL C 120 31.42 -25.71 -20.60
C VAL C 120 29.95 -25.58 -20.94
N TYR C 121 29.11 -26.12 -20.05
CA TYR C 121 27.67 -26.10 -20.21
C TYR C 121 27.03 -25.63 -18.90
N ILE C 122 25.96 -24.85 -19.03
CA ILE C 122 25.21 -24.32 -17.90
C ILE C 122 23.75 -24.65 -18.13
N ASP C 123 23.05 -25.00 -17.06
CA ASP C 123 21.63 -25.34 -17.13
C ASP C 123 20.84 -24.40 -16.23
N GLN C 124 19.59 -24.19 -16.60
CA GLN C 124 18.68 -23.33 -15.85
C GLN C 124 19.23 -21.90 -15.77
N ILE C 125 19.52 -21.33 -16.94
CA ILE C 125 20.06 -19.97 -17.01
C ILE C 125 18.99 -18.93 -16.70
N ASP C 126 17.72 -19.24 -16.92
CA ASP C 126 16.65 -18.29 -16.68
C ASP C 126 16.52 -17.91 -15.21
N LYS C 127 17.02 -18.74 -14.30
CA LYS C 127 16.91 -18.46 -12.87
C LYS C 127 17.64 -17.17 -12.49
N ILE C 128 18.83 -16.97 -13.06
CA ILE C 128 19.57 -15.75 -12.75
C ILE C 128 18.98 -14.53 -13.46
N SER C 129 18.06 -14.73 -14.40
CA SER C 129 17.42 -13.64 -15.09
C SER C 129 16.72 -12.71 -14.12
N ARG C 130 16.83 -11.41 -14.38
CA ARG C 130 16.17 -10.42 -13.54
C ARG C 130 14.67 -10.68 -13.55
N LYS C 131 14.09 -10.80 -12.35
CA LYS C 131 12.66 -11.09 -12.24
C LYS C 131 11.82 -9.82 -12.35
N SER C 132 11.89 -9.23 -13.56
CA SER C 132 11.17 -8.01 -13.90
C SER C 132 11.32 -6.94 -12.81
N ASP C 133 12.57 -6.72 -12.40
CA ASP C 133 12.86 -5.75 -11.34
C ASP C 133 12.97 -4.35 -11.93
N ASN C 134 11.81 -3.85 -12.39
CA ASN C 134 11.77 -2.50 -12.93
C ASN C 134 12.10 -1.43 -11.89
N PRO C 135 11.61 -1.49 -10.65
CA PRO C 135 12.00 -0.45 -9.68
C PRO C 135 13.34 -0.79 -9.06
N SER C 136 14.22 0.20 -8.99
CA SER C 136 15.57 0.02 -8.45
C SER C 136 15.56 0.15 -6.93
N ILE C 137 14.83 -0.77 -6.29
CA ILE C 137 14.71 -0.77 -4.84
C ILE C 137 16.04 -1.17 -4.20
N THR C 138 16.70 -2.19 -4.74
CA THR C 138 17.98 -2.66 -4.21
C THR C 138 18.60 -3.59 -5.25
N ARG C 139 19.77 -4.12 -4.93
CA ARG C 139 20.51 -5.00 -5.82
C ARG C 139 20.32 -6.46 -5.40
N ASP C 140 19.99 -7.30 -6.37
CA ASP C 140 19.80 -8.72 -6.10
C ASP C 140 21.15 -9.37 -5.75
N VAL C 141 21.07 -10.53 -5.11
CA VAL C 141 22.24 -11.28 -4.68
C VAL C 141 22.59 -12.38 -5.68
N SER C 142 21.57 -12.96 -6.31
CA SER C 142 21.75 -14.06 -7.25
C SER C 142 21.12 -13.81 -8.62
N GLY C 143 20.73 -12.57 -8.91
CA GLY C 143 20.09 -12.24 -10.18
C GLY C 143 20.93 -11.40 -11.11
N GLU C 144 20.61 -10.10 -11.17
CA GLU C 144 21.32 -9.19 -12.06
C GLU C 144 22.82 -9.20 -11.78
N GLY C 145 23.21 -9.28 -10.51
CA GLY C 145 24.62 -9.28 -10.18
C GLY C 145 25.38 -10.46 -10.78
N VAL C 146 24.75 -11.63 -10.81
CA VAL C 146 25.38 -12.83 -11.36
C VAL C 146 25.82 -12.60 -12.80
N GLN C 147 24.89 -12.13 -13.64
CA GLN C 147 25.18 -11.87 -15.04
C GLN C 147 26.38 -10.94 -15.19
N GLN C 148 26.47 -9.94 -14.33
CA GLN C 148 27.58 -8.99 -14.39
C GLN C 148 28.92 -9.70 -14.24
N ALA C 149 29.02 -10.66 -13.31
CA ALA C 149 30.26 -11.37 -13.08
C ALA C 149 30.61 -12.32 -14.21
N LEU C 150 29.63 -12.78 -14.98
CA LEU C 150 29.91 -13.71 -16.08
C LEU C 150 30.42 -13.02 -17.34
N LEU C 151 30.15 -11.72 -17.49
CA LEU C 151 30.59 -10.96 -18.65
C LEU C 151 32.08 -11.16 -18.92
N LYS C 152 32.91 -10.87 -17.92
CA LYS C 152 34.36 -10.99 -18.08
C LYS C 152 34.80 -12.43 -18.27
N LEU C 153 33.99 -13.40 -17.84
CA LEU C 153 34.37 -14.80 -17.97
C LEU C 153 34.28 -15.27 -19.43
N ILE C 154 33.18 -14.98 -20.10
CA ILE C 154 32.98 -15.47 -21.47
C ILE C 154 33.97 -14.82 -22.44
N GLU C 155 34.44 -13.60 -22.16
CA GLU C 155 35.40 -12.98 -23.04
C GLU C 155 36.81 -13.52 -22.81
N GLY C 156 37.13 -13.84 -21.55
CA GLY C 156 38.40 -14.43 -21.16
C GLY C 156 39.25 -13.60 -20.22
N THR C 157 39.42 -14.09 -18.99
CA THR C 157 40.25 -13.43 -17.99
C THR C 157 40.61 -14.44 -16.90
N VAL C 158 41.90 -14.72 -16.70
CA VAL C 158 42.26 -15.63 -15.62
C VAL C 158 41.90 -14.97 -14.30
N ALA C 159 41.15 -15.68 -13.44
CA ALA C 159 40.76 -15.13 -12.16
C ALA C 159 41.39 -15.88 -11.01
N ALA C 160 41.15 -17.19 -10.88
CA ALA C 160 41.74 -17.94 -9.78
C ALA C 160 41.51 -19.43 -9.97
N VAL C 161 42.41 -20.23 -9.41
CA VAL C 161 42.23 -21.69 -9.37
C VAL C 161 42.73 -22.18 -8.00
N PRO C 162 41.92 -22.79 -7.15
CA PRO C 162 42.44 -23.32 -5.88
C PRO C 162 43.07 -24.68 -6.07
N PRO C 163 44.39 -24.83 -5.88
CA PRO C 163 45.00 -26.16 -6.05
C PRO C 163 44.85 -27.01 -4.80
N GLN C 164 44.56 -28.29 -5.00
CA GLN C 164 44.40 -29.26 -3.93
C GLN C 164 45.56 -29.23 -2.93
N GLN C 171 50.38 -25.11 0.44
CA GLN C 171 50.40 -24.44 -0.86
C GLN C 171 49.24 -23.44 -0.95
N GLN C 172 49.58 -22.15 -0.87
CA GLN C 172 48.60 -21.06 -0.93
C GLN C 172 48.69 -20.27 -2.24
N GLU C 173 49.35 -20.81 -3.26
CA GLU C 173 49.51 -20.13 -4.54
C GLU C 173 48.49 -20.67 -5.54
N PHE C 174 47.67 -19.78 -6.09
CA PHE C 174 46.65 -20.16 -7.05
C PHE C 174 47.25 -20.25 -8.45
N LEU C 175 46.51 -20.89 -9.35
CA LEU C 175 46.88 -21.06 -10.75
C LEU C 175 45.98 -20.20 -11.63
N GLN C 176 46.54 -19.72 -12.74
CA GLN C 176 45.82 -18.87 -13.68
C GLN C 176 45.47 -19.68 -14.92
N VAL C 177 44.18 -19.67 -15.29
CA VAL C 177 43.65 -20.42 -16.43
C VAL C 177 42.93 -19.49 -17.39
N ASP C 178 43.43 -19.39 -18.62
CA ASP C 178 42.77 -18.60 -19.63
C ASP C 178 41.39 -19.17 -19.95
N THR C 179 40.45 -18.28 -20.27
CA THR C 179 39.09 -18.68 -20.62
C THR C 179 38.60 -17.99 -21.89
N SER C 180 39.48 -17.34 -22.65
CA SER C 180 39.05 -16.68 -23.87
C SER C 180 38.63 -17.66 -24.95
N LYS C 181 39.27 -18.83 -25.00
CA LYS C 181 38.97 -19.84 -25.99
C LYS C 181 37.95 -20.87 -25.51
N ILE C 182 37.56 -20.83 -24.25
CA ILE C 182 36.60 -21.80 -23.72
C ILE C 182 35.20 -21.45 -24.22
N LEU C 183 34.47 -22.49 -24.62
CA LEU C 183 33.10 -22.36 -25.09
C LEU C 183 32.14 -22.48 -23.90
N PHE C 184 30.99 -21.83 -24.04
CA PHE C 184 29.96 -21.85 -23.01
C PHE C 184 28.63 -22.13 -23.69
N ILE C 185 27.88 -23.09 -23.16
CA ILE C 185 26.57 -23.46 -23.70
C ILE C 185 25.56 -23.27 -22.57
N CYS C 186 24.93 -22.10 -22.54
CA CYS C 186 23.91 -21.79 -21.55
C CYS C 186 22.55 -22.23 -22.08
N GLY C 187 21.69 -22.69 -21.19
CA GLY C 187 20.38 -23.15 -21.59
C GLY C 187 19.41 -23.11 -20.43
N GLY C 188 18.15 -22.83 -20.75
CA GLY C 188 17.10 -22.76 -19.75
C GLY C 188 15.74 -22.51 -20.34
N ALA C 189 14.72 -23.12 -19.77
CA ALA C 189 13.34 -22.97 -20.25
C ALA C 189 12.78 -21.69 -19.67
N PHE C 190 12.87 -20.61 -20.42
CA PHE C 190 12.37 -19.33 -19.96
C PHE C 190 10.84 -19.38 -19.83
N ALA C 191 10.36 -19.21 -18.61
CA ALA C 191 8.93 -19.24 -18.33
C ALA C 191 8.34 -17.85 -18.53
N GLY C 192 7.19 -17.80 -19.19
CA GLY C 192 6.51 -16.55 -19.44
C GLY C 192 6.98 -15.81 -20.68
N LEU C 193 7.93 -16.37 -21.44
CA LEU C 193 8.42 -15.69 -22.63
C LEU C 193 7.34 -15.54 -23.69
N ASP C 194 6.38 -16.47 -23.72
CA ASP C 194 5.30 -16.39 -24.70
C ASP C 194 4.47 -15.13 -24.52
N LYS C 195 4.41 -14.59 -23.31
CA LYS C 195 3.64 -13.38 -23.06
C LYS C 195 4.34 -12.15 -23.63
N VAL C 196 5.62 -11.95 -23.26
CA VAL C 196 6.36 -10.78 -23.72
C VAL C 196 6.48 -10.75 -25.24
N ILE C 197 6.69 -11.92 -25.86
CA ILE C 197 6.81 -11.96 -27.31
C ILE C 197 5.47 -11.71 -27.98
N SER C 198 4.36 -11.99 -27.31
CA SER C 198 3.05 -11.78 -27.91
C SER C 198 2.78 -10.30 -28.12
N HIS C 199 3.06 -9.48 -27.10
CA HIS C 199 2.84 -8.05 -27.20
C HIS C 199 3.60 -7.44 -28.38
N ARG C 200 4.87 -7.80 -28.53
CA ARG C 200 5.67 -7.24 -29.61
C ARG C 200 5.19 -7.69 -30.98
N VAL C 201 4.83 -8.98 -31.12
CA VAL C 201 4.39 -9.50 -32.41
C VAL C 201 2.91 -9.28 -32.70
N GLU C 202 2.11 -8.90 -31.72
CA GLU C 202 0.68 -8.68 -31.89
C GLU C 202 0.36 -7.22 -31.54
N THR C 203 -0.33 -6.54 -32.45
CA THR C 203 -0.71 -5.14 -32.28
C THR C 203 -2.23 -4.97 -32.16
N GLY C 204 -2.91 -6.01 -31.70
CA GLY C 204 -4.35 -5.97 -31.54
C GLY C 204 -4.76 -5.65 -30.11
N SER C 205 -5.32 -6.62 -29.41
CA SER C 205 -5.76 -6.45 -28.02
C SER C 205 -6.65 -5.22 -27.87
N GLY C 206 -7.61 -5.09 -28.78
CA GLY C 206 -8.53 -3.97 -28.81
C GLY C 206 -9.93 -4.40 -28.42
N ILE C 207 -10.46 -3.75 -27.38
CA ILE C 207 -11.79 -4.05 -26.90
C ILE C 207 -12.83 -3.66 -27.93
N GLY C 208 -12.58 -2.57 -28.66
CA GLY C 208 -13.51 -2.06 -29.64
C GLY C 208 -13.45 -2.80 -30.97
N PHE C 209 -14.18 -2.24 -31.94
CA PHE C 209 -14.24 -2.83 -33.28
C PHE C 209 -12.85 -2.93 -33.88
N GLY C 210 -12.01 -1.92 -33.69
CA GLY C 210 -10.67 -1.96 -34.21
C GLY C 210 -9.78 -2.85 -33.37
N ALA C 211 -8.63 -3.23 -33.95
CA ALA C 211 -7.68 -4.12 -33.29
C ALA C 211 -8.38 -5.40 -32.82
N THR C 212 -8.99 -6.09 -33.79
CA THR C 212 -9.72 -7.33 -33.54
C THR C 212 -8.87 -8.32 -32.78
N VAL C 213 -9.52 -9.03 -31.85
CA VAL C 213 -8.87 -10.02 -31.00
C VAL C 213 -9.40 -11.40 -31.36
N LYS C 214 -8.48 -12.31 -31.69
CA LYS C 214 -8.79 -13.69 -32.03
C LYS C 214 -7.75 -14.53 -31.29
N ALA C 215 -8.17 -15.22 -30.24
CA ALA C 215 -7.25 -16.01 -29.44
C ALA C 215 -7.97 -17.19 -28.80
N LYS C 216 -7.17 -18.02 -28.13
CA LYS C 216 -7.53 -19.25 -27.42
C LYS C 216 -7.79 -20.42 -28.37
N SER C 217 -7.78 -20.21 -29.69
CA SER C 217 -7.95 -21.28 -30.67
C SER C 217 -6.83 -21.29 -31.70
N ASP C 218 -6.33 -20.12 -32.09
CA ASP C 218 -5.26 -19.95 -33.06
C ASP C 218 -3.94 -19.55 -32.42
N LYS C 219 -3.97 -18.59 -31.51
CA LYS C 219 -2.76 -18.08 -30.87
C LYS C 219 -2.21 -19.10 -29.87
N ALA C 220 -1.14 -18.69 -29.19
CA ALA C 220 -0.45 -19.52 -28.21
C ALA C 220 0.05 -20.82 -28.84
N SER C 221 0.50 -20.71 -30.10
CA SER C 221 1.02 -21.87 -30.81
C SER C 221 2.30 -22.37 -30.16
N GLU C 222 3.27 -21.47 -29.97
CA GLU C 222 4.58 -21.70 -29.38
C GLU C 222 5.52 -22.43 -30.33
N GLY C 223 5.08 -22.83 -31.53
CA GLY C 223 5.95 -23.49 -32.47
C GLY C 223 6.76 -22.48 -33.23
N GLU C 224 6.06 -21.51 -33.83
CA GLU C 224 6.69 -20.43 -34.59
C GLU C 224 6.92 -19.20 -33.74
N LEU C 225 6.20 -19.07 -32.62
CA LEU C 225 6.36 -17.92 -31.73
C LEU C 225 7.81 -17.78 -31.27
N LEU C 226 8.38 -18.88 -30.79
CA LEU C 226 9.76 -18.85 -30.32
C LEU C 226 10.72 -18.58 -31.46
N ALA C 227 10.42 -19.10 -32.66
CA ALA C 227 11.28 -18.88 -33.82
C ALA C 227 11.43 -17.40 -34.14
N GLN C 228 10.43 -16.59 -33.82
CA GLN C 228 10.47 -15.15 -34.06
C GLN C 228 11.12 -14.39 -32.91
N VAL C 229 11.84 -15.07 -32.03
CA VAL C 229 12.48 -14.39 -30.92
C VAL C 229 13.63 -13.53 -31.42
N GLU C 230 13.90 -12.45 -30.69
CA GLU C 230 14.97 -11.52 -30.99
C GLU C 230 15.60 -11.09 -29.67
N PRO C 231 16.78 -10.49 -29.71
CA PRO C 231 17.41 -10.05 -28.45
C PRO C 231 16.61 -8.99 -27.71
N GLU C 232 15.89 -8.14 -28.43
CA GLU C 232 15.12 -7.10 -27.77
C GLU C 232 14.02 -7.69 -26.88
N ASP C 233 13.51 -8.87 -27.23
CA ASP C 233 12.47 -9.50 -26.43
C ASP C 233 13.01 -9.91 -25.07
N LEU C 234 14.25 -10.40 -25.02
CA LEU C 234 14.85 -10.83 -23.77
C LEU C 234 15.13 -9.67 -22.83
N ILE C 235 15.27 -8.45 -23.35
CA ILE C 235 15.53 -7.31 -22.49
C ILE C 235 14.34 -7.05 -21.59
N LYS C 236 13.12 -7.16 -22.14
CA LYS C 236 11.93 -6.98 -21.34
C LYS C 236 11.78 -8.12 -20.34
N PHE C 237 12.33 -9.30 -20.67
CA PHE C 237 12.26 -10.43 -19.77
C PHE C 237 13.06 -10.17 -18.50
N GLY C 238 14.20 -9.49 -18.63
CA GLY C 238 15.05 -9.15 -17.50
C GLY C 238 16.53 -9.24 -17.78
N LEU C 239 16.93 -9.96 -18.82
CA LEU C 239 18.35 -10.06 -19.14
C LEU C 239 18.89 -8.72 -19.61
N ILE C 240 20.18 -8.50 -19.36
CA ILE C 240 20.85 -7.27 -19.75
C ILE C 240 21.34 -7.43 -21.17
N PRO C 241 21.35 -6.38 -22.01
CA PRO C 241 21.85 -6.57 -23.38
C PRO C 241 23.32 -6.95 -23.43
N GLU C 242 24.12 -6.49 -22.46
CA GLU C 242 25.54 -6.82 -22.46
C GLU C 242 25.76 -8.32 -22.30
N PHE C 243 24.87 -9.01 -21.60
CA PHE C 243 25.02 -10.45 -21.42
C PHE C 243 24.63 -11.20 -22.67
N ILE C 244 23.55 -10.80 -23.32
CA ILE C 244 23.09 -11.50 -24.53
C ILE C 244 24.06 -11.27 -25.67
N GLY C 245 24.76 -10.14 -25.68
CA GLY C 245 25.73 -9.90 -26.74
C GLY C 245 26.86 -10.90 -26.72
N ARG C 246 27.13 -11.49 -25.55
CA ARG C 246 28.18 -12.49 -25.44
C ARG C 246 27.78 -13.81 -26.09
N LEU C 247 26.48 -14.05 -26.26
CA LEU C 247 25.95 -15.28 -26.87
C LEU C 247 25.23 -14.92 -28.16
N PRO C 248 25.94 -14.80 -29.28
CA PRO C 248 25.24 -14.45 -30.53
C PRO C 248 24.31 -15.53 -31.03
N VAL C 249 24.74 -16.79 -31.03
CA VAL C 249 23.92 -17.86 -31.58
C VAL C 249 22.73 -18.12 -30.67
N VAL C 250 21.60 -18.45 -31.31
CA VAL C 250 20.36 -18.74 -30.62
C VAL C 250 19.70 -19.92 -31.32
N ALA C 251 19.20 -20.87 -30.53
CA ALA C 251 18.55 -22.05 -31.06
C ALA C 251 17.17 -22.17 -30.43
N THR C 252 16.25 -22.75 -31.17
CA THR C 252 14.88 -22.95 -30.73
C THR C 252 14.54 -24.43 -30.85
N LEU C 253 14.11 -25.02 -29.74
CA LEU C 253 13.73 -26.41 -29.67
C LEU C 253 12.22 -26.46 -29.49
N ASN C 254 11.53 -27.02 -30.47
CA ASN C 254 10.08 -27.07 -30.45
C ASN C 254 9.55 -28.14 -29.50
N GLU C 255 8.31 -27.93 -29.05
CA GLU C 255 7.67 -28.90 -28.16
C GLU C 255 7.41 -30.19 -28.94
N LEU C 256 7.56 -31.32 -28.26
CA LEU C 256 7.40 -32.61 -28.93
C LEU C 256 5.99 -32.79 -29.49
N SER C 257 5.94 -33.34 -30.69
CA SER C 257 4.66 -33.61 -31.34
C SER C 257 4.16 -34.99 -30.94
N GLU C 258 2.83 -35.15 -30.98
CA GLU C 258 2.23 -36.44 -30.65
C GLU C 258 2.83 -37.57 -31.48
N GLU C 259 3.11 -37.29 -32.76
CA GLU C 259 3.71 -38.30 -33.62
C GLU C 259 5.17 -38.54 -33.25
N ALA C 260 5.91 -37.47 -32.98
CA ALA C 260 7.32 -37.61 -32.62
C ALA C 260 7.48 -38.29 -31.27
N LEU C 261 6.57 -38.03 -30.34
CA LEU C 261 6.65 -38.66 -29.02
C LEU C 261 6.59 -40.17 -29.13
N ILE C 262 5.82 -40.68 -30.09
CA ILE C 262 5.71 -42.12 -30.28
C ILE C 262 7.07 -42.71 -30.63
N GLN C 263 7.83 -42.02 -31.48
CA GLN C 263 9.15 -42.51 -31.88
C GLN C 263 10.09 -42.60 -30.69
N ILE C 264 9.97 -41.66 -29.74
CA ILE C 264 10.85 -41.63 -28.58
C ILE C 264 10.68 -42.88 -27.72
N LEU C 265 9.51 -43.51 -27.77
CA LEU C 265 9.30 -44.71 -26.99
C LEU C 265 10.10 -45.90 -27.50
N LYS C 266 10.30 -46.00 -28.83
CA LYS C 266 10.96 -47.14 -29.46
C LYS C 266 12.31 -46.83 -30.10
N GLU C 267 12.39 -45.79 -30.91
CA GLU C 267 13.64 -45.52 -31.64
C GLU C 267 14.87 -45.22 -30.78
N PRO C 268 14.80 -44.41 -29.72
CA PRO C 268 16.03 -44.13 -28.94
C PRO C 268 16.61 -45.37 -28.29
N LYS C 269 17.93 -45.38 -28.18
CA LYS C 269 18.64 -46.47 -27.55
C LYS C 269 18.31 -46.56 -26.06
N ASN C 270 18.06 -45.42 -25.42
CA ASN C 270 17.74 -45.33 -24.00
C ASN C 270 16.29 -44.91 -23.79
N ALA C 271 15.40 -45.41 -24.64
CA ALA C 271 13.99 -45.07 -24.53
C ALA C 271 13.39 -45.68 -23.28
N LEU C 272 12.28 -45.09 -22.83
CA LEU C 272 11.61 -45.54 -21.62
C LEU C 272 11.14 -46.99 -21.75
N THR C 273 10.61 -47.36 -22.92
CA THR C 273 10.14 -48.73 -23.11
C THR C 273 11.29 -49.71 -22.99
N LYS C 274 12.45 -49.38 -23.56
CA LYS C 274 13.60 -50.26 -23.46
C LYS C 274 14.04 -50.40 -22.01
N GLN C 275 14.02 -49.31 -21.25
CA GLN C 275 14.42 -49.36 -19.85
C GLN C 275 13.48 -50.24 -19.06
N TYR C 276 12.18 -50.10 -19.27
CA TYR C 276 11.22 -50.92 -18.53
C TYR C 276 11.33 -52.39 -18.93
N GLN C 277 11.55 -52.67 -20.21
CA GLN C 277 11.69 -54.05 -20.66
C GLN C 277 12.88 -54.70 -19.98
N ALA C 278 13.99 -53.97 -19.85
CA ALA C 278 15.16 -54.50 -19.17
C ALA C 278 14.85 -54.72 -17.69
N LEU C 279 14.09 -53.81 -17.09
CA LEU C 279 13.74 -53.95 -15.69
C LEU C 279 12.87 -55.19 -15.46
N PHE C 280 11.90 -55.42 -16.34
CA PHE C 280 11.04 -56.60 -16.22
C PHE C 280 11.75 -57.87 -16.66
N ASN C 281 12.64 -57.77 -17.65
CA ASN C 281 13.32 -58.96 -18.17
C ASN C 281 14.16 -59.66 -17.11
N LEU C 282 14.85 -58.89 -16.25
CA LEU C 282 15.69 -59.52 -15.24
C LEU C 282 14.84 -60.30 -14.25
N GLU C 283 13.62 -59.84 -13.97
CA GLU C 283 12.73 -60.57 -13.08
C GLU C 283 12.35 -61.91 -13.70
N GLY C 284 12.29 -61.97 -15.03
CA GLY C 284 11.95 -63.18 -15.77
C GLY C 284 10.72 -63.07 -16.63
N VAL C 285 10.05 -61.91 -16.69
CA VAL C 285 8.85 -61.71 -17.49
C VAL C 285 9.15 -60.69 -18.57
N ASP C 286 8.88 -61.04 -19.82
CA ASP C 286 9.07 -60.11 -20.91
C ASP C 286 7.90 -59.14 -20.98
N LEU C 287 8.17 -57.95 -21.51
CA LEU C 287 7.16 -56.90 -21.64
C LEU C 287 6.99 -56.54 -23.11
N GLU C 288 5.74 -56.58 -23.59
CA GLU C 288 5.39 -56.26 -24.96
C GLU C 288 4.39 -55.11 -24.97
N PHE C 289 4.66 -54.09 -25.77
CA PHE C 289 3.79 -52.92 -25.91
C PHE C 289 3.38 -52.80 -27.37
N ARG C 290 2.07 -52.75 -27.62
CA ARG C 290 1.56 -52.63 -28.98
C ARG C 290 1.47 -51.16 -29.37
N ASP C 291 1.45 -50.94 -30.69
CA ASP C 291 1.39 -49.57 -31.21
C ASP C 291 0.11 -48.86 -30.79
N GLU C 292 -1.01 -49.58 -30.73
CA GLU C 292 -2.27 -48.97 -30.35
C GLU C 292 -2.21 -48.40 -28.95
N ALA C 293 -1.54 -49.10 -28.03
CA ALA C 293 -1.42 -48.61 -26.66
C ALA C 293 -0.63 -47.29 -26.61
N LEU C 294 0.39 -47.16 -27.46
CA LEU C 294 1.24 -45.98 -27.43
C LEU C 294 0.50 -44.70 -27.81
N ASP C 295 -0.39 -44.75 -28.80
CA ASP C 295 -1.08 -43.53 -29.22
C ASP C 295 -1.89 -42.93 -28.08
N ALA C 296 -2.51 -43.77 -27.26
CA ALA C 296 -3.27 -43.28 -26.13
C ALA C 296 -2.39 -42.53 -25.15
N ILE C 297 -1.17 -43.03 -24.94
CA ILE C 297 -0.23 -42.38 -24.02
C ILE C 297 0.14 -41.00 -24.54
N ALA C 298 0.32 -40.86 -25.85
CA ALA C 298 0.71 -39.59 -26.43
C ALA C 298 -0.36 -38.52 -26.17
N LYS C 299 -1.62 -38.88 -26.33
CA LYS C 299 -2.70 -37.92 -26.10
C LYS C 299 -2.70 -37.47 -24.63
N LYS C 300 -2.52 -38.42 -23.71
CA LYS C 300 -2.51 -38.10 -22.30
C LYS C 300 -1.30 -37.23 -21.94
N ALA C 301 -0.14 -37.54 -22.52
CA ALA C 301 1.07 -36.81 -22.20
C ALA C 301 0.98 -35.35 -22.66
N MET C 302 0.49 -35.12 -23.88
CA MET C 302 0.38 -33.76 -24.38
C MET C 302 -0.58 -32.93 -23.56
N ALA C 303 -1.61 -33.56 -23.00
CA ALA C 303 -2.57 -32.84 -22.17
C ALA C 303 -1.90 -32.25 -20.93
N ARG C 304 -0.96 -32.98 -20.34
CA ARG C 304 -0.27 -32.50 -19.15
C ARG C 304 0.53 -31.24 -19.45
N LYS C 305 1.20 -31.20 -20.60
CA LYS C 305 2.01 -30.09 -21.09
C LYS C 305 3.36 -30.01 -20.41
N THR C 306 3.72 -30.96 -19.54
CA THR C 306 5.00 -30.91 -18.87
C THR C 306 6.15 -31.22 -19.84
N GLY C 307 5.95 -32.23 -20.69
CA GLY C 307 6.94 -32.64 -21.66
C GLY C 307 7.17 -34.13 -21.58
N ALA C 308 8.34 -34.55 -22.10
CA ALA C 308 8.68 -35.97 -22.11
C ALA C 308 8.79 -36.55 -20.71
N ARG C 309 9.24 -35.74 -19.74
CA ARG C 309 9.37 -36.24 -18.37
C ARG C 309 8.03 -36.66 -17.79
N GLY C 310 6.95 -35.97 -18.17
CA GLY C 310 5.62 -36.30 -17.69
C GLY C 310 5.14 -37.68 -18.15
N LEU C 311 5.72 -38.20 -19.22
CA LEU C 311 5.32 -39.50 -19.75
C LEU C 311 5.45 -40.61 -18.72
N ARG C 312 6.43 -40.49 -17.81
CA ARG C 312 6.63 -41.50 -16.77
C ARG C 312 5.37 -41.70 -15.93
N SER C 313 4.66 -40.61 -15.64
CA SER C 313 3.45 -40.68 -14.81
C SER C 313 2.40 -41.60 -15.43
N ILE C 314 2.22 -41.50 -16.74
CA ILE C 314 1.21 -42.32 -17.41
C ILE C 314 1.56 -43.80 -17.31
N VAL C 315 2.82 -44.13 -17.59
CA VAL C 315 3.25 -45.52 -17.55
C VAL C 315 3.27 -46.04 -16.11
N GLU C 316 3.76 -45.23 -15.18
CA GLU C 316 3.87 -45.67 -13.79
C GLU C 316 2.51 -45.99 -13.19
N ALA C 317 1.52 -45.13 -13.41
CA ALA C 317 0.19 -45.37 -12.84
C ALA C 317 -0.47 -46.60 -13.46
N ALA C 318 -0.32 -46.77 -14.77
CA ALA C 318 -0.95 -47.91 -15.45
C ALA C 318 -0.38 -49.23 -14.97
N LEU C 319 0.94 -49.29 -14.74
CA LEU C 319 1.61 -50.51 -14.32
C LEU C 319 1.85 -50.59 -12.82
N LEU C 320 1.32 -49.64 -12.05
CA LEU C 320 1.51 -49.67 -10.59
C LEU C 320 0.87 -50.90 -9.99
N ASP C 321 -0.37 -51.20 -10.37
CA ASP C 321 -1.08 -52.35 -9.81
C ASP C 321 -0.44 -53.67 -10.23
N THR C 322 -0.05 -53.79 -11.50
CA THR C 322 0.52 -55.05 -11.97
C THR C 322 1.85 -55.36 -11.29
N MET C 323 2.70 -54.35 -11.12
CA MET C 323 4.00 -54.59 -10.48
C MET C 323 3.85 -55.00 -9.03
N TYR C 324 2.78 -54.56 -8.36
CA TYR C 324 2.59 -54.88 -6.95
C TYR C 324 2.51 -56.38 -6.70
N ASP C 325 1.78 -57.12 -7.55
CA ASP C 325 1.58 -58.54 -7.38
C ASP C 325 2.31 -59.41 -8.39
N LEU C 326 3.10 -58.82 -9.28
CA LEU C 326 3.83 -59.63 -10.25
C LEU C 326 4.87 -60.55 -9.61
N PRO C 327 5.67 -60.10 -8.63
CA PRO C 327 6.65 -61.03 -8.04
C PRO C 327 6.01 -62.21 -7.33
N SER C 328 4.90 -61.97 -6.62
CA SER C 328 4.23 -63.06 -5.92
C SER C 328 3.71 -64.11 -6.89
N MET C 329 3.19 -63.67 -8.04
CA MET C 329 2.69 -64.61 -9.03
C MET C 329 3.83 -65.37 -9.68
N GLU C 330 3.55 -66.61 -10.09
CA GLU C 330 4.53 -67.49 -10.71
C GLU C 330 3.97 -68.02 -12.03
N ASP C 331 4.86 -68.65 -12.78
CA ASP C 331 4.53 -69.24 -14.09
C ASP C 331 4.04 -68.19 -15.07
N VAL C 332 4.69 -67.02 -15.07
CA VAL C 332 4.39 -65.92 -15.96
C VAL C 332 5.67 -65.54 -16.68
N GLU C 333 5.67 -65.65 -18.01
CA GLU C 333 6.84 -65.35 -18.82
C GLU C 333 6.71 -64.12 -19.70
N LYS C 334 5.49 -63.65 -19.98
CA LYS C 334 5.30 -62.48 -20.82
C LYS C 334 4.06 -61.70 -20.36
N VAL C 335 4.08 -60.41 -20.63
CA VAL C 335 3.00 -59.49 -20.28
C VAL C 335 2.59 -58.73 -21.53
N VAL C 336 1.28 -58.62 -21.75
CA VAL C 336 0.70 -57.92 -22.89
C VAL C 336 -0.13 -56.77 -22.37
N ILE C 337 0.02 -55.60 -22.98
CA ILE C 337 -0.71 -54.39 -22.62
C ILE C 337 -1.53 -53.94 -23.81
N ASP C 338 -2.79 -53.61 -23.57
CA ASP C 338 -3.72 -53.16 -24.59
C ASP C 338 -4.02 -51.68 -24.41
N GLU C 339 -4.72 -51.12 -25.40
CA GLU C 339 -5.08 -49.70 -25.35
C GLU C 339 -5.96 -49.38 -24.14
N SER C 340 -6.86 -50.31 -23.78
CA SER C 340 -7.75 -50.08 -22.64
C SER C 340 -6.97 -49.91 -21.34
N VAL C 341 -5.80 -50.55 -21.22
CA VAL C 341 -4.99 -50.44 -20.01
C VAL C 341 -4.66 -48.99 -19.72
N ILE C 342 -4.32 -48.21 -20.75
CA ILE C 342 -4.00 -46.81 -20.56
C ILE C 342 -5.22 -46.07 -20.02
N ASP C 343 -6.40 -46.37 -20.55
CA ASP C 343 -7.62 -45.76 -20.07
C ASP C 343 -7.90 -46.18 -18.63
N GLY C 344 -7.59 -47.43 -18.30
CA GLY C 344 -7.83 -47.99 -16.99
C GLY C 344 -9.12 -48.74 -16.83
N GLN C 345 -9.90 -48.88 -17.91
CA GLN C 345 -11.15 -49.62 -17.83
C GLN C 345 -10.90 -51.10 -17.54
N SER C 346 -9.88 -51.68 -18.18
CA SER C 346 -9.55 -53.09 -18.01
C SER C 346 -8.08 -53.22 -17.64
N GLU C 347 -7.77 -54.29 -16.91
CA GLU C 347 -6.42 -54.57 -16.47
C GLU C 347 -5.63 -55.28 -17.57
N PRO C 348 -4.30 -55.17 -17.57
CA PRO C 348 -3.53 -55.85 -18.60
C PRO C 348 -3.54 -57.36 -18.41
N LEU C 349 -3.56 -58.08 -19.53
CA LEU C 349 -3.57 -59.53 -19.50
C LEU C 349 -2.16 -60.08 -19.27
N LEU C 350 -2.08 -61.17 -18.54
CA LEU C 350 -0.83 -61.83 -18.21
C LEU C 350 -0.73 -63.14 -18.97
N ILE C 351 0.42 -63.37 -19.61
CA ILE C 351 0.67 -64.59 -20.37
C ILE C 351 1.40 -65.56 -19.46
N TYR C 352 0.77 -66.70 -19.17
CA TYR C 352 1.37 -67.69 -18.29
C TYR C 352 2.34 -68.58 -19.07
N GLY C 353 3.20 -69.27 -18.32
CA GLY C 353 4.18 -70.16 -18.91
C GLY C 353 3.63 -71.55 -19.16
N SER D 1 20.77 -64.19 -1.98
CA SER D 1 20.23 -62.87 -1.54
C SER D 1 18.83 -62.65 -2.07
N ALA D 2 17.83 -63.06 -1.29
CA ALA D 2 16.42 -62.93 -1.65
C ALA D 2 15.87 -61.66 -1.00
N LEU D 3 15.48 -60.70 -1.83
CA LEU D 3 14.95 -59.44 -1.34
C LEU D 3 13.47 -59.57 -1.03
N PRO D 4 12.92 -58.70 -0.20
CA PRO D 4 11.49 -58.78 0.12
C PRO D 4 10.64 -58.46 -1.10
N THR D 5 9.34 -58.74 -0.96
CA THR D 5 8.34 -58.53 -2.00
C THR D 5 7.35 -57.47 -1.55
N PRO D 6 6.55 -56.91 -2.49
CA PRO D 6 5.57 -55.91 -2.06
C PRO D 6 4.55 -56.45 -1.07
N HIS D 7 4.12 -57.70 -1.25
CA HIS D 7 3.16 -58.29 -0.32
C HIS D 7 3.77 -58.41 1.07
N GLU D 8 5.07 -58.64 1.16
CA GLU D 8 5.74 -58.78 2.45
C GLU D 8 5.95 -57.43 3.12
N ILE D 9 6.46 -56.46 2.36
CA ILE D 9 6.69 -55.14 2.94
C ILE D 9 5.37 -54.45 3.24
N ARG D 10 4.32 -54.73 2.45
CA ARG D 10 3.03 -54.13 2.73
C ARG D 10 2.44 -54.66 4.03
N ASN D 11 2.73 -55.91 4.37
CA ASN D 11 2.24 -56.48 5.62
C ASN D 11 2.83 -55.74 6.81
N HIS D 12 4.07 -55.27 6.68
CA HIS D 12 4.71 -54.52 7.76
C HIS D 12 4.07 -53.16 7.91
N LEU D 13 3.96 -52.41 6.80
CA LEU D 13 3.37 -51.09 6.86
C LEU D 13 1.88 -51.15 7.19
N ASP D 14 1.22 -52.24 6.83
CA ASP D 14 -0.20 -52.39 7.17
C ASP D 14 -0.39 -52.46 8.68
N ASP D 15 0.61 -52.98 9.39
CA ASP D 15 0.52 -53.06 10.84
C ASP D 15 0.52 -51.67 11.48
N TYR D 16 1.12 -50.69 10.82
CA TYR D 16 1.20 -49.33 11.34
C TYR D 16 0.25 -48.35 10.66
N VAL D 17 -0.32 -48.70 9.51
CA VAL D 17 -1.23 -47.83 8.77
C VAL D 17 -2.46 -48.63 8.35
N ILE D 18 -3.60 -47.96 8.32
CA ILE D 18 -4.87 -48.57 7.95
C ILE D 18 -5.61 -47.66 6.99
N GLY D 19 -6.28 -48.26 6.02
CA GLY D 19 -7.08 -47.53 5.04
C GLY D 19 -6.29 -46.66 4.09
N GLN D 20 -5.09 -47.09 3.71
CA GLN D 20 -4.24 -46.36 2.78
C GLN D 20 -3.67 -47.31 1.74
N GLU D 21 -4.52 -48.20 1.21
CA GLU D 21 -4.06 -49.18 0.23
C GLU D 21 -3.56 -48.52 -1.04
N GLN D 22 -4.15 -47.40 -1.43
CA GLN D 22 -3.72 -46.71 -2.64
C GLN D 22 -2.30 -46.19 -2.52
N ALA D 23 -1.97 -45.56 -1.39
CA ALA D 23 -0.65 -44.98 -1.20
C ALA D 23 0.39 -46.02 -0.80
N LYS D 24 0.01 -47.04 -0.02
CA LYS D 24 0.99 -48.04 0.39
C LYS D 24 1.50 -48.86 -0.78
N LYS D 25 0.68 -49.03 -1.82
CA LYS D 25 1.12 -49.77 -3.00
C LYS D 25 2.25 -49.06 -3.72
N VAL D 26 2.23 -47.72 -3.73
CA VAL D 26 3.26 -46.96 -4.43
C VAL D 26 4.62 -47.14 -3.75
N LEU D 27 4.65 -47.01 -2.42
CA LEU D 27 5.92 -47.15 -1.70
C LEU D 27 6.51 -48.53 -1.85
N ALA D 28 5.67 -49.56 -1.96
CA ALA D 28 6.17 -50.92 -2.10
C ALA D 28 6.85 -51.12 -3.46
N VAL D 29 6.23 -50.63 -4.52
CA VAL D 29 6.80 -50.80 -5.85
C VAL D 29 8.11 -50.02 -5.98
N ALA D 30 8.16 -48.83 -5.41
CA ALA D 30 9.38 -48.03 -5.49
C ALA D 30 10.51 -48.68 -4.73
N VAL D 31 10.27 -49.07 -3.48
CA VAL D 31 11.30 -49.73 -2.68
C VAL D 31 11.72 -51.03 -3.34
N TYR D 32 10.75 -51.76 -3.90
CA TYR D 32 11.06 -53.01 -4.60
C TYR D 32 11.94 -52.74 -5.81
N ASN D 33 11.51 -51.80 -6.65
CA ASN D 33 12.28 -51.47 -7.85
C ASN D 33 13.57 -50.73 -7.53
N HIS D 34 13.65 -50.07 -6.37
CA HIS D 34 14.89 -49.36 -6.04
C HIS D 34 16.04 -50.33 -5.85
N TYR D 35 15.75 -51.54 -5.37
CA TYR D 35 16.81 -52.53 -5.20
C TYR D 35 17.24 -53.09 -6.54
N LYS D 36 16.31 -53.18 -7.50
CA LYS D 36 16.66 -53.70 -8.82
C LYS D 36 17.62 -52.75 -9.52
N ARG D 37 17.32 -51.45 -9.49
CA ARG D 37 18.21 -50.46 -10.10
C ARG D 37 19.54 -50.42 -9.37
N LEU D 38 19.55 -50.75 -8.08
CA LEU D 38 20.79 -50.75 -7.31
C LEU D 38 21.63 -51.98 -7.64
N ARG D 39 21.00 -53.14 -7.74
CA ARG D 39 21.73 -54.36 -8.09
C ARG D 39 22.43 -54.20 -9.44
N ASN D 40 21.75 -53.63 -10.42
CA ASN D 40 22.32 -53.41 -11.75
C ASN D 40 23.11 -52.10 -11.74
N GLY D 41 24.28 -52.17 -11.11
CA GLY D 41 25.17 -51.03 -11.02
C GLY D 41 25.99 -50.92 -12.29
N ASP D 42 25.35 -50.48 -13.37
CA ASP D 42 25.98 -50.36 -14.68
C ASP D 42 26.47 -51.73 -15.17
N THR D 43 25.69 -52.76 -14.86
CA THR D 43 25.97 -54.14 -15.25
C THR D 43 24.86 -54.74 -16.10
N SER D 44 24.00 -53.90 -16.68
CA SER D 44 22.86 -54.34 -17.48
C SER D 44 22.92 -53.69 -18.86
N ASN D 45 22.28 -54.36 -19.81
CA ASN D 45 22.26 -53.87 -21.19
C ASN D 45 21.62 -52.49 -21.29
N GLY D 46 20.58 -52.23 -20.50
CA GLY D 46 19.91 -50.95 -20.56
C GLY D 46 20.60 -49.91 -19.71
N VAL D 47 21.31 -49.00 -20.37
CA VAL D 47 22.04 -47.93 -19.69
C VAL D 47 21.06 -46.83 -19.32
N GLU D 48 21.39 -46.09 -18.26
CA GLU D 48 20.58 -44.97 -17.78
C GLU D 48 19.15 -45.41 -17.48
N LEU D 49 19.04 -46.40 -16.59
CA LEU D 49 17.74 -46.90 -16.18
C LEU D 49 16.94 -45.77 -15.57
N GLY D 50 15.70 -45.60 -16.05
CA GLY D 50 14.85 -44.52 -15.59
C GLY D 50 14.63 -44.53 -14.08
N LYS D 51 14.21 -43.37 -13.59
CA LYS D 51 13.91 -43.12 -12.19
C LYS D 51 12.47 -42.66 -12.07
N SER D 52 11.86 -42.92 -10.91
CA SER D 52 10.46 -42.53 -10.68
C SER D 52 10.29 -42.13 -9.22
N ASN D 53 10.34 -40.83 -8.95
CA ASN D 53 10.13 -40.35 -7.59
C ASN D 53 8.66 -40.51 -7.20
N ILE D 54 8.32 -40.14 -5.96
CA ILE D 54 6.96 -40.26 -5.45
C ILE D 54 6.55 -38.94 -4.79
N LEU D 55 5.27 -38.59 -4.92
CA LEU D 55 4.69 -37.39 -4.34
C LEU D 55 3.48 -37.82 -3.50
N LEU D 56 3.65 -37.86 -2.18
CA LEU D 56 2.59 -38.26 -1.28
C LEU D 56 1.74 -37.05 -0.90
N ILE D 57 0.50 -37.02 -1.39
CA ILE D 57 -0.45 -35.95 -1.10
C ILE D 57 -1.53 -36.50 -0.19
N GLY D 58 -1.91 -35.72 0.82
CA GLY D 58 -2.94 -36.14 1.74
C GLY D 58 -3.37 -35.04 2.69
N PRO D 59 -4.50 -35.25 3.39
CA PRO D 59 -4.95 -34.21 4.34
C PRO D 59 -4.07 -34.12 5.56
N THR D 60 -4.43 -33.24 6.48
CA THR D 60 -3.66 -33.06 7.70
C THR D 60 -3.86 -34.25 8.64
N GLY D 61 -2.76 -34.68 9.25
CA GLY D 61 -2.82 -35.79 10.20
C GLY D 61 -3.27 -37.11 9.60
N SER D 62 -3.16 -37.27 8.28
CA SER D 62 -3.58 -38.52 7.65
C SER D 62 -2.54 -39.63 7.79
N GLY D 63 -1.31 -39.30 8.16
CA GLY D 63 -0.25 -40.27 8.34
C GLY D 63 0.86 -40.23 7.32
N LYS D 64 1.05 -39.11 6.62
CA LYS D 64 2.12 -39.02 5.64
C LYS D 64 3.48 -39.13 6.31
N THR D 65 3.72 -38.29 7.32
CA THR D 65 4.99 -38.31 8.03
C THR D 65 5.18 -39.63 8.78
N LEU D 66 4.09 -40.29 9.14
CA LEU D 66 4.18 -41.56 9.86
C LEU D 66 4.65 -42.68 8.96
N LEU D 67 4.30 -42.64 7.67
CA LEU D 67 4.71 -43.69 6.75
C LEU D 67 6.23 -43.70 6.57
N ALA D 68 6.83 -42.52 6.42
CA ALA D 68 8.27 -42.45 6.24
C ALA D 68 9.02 -42.88 7.50
N GLU D 69 8.46 -42.61 8.67
CA GLU D 69 9.15 -42.97 9.91
C GLU D 69 9.15 -44.48 10.11
N THR D 70 7.99 -45.12 9.98
CA THR D 70 7.92 -46.56 10.14
C THR D 70 8.67 -47.30 9.04
N LEU D 71 8.74 -46.70 7.85
CA LEU D 71 9.43 -47.32 6.73
C LEU D 71 10.92 -47.48 7.02
N ALA D 72 11.52 -46.49 7.67
CA ALA D 72 12.95 -46.53 7.97
C ALA D 72 13.34 -47.65 8.91
N ARG D 73 12.41 -48.13 9.74
CA ARG D 73 12.74 -49.18 10.69
C ARG D 73 13.10 -50.48 9.96
N LEU D 74 12.17 -50.99 9.16
CA LEU D 74 12.42 -52.22 8.42
C LEU D 74 13.37 -52.03 7.25
N LEU D 75 13.73 -50.79 6.91
CA LEU D 75 14.62 -50.53 5.79
C LEU D 75 16.07 -50.73 6.19
N ASP D 76 16.80 -51.50 5.38
CA ASP D 76 18.22 -51.73 5.62
C ASP D 76 19.06 -50.56 5.13
N VAL D 77 18.81 -50.12 3.89
CA VAL D 77 19.52 -49.01 3.28
C VAL D 77 19.26 -47.74 4.10
N PRO D 78 20.10 -46.71 4.00
CA PRO D 78 19.87 -45.50 4.81
C PRO D 78 18.57 -44.79 4.45
N PHE D 79 18.24 -43.81 5.28
CA PHE D 79 17.03 -43.02 5.15
C PHE D 79 17.25 -41.70 5.86
N THR D 80 16.40 -40.73 5.54
CA THR D 80 16.48 -39.41 6.15
C THR D 80 15.08 -38.81 6.24
N MET D 81 14.95 -37.80 7.09
CA MET D 81 13.70 -37.09 7.30
C MET D 81 14.05 -35.62 7.44
N ALA D 82 13.98 -34.89 6.33
CA ALA D 82 14.30 -33.47 6.27
C ALA D 82 13.02 -32.67 6.15
N ASP D 83 13.18 -31.36 6.00
CA ASP D 83 12.09 -30.41 5.87
C ASP D 83 12.44 -29.44 4.75
N ALA D 84 11.52 -28.54 4.43
CA ALA D 84 11.71 -27.55 3.37
C ALA D 84 11.47 -26.12 3.82
N THR D 85 10.91 -25.89 5.01
CA THR D 85 10.67 -24.53 5.46
C THR D 85 11.99 -23.80 5.71
N THR D 86 13.01 -24.49 6.19
CA THR D 86 14.30 -23.89 6.47
C THR D 86 15.18 -23.73 5.23
N LEU D 87 14.72 -24.12 4.05
CA LEU D 87 15.52 -24.00 2.84
C LEU D 87 15.40 -22.62 2.22
N THR D 88 16.55 -22.07 1.82
CA THR D 88 16.63 -20.76 1.20
C THR D 88 17.36 -20.88 -0.13
N GLU D 89 17.09 -19.92 -1.02
CA GLU D 89 17.60 -19.95 -2.38
C GLU D 89 19.00 -19.37 -2.53
N ALA D 90 19.96 -20.25 -2.80
CA ALA D 90 21.34 -19.91 -3.18
C ALA D 90 22.11 -19.04 -2.19
N GLY D 91 22.33 -19.56 -0.98
CA GLY D 91 23.21 -18.89 -0.04
C GLY D 91 22.61 -17.90 0.93
N TYR D 92 21.31 -17.91 1.17
CA TYR D 92 20.76 -16.96 2.11
C TYR D 92 21.03 -17.45 3.54
N VAL D 93 20.79 -16.54 4.49
CA VAL D 93 21.07 -16.78 5.92
C VAL D 93 20.43 -18.06 6.43
N GLY D 94 19.24 -18.38 5.96
CA GLY D 94 18.55 -19.55 6.48
C GLY D 94 19.23 -20.89 6.36
N GLU D 95 19.47 -21.38 5.14
CA GLU D 95 20.11 -22.68 4.95
C GLU D 95 20.34 -22.88 3.46
N ASP D 96 21.16 -23.88 3.14
CA ASP D 96 21.50 -24.26 1.78
C ASP D 96 20.95 -25.67 1.50
N VAL D 97 20.79 -25.98 0.22
CA VAL D 97 20.27 -27.28 -0.17
C VAL D 97 21.23 -28.40 0.16
N GLU D 98 22.52 -28.12 0.30
CA GLU D 98 23.49 -29.17 0.60
C GLU D 98 23.33 -29.73 2.00
N ASN D 99 22.59 -29.06 2.88
CA ASN D 99 22.42 -29.57 4.25
C ASN D 99 21.69 -30.90 4.25
N ILE D 100 20.83 -31.13 3.27
CA ILE D 100 20.10 -32.40 3.19
C ILE D 100 21.07 -33.56 3.01
N ILE D 101 22.09 -33.37 2.17
CA ILE D 101 23.04 -34.44 1.92
C ILE D 101 23.92 -34.67 3.14
N GLN D 102 24.19 -33.63 3.93
CA GLN D 102 25.02 -33.80 5.12
C GLN D 102 24.34 -34.71 6.13
N LYS D 103 23.03 -34.60 6.26
CA LYS D 103 22.30 -35.46 7.19
C LYS D 103 22.39 -36.92 6.78
N LEU D 104 22.25 -37.19 5.47
CA LEU D 104 22.31 -38.56 4.97
C LEU D 104 23.63 -39.22 5.31
N LEU D 105 24.73 -38.47 5.29
CA LEU D 105 26.02 -39.08 5.60
C LEU D 105 26.16 -39.38 7.08
N GLN D 106 25.49 -38.61 7.94
CA GLN D 106 25.56 -38.89 9.37
C GLN D 106 24.94 -40.25 9.69
N LYS D 107 23.87 -40.61 8.99
CA LYS D 107 23.22 -41.90 9.20
C LYS D 107 24.03 -43.04 8.58
N SER D 108 24.71 -42.78 7.48
CA SER D 108 25.52 -43.77 6.79
C SER D 108 26.98 -43.78 7.23
N ASP D 109 27.35 -42.92 8.19
CA ASP D 109 28.71 -42.85 8.70
C ASP D 109 29.67 -42.33 7.63
N TYR D 110 29.22 -41.36 6.85
CA TYR D 110 30.02 -40.76 5.78
C TYR D 110 30.45 -41.78 4.73
N ASP D 111 29.56 -42.72 4.44
CA ASP D 111 29.80 -43.75 3.44
C ASP D 111 29.20 -43.26 2.13
N VAL D 112 30.07 -42.77 1.24
CA VAL D 112 29.60 -42.23 -0.05
C VAL D 112 28.97 -43.32 -0.89
N GLN D 113 29.67 -44.45 -1.06
CA GLN D 113 29.15 -45.54 -1.87
C GLN D 113 27.87 -46.11 -1.29
N LYS D 114 27.68 -46.00 0.03
CA LYS D 114 26.49 -46.51 0.69
C LYS D 114 25.39 -45.46 0.79
N ALA D 115 25.73 -44.18 0.72
CA ALA D 115 24.73 -43.12 0.80
C ALA D 115 24.08 -42.82 -0.54
N GLN D 116 24.81 -43.04 -1.64
CA GLN D 116 24.26 -42.76 -2.96
C GLN D 116 23.04 -43.62 -3.26
N ARG D 117 22.94 -44.80 -2.66
CA ARG D 117 21.81 -45.70 -2.85
C ARG D 117 20.75 -45.53 -1.77
N GLY D 118 20.80 -44.45 -1.00
CA GLY D 118 19.83 -44.20 0.04
C GLY D 118 18.53 -43.60 -0.47
N ILE D 119 17.64 -43.33 0.48
CA ILE D 119 16.33 -42.75 0.22
C ILE D 119 16.24 -41.44 0.98
N VAL D 120 15.48 -40.49 0.42
CA VAL D 120 15.31 -39.16 1.00
C VAL D 120 13.83 -38.84 1.10
N TYR D 121 13.46 -38.19 2.21
CA TYR D 121 12.09 -37.76 2.47
C TYR D 121 12.09 -36.29 2.84
N ILE D 122 11.09 -35.56 2.36
CA ILE D 122 10.92 -34.13 2.61
C ILE D 122 9.49 -33.91 3.04
N ASP D 123 9.29 -32.98 3.98
CA ASP D 123 7.97 -32.66 4.50
C ASP D 123 7.66 -31.18 4.28
N GLN D 124 6.36 -30.88 4.28
CA GLN D 124 5.83 -29.53 4.07
C GLN D 124 6.35 -28.94 2.75
N ILE D 125 6.36 -29.77 1.70
CA ILE D 125 6.84 -29.32 0.40
C ILE D 125 5.92 -28.26 -0.19
N ASP D 126 4.62 -28.32 0.11
CA ASP D 126 3.67 -27.37 -0.45
C ASP D 126 3.92 -25.94 0.04
N LYS D 127 4.48 -25.79 1.24
CA LYS D 127 4.68 -24.45 1.80
C LYS D 127 5.57 -23.59 0.91
N ILE D 128 6.58 -24.19 0.28
CA ILE D 128 7.49 -23.42 -0.59
C ILE D 128 6.88 -23.44 -1.99
N SER D 129 5.98 -22.49 -2.22
CA SER D 129 5.31 -22.36 -3.52
C SER D 129 4.77 -20.93 -3.63
N ARG D 130 5.09 -20.27 -4.74
CA ARG D 130 4.61 -18.91 -4.94
C ARG D 130 3.09 -18.90 -5.07
N LYS D 131 2.43 -18.16 -4.19
CA LYS D 131 0.97 -18.06 -4.28
C LYS D 131 0.55 -17.24 -5.49
N SER D 132 1.35 -16.24 -5.84
CA SER D 132 1.06 -15.37 -6.98
C SER D 132 1.37 -16.09 -8.28
N ASP D 133 1.09 -15.41 -9.39
CA ASP D 133 1.30 -15.96 -10.72
C ASP D 133 2.75 -15.77 -11.15
N ASN D 134 3.02 -16.04 -12.42
CA ASN D 134 4.37 -15.96 -12.97
C ASN D 134 5.10 -14.62 -12.82
N PRO D 135 4.45 -13.41 -12.81
CA PRO D 135 5.24 -12.18 -12.74
C PRO D 135 6.17 -12.09 -11.52
N SER D 136 5.63 -12.21 -10.31
CA SER D 136 6.41 -12.19 -9.06
C SER D 136 7.48 -11.11 -9.06
N ILE D 137 7.05 -9.85 -9.19
CA ILE D 137 7.98 -8.73 -9.23
C ILE D 137 8.89 -8.76 -8.01
N THR D 138 8.31 -8.90 -6.82
CA THR D 138 9.14 -9.05 -5.63
C THR D 138 9.76 -10.44 -5.69
N ARG D 139 11.06 -10.52 -5.44
CA ARG D 139 11.77 -11.80 -5.54
C ARG D 139 11.69 -12.58 -4.24
N ASP D 140 10.61 -13.33 -4.06
CA ASP D 140 10.48 -14.19 -2.89
C ASP D 140 11.63 -15.20 -2.90
N VAL D 141 12.23 -15.40 -1.72
CA VAL D 141 13.37 -16.31 -1.58
C VAL D 141 12.98 -17.64 -0.95
N SER D 142 11.70 -17.82 -0.58
CA SER D 142 11.22 -19.07 0.00
C SER D 142 10.06 -19.65 -0.79
N GLY D 143 9.70 -19.05 -1.92
CA GLY D 143 8.60 -19.55 -2.72
C GLY D 143 9.04 -20.57 -3.75
N GLU D 144 8.67 -20.33 -5.00
CA GLU D 144 9.02 -21.24 -6.08
C GLU D 144 10.52 -21.31 -6.34
N GLY D 145 11.28 -20.30 -5.89
CA GLY D 145 12.72 -20.31 -6.12
C GLY D 145 13.40 -21.54 -5.56
N VAL D 146 12.94 -22.02 -4.41
CA VAL D 146 13.55 -23.20 -3.79
C VAL D 146 13.38 -24.41 -4.70
N GLN D 147 12.20 -24.54 -5.30
CA GLN D 147 11.93 -25.68 -6.19
C GLN D 147 12.91 -25.71 -7.35
N GLN D 148 13.23 -24.54 -7.90
CA GLN D 148 14.16 -24.45 -9.02
C GLN D 148 15.52 -25.04 -8.66
N ALA D 149 16.01 -24.78 -7.46
CA ALA D 149 17.30 -25.31 -7.03
C ALA D 149 17.30 -26.84 -6.99
N LEU D 150 16.20 -27.44 -6.54
CA LEU D 150 16.12 -28.89 -6.41
C LEU D 150 16.16 -29.62 -7.74
N LEU D 151 15.88 -28.93 -8.85
CA LEU D 151 15.87 -29.59 -10.16
C LEU D 151 17.20 -30.28 -10.43
N LYS D 152 18.32 -29.60 -10.20
CA LYS D 152 19.62 -30.22 -10.41
C LYS D 152 19.85 -31.37 -9.45
N LEU D 153 19.33 -31.24 -8.23
CA LEU D 153 19.51 -32.27 -7.21
C LEU D 153 18.75 -33.54 -7.58
N ILE D 154 17.48 -33.39 -7.98
CA ILE D 154 16.67 -34.56 -8.31
C ILE D 154 17.17 -35.21 -9.59
N GLU D 155 17.50 -34.43 -10.61
CA GLU D 155 18.01 -34.99 -11.85
C GLU D 155 19.29 -35.78 -11.61
N GLY D 156 20.17 -35.28 -10.76
CA GLY D 156 21.43 -35.90 -10.41
C GLY D 156 22.60 -34.98 -10.64
N THR D 157 23.39 -34.77 -9.60
CA THR D 157 24.56 -33.89 -9.67
C THR D 157 25.46 -34.24 -8.48
N VAL D 158 26.48 -33.41 -8.26
CA VAL D 158 27.44 -33.60 -7.18
C VAL D 158 27.57 -32.30 -6.41
N ALA D 159 27.56 -32.39 -5.09
CA ALA D 159 27.68 -31.25 -4.20
C ALA D 159 28.96 -31.36 -3.37
N ALA D 160 29.22 -30.33 -2.57
CA ALA D 160 30.40 -30.24 -1.72
C ALA D 160 30.00 -30.30 -0.25
N VAL D 161 30.59 -31.25 0.48
CA VAL D 161 30.34 -31.41 1.91
C VAL D 161 31.66 -31.63 2.64
N PRO D 162 31.98 -30.89 3.72
CA PRO D 162 33.24 -31.14 4.41
C PRO D 162 33.17 -32.42 5.20
N PRO D 163 34.29 -33.17 5.33
CA PRO D 163 34.23 -34.43 6.09
C PRO D 163 34.40 -34.26 7.60
N GLN D 164 33.37 -34.64 8.35
CA GLN D 164 33.39 -34.61 9.82
C GLN D 164 33.76 -33.23 10.37
N GLY D 165 33.33 -32.18 9.69
CA GLY D 165 33.62 -30.83 10.13
C GLY D 165 34.98 -30.30 9.76
N GLY D 166 35.73 -31.01 8.92
CA GLY D 166 37.07 -30.58 8.51
C GLY D 166 38.15 -31.24 9.35
N GLN D 171 42.68 -28.93 5.96
CA GLN D 171 42.16 -29.96 5.07
C GLN D 171 41.87 -29.37 3.69
N GLN D 172 41.00 -28.37 3.65
CA GLN D 172 40.62 -27.65 2.43
C GLN D 172 40.23 -28.63 1.32
N GLU D 173 39.40 -29.61 1.66
CA GLU D 173 38.92 -30.60 0.71
C GLU D 173 37.41 -30.78 0.86
N PHE D 174 36.79 -31.28 -0.21
CA PHE D 174 35.36 -31.52 -0.27
C PHE D 174 35.11 -32.89 -0.87
N LEU D 175 33.92 -33.43 -0.58
CA LEU D 175 33.50 -34.74 -1.06
C LEU D 175 32.41 -34.58 -2.11
N GLN D 176 32.59 -35.28 -3.23
CA GLN D 176 31.64 -35.26 -4.34
C GLN D 176 30.78 -36.51 -4.24
N VAL D 177 29.46 -36.32 -4.17
CA VAL D 177 28.51 -37.42 -4.03
C VAL D 177 27.43 -37.27 -5.10
N ASP D 178 27.36 -38.25 -6.00
CA ASP D 178 26.36 -38.22 -7.05
C ASP D 178 24.96 -38.43 -6.46
N THR D 179 23.97 -37.95 -7.20
CA THR D 179 22.56 -38.06 -6.84
C THR D 179 21.72 -38.62 -7.98
N SER D 180 22.37 -39.22 -8.99
CA SER D 180 21.64 -39.76 -10.13
C SER D 180 20.64 -40.83 -9.72
N LYS D 181 21.03 -41.72 -8.80
CA LYS D 181 20.19 -42.84 -8.39
C LYS D 181 19.59 -42.66 -6.99
N ILE D 182 19.60 -41.45 -6.45
CA ILE D 182 19.03 -41.20 -5.12
C ILE D 182 17.56 -40.83 -5.29
N LEU D 183 16.70 -41.45 -4.51
CA LEU D 183 15.26 -41.25 -4.58
C LEU D 183 14.80 -40.17 -3.60
N PHE D 184 13.73 -39.48 -3.98
CA PHE D 184 13.13 -38.41 -3.19
C PHE D 184 11.64 -38.64 -3.05
N ILE D 185 11.13 -38.45 -1.83
CA ILE D 185 9.71 -38.58 -1.52
C ILE D 185 9.28 -37.28 -0.85
N CYS D 186 8.76 -36.35 -1.64
CA CYS D 186 8.31 -35.06 -1.13
C CYS D 186 6.82 -35.14 -0.82
N GLY D 187 6.49 -35.15 0.46
CA GLY D 187 5.10 -35.21 0.91
C GLY D 187 4.68 -33.97 1.66
N GLY D 188 3.55 -33.36 1.28
CA GLY D 188 3.06 -32.18 1.95
C GLY D 188 1.54 -32.14 1.94
N ALA D 189 1.00 -31.28 2.80
CA ALA D 189 -0.44 -31.08 2.94
C ALA D 189 -0.83 -29.83 2.16
N PHE D 190 -1.64 -29.99 1.14
CA PHE D 190 -2.08 -28.88 0.30
C PHE D 190 -3.43 -28.37 0.78
N ALA D 191 -3.53 -27.06 0.98
CA ALA D 191 -4.74 -26.41 1.44
C ALA D 191 -5.32 -25.57 0.32
N GLY D 192 -6.61 -25.72 0.08
CA GLY D 192 -7.30 -25.00 -0.97
C GLY D 192 -7.19 -25.62 -2.33
N LEU D 193 -6.61 -26.81 -2.45
CA LEU D 193 -6.49 -27.47 -3.75
C LEU D 193 -7.85 -27.87 -4.30
N ASP D 194 -8.82 -28.12 -3.43
CA ASP D 194 -10.14 -28.53 -3.88
C ASP D 194 -10.84 -27.41 -4.63
N LYS D 195 -10.66 -26.17 -4.20
CA LYS D 195 -11.34 -25.06 -4.87
C LYS D 195 -10.76 -24.82 -6.26
N VAL D 196 -9.45 -24.94 -6.41
CA VAL D 196 -8.82 -24.71 -7.70
C VAL D 196 -9.26 -25.76 -8.71
N ILE D 197 -9.31 -27.03 -8.29
CA ILE D 197 -9.69 -28.10 -9.20
C ILE D 197 -11.15 -28.02 -9.59
N SER D 198 -12.01 -27.49 -8.73
CA SER D 198 -13.43 -27.40 -9.05
C SER D 198 -13.69 -26.47 -10.22
N HIS D 199 -12.95 -25.36 -10.31
CA HIS D 199 -13.13 -24.43 -11.40
C HIS D 199 -12.83 -25.08 -12.75
N ARG D 200 -11.78 -25.90 -12.81
CA ARG D 200 -11.39 -26.53 -14.05
C ARG D 200 -12.32 -27.66 -14.46
N VAL D 201 -12.66 -28.55 -13.51
CA VAL D 201 -13.46 -29.72 -13.83
C VAL D 201 -14.96 -29.45 -13.78
N GLU D 202 -15.45 -28.95 -12.64
CA GLU D 202 -16.89 -28.74 -12.51
C GLU D 202 -17.40 -27.65 -13.44
N THR D 203 -16.63 -26.56 -13.59
CA THR D 203 -17.01 -25.41 -14.41
C THR D 203 -18.46 -24.99 -14.15
N GLY D 204 -18.83 -24.96 -12.87
CA GLY D 204 -20.20 -24.67 -12.50
C GLY D 204 -20.56 -23.20 -12.68
N SER D 205 -21.80 -22.97 -13.09
CA SER D 205 -22.39 -21.66 -13.26
C SER D 205 -23.86 -21.81 -12.93
N GLY D 206 -24.43 -20.85 -12.21
CA GLY D 206 -25.83 -20.93 -11.82
C GLY D 206 -26.60 -19.62 -11.87
N ILE D 207 -26.04 -18.61 -12.54
CA ILE D 207 -26.69 -17.31 -12.61
C ILE D 207 -27.68 -17.29 -13.78
N GLY D 208 -27.19 -17.61 -14.97
CA GLY D 208 -28.03 -17.61 -16.14
C GLY D 208 -29.13 -18.66 -16.06
N PHE D 209 -30.01 -18.61 -17.07
CA PHE D 209 -31.13 -19.54 -17.14
C PHE D 209 -30.68 -20.91 -17.65
N GLY D 210 -29.89 -20.94 -18.71
CA GLY D 210 -29.45 -22.20 -19.28
C GLY D 210 -28.51 -22.99 -18.39
N ALA D 211 -27.65 -22.30 -17.64
CA ALA D 211 -26.69 -22.99 -16.78
C ALA D 211 -27.40 -23.75 -15.66
N THR D 212 -26.85 -24.92 -15.34
CA THR D 212 -27.40 -25.78 -14.29
C THR D 212 -26.72 -25.47 -12.95
N VAL D 213 -27.48 -25.66 -11.88
CA VAL D 213 -27.02 -25.42 -10.51
C VAL D 213 -26.77 -26.76 -9.84
N LYS D 214 -25.59 -26.90 -9.23
CA LYS D 214 -25.24 -28.15 -8.57
C LYS D 214 -25.94 -28.29 -7.23
N ALA D 215 -26.22 -27.19 -6.54
CA ALA D 215 -26.93 -27.22 -5.26
C ALA D 215 -26.18 -27.99 -4.18
N LYS D 216 -24.87 -27.78 -4.10
CA LYS D 216 -24.03 -28.43 -3.08
C LYS D 216 -24.14 -29.96 -3.13
N SER D 217 -24.25 -30.50 -4.34
CA SER D 217 -24.33 -31.94 -4.57
C SER D 217 -23.06 -32.49 -5.21
N ASP D 218 -21.98 -31.71 -5.23
CA ASP D 218 -20.74 -32.14 -5.85
C ASP D 218 -20.00 -33.09 -4.91
N LYS D 219 -19.00 -33.76 -5.47
CA LYS D 219 -18.21 -34.71 -4.71
C LYS D 219 -17.38 -34.00 -3.65
N ALA D 220 -17.04 -34.75 -2.60
CA ALA D 220 -16.27 -34.20 -1.49
C ALA D 220 -14.82 -33.95 -1.91
N SER D 221 -14.15 -33.12 -1.12
CA SER D 221 -12.77 -32.76 -1.40
C SER D 221 -11.88 -33.99 -1.51
N GLU D 222 -12.06 -34.95 -0.60
CA GLU D 222 -11.26 -36.17 -0.61
C GLU D 222 -11.84 -37.27 -1.48
N GLY D 223 -13.16 -37.26 -1.70
CA GLY D 223 -13.77 -38.35 -2.46
C GLY D 223 -13.37 -38.38 -3.92
N GLU D 224 -13.48 -37.22 -4.61
CA GLU D 224 -13.17 -37.19 -6.04
C GLU D 224 -12.39 -35.97 -6.50
N LEU D 225 -11.95 -35.09 -5.60
CA LEU D 225 -11.22 -33.88 -6.00
C LEU D 225 -9.72 -34.01 -5.80
N LEU D 226 -9.22 -35.19 -5.48
CA LEU D 226 -7.80 -35.47 -5.29
C LEU D 226 -7.29 -36.55 -6.22
N ALA D 227 -8.09 -37.59 -6.46
CA ALA D 227 -7.66 -38.67 -7.33
C ALA D 227 -7.39 -38.18 -8.74
N GLN D 228 -8.28 -37.35 -9.28
CA GLN D 228 -8.12 -36.83 -10.64
C GLN D 228 -7.34 -35.52 -10.64
N VAL D 229 -6.16 -35.54 -10.05
CA VAL D 229 -5.27 -34.38 -9.99
C VAL D 229 -4.28 -34.51 -11.14
N GLU D 230 -4.10 -33.41 -11.88
CA GLU D 230 -3.21 -33.36 -13.02
C GLU D 230 -2.23 -32.20 -12.88
N PRO D 231 -0.99 -32.35 -13.46
CA PRO D 231 0.02 -31.27 -13.39
C PRO D 231 -0.51 -29.87 -13.65
N GLU D 232 -1.41 -29.73 -14.62
CA GLU D 232 -1.94 -28.41 -14.95
C GLU D 232 -2.70 -27.79 -13.78
N ASP D 233 -3.30 -28.63 -12.93
CA ASP D 233 -4.02 -28.11 -11.77
C ASP D 233 -3.05 -27.48 -10.76
N LEU D 234 -1.86 -28.07 -10.62
CA LEU D 234 -0.87 -27.56 -9.68
C LEU D 234 -0.25 -26.25 -10.13
N ILE D 235 -0.31 -25.92 -11.42
CA ILE D 235 0.28 -24.67 -11.89
C ILE D 235 -0.46 -23.49 -11.30
N LYS D 236 -1.79 -23.59 -11.23
CA LYS D 236 -2.58 -22.51 -10.63
C LYS D 236 -2.26 -22.39 -9.14
N PHE D 237 -1.99 -23.52 -8.48
CA PHE D 237 -1.65 -23.49 -7.07
C PHE D 237 -0.31 -22.82 -6.81
N GLY D 238 0.54 -22.70 -7.83
CA GLY D 238 1.83 -22.05 -7.70
C GLY D 238 3.05 -22.92 -7.97
N LEU D 239 2.90 -24.19 -8.32
CA LEU D 239 4.07 -25.01 -8.61
C LEU D 239 4.55 -24.75 -10.04
N ILE D 240 5.80 -25.12 -10.29
CA ILE D 240 6.44 -24.92 -11.59
C ILE D 240 6.40 -26.24 -12.34
N PRO D 241 6.00 -26.26 -13.65
CA PRO D 241 6.03 -27.50 -14.44
C PRO D 241 7.31 -28.31 -14.29
N GLU D 242 8.43 -27.61 -14.25
CA GLU D 242 9.73 -28.28 -14.15
C GLU D 242 9.86 -29.07 -12.87
N PHE D 243 9.25 -28.59 -11.78
CA PHE D 243 9.34 -29.32 -10.52
C PHE D 243 8.45 -30.55 -10.53
N ILE D 244 7.25 -30.43 -11.13
CA ILE D 244 6.32 -31.55 -11.16
C ILE D 244 6.79 -32.62 -12.14
N GLY D 245 7.44 -32.22 -13.23
CA GLY D 245 7.92 -33.21 -14.18
C GLY D 245 8.92 -34.17 -13.57
N ARG D 246 9.67 -33.70 -12.58
CA ARG D 246 10.64 -34.55 -11.88
C ARG D 246 9.97 -35.55 -10.95
N LEU D 247 8.69 -35.34 -10.62
CA LEU D 247 7.93 -36.20 -9.71
C LEU D 247 6.73 -36.74 -10.49
N PRO D 248 6.92 -37.76 -11.33
CA PRO D 248 5.77 -38.27 -12.11
C PRO D 248 4.71 -38.96 -11.28
N VAL D 249 5.14 -39.83 -10.35
CA VAL D 249 4.19 -40.58 -9.55
C VAL D 249 3.50 -39.67 -8.56
N VAL D 250 2.23 -39.94 -8.29
CA VAL D 250 1.42 -39.19 -7.34
C VAL D 250 0.61 -40.18 -6.53
N ALA D 251 0.50 -39.91 -5.23
CA ALA D 251 -0.24 -40.74 -4.29
C ALA D 251 -1.27 -39.89 -3.58
N THR D 252 -2.54 -40.25 -3.72
CA THR D 252 -3.66 -39.54 -3.12
C THR D 252 -4.16 -40.32 -1.92
N LEU D 253 -4.18 -39.67 -0.76
CA LEU D 253 -4.66 -40.27 0.49
C LEU D 253 -6.01 -39.68 0.86
N ASN D 254 -6.96 -40.55 1.18
CA ASN D 254 -8.28 -40.12 1.56
C ASN D 254 -8.33 -39.74 3.04
N GLU D 255 -9.30 -38.91 3.39
CA GLU D 255 -9.46 -38.49 4.78
C GLU D 255 -9.97 -39.64 5.62
N LEU D 256 -9.48 -39.72 6.85
CA LEU D 256 -9.86 -40.79 7.77
C LEU D 256 -11.38 -40.84 7.95
N SER D 257 -11.92 -42.04 7.82
CA SER D 257 -13.34 -42.29 7.98
C SER D 257 -13.65 -42.70 9.42
N GLU D 258 -14.94 -42.69 9.75
CA GLU D 258 -15.38 -43.08 11.09
C GLU D 258 -14.92 -44.49 11.43
N GLU D 259 -15.08 -45.42 10.50
CA GLU D 259 -14.66 -46.80 10.73
C GLU D 259 -13.15 -46.92 10.85
N ALA D 260 -12.42 -46.11 10.08
CA ALA D 260 -10.96 -46.17 10.10
C ALA D 260 -10.39 -45.83 11.47
N LEU D 261 -10.99 -44.84 12.15
CA LEU D 261 -10.49 -44.45 13.47
C LEU D 261 -10.59 -45.58 14.48
N ILE D 262 -11.65 -46.38 14.39
CA ILE D 262 -11.84 -47.49 15.32
C ILE D 262 -10.69 -48.48 15.20
N GLN D 263 -10.29 -48.79 13.97
CA GLN D 263 -9.19 -49.74 13.76
C GLN D 263 -7.87 -49.16 14.25
N ILE D 264 -7.66 -47.86 14.03
CA ILE D 264 -6.40 -47.20 14.42
C ILE D 264 -6.19 -47.27 15.93
N LEU D 265 -7.26 -47.28 16.71
CA LEU D 265 -7.11 -47.32 18.16
C LEU D 265 -6.65 -48.69 18.66
N LYS D 266 -7.01 -49.77 17.97
CA LYS D 266 -6.70 -51.13 18.40
C LYS D 266 -5.64 -51.85 17.58
N GLU D 267 -5.77 -51.89 16.25
CA GLU D 267 -4.86 -52.68 15.43
C GLU D 267 -3.40 -52.24 15.49
N PRO D 268 -3.04 -50.97 15.41
CA PRO D 268 -1.61 -50.62 15.44
C PRO D 268 -0.96 -50.94 16.78
N LYS D 269 0.32 -51.31 16.70
CA LYS D 269 1.08 -51.62 17.91
C LYS D 269 1.42 -50.35 18.70
N ASN D 270 1.40 -49.19 18.04
CA ASN D 270 1.68 -47.91 18.67
C ASN D 270 0.42 -47.07 18.86
N ALA D 271 -0.74 -47.70 18.90
CA ALA D 271 -1.99 -46.96 19.06
C ALA D 271 -2.02 -46.26 20.41
N LEU D 272 -2.77 -45.16 20.45
CA LEU D 272 -2.87 -44.36 21.67
C LEU D 272 -3.42 -45.16 22.83
N THR D 273 -4.46 -45.97 22.59
CA THR D 273 -5.02 -46.77 23.67
C THR D 273 -3.98 -47.73 24.25
N LYS D 274 -3.17 -48.33 23.37
CA LYS D 274 -2.11 -49.21 23.86
C LYS D 274 -1.10 -48.44 24.68
N GLN D 275 -0.79 -47.20 24.27
CA GLN D 275 0.17 -46.39 25.01
C GLN D 275 -0.34 -46.11 26.42
N TYR D 276 -1.62 -45.77 26.55
CA TYR D 276 -2.18 -45.51 27.87
C TYR D 276 -2.17 -46.77 28.72
N GLN D 277 -2.42 -47.93 28.10
CA GLN D 277 -2.41 -49.18 28.85
C GLN D 277 -1.04 -49.41 29.48
N ALA D 278 0.02 -49.18 28.71
CA ALA D 278 1.36 -49.34 29.26
C ALA D 278 1.65 -48.28 30.32
N LEU D 279 1.23 -47.03 30.06
CA LEU D 279 1.48 -45.96 31.03
C LEU D 279 0.70 -46.21 32.31
N PHE D 280 -0.56 -46.63 32.20
CA PHE D 280 -1.34 -46.93 33.39
C PHE D 280 -0.79 -48.15 34.10
N ASN D 281 -0.26 -49.12 33.34
CA ASN D 281 0.31 -50.32 33.94
C ASN D 281 1.46 -49.97 34.88
N LEU D 282 2.24 -48.95 34.53
CA LEU D 282 3.34 -48.54 35.40
C LEU D 282 2.82 -48.09 36.75
N GLU D 283 1.71 -47.36 36.75
CA GLU D 283 1.10 -46.94 38.00
C GLU D 283 0.60 -48.13 38.81
N GLY D 284 0.20 -49.20 38.11
CA GLY D 284 -0.32 -50.40 38.74
C GLY D 284 -1.80 -50.63 38.53
N VAL D 285 -2.48 -49.77 37.77
CA VAL D 285 -3.90 -49.87 37.51
C VAL D 285 -4.10 -50.29 36.06
N ASP D 286 -4.92 -51.33 35.86
CA ASP D 286 -5.21 -51.79 34.51
C ASP D 286 -6.18 -50.83 33.84
N LEU D 287 -6.10 -50.75 32.52
CA LEU D 287 -6.93 -49.85 31.71
C LEU D 287 -7.74 -50.66 30.72
N GLU D 288 -9.06 -50.43 30.71
CA GLU D 288 -9.99 -51.09 29.80
C GLU D 288 -10.86 -50.04 29.15
N PHE D 289 -11.02 -50.12 27.83
CA PHE D 289 -11.84 -49.20 27.06
C PHE D 289 -13.09 -49.91 26.57
N ARG D 290 -14.24 -49.34 26.85
CA ARG D 290 -15.50 -49.93 26.40
C ARG D 290 -15.70 -49.66 24.92
N ASP D 291 -16.42 -50.56 24.25
CA ASP D 291 -16.65 -50.42 22.82
C ASP D 291 -17.48 -49.19 22.51
N GLU D 292 -18.45 -48.87 23.37
CA GLU D 292 -19.30 -47.70 23.14
C GLU D 292 -18.46 -46.42 23.13
N ALA D 293 -17.46 -46.34 24.00
CA ALA D 293 -16.62 -45.16 24.06
C ALA D 293 -15.79 -44.96 22.79
N LEU D 294 -15.29 -46.05 22.20
CA LEU D 294 -14.43 -45.93 21.03
C LEU D 294 -15.14 -45.30 19.85
N ASP D 295 -16.36 -45.76 19.53
CA ASP D 295 -17.08 -45.19 18.39
C ASP D 295 -17.46 -43.75 18.67
N ALA D 296 -17.82 -43.44 19.93
CA ALA D 296 -18.19 -42.07 20.27
C ALA D 296 -17.02 -41.12 20.03
N ILE D 297 -15.80 -41.57 20.35
CA ILE D 297 -14.62 -40.73 20.12
C ILE D 297 -14.48 -40.42 18.64
N ALA D 298 -14.77 -41.40 17.79
CA ALA D 298 -14.65 -41.21 16.35
C ALA D 298 -15.61 -40.13 15.86
N LYS D 299 -16.84 -40.11 16.39
CA LYS D 299 -17.80 -39.08 15.98
C LYS D 299 -17.30 -37.70 16.36
N LYS D 300 -16.75 -37.55 17.58
CA LYS D 300 -16.25 -36.27 18.01
C LYS D 300 -15.02 -35.85 17.22
N ALA D 301 -14.14 -36.81 16.91
CA ALA D 301 -12.92 -36.50 16.18
C ALA D 301 -13.20 -35.91 14.80
N MET D 302 -14.18 -36.48 14.08
CA MET D 302 -14.49 -35.98 12.74
C MET D 302 -14.99 -34.55 12.79
N ALA D 303 -15.73 -34.18 13.84
CA ALA D 303 -16.22 -32.81 13.95
C ALA D 303 -15.06 -31.82 14.02
N ARG D 304 -13.98 -32.21 14.70
CA ARG D 304 -12.82 -31.33 14.82
C ARG D 304 -12.15 -31.09 13.47
N LYS D 305 -12.23 -32.06 12.57
CA LYS D 305 -11.62 -31.97 11.25
C LYS D 305 -10.12 -31.72 11.35
N THR D 306 -9.49 -32.37 12.33
CA THR D 306 -8.06 -32.27 12.58
C THR D 306 -7.32 -33.57 12.27
N GLY D 307 -8.00 -34.61 11.83
CA GLY D 307 -7.36 -35.87 11.52
C GLY D 307 -7.14 -36.73 12.75
N ALA D 308 -6.22 -37.69 12.59
CA ALA D 308 -5.88 -38.60 13.68
C ALA D 308 -5.29 -37.86 14.86
N ARG D 309 -4.53 -36.80 14.60
CA ARG D 309 -3.87 -36.05 15.67
C ARG D 309 -4.87 -35.44 16.64
N GLY D 310 -6.06 -35.09 16.17
CA GLY D 310 -7.07 -34.51 17.04
C GLY D 310 -7.62 -35.47 18.08
N LEU D 311 -7.46 -36.77 17.87
CA LEU D 311 -7.98 -37.77 18.80
C LEU D 311 -7.37 -37.60 20.19
N ARG D 312 -6.09 -37.22 20.27
CA ARG D 312 -5.43 -37.06 21.57
C ARG D 312 -6.16 -36.03 22.44
N SER D 313 -6.66 -34.95 21.83
CA SER D 313 -7.37 -33.94 22.59
C SER D 313 -8.62 -34.52 23.26
N ILE D 314 -9.37 -35.34 22.53
CA ILE D 314 -10.60 -35.91 23.06
C ILE D 314 -10.31 -36.87 24.21
N VAL D 315 -9.35 -37.77 24.02
CA VAL D 315 -9.04 -38.76 25.03
C VAL D 315 -8.40 -38.12 26.26
N GLU D 316 -7.39 -37.26 26.04
CA GLU D 316 -6.68 -36.67 27.15
C GLU D 316 -7.57 -35.76 28.00
N ALA D 317 -8.39 -34.92 27.35
CA ALA D 317 -9.26 -34.04 28.11
C ALA D 317 -10.31 -34.83 28.88
N ALA D 318 -10.80 -35.91 28.30
CA ALA D 318 -11.81 -36.73 28.97
C ALA D 318 -11.26 -37.39 30.23
N LEU D 319 -10.04 -37.91 30.16
CA LEU D 319 -9.43 -38.62 31.29
C LEU D 319 -8.47 -37.75 32.10
N LEU D 320 -8.40 -36.45 31.84
CA LEU D 320 -7.50 -35.58 32.59
C LEU D 320 -7.84 -35.60 34.08
N ASP D 321 -9.14 -35.54 34.41
CA ASP D 321 -9.54 -35.55 35.81
C ASP D 321 -9.18 -36.88 36.48
N THR D 322 -9.21 -37.98 35.74
CA THR D 322 -8.90 -39.29 36.30
C THR D 322 -7.42 -39.43 36.61
N MET D 323 -6.57 -39.06 35.65
CA MET D 323 -5.13 -39.17 35.84
C MET D 323 -4.64 -38.27 36.97
N TYR D 324 -5.31 -37.14 37.18
CA TYR D 324 -4.89 -36.20 38.22
C TYR D 324 -4.92 -36.83 39.60
N ASP D 325 -5.97 -37.60 39.91
CA ASP D 325 -6.13 -38.19 41.24
C ASP D 325 -5.83 -39.68 41.31
N LEU D 326 -5.54 -40.34 40.19
CA LEU D 326 -5.26 -41.77 40.23
C LEU D 326 -3.98 -42.11 41.01
N PRO D 327 -2.88 -41.36 40.89
CA PRO D 327 -1.67 -41.75 41.65
C PRO D 327 -1.89 -41.75 43.16
N SER D 328 -2.63 -40.77 43.69
CA SER D 328 -2.90 -40.73 45.12
C SER D 328 -3.70 -41.95 45.56
N MET D 329 -4.67 -42.36 44.75
CA MET D 329 -5.48 -43.53 45.08
C MET D 329 -4.60 -44.77 45.10
N GLU D 330 -4.92 -45.70 46.01
CA GLU D 330 -4.14 -46.91 46.20
C GLU D 330 -5.04 -48.14 46.12
N ASP D 331 -4.43 -49.25 45.70
CA ASP D 331 -5.11 -50.54 45.56
C ASP D 331 -6.28 -50.46 44.57
N VAL D 332 -6.05 -49.78 43.44
CA VAL D 332 -7.03 -49.66 42.38
C VAL D 332 -6.62 -50.67 41.32
N GLU D 333 -7.33 -51.80 41.27
CA GLU D 333 -6.96 -52.87 40.34
C GLU D 333 -7.28 -52.52 38.90
N LYS D 334 -8.45 -51.93 38.62
CA LYS D 334 -8.85 -51.65 37.24
C LYS D 334 -9.56 -50.31 37.12
N VAL D 335 -9.53 -49.79 35.90
CA VAL D 335 -10.17 -48.53 35.52
C VAL D 335 -10.86 -48.77 34.18
N VAL D 336 -12.15 -48.44 34.11
CA VAL D 336 -12.95 -48.62 32.90
C VAL D 336 -13.65 -47.30 32.59
N ILE D 337 -13.76 -47.00 31.30
CA ILE D 337 -14.36 -45.75 30.81
C ILE D 337 -15.68 -46.09 30.14
N ASP D 338 -16.75 -45.45 30.60
CA ASP D 338 -18.09 -45.65 30.05
C ASP D 338 -18.36 -44.69 28.90
N GLU D 339 -19.42 -44.96 28.16
CA GLU D 339 -19.82 -44.09 27.05
C GLU D 339 -20.11 -42.68 27.53
N SER D 340 -20.79 -42.56 28.66
CA SER D 340 -21.12 -41.24 29.21
C SER D 340 -19.87 -40.46 29.58
N VAL D 341 -18.80 -41.16 29.97
CA VAL D 341 -17.56 -40.49 30.36
C VAL D 341 -17.00 -39.69 29.20
N ILE D 342 -17.13 -40.20 27.98
CA ILE D 342 -16.64 -39.47 26.81
C ILE D 342 -17.38 -38.16 26.68
N ASP D 343 -18.70 -38.18 26.86
CA ASP D 343 -19.49 -36.96 26.81
C ASP D 343 -19.16 -36.05 27.97
N GLY D 344 -18.85 -36.63 29.14
CA GLY D 344 -18.55 -35.90 30.34
C GLY D 344 -19.68 -35.84 31.34
N GLN D 345 -20.83 -36.46 31.04
CA GLN D 345 -21.97 -36.44 31.95
C GLN D 345 -21.66 -37.18 33.24
N SER D 346 -20.98 -38.32 33.15
CA SER D 346 -20.65 -39.16 34.30
C SER D 346 -19.14 -39.40 34.37
N GLU D 347 -18.68 -39.67 35.59
CA GLU D 347 -17.28 -39.93 35.87
C GLU D 347 -16.97 -41.41 35.65
N PRO D 348 -15.71 -41.78 35.44
CA PRO D 348 -15.39 -43.18 35.22
C PRO D 348 -15.52 -44.01 36.48
N LEU D 349 -15.72 -45.31 36.28
CA LEU D 349 -15.87 -46.27 37.36
C LEU D 349 -14.52 -46.88 37.70
N LEU D 350 -14.24 -46.97 39.00
CA LEU D 350 -12.99 -47.54 39.50
C LEU D 350 -13.30 -48.66 40.48
N ILE D 351 -12.40 -49.65 40.51
CA ILE D 351 -12.51 -50.82 41.37
C ILE D 351 -11.41 -50.76 42.40
N TYR D 352 -11.77 -51.00 43.66
CA TYR D 352 -10.83 -50.99 44.78
C TYR D 352 -10.60 -52.41 45.29
N GLY D 353 -9.49 -52.58 45.99
CA GLY D 353 -9.10 -53.87 46.55
C GLY D 353 -8.96 -53.83 48.06
N ALA E 2 13.03 -39.20 44.54
CA ALA E 2 11.61 -39.51 44.40
C ALA E 2 10.97 -38.66 43.31
N LEU E 3 9.71 -38.97 43.00
CA LEU E 3 8.95 -38.27 41.97
C LEU E 3 7.74 -37.59 42.62
N PRO E 4 7.50 -36.29 42.39
CA PRO E 4 6.35 -35.65 43.02
C PRO E 4 5.03 -36.12 42.40
N THR E 5 4.02 -36.26 43.24
CA THR E 5 2.70 -36.65 42.81
C THR E 5 1.93 -35.43 42.30
N PRO E 6 0.88 -35.63 41.50
CA PRO E 6 0.10 -34.47 41.02
C PRO E 6 -0.50 -33.64 42.16
N HIS E 7 -1.01 -34.30 43.20
CA HIS E 7 -1.51 -33.55 44.35
C HIS E 7 -0.37 -32.80 45.02
N GLU E 8 0.80 -33.44 45.12
CA GLU E 8 1.95 -32.84 45.77
C GLU E 8 2.42 -31.57 45.05
N ILE E 9 2.40 -31.59 43.71
CA ILE E 9 2.87 -30.43 42.98
C ILE E 9 1.79 -29.35 42.91
N ARG E 10 0.51 -29.74 43.03
CA ARG E 10 -0.55 -28.75 43.00
C ARG E 10 -0.48 -27.84 44.23
N ASN E 11 -0.23 -28.42 45.41
CA ASN E 11 -0.15 -27.61 46.62
C ASN E 11 1.03 -26.66 46.57
N HIS E 12 2.09 -27.03 45.85
CA HIS E 12 3.25 -26.14 45.71
C HIS E 12 2.88 -24.93 44.88
N LEU E 13 2.22 -25.18 43.74
CA LEU E 13 1.78 -24.09 42.87
C LEU E 13 0.67 -23.27 43.52
N ASP E 14 -0.12 -23.90 44.41
CA ASP E 14 -1.22 -23.21 45.06
C ASP E 14 -0.75 -21.97 45.82
N ASP E 15 0.44 -22.04 46.41
CA ASP E 15 0.96 -20.88 47.15
C ASP E 15 1.26 -19.73 46.21
N TYR E 16 1.84 -20.02 45.04
CA TYR E 16 2.19 -19.00 44.07
C TYR E 16 1.09 -18.70 43.06
N VAL E 17 0.04 -19.53 42.98
CA VAL E 17 -1.04 -19.35 42.02
C VAL E 17 -2.35 -19.24 42.79
N ILE E 18 -3.10 -18.17 42.53
CA ILE E 18 -4.38 -17.91 43.17
C ILE E 18 -5.46 -17.78 42.11
N GLY E 19 -6.56 -18.53 42.30
CA GLY E 19 -7.71 -18.43 41.42
C GLY E 19 -7.69 -19.28 40.16
N GLN E 20 -6.70 -20.16 40.00
CA GLN E 20 -6.60 -21.02 38.82
C GLN E 20 -6.62 -22.49 39.27
N GLU E 21 -7.79 -23.11 39.16
CA GLU E 21 -7.97 -24.51 39.54
C GLU E 21 -7.79 -25.45 38.35
N GLN E 22 -8.44 -25.14 37.23
CA GLN E 22 -8.36 -25.99 36.04
C GLN E 22 -6.96 -25.98 35.43
N ALA E 23 -6.26 -24.85 35.49
CA ALA E 23 -4.93 -24.78 34.88
C ALA E 23 -3.91 -25.62 35.65
N LYS E 24 -4.03 -25.67 36.97
CA LYS E 24 -3.07 -26.45 37.75
C LYS E 24 -3.18 -27.94 37.44
N LYS E 25 -4.41 -28.42 37.22
CA LYS E 25 -4.61 -29.83 36.91
C LYS E 25 -3.95 -30.23 35.61
N VAL E 26 -3.96 -29.33 34.63
CA VAL E 26 -3.39 -29.65 33.32
C VAL E 26 -1.88 -29.74 33.40
N LEU E 27 -1.23 -28.74 34.00
CA LEU E 27 0.22 -28.75 34.09
C LEU E 27 0.71 -29.87 35.00
N ALA E 28 -0.06 -30.19 36.05
CA ALA E 28 0.33 -31.26 36.95
C ALA E 28 0.27 -32.61 36.24
N VAL E 29 -0.82 -32.88 35.53
CA VAL E 29 -0.95 -34.14 34.82
C VAL E 29 0.03 -34.22 33.66
N ALA E 30 0.29 -33.08 33.01
CA ALA E 30 1.23 -33.06 31.89
C ALA E 30 2.64 -33.35 32.37
N VAL E 31 3.10 -32.58 33.36
CA VAL E 31 4.45 -32.75 33.89
C VAL E 31 4.61 -34.14 34.49
N TYR E 32 3.59 -34.61 35.21
CA TYR E 32 3.67 -35.94 35.81
C TYR E 32 3.80 -37.01 34.73
N ASN E 33 3.04 -36.85 33.65
CA ASN E 33 3.14 -37.80 32.53
C ASN E 33 4.50 -37.70 31.86
N HIS E 34 5.04 -36.48 31.75
CA HIS E 34 6.33 -36.26 31.12
C HIS E 34 7.43 -37.10 31.79
N TYR E 35 7.37 -37.20 33.11
CA TYR E 35 8.37 -37.99 33.84
C TYR E 35 8.26 -39.47 33.47
N LYS E 36 7.03 -39.99 33.47
CA LYS E 36 6.81 -41.40 33.14
C LYS E 36 7.32 -41.73 31.75
N ARG E 37 7.09 -40.83 30.78
CA ARG E 37 7.55 -41.09 29.42
C ARG E 37 9.06 -41.20 29.36
N LEU E 38 9.77 -40.53 30.26
CA LEU E 38 11.22 -40.61 30.30
C LEU E 38 11.66 -41.94 30.90
N ARG E 39 11.06 -42.31 32.03
CA ARG E 39 11.41 -43.55 32.72
C ARG E 39 10.80 -44.77 32.03
N ASN E 40 9.48 -44.78 31.88
CA ASN E 40 8.80 -45.92 31.25
C ASN E 40 9.26 -46.12 29.81
N GLY E 41 9.66 -45.06 29.13
CA GLY E 41 10.10 -45.17 27.76
C GLY E 41 11.34 -46.03 27.57
N ASP E 42 11.23 -47.00 26.66
CA ASP E 42 12.24 -47.97 26.26
C ASP E 42 12.43 -49.10 27.27
N THR E 43 11.71 -49.10 28.39
CA THR E 43 11.79 -50.17 29.39
C THR E 43 10.41 -50.79 29.66
N SER E 44 9.44 -50.56 28.79
CA SER E 44 8.08 -51.07 28.93
C SER E 44 7.68 -51.79 27.65
N ASN E 45 6.67 -52.66 27.78
CA ASN E 45 6.16 -53.39 26.62
C ASN E 45 5.68 -52.41 25.55
N GLY E 46 4.97 -51.36 25.96
CA GLY E 46 4.53 -50.35 25.02
C GLY E 46 5.73 -49.60 24.47
N VAL E 47 5.66 -49.29 23.17
CA VAL E 47 6.75 -48.61 22.47
C VAL E 47 6.19 -47.42 21.71
N GLU E 48 7.11 -46.55 21.28
CA GLU E 48 6.81 -45.32 20.57
C GLU E 48 5.70 -44.54 21.31
N LEU E 49 6.01 -44.22 22.57
CA LEU E 49 5.09 -43.44 23.39
C LEU E 49 4.89 -42.06 22.76
N GLY E 50 3.64 -41.68 22.57
CA GLY E 50 3.34 -40.41 21.97
C GLY E 50 3.71 -39.25 22.87
N LYS E 51 3.25 -38.07 22.48
CA LYS E 51 3.51 -36.83 23.20
C LYS E 51 2.25 -35.97 23.17
N SER E 52 2.09 -35.16 24.21
CA SER E 52 0.95 -34.26 24.34
C SER E 52 1.42 -32.95 24.92
N ASN E 53 1.20 -31.87 24.17
CA ASN E 53 1.61 -30.53 24.58
C ASN E 53 0.41 -29.82 25.21
N ILE E 54 0.64 -28.57 25.65
CA ILE E 54 -0.38 -27.78 26.33
C ILE E 54 -0.53 -26.44 25.64
N LEU E 55 -1.77 -25.94 25.62
CA LEU E 55 -2.12 -24.65 25.02
C LEU E 55 -2.89 -23.84 26.04
N LEU E 56 -2.25 -22.81 26.59
CA LEU E 56 -2.87 -21.94 27.58
C LEU E 56 -3.57 -20.77 26.92
N ILE E 57 -4.82 -20.54 27.30
CA ILE E 57 -5.61 -19.44 26.77
C ILE E 57 -6.25 -18.70 27.94
N GLY E 58 -6.15 -17.38 27.94
CA GLY E 58 -6.72 -16.57 28.99
C GLY E 58 -6.50 -15.09 28.77
N PRO E 59 -7.20 -14.24 29.52
CA PRO E 59 -6.99 -12.79 29.37
C PRO E 59 -5.59 -12.39 29.80
N THR E 60 -5.25 -11.12 29.62
CA THR E 60 -3.94 -10.64 30.00
C THR E 60 -3.83 -10.51 31.51
N GLY E 61 -2.63 -10.73 32.04
CA GLY E 61 -2.41 -10.63 33.47
C GLY E 61 -3.16 -11.66 34.27
N SER E 62 -3.41 -12.84 33.67
CA SER E 62 -4.12 -13.91 34.36
C SER E 62 -3.19 -14.83 35.14
N GLY E 63 -1.90 -14.82 34.83
CA GLY E 63 -0.92 -15.65 35.52
C GLY E 63 -0.28 -16.70 34.65
N LYS E 64 -0.36 -16.54 33.33
CA LYS E 64 0.24 -17.51 32.43
C LYS E 64 1.76 -17.53 32.57
N THR E 65 2.38 -16.35 32.53
CA THR E 65 3.83 -16.27 32.68
C THR E 65 4.27 -16.71 34.07
N LEU E 66 3.40 -16.54 35.06
CA LEU E 66 3.74 -16.94 36.42
C LEU E 66 3.85 -18.45 36.56
N LEU E 67 2.98 -19.19 35.88
CA LEU E 67 3.00 -20.64 35.96
C LEU E 67 4.28 -21.22 35.38
N ALA E 68 4.82 -20.61 34.33
CA ALA E 68 6.03 -21.13 33.71
C ALA E 68 7.25 -20.97 34.61
N GLU E 69 7.32 -19.90 35.38
CA GLU E 69 8.47 -19.67 36.25
C GLU E 69 8.37 -20.46 37.54
N THR E 70 7.23 -20.41 38.21
CA THR E 70 7.07 -21.11 39.47
C THR E 70 7.21 -22.63 39.30
N LEU E 71 6.80 -23.16 38.16
CA LEU E 71 6.90 -24.60 37.94
C LEU E 71 8.36 -25.03 37.87
N ALA E 72 9.23 -24.19 37.31
CA ALA E 72 10.64 -24.54 37.17
C ALA E 72 11.36 -24.62 38.51
N ARG E 73 10.85 -23.97 39.55
CA ARG E 73 11.53 -23.98 40.84
C ARG E 73 11.56 -25.37 41.45
N LEU E 74 10.42 -26.05 41.52
CA LEU E 74 10.34 -27.37 42.12
C LEU E 74 10.60 -28.50 41.13
N LEU E 75 10.60 -28.21 39.83
CA LEU E 75 10.81 -29.28 38.85
C LEU E 75 12.26 -29.75 38.83
N ASP E 76 13.20 -28.80 38.80
CA ASP E 76 14.65 -29.01 38.79
C ASP E 76 15.20 -29.49 37.43
N VAL E 77 14.34 -29.75 36.45
CA VAL E 77 14.78 -30.17 35.12
C VAL E 77 15.04 -28.88 34.34
N PRO E 78 15.74 -28.93 33.20
CA PRO E 78 15.99 -27.68 32.48
C PRO E 78 14.73 -27.05 31.92
N PHE E 79 14.65 -25.73 32.05
CA PHE E 79 13.51 -24.95 31.60
C PHE E 79 14.04 -23.70 30.92
N THR E 80 13.24 -23.13 30.02
CA THR E 80 13.63 -21.92 29.28
C THR E 80 12.38 -21.09 29.03
N MET E 81 12.59 -19.92 28.42
CA MET E 81 11.48 -19.01 28.11
C MET E 81 11.89 -18.16 26.92
N ALA E 82 11.15 -18.30 25.81
CA ALA E 82 11.41 -17.59 24.57
C ALA E 82 10.12 -16.92 24.10
N ASP E 83 10.28 -16.00 23.15
CA ASP E 83 9.17 -15.25 22.58
C ASP E 83 8.99 -15.61 21.12
N ALA E 84 7.74 -15.87 20.73
CA ALA E 84 7.43 -16.24 19.35
C ALA E 84 7.56 -15.06 18.40
N THR E 85 7.09 -13.88 18.81
CA THR E 85 7.09 -12.65 18.02
C THR E 85 8.41 -12.40 17.29
N THR E 86 9.54 -12.68 17.96
CA THR E 86 10.82 -12.49 17.31
C THR E 86 10.99 -13.44 16.12
N LEU E 87 10.51 -14.67 16.26
CA LEU E 87 10.64 -15.66 15.20
C LEU E 87 9.99 -15.21 13.91
N THR E 88 10.66 -15.49 12.80
CA THR E 88 10.19 -15.17 11.46
C THR E 88 10.57 -16.33 10.56
N GLU E 89 9.93 -16.37 9.39
CA GLU E 89 10.20 -17.43 8.43
C GLU E 89 11.68 -17.43 8.03
N ALA E 90 12.22 -18.63 7.82
CA ALA E 90 13.62 -18.78 7.44
C ALA E 90 13.94 -17.97 6.19
N GLY E 91 15.13 -17.37 6.20
CA GLY E 91 15.57 -16.56 5.08
C GLY E 91 15.25 -15.09 5.19
N TYR E 92 14.78 -14.62 6.33
CA TYR E 92 14.41 -13.23 6.54
C TYR E 92 15.18 -12.62 7.69
N VAL E 93 15.19 -11.29 7.69
CA VAL E 93 15.96 -10.49 8.65
C VAL E 93 15.52 -10.69 10.10
N GLY E 94 14.23 -10.94 10.34
CA GLY E 94 13.77 -11.01 11.72
C GLY E 94 14.42 -12.01 12.65
N GLU E 95 14.24 -13.30 12.43
CA GLU E 95 14.83 -14.34 13.29
C GLU E 95 14.47 -15.69 12.68
N ASP E 96 15.04 -16.75 13.26
CA ASP E 96 14.78 -18.12 12.84
C ASP E 96 14.24 -18.92 14.03
N VAL E 97 13.52 -20.00 13.71
CA VAL E 97 12.90 -20.84 14.72
C VAL E 97 13.93 -21.58 15.56
N GLU E 98 15.09 -21.92 14.99
CA GLU E 98 16.09 -22.69 15.72
C GLU E 98 16.58 -21.97 16.97
N ASN E 99 16.56 -20.63 16.97
CA ASN E 99 16.96 -19.80 18.10
C ASN E 99 16.43 -20.30 19.44
N ILE E 100 15.15 -20.70 19.46
CA ILE E 100 14.50 -21.19 20.68
C ILE E 100 15.31 -22.31 21.32
N ILE E 101 15.84 -23.23 20.52
CA ILE E 101 16.61 -24.34 21.06
C ILE E 101 17.88 -23.85 21.73
N GLN E 102 18.51 -22.83 21.15
CA GLN E 102 19.75 -22.26 21.68
C GLN E 102 19.63 -21.94 23.17
N LYS E 103 18.64 -21.12 23.55
CA LYS E 103 18.45 -20.74 24.94
C LYS E 103 18.31 -21.95 25.86
N LEU E 104 17.61 -22.99 25.39
CA LEU E 104 17.41 -24.18 26.22
C LEU E 104 18.74 -24.83 26.59
N LEU E 105 19.67 -24.90 25.64
CA LEU E 105 20.96 -25.53 25.92
C LEU E 105 21.73 -24.76 26.99
N GLN E 106 21.67 -23.42 26.95
CA GLN E 106 22.36 -22.60 27.95
C GLN E 106 21.88 -22.92 29.35
N LYS E 107 20.57 -23.19 29.50
CA LYS E 107 20.02 -23.50 30.81
C LYS E 107 20.42 -24.87 31.30
N SER E 108 20.82 -25.78 30.40
CA SER E 108 21.24 -27.13 30.76
C SER E 108 22.74 -27.30 30.75
N ASP E 109 23.50 -26.20 30.64
CA ASP E 109 24.96 -26.25 30.61
C ASP E 109 25.48 -27.10 29.46
N TYR E 110 24.90 -26.88 28.27
CA TYR E 110 25.27 -27.59 27.05
C TYR E 110 25.26 -29.10 27.26
N ASP E 111 24.08 -29.61 27.64
CA ASP E 111 23.87 -31.03 27.90
C ASP E 111 22.74 -31.48 26.97
N VAL E 112 23.12 -32.10 25.85
CA VAL E 112 22.13 -32.56 24.88
C VAL E 112 21.26 -33.65 25.47
N GLN E 113 21.87 -34.59 26.22
CA GLN E 113 21.07 -35.66 26.82
C GLN E 113 20.11 -35.12 27.86
N LYS E 114 20.44 -33.99 28.48
CA LYS E 114 19.59 -33.38 29.50
C LYS E 114 18.66 -32.33 28.92
N ALA E 115 19.03 -31.72 27.78
CA ALA E 115 18.17 -30.70 27.18
C ALA E 115 16.93 -31.31 26.55
N GLN E 116 17.04 -32.51 26.00
CA GLN E 116 15.88 -33.15 25.39
C GLN E 116 14.79 -33.44 26.41
N ARG E 117 15.17 -33.62 27.67
CA ARG E 117 14.24 -33.91 28.75
C ARG E 117 13.71 -32.66 29.42
N GLY E 118 13.93 -31.47 28.85
CA GLY E 118 13.48 -30.23 29.44
C GLY E 118 12.08 -29.83 28.97
N ILE E 119 11.68 -28.65 29.41
CA ILE E 119 10.38 -28.07 29.10
C ILE E 119 10.57 -26.68 28.52
N VAL E 120 9.66 -26.27 27.64
CA VAL E 120 9.72 -24.97 26.99
C VAL E 120 8.35 -24.31 27.06
N TYR E 121 8.37 -22.98 27.13
CA TYR E 121 7.17 -22.16 27.20
C TYR E 121 7.28 -21.05 26.18
N ILE E 122 6.16 -20.70 25.55
CA ILE E 122 6.10 -19.67 24.52
C ILE E 122 4.99 -18.69 24.87
N ASP E 123 5.32 -17.40 24.90
CA ASP E 123 4.39 -16.33 25.21
C ASP E 123 4.09 -15.50 23.97
N GLN E 124 2.96 -14.80 24.02
CA GLN E 124 2.49 -13.95 22.94
C GLN E 124 2.30 -14.74 21.64
N ILE E 125 1.76 -15.95 21.77
CA ILE E 125 1.53 -16.81 20.61
C ILE E 125 0.47 -16.25 19.68
N ASP E 126 -0.46 -15.44 20.19
CA ASP E 126 -1.53 -14.89 19.35
C ASP E 126 -1.02 -13.96 18.26
N LYS E 127 0.18 -13.39 18.42
CA LYS E 127 0.71 -12.48 17.43
C LYS E 127 1.05 -13.14 16.11
N ILE E 128 0.99 -14.47 16.01
CA ILE E 128 1.30 -15.18 14.78
C ILE E 128 0.05 -15.94 14.37
N SER E 129 -0.76 -15.32 13.51
CA SER E 129 -1.99 -15.90 13.00
C SER E 129 -2.19 -15.42 11.58
N ARG E 130 -2.60 -16.34 10.70
CA ARG E 130 -2.85 -15.98 9.31
C ARG E 130 -3.91 -14.88 9.26
N LYS E 131 -3.64 -13.85 8.47
CA LYS E 131 -4.53 -12.70 8.34
C LYS E 131 -5.55 -13.01 7.26
N SER E 132 -6.73 -13.50 7.67
CA SER E 132 -7.80 -13.80 6.74
C SER E 132 -8.08 -12.62 5.82
N ASP E 133 -8.27 -11.44 6.40
CA ASP E 133 -8.51 -10.23 5.61
C ASP E 133 -7.15 -9.59 5.34
N ASN E 134 -6.52 -10.01 4.25
CA ASN E 134 -5.23 -9.50 3.83
C ASN E 134 -5.12 -9.68 2.32
N PRO E 135 -4.26 -8.91 1.64
CA PRO E 135 -4.11 -9.11 0.20
C PRO E 135 -3.59 -10.51 -0.10
N SER E 136 -4.18 -11.14 -1.12
CA SER E 136 -3.79 -12.50 -1.50
C SER E 136 -2.29 -12.58 -1.81
N ILE E 137 -1.80 -11.72 -2.70
CA ILE E 137 -0.39 -11.75 -3.08
C ILE E 137 0.41 -10.98 -2.03
N THR E 138 0.90 -11.71 -1.03
CA THR E 138 1.72 -11.21 0.07
C THR E 138 2.11 -12.47 0.85
N ARG E 139 3.09 -12.33 1.75
CA ARG E 139 3.56 -13.44 2.55
C ARG E 139 3.70 -13.00 3.98
N ASP E 140 3.01 -13.69 4.89
CA ASP E 140 3.03 -13.37 6.31
C ASP E 140 4.14 -14.20 6.94
N VAL E 141 5.37 -13.75 6.72
CA VAL E 141 6.53 -14.44 7.29
C VAL E 141 6.50 -14.34 8.80
N SER E 142 5.97 -13.24 9.33
CA SER E 142 5.90 -13.08 10.78
C SER E 142 4.90 -14.05 11.40
N GLY E 143 3.69 -14.10 10.85
CA GLY E 143 2.65 -14.96 11.40
C GLY E 143 2.50 -16.37 10.85
N GLU E 144 2.38 -16.52 9.53
CA GLU E 144 2.17 -17.84 8.96
C GLU E 144 3.47 -18.64 8.86
N GLY E 145 4.56 -17.99 8.44
CA GLY E 145 5.82 -18.68 8.29
C GLY E 145 6.31 -19.37 9.56
N VAL E 146 6.15 -18.69 10.70
CA VAL E 146 6.60 -19.25 11.98
C VAL E 146 5.83 -20.52 12.31
N GLN E 147 4.52 -20.50 12.09
CA GLN E 147 3.70 -21.67 12.38
C GLN E 147 4.12 -22.86 11.52
N GLN E 148 4.29 -22.61 10.22
CA GLN E 148 4.70 -23.66 9.30
C GLN E 148 6.03 -24.29 9.72
N ALA E 149 6.99 -23.45 10.11
CA ALA E 149 8.30 -23.95 10.52
C ALA E 149 8.23 -24.70 11.85
N LEU E 150 7.29 -24.35 12.71
CA LEU E 150 7.18 -25.01 14.01
C LEU E 150 6.52 -26.37 13.95
N LEU E 151 5.75 -26.66 12.89
CA LEU E 151 5.08 -27.95 12.74
C LEU E 151 6.04 -29.12 12.93
N LYS E 152 7.11 -29.14 12.12
CA LYS E 152 8.07 -30.23 12.22
C LYS E 152 8.78 -30.23 13.57
N LEU E 153 8.96 -29.06 14.18
CA LEU E 153 9.66 -28.99 15.46
C LEU E 153 8.87 -29.65 16.58
N ILE E 154 7.55 -29.44 16.62
CA ILE E 154 6.75 -30.03 17.70
C ILE E 154 6.62 -31.53 17.52
N GLU E 155 6.51 -32.00 16.28
CA GLU E 155 6.37 -33.44 16.02
C GLU E 155 7.60 -34.19 16.48
N GLY E 156 8.78 -33.61 16.27
CA GLY E 156 10.06 -34.21 16.63
C GLY E 156 10.90 -34.32 15.38
N THR E 157 12.12 -33.81 15.46
CA THR E 157 13.05 -33.82 14.34
C THR E 157 14.41 -33.39 14.88
N VAL E 158 15.38 -33.27 13.98
CA VAL E 158 16.74 -32.87 14.30
C VAL E 158 17.04 -31.59 13.53
N ALA E 159 17.52 -30.58 14.25
CA ALA E 159 17.86 -29.28 13.68
C ALA E 159 19.31 -28.94 13.98
N ALA E 160 19.97 -28.32 13.00
CA ALA E 160 21.36 -27.93 13.19
C ALA E 160 21.43 -26.80 14.21
N VAL E 161 22.34 -26.93 15.17
CA VAL E 161 22.51 -25.95 16.24
C VAL E 161 24.01 -25.70 16.48
N PRO E 162 24.54 -24.50 16.28
CA PRO E 162 25.97 -24.28 16.55
C PRO E 162 26.29 -24.52 18.01
N PRO E 163 27.22 -25.42 18.34
CA PRO E 163 27.51 -25.67 19.76
C PRO E 163 28.09 -24.44 20.44
N GLN E 164 27.42 -24.00 21.50
CA GLN E 164 27.80 -22.84 22.29
C GLN E 164 27.61 -21.53 21.54
N GLY E 165 26.87 -21.53 20.44
CA GLY E 165 26.62 -20.33 19.66
C GLY E 165 27.66 -20.12 18.58
N GLN E 172 32.66 -23.69 12.50
CA GLN E 172 31.72 -23.94 11.42
C GLN E 172 31.18 -25.37 11.50
N GLU E 173 30.73 -25.76 12.69
CA GLU E 173 30.17 -27.07 12.95
C GLU E 173 28.87 -26.92 13.73
N PHE E 174 27.99 -27.91 13.61
CA PHE E 174 26.70 -27.92 14.28
C PHE E 174 26.48 -29.25 14.98
N LEU E 175 25.57 -29.22 15.95
CA LEU E 175 25.22 -30.40 16.73
C LEU E 175 23.74 -30.74 16.50
N GLN E 176 23.47 -32.03 16.28
CA GLN E 176 22.11 -32.51 16.06
C GLN E 176 21.49 -32.84 17.41
N VAL E 177 20.28 -32.34 17.65
CA VAL E 177 19.56 -32.56 18.89
C VAL E 177 18.12 -32.96 18.57
N ASP E 178 17.73 -34.15 19.00
CA ASP E 178 16.37 -34.61 18.80
C ASP E 178 15.40 -33.68 19.52
N THR E 179 14.15 -33.65 19.05
CA THR E 179 13.12 -32.80 19.62
C THR E 179 11.81 -33.51 19.91
N SER E 180 11.66 -34.79 19.54
CA SER E 180 10.41 -35.49 19.78
C SER E 180 10.07 -35.55 21.27
N LYS E 181 11.08 -35.77 22.12
CA LYS E 181 10.85 -35.84 23.55
C LYS E 181 10.62 -34.47 24.19
N ILE E 182 11.11 -33.40 23.56
CA ILE E 182 10.95 -32.07 24.13
C ILE E 182 9.48 -31.70 24.21
N LEU E 183 9.12 -30.96 25.26
CA LEU E 183 7.77 -30.49 25.50
C LEU E 183 7.68 -29.00 25.18
N PHE E 184 6.49 -28.58 24.76
CA PHE E 184 6.22 -27.18 24.44
C PHE E 184 4.88 -26.78 25.04
N ILE E 185 4.85 -25.59 25.64
CA ILE E 185 3.66 -25.05 26.28
C ILE E 185 3.44 -23.65 25.70
N CYS E 186 2.60 -23.55 24.66
CA CYS E 186 2.30 -22.27 24.04
C CYS E 186 1.16 -21.59 24.77
N GLY E 187 1.30 -20.30 25.00
CA GLY E 187 0.27 -19.54 25.68
C GLY E 187 0.28 -18.08 25.29
N GLY E 188 -0.88 -17.46 25.41
CA GLY E 188 -1.01 -16.04 25.09
C GLY E 188 -2.45 -15.57 25.08
N ALA E 189 -2.66 -14.26 25.23
CA ALA E 189 -3.99 -13.69 25.20
C ALA E 189 -4.48 -13.60 23.76
N PHE E 190 -5.76 -13.88 23.55
CA PHE E 190 -6.37 -13.87 22.22
C PHE E 190 -7.48 -12.82 22.19
N ALA E 191 -7.13 -11.62 21.72
CA ALA E 191 -8.10 -10.54 21.62
C ALA E 191 -9.05 -10.79 20.46
N GLY E 192 -10.35 -10.61 20.70
CA GLY E 192 -11.36 -10.83 19.70
C GLY E 192 -11.79 -12.27 19.53
N LEU E 193 -11.11 -13.21 20.19
CA LEU E 193 -11.48 -14.61 20.08
C LEU E 193 -12.85 -14.87 20.67
N ASP E 194 -13.19 -14.17 21.76
CA ASP E 194 -14.48 -14.32 22.40
C ASP E 194 -15.62 -14.07 21.42
N LYS E 195 -15.47 -13.09 20.53
CA LYS E 195 -16.52 -12.81 19.56
C LYS E 195 -16.58 -13.90 18.51
N VAL E 196 -15.42 -14.44 18.14
CA VAL E 196 -15.38 -15.52 17.14
C VAL E 196 -16.13 -16.74 17.66
N ILE E 197 -15.79 -17.19 18.86
CA ILE E 197 -16.44 -18.38 19.43
C ILE E 197 -17.91 -18.11 19.68
N SER E 198 -18.25 -16.90 20.15
CA SER E 198 -19.65 -16.55 20.39
C SER E 198 -20.47 -16.69 19.13
N HIS E 199 -19.99 -16.08 18.04
CA HIS E 199 -20.65 -16.17 16.74
C HIS E 199 -21.00 -17.61 16.37
N ARG E 200 -19.97 -18.47 16.28
CA ARG E 200 -20.15 -19.84 15.81
C ARG E 200 -21.13 -20.62 16.67
N VAL E 201 -21.02 -20.52 17.99
CA VAL E 201 -21.93 -21.29 18.83
C VAL E 201 -23.34 -20.72 18.78
N GLU E 202 -23.48 -19.42 18.45
CA GLU E 202 -24.77 -18.76 18.36
C GLU E 202 -25.15 -18.28 16.96
N THR E 203 -24.37 -18.64 15.93
CA THR E 203 -24.61 -18.20 14.55
C THR E 203 -25.92 -18.75 13.97
N GLY E 204 -26.30 -19.97 14.35
CA GLY E 204 -27.37 -20.70 13.69
C GLY E 204 -28.82 -20.31 13.83
N SER E 205 -29.16 -19.14 13.30
CA SER E 205 -30.53 -18.64 13.28
C SER E 205 -30.63 -17.53 12.24
N GLY E 206 -31.76 -17.49 11.55
CA GLY E 206 -32.00 -16.52 10.50
C GLY E 206 -32.63 -15.23 10.98
N ILE E 207 -32.97 -14.38 10.01
CA ILE E 207 -33.61 -13.10 10.26
C ILE E 207 -35.08 -13.08 9.83
N GLY E 208 -35.50 -13.97 8.93
CA GLY E 208 -36.85 -13.97 8.44
C GLY E 208 -37.89 -14.45 9.44
N PHE E 209 -39.15 -14.34 9.03
CA PHE E 209 -40.27 -14.75 9.87
C PHE E 209 -40.24 -16.25 10.13
N GLY E 210 -40.13 -17.05 9.06
CA GLY E 210 -40.13 -18.49 9.23
C GLY E 210 -38.91 -19.00 9.99
N ALA E 211 -37.77 -18.37 9.80
CA ALA E 211 -36.55 -18.79 10.48
C ALA E 211 -36.68 -18.59 11.99
N THR E 212 -36.31 -19.62 12.75
CA THR E 212 -36.37 -19.54 14.20
C THR E 212 -35.26 -18.63 14.72
N VAL E 213 -35.46 -18.10 15.92
CA VAL E 213 -34.52 -17.20 16.57
C VAL E 213 -34.00 -17.82 17.85
N LYS E 214 -32.68 -17.89 17.98
CA LYS E 214 -32.03 -18.42 19.17
C LYS E 214 -32.10 -17.40 20.30
N ALA E 215 -31.85 -17.87 21.51
CA ALA E 215 -31.89 -17.05 22.73
C ALA E 215 -30.49 -16.71 23.22
N LYS E 216 -29.57 -16.46 22.29
CA LYS E 216 -28.19 -16.15 22.61
C LYS E 216 -28.08 -14.83 23.38
N SER E 217 -26.86 -14.58 23.88
CA SER E 217 -26.49 -13.38 24.62
C SER E 217 -27.08 -13.34 26.03
N ASP E 218 -27.42 -14.50 26.60
CA ASP E 218 -28.00 -14.50 27.95
C ASP E 218 -26.98 -14.02 28.99
N LYS E 219 -25.74 -14.49 28.89
CA LYS E 219 -24.67 -14.11 29.80
C LYS E 219 -23.40 -13.82 29.01
N ALA E 220 -22.47 -13.10 29.65
CA ALA E 220 -21.19 -12.83 29.00
C ALA E 220 -20.40 -14.12 28.84
N SER E 221 -20.37 -14.94 29.88
CA SER E 221 -19.69 -16.24 29.86
C SER E 221 -18.22 -16.14 29.44
N GLU E 222 -17.56 -15.04 29.83
CA GLU E 222 -16.16 -14.85 29.45
C GLU E 222 -15.30 -16.01 29.91
N GLY E 223 -15.42 -16.39 31.18
CA GLY E 223 -14.64 -17.50 31.69
C GLY E 223 -15.10 -18.84 31.14
N GLU E 224 -16.40 -18.97 30.84
CA GLU E 224 -16.96 -20.21 30.33
C GLU E 224 -17.00 -20.30 28.80
N LEU E 225 -16.86 -19.18 28.09
CA LEU E 225 -16.90 -19.25 26.63
C LEU E 225 -15.59 -19.80 26.08
N LEU E 226 -14.47 -19.39 26.67
CA LEU E 226 -13.17 -19.90 26.21
C LEU E 226 -13.07 -21.40 26.47
N ALA E 227 -13.79 -21.91 27.47
CA ALA E 227 -13.77 -23.33 27.78
C ALA E 227 -14.40 -24.14 26.66
N GLN E 228 -15.35 -23.55 25.92
CA GLN E 228 -16.02 -24.22 24.83
C GLN E 228 -15.29 -24.04 23.50
N VAL E 229 -14.00 -23.70 23.55
CA VAL E 229 -13.21 -23.52 22.34
C VAL E 229 -13.01 -24.85 21.63
N GLU E 230 -12.91 -24.79 20.30
CA GLU E 230 -12.68 -25.96 19.46
C GLU E 230 -11.64 -25.59 18.40
N PRO E 231 -11.07 -26.56 17.69
CA PRO E 231 -10.05 -26.21 16.69
C PRO E 231 -10.59 -25.38 15.53
N GLU E 232 -11.79 -25.69 15.03
CA GLU E 232 -12.34 -24.93 13.91
C GLU E 232 -12.53 -23.46 14.24
N ASP E 233 -12.81 -23.12 15.51
CA ASP E 233 -12.97 -21.71 15.85
C ASP E 233 -11.67 -20.95 15.66
N LEU E 234 -10.53 -21.62 15.88
CA LEU E 234 -9.24 -20.96 15.74
C LEU E 234 -8.87 -20.76 14.27
N ILE E 235 -9.44 -21.54 13.36
CA ILE E 235 -9.12 -21.38 11.95
C ILE E 235 -9.60 -20.02 11.47
N LYS E 236 -10.80 -19.62 11.90
CA LYS E 236 -11.29 -18.30 11.53
C LYS E 236 -10.42 -17.21 12.16
N PHE E 237 -9.91 -17.47 13.36
CA PHE E 237 -9.06 -16.50 14.03
C PHE E 237 -7.78 -16.26 13.26
N GLY E 238 -7.23 -17.32 12.65
CA GLY E 238 -5.99 -17.20 11.89
C GLY E 238 -5.07 -18.41 12.04
N LEU E 239 -5.28 -19.23 13.06
CA LEU E 239 -4.42 -20.38 13.23
C LEU E 239 -4.65 -21.40 12.12
N ILE E 240 -3.64 -22.23 11.89
CA ILE E 240 -3.67 -23.26 10.85
C ILE E 240 -4.17 -24.55 11.48
N PRO E 241 -4.91 -25.42 10.78
CA PRO E 241 -5.35 -26.66 11.43
C PRO E 241 -4.21 -27.57 11.83
N GLU E 242 -3.13 -27.59 11.04
CA GLU E 242 -1.99 -28.44 11.37
C GLU E 242 -1.35 -28.04 12.70
N PHE E 243 -1.23 -26.73 12.93
CA PHE E 243 -0.61 -26.26 14.17
C PHE E 243 -1.46 -26.64 15.37
N ILE E 244 -2.79 -26.60 15.24
CA ILE E 244 -3.66 -26.94 16.34
C ILE E 244 -3.57 -28.43 16.64
N GLY E 245 -3.36 -29.25 15.62
CA GLY E 245 -3.24 -30.68 15.85
C GLY E 245 -2.05 -31.03 16.71
N ARG E 246 -0.98 -30.23 16.63
CA ARG E 246 0.20 -30.47 17.44
C ARG E 246 -0.04 -30.16 18.91
N LEU E 247 -1.09 -29.39 19.23
CA LEU E 247 -1.44 -29.00 20.59
C LEU E 247 -2.85 -29.51 20.87
N PRO E 248 -2.99 -30.79 21.23
CA PRO E 248 -4.35 -31.30 21.50
C PRO E 248 -4.95 -30.76 22.78
N VAL E 249 -4.15 -30.67 23.86
CA VAL E 249 -4.69 -30.21 25.13
C VAL E 249 -4.90 -28.70 25.08
N VAL E 250 -5.93 -28.25 25.80
CA VAL E 250 -6.30 -26.84 25.88
C VAL E 250 -6.57 -26.51 27.34
N ALA E 251 -6.30 -25.26 27.70
CA ALA E 251 -6.51 -24.78 29.06
C ALA E 251 -7.16 -23.40 28.99
N THR E 252 -8.19 -23.21 29.81
CA THR E 252 -8.95 -21.97 29.87
C THR E 252 -8.77 -21.33 31.24
N LEU E 253 -8.18 -20.13 31.26
CA LEU E 253 -7.95 -19.39 32.49
C LEU E 253 -8.87 -18.18 32.48
N ASN E 254 -9.74 -18.08 33.49
CA ASN E 254 -10.67 -16.98 33.57
C ASN E 254 -9.99 -15.73 34.14
N GLU E 255 -10.67 -14.61 34.00
CA GLU E 255 -10.16 -13.34 34.50
C GLU E 255 -10.18 -13.34 36.03
N LEU E 256 -9.33 -12.51 36.62
CA LEU E 256 -9.26 -12.41 38.06
C LEU E 256 -10.58 -11.89 38.62
N SER E 257 -10.99 -12.45 39.75
CA SER E 257 -12.24 -12.05 40.38
C SER E 257 -12.09 -10.70 41.08
N GLU E 258 -13.23 -10.17 41.53
CA GLU E 258 -13.23 -8.89 42.23
C GLU E 258 -12.41 -8.97 43.50
N GLU E 259 -12.49 -10.10 44.22
CA GLU E 259 -11.76 -10.33 45.45
C GLU E 259 -10.48 -11.13 45.25
N ALA E 260 -10.14 -11.47 43.99
CA ALA E 260 -8.92 -12.23 43.74
C ALA E 260 -7.69 -11.42 44.11
N LEU E 261 -7.72 -10.10 43.84
CA LEU E 261 -6.59 -9.25 44.18
C LEU E 261 -6.35 -9.25 45.69
N ILE E 262 -7.43 -9.26 46.47
CA ILE E 262 -7.30 -9.28 47.93
C ILE E 262 -6.56 -10.54 48.37
N GLN E 263 -6.93 -11.69 47.80
CA GLN E 263 -6.28 -12.94 48.17
C GLN E 263 -4.83 -12.95 47.72
N ILE E 264 -4.55 -12.45 46.52
CA ILE E 264 -3.19 -12.43 45.99
C ILE E 264 -2.30 -11.53 46.81
N LEU E 265 -2.87 -10.52 47.46
CA LEU E 265 -2.08 -9.63 48.29
C LEU E 265 -1.60 -10.29 49.57
N LYS E 266 -2.40 -11.18 50.15
CA LYS E 266 -2.10 -11.82 51.43
C LYS E 266 -1.65 -13.28 51.35
N GLU E 267 -2.40 -14.14 50.66
CA GLU E 267 -2.09 -15.56 50.66
C GLU E 267 -0.72 -15.93 50.06
N PRO E 268 -0.32 -15.43 48.89
CA PRO E 268 0.98 -15.84 48.35
C PRO E 268 2.15 -15.38 49.19
N LYS E 269 3.18 -16.22 49.23
CA LYS E 269 4.40 -15.88 49.95
C LYS E 269 5.19 -14.80 49.25
N ASN E 270 4.99 -14.64 47.94
CA ASN E 270 5.68 -13.64 47.13
C ASN E 270 4.85 -12.37 46.91
N ALA E 271 3.77 -12.19 47.66
CA ALA E 271 2.93 -11.02 47.49
C ALA E 271 3.68 -9.76 47.89
N LEU E 272 3.23 -8.63 47.34
CA LEU E 272 3.86 -7.35 47.63
C LEU E 272 3.80 -7.01 49.11
N THR E 273 2.70 -7.37 49.78
CA THR E 273 2.56 -7.08 51.20
C THR E 273 3.70 -7.71 51.99
N LYS E 274 3.98 -8.98 51.73
CA LYS E 274 5.08 -9.65 52.42
C LYS E 274 6.42 -9.07 51.98
N GLN E 275 6.55 -8.78 50.68
CA GLN E 275 7.79 -8.21 50.17
C GLN E 275 8.08 -6.85 50.81
N TYR E 276 7.05 -6.00 50.89
CA TYR E 276 7.24 -4.70 51.51
C TYR E 276 7.54 -4.85 53.00
N GLN E 277 6.91 -5.83 53.65
CA GLN E 277 7.17 -6.07 55.07
C GLN E 277 8.63 -6.41 55.29
N ALA E 278 9.23 -7.18 54.37
CA ALA E 278 10.65 -7.53 54.49
C ALA E 278 11.51 -6.28 54.48
N LEU E 279 11.21 -5.33 53.60
CA LEU E 279 11.96 -4.09 53.56
C LEU E 279 11.81 -3.32 54.87
N PHE E 280 10.58 -3.26 55.38
CA PHE E 280 10.33 -2.59 56.65
C PHE E 280 10.88 -3.40 57.82
N ASN E 281 10.83 -4.73 57.74
CA ASN E 281 11.26 -5.58 58.84
C ASN E 281 12.77 -5.48 59.11
N LEU E 282 13.59 -5.41 58.05
CA LEU E 282 15.04 -5.35 58.26
C LEU E 282 15.43 -4.09 59.02
N GLU E 283 14.65 -3.02 58.86
CA GLU E 283 14.89 -1.78 59.59
C GLU E 283 14.38 -1.84 61.02
N GLY E 284 13.65 -2.89 61.39
CA GLY E 284 13.09 -3.04 62.71
C GLY E 284 11.71 -2.47 62.89
N VAL E 285 11.05 -2.06 61.82
CA VAL E 285 9.70 -1.50 61.86
C VAL E 285 8.72 -2.49 61.26
N ASP E 286 7.70 -2.84 62.03
CA ASP E 286 6.66 -3.76 61.55
C ASP E 286 5.74 -3.02 60.58
N LEU E 287 5.24 -3.75 59.59
CA LEU E 287 4.35 -3.22 58.57
C LEU E 287 3.05 -4.01 58.57
N GLU E 288 1.93 -3.30 58.69
CA GLU E 288 0.60 -3.91 58.71
C GLU E 288 -0.34 -3.19 57.76
N PHE E 289 -1.08 -3.97 56.98
CA PHE E 289 -2.07 -3.45 56.03
C PHE E 289 -3.44 -3.91 56.48
N ARG E 290 -4.35 -2.96 56.71
CA ARG E 290 -5.69 -3.28 57.14
C ARG E 290 -6.57 -3.67 55.96
N ASP E 291 -7.71 -4.28 56.29
CA ASP E 291 -8.64 -4.72 55.26
C ASP E 291 -9.19 -3.54 54.47
N GLU E 292 -9.47 -2.43 55.16
CA GLU E 292 -10.00 -1.25 54.49
C GLU E 292 -9.05 -0.74 53.42
N ALA E 293 -7.75 -0.72 53.73
CA ALA E 293 -6.75 -0.25 52.78
C ALA E 293 -6.64 -1.18 51.57
N LEU E 294 -6.61 -2.50 51.81
CA LEU E 294 -6.43 -3.45 50.72
C LEU E 294 -7.61 -3.47 49.75
N ASP E 295 -8.84 -3.46 50.27
CA ASP E 295 -10.00 -3.50 49.37
C ASP E 295 -10.06 -2.27 48.49
N ALA E 296 -9.68 -1.11 49.03
CA ALA E 296 -9.66 0.12 48.25
C ALA E 296 -8.72 0.00 47.06
N ILE E 297 -7.55 -0.62 47.28
CA ILE E 297 -6.58 -0.79 46.20
C ILE E 297 -7.15 -1.68 45.11
N ALA E 298 -7.86 -2.74 45.51
CA ALA E 298 -8.45 -3.66 44.53
C ALA E 298 -9.46 -2.95 43.64
N LYS E 299 -10.29 -2.10 44.23
CA LYS E 299 -11.28 -1.37 43.44
C LYS E 299 -10.61 -0.42 42.46
N LYS E 300 -9.55 0.26 42.91
CA LYS E 300 -8.82 1.17 42.04
C LYS E 300 -8.15 0.43 40.89
N ALA E 301 -7.58 -0.74 41.18
CA ALA E 301 -6.90 -1.52 40.14
C ALA E 301 -7.87 -1.95 39.06
N MET E 302 -9.04 -2.47 39.46
CA MET E 302 -10.02 -2.89 38.46
C MET E 302 -10.64 -1.71 37.76
N ALA E 303 -10.87 -0.61 38.47
CA ALA E 303 -11.44 0.59 37.85
C ALA E 303 -10.52 1.12 36.76
N ARG E 304 -9.21 1.07 37.00
CA ARG E 304 -8.25 1.51 36.00
C ARG E 304 -8.12 0.51 34.86
N LYS E 305 -8.49 -0.75 35.10
CA LYS E 305 -8.41 -1.85 34.14
C LYS E 305 -6.98 -2.20 33.75
N THR E 306 -5.99 -1.72 34.51
CA THR E 306 -4.61 -2.06 34.21
C THR E 306 -4.35 -3.53 34.48
N GLY E 307 -4.92 -4.06 35.56
CA GLY E 307 -4.78 -5.44 35.96
C GLY E 307 -3.84 -5.60 37.13
N ALA E 308 -3.52 -6.85 37.43
CA ALA E 308 -2.62 -7.16 38.53
C ALA E 308 -1.23 -6.59 38.30
N ARG E 309 -0.82 -6.48 37.04
CA ARG E 309 0.50 -5.94 36.73
C ARG E 309 0.64 -4.50 37.22
N GLY E 310 -0.42 -3.71 37.08
CA GLY E 310 -0.42 -2.33 37.52
C GLY E 310 -0.59 -2.13 39.02
N LEU E 311 -0.85 -3.21 39.75
CA LEU E 311 -1.06 -3.13 41.20
C LEU E 311 0.12 -2.51 41.93
N ARG E 312 1.35 -2.75 41.45
CA ARG E 312 2.53 -2.20 42.09
C ARG E 312 2.49 -0.68 42.15
N SER E 313 1.99 -0.04 41.10
CA SER E 313 1.96 1.43 41.04
C SER E 313 1.16 2.03 42.19
N ILE E 314 0.00 1.43 42.50
CA ILE E 314 -0.85 1.98 43.57
C ILE E 314 -0.11 1.91 44.90
N VAL E 315 0.51 0.78 45.20
CA VAL E 315 1.23 0.63 46.47
C VAL E 315 2.44 1.54 46.51
N GLU E 316 3.17 1.66 45.40
CA GLU E 316 4.35 2.51 45.38
C GLU E 316 4.01 3.97 45.62
N ALA E 317 2.96 4.47 44.95
CA ALA E 317 2.57 5.87 45.09
C ALA E 317 2.05 6.17 46.49
N ALA E 318 1.31 5.23 47.08
CA ALA E 318 0.77 5.44 48.43
C ALA E 318 1.88 5.63 49.44
N LEU E 319 2.95 4.84 49.32
CA LEU E 319 4.08 4.89 50.21
C LEU E 319 5.25 5.69 49.63
N LEU E 320 5.06 6.33 48.47
CA LEU E 320 6.15 7.08 47.85
C LEU E 320 6.62 8.22 48.74
N ASP E 321 5.69 9.04 49.24
CA ASP E 321 6.09 10.15 50.10
C ASP E 321 6.51 9.67 51.48
N THR E 322 5.80 8.70 52.05
CA THR E 322 6.11 8.24 53.39
C THR E 322 7.47 7.57 53.49
N MET E 323 7.84 6.74 52.51
CA MET E 323 9.10 6.00 52.56
C MET E 323 10.34 6.89 52.57
N TYR E 324 10.21 8.15 52.16
CA TYR E 324 11.36 9.06 52.10
C TYR E 324 12.08 9.21 53.45
N ASP E 325 11.33 9.30 54.55
CA ASP E 325 11.91 9.57 55.86
C ASP E 325 11.90 8.42 56.86
N LEU E 326 11.43 7.23 56.49
CA LEU E 326 11.44 6.12 57.44
C LEU E 326 12.84 5.73 57.92
N PRO E 327 13.87 5.64 57.08
CA PRO E 327 15.19 5.29 57.63
C PRO E 327 15.72 6.33 58.59
N SER E 328 15.55 7.61 58.27
CA SER E 328 16.02 8.67 59.18
C SER E 328 15.24 8.65 60.48
N MET E 329 13.93 8.41 60.41
CA MET E 329 13.10 8.38 61.60
C MET E 329 13.49 7.23 62.52
N GLU E 330 13.39 7.47 63.82
CA GLU E 330 13.72 6.50 64.86
C GLU E 330 12.57 6.43 65.86
N ASP E 331 12.61 5.41 66.71
CA ASP E 331 11.61 5.19 67.74
C ASP E 331 10.24 4.92 67.13
N VAL E 332 10.21 4.18 66.01
CA VAL E 332 8.98 3.81 65.32
C VAL E 332 9.02 2.30 65.16
N GLU E 333 8.40 1.59 66.10
CA GLU E 333 8.38 0.13 66.06
C GLU E 333 7.38 -0.41 65.04
N LYS E 334 6.20 0.22 64.93
CA LYS E 334 5.17 -0.22 64.01
C LYS E 334 4.60 0.94 63.22
N VAL E 335 4.09 0.63 62.02
CA VAL E 335 3.45 1.59 61.13
C VAL E 335 2.14 0.98 60.69
N VAL E 336 1.08 1.79 60.66
CA VAL E 336 -0.25 1.35 60.28
C VAL E 336 -0.68 2.05 59.00
N ILE E 337 -1.25 1.26 58.08
CA ILE E 337 -1.74 1.76 56.81
C ILE E 337 -3.26 1.83 56.90
N ASP E 338 -3.83 2.95 56.45
CA ASP E 338 -5.26 3.19 56.49
C ASP E 338 -5.79 3.47 55.09
N GLU E 339 -7.11 3.35 54.94
CA GLU E 339 -7.74 3.61 53.66
C GLU E 339 -7.48 5.03 53.18
N SER E 340 -7.49 6.00 54.10
CA SER E 340 -7.21 7.38 53.74
C SER E 340 -5.82 7.52 53.14
N VAL E 341 -4.87 6.69 53.58
CA VAL E 341 -3.50 6.77 53.06
C VAL E 341 -3.49 6.40 51.59
N ILE E 342 -4.22 5.35 51.21
CA ILE E 342 -4.27 4.95 49.80
C ILE E 342 -4.93 6.04 48.98
N ASP E 343 -6.02 6.62 49.52
CA ASP E 343 -6.70 7.71 48.83
C ASP E 343 -5.84 8.96 48.77
N GLY E 344 -4.95 9.13 49.74
CA GLY E 344 -4.10 10.31 49.82
C GLY E 344 -4.67 11.42 50.67
N GLN E 345 -5.81 11.20 51.33
CA GLN E 345 -6.42 12.24 52.15
C GLN E 345 -5.55 12.58 53.35
N SER E 346 -4.97 11.56 54.00
CA SER E 346 -4.15 11.76 55.18
C SER E 346 -2.93 10.84 55.12
N GLU E 347 -1.91 11.21 55.87
CA GLU E 347 -0.67 10.46 55.96
C GLU E 347 -0.83 9.28 56.93
N PRO E 348 -0.01 8.24 56.81
CA PRO E 348 -0.14 7.11 57.73
C PRO E 348 0.36 7.47 59.12
N LEU E 349 -0.31 6.91 60.13
CA LEU E 349 0.06 7.17 61.52
C LEU E 349 1.29 6.35 61.90
N LEU E 350 2.14 6.94 62.73
CA LEU E 350 3.35 6.31 63.22
C LEU E 350 3.17 5.86 64.66
N ILE E 351 3.52 4.62 64.94
CA ILE E 351 3.42 4.04 66.28
C ILE E 351 4.80 4.05 66.90
N TYR E 352 4.91 4.58 68.11
CA TYR E 352 6.17 4.66 68.83
C TYR E 352 6.23 3.58 69.91
N LEU F 3 24.48 2.26 51.81
CA LEU F 3 25.08 3.19 52.84
C LEU F 3 24.39 4.57 52.89
N PRO F 4 24.15 5.23 51.74
CA PRO F 4 23.49 6.54 51.80
C PRO F 4 22.06 6.45 52.29
N THR F 5 21.41 7.60 52.43
CA THR F 5 20.03 7.70 52.89
C THR F 5 19.24 8.57 51.92
N PRO F 6 17.90 8.54 52.00
CA PRO F 6 17.12 9.39 51.08
C PRO F 6 17.37 10.87 51.29
N HIS F 7 17.65 11.29 52.53
CA HIS F 7 17.91 12.70 52.79
C HIS F 7 19.28 13.10 52.25
N GLU F 8 20.28 12.22 52.38
CA GLU F 8 21.62 12.55 51.92
C GLU F 8 21.69 12.54 50.39
N ILE F 9 21.05 11.55 49.76
CA ILE F 9 21.06 11.49 48.29
C ILE F 9 20.33 12.68 47.71
N ARG F 10 19.26 13.12 48.37
CA ARG F 10 18.52 14.29 47.90
C ARG F 10 19.40 15.52 47.87
N ASN F 11 20.21 15.71 48.92
CA ASN F 11 21.13 16.85 48.95
C ASN F 11 22.13 16.75 47.81
N HIS F 12 22.70 15.55 47.62
CA HIS F 12 23.64 15.35 46.53
C HIS F 12 22.97 15.56 45.19
N LEU F 13 21.75 15.07 45.03
CA LEU F 13 21.01 15.27 43.78
C LEU F 13 20.75 16.75 43.52
N ASP F 14 20.43 17.50 44.58
CA ASP F 14 20.16 18.92 44.44
C ASP F 14 21.41 19.71 44.04
N ASP F 15 22.59 19.21 44.43
CA ASP F 15 23.83 19.90 44.11
C ASP F 15 24.03 20.06 42.61
N TYR F 16 23.64 19.05 41.82
CA TYR F 16 23.82 19.06 40.38
C TYR F 16 22.53 19.18 39.58
N VAL F 17 21.37 19.03 40.22
CA VAL F 17 20.08 19.12 39.56
C VAL F 17 19.19 20.08 40.33
N ILE F 18 18.33 20.79 39.60
CA ILE F 18 17.41 21.76 40.18
C ILE F 18 16.12 21.77 39.36
N GLY F 19 15.09 22.37 39.94
CA GLY F 19 13.78 22.49 39.31
C GLY F 19 12.97 21.22 39.23
N GLN F 20 13.44 20.12 39.82
CA GLN F 20 12.72 18.85 39.83
C GLN F 20 12.78 18.31 41.26
N GLU F 21 11.79 18.67 42.08
CA GLU F 21 11.75 18.22 43.46
C GLU F 21 11.07 16.87 43.62
N GLN F 22 9.92 16.69 42.95
CA GLN F 22 9.21 15.40 43.06
C GLN F 22 10.03 14.27 42.47
N ALA F 23 10.78 14.53 41.41
CA ALA F 23 11.59 13.50 40.78
C ALA F 23 12.68 12.98 41.70
N LYS F 24 13.19 13.84 42.60
CA LYS F 24 14.25 13.41 43.50
C LYS F 24 13.77 12.37 44.49
N LYS F 25 12.58 12.58 45.08
CA LYS F 25 12.06 11.62 46.05
C LYS F 25 11.77 10.28 45.41
N VAL F 26 11.36 10.27 44.14
CA VAL F 26 11.04 9.01 43.47
C VAL F 26 12.29 8.16 43.31
N LEU F 27 13.36 8.77 42.79
CA LEU F 27 14.60 8.04 42.56
C LEU F 27 15.27 7.62 43.87
N ALA F 28 15.20 8.46 44.90
CA ALA F 28 15.86 8.16 46.16
C ALA F 28 15.33 6.88 46.79
N VAL F 29 14.00 6.76 46.91
CA VAL F 29 13.42 5.56 47.51
C VAL F 29 13.59 4.35 46.59
N ALA F 30 13.40 4.55 45.28
CA ALA F 30 13.51 3.45 44.34
C ALA F 30 14.94 2.91 44.31
N VAL F 31 15.92 3.81 44.24
CA VAL F 31 17.32 3.37 44.20
C VAL F 31 17.72 2.78 45.54
N TYR F 32 17.34 3.43 46.65
CA TYR F 32 17.68 2.90 47.96
C TYR F 32 17.04 1.54 48.20
N ASN F 33 15.76 1.40 47.85
CA ASN F 33 15.09 0.12 48.04
C ASN F 33 15.68 -0.94 47.12
N HIS F 34 15.79 -0.62 45.83
CA HIS F 34 16.36 -1.55 44.86
C HIS F 34 17.73 -2.05 45.30
N TYR F 35 18.63 -1.12 45.64
CA TYR F 35 19.96 -1.52 46.09
C TYR F 35 19.90 -2.29 47.40
N LYS F 36 18.92 -1.98 48.24
CA LYS F 36 18.75 -2.72 49.49
C LYS F 36 18.49 -4.20 49.22
N ARG F 37 17.74 -4.50 48.16
CA ARG F 37 17.47 -5.89 47.81
C ARG F 37 18.75 -6.68 47.55
N LEU F 38 19.72 -6.02 46.91
CA LEU F 38 21.00 -6.68 46.61
C LEU F 38 21.71 -7.10 47.89
N ARG F 39 21.58 -6.31 48.95
CA ARG F 39 22.25 -6.61 50.20
C ARG F 39 21.57 -7.77 50.93
N ASN F 40 20.26 -7.66 51.15
CA ASN F 40 19.54 -8.71 51.87
C ASN F 40 19.50 -10.01 51.07
N GLY F 41 19.31 -9.92 49.76
CA GLY F 41 19.23 -11.12 48.94
C GLY F 41 17.99 -11.92 49.31
N ASP F 42 18.17 -13.23 49.52
CA ASP F 42 17.08 -14.13 49.86
C ASP F 42 17.10 -14.57 51.32
N THR F 43 17.91 -13.93 52.17
CA THR F 43 17.95 -14.31 53.58
C THR F 43 16.61 -14.05 54.25
N SER F 44 15.88 -13.02 53.81
CA SER F 44 14.60 -12.69 54.39
C SER F 44 13.52 -13.67 53.95
N ASN F 45 12.43 -13.68 54.71
CA ASN F 45 11.31 -14.58 54.42
C ASN F 45 10.67 -14.25 53.07
N GLY F 46 10.65 -12.97 52.70
CA GLY F 46 10.05 -12.54 51.46
C GLY F 46 10.97 -12.71 50.27
N VAL F 47 11.17 -13.97 49.85
CA VAL F 47 12.06 -14.25 48.75
C VAL F 47 11.38 -13.89 47.43
N GLU F 48 12.20 -13.70 46.39
CA GLU F 48 11.73 -13.29 45.05
C GLU F 48 11.22 -11.86 45.07
N LEU F 49 11.92 -11.00 45.80
CA LEU F 49 11.62 -9.60 45.98
C LEU F 49 12.36 -8.74 44.96
N GLY F 50 11.91 -7.49 44.81
CA GLY F 50 12.56 -6.54 43.92
C GLY F 50 12.01 -6.42 42.52
N LYS F 51 12.89 -6.04 41.60
CA LYS F 51 12.54 -5.88 40.18
C LYS F 51 11.45 -4.82 39.95
N SER F 52 11.67 -3.63 40.50
CA SER F 52 10.76 -2.50 40.33
C SER F 52 11.37 -1.54 39.31
N ASN F 53 10.68 -1.37 38.18
CA ASN F 53 11.15 -0.49 37.11
C ASN F 53 10.76 0.96 37.37
N ILE F 54 11.48 1.87 36.72
CA ILE F 54 11.27 3.31 36.83
C ILE F 54 10.96 3.87 35.44
N LEU F 55 9.92 4.69 35.34
CA LEU F 55 9.51 5.33 34.10
C LEU F 55 9.57 6.84 34.26
N LEU F 56 10.17 7.52 33.28
CA LEU F 56 10.30 8.98 33.28
C LEU F 56 9.65 9.56 32.03
N ILE F 57 8.73 10.51 32.22
CA ILE F 57 8.06 11.20 31.13
C ILE F 57 8.21 12.70 31.38
N GLY F 58 8.88 13.40 30.48
CA GLY F 58 9.07 14.82 30.60
C GLY F 58 9.47 15.48 29.30
N PRO F 59 9.44 16.81 29.25
CA PRO F 59 9.84 17.52 28.03
C PRO F 59 11.34 17.40 27.80
N THR F 60 11.74 17.54 26.55
CA THR F 60 13.14 17.44 26.19
C THR F 60 13.95 18.55 26.84
N GLY F 61 15.17 18.21 27.27
CA GLY F 61 16.05 19.16 27.91
C GLY F 61 15.83 19.34 29.40
N SER F 62 15.09 18.43 30.04
CA SER F 62 14.81 18.52 31.47
C SER F 62 15.88 17.86 32.34
N GLY F 63 16.91 17.26 31.73
CA GLY F 63 17.94 16.61 32.52
C GLY F 63 17.62 15.18 32.90
N LYS F 64 16.71 14.53 32.18
CA LYS F 64 16.36 13.14 32.48
C LYS F 64 17.59 12.26 32.38
N THR F 65 18.38 12.44 31.33
CA THR F 65 19.61 11.68 31.17
C THR F 65 20.64 12.08 32.21
N LEU F 66 20.71 13.39 32.51
CA LEU F 66 21.66 13.89 33.49
C LEU F 66 21.42 13.28 34.86
N LEU F 67 20.15 13.02 35.21
CA LEU F 67 19.85 12.43 36.51
C LEU F 67 20.53 11.08 36.68
N ALA F 68 20.47 10.24 35.65
CA ALA F 68 21.10 8.92 35.72
C ALA F 68 22.61 9.04 35.77
N GLU F 69 23.19 9.88 34.90
CA GLU F 69 24.65 10.03 34.87
C GLU F 69 25.15 10.64 36.18
N THR F 70 24.47 11.66 36.69
CA THR F 70 24.89 12.27 37.94
C THR F 70 24.76 11.27 39.10
N LEU F 71 23.68 10.49 39.10
CA LEU F 71 23.48 9.50 40.14
C LEU F 71 24.55 8.42 40.06
N ALA F 72 24.92 8.02 38.84
CA ALA F 72 25.95 7.00 38.67
C ALA F 72 27.29 7.46 39.23
N ARG F 73 27.59 8.76 39.10
CA ARG F 73 28.83 9.30 39.62
C ARG F 73 28.79 9.42 41.14
N LEU F 74 27.66 9.87 41.68
CA LEU F 74 27.51 10.00 43.13
C LEU F 74 27.69 8.67 43.83
N LEU F 75 27.07 7.61 43.31
CA LEU F 75 27.15 6.28 43.92
C LEU F 75 28.26 5.42 43.34
N ASP F 76 28.97 5.89 42.30
CA ASP F 76 30.08 5.14 41.71
C ASP F 76 29.65 3.76 41.22
N VAL F 77 28.50 3.69 40.56
CA VAL F 77 27.94 2.45 40.03
C VAL F 77 27.97 2.54 38.49
N PRO F 78 28.36 1.48 37.78
CA PRO F 78 28.41 1.58 36.31
C PRO F 78 27.03 1.83 35.72
N PHE F 79 26.99 2.74 34.74
CA PHE F 79 25.77 3.10 34.06
C PHE F 79 26.02 3.21 32.58
N THR F 80 25.04 2.77 31.78
CA THR F 80 25.07 2.87 30.34
C THR F 80 23.84 3.62 29.87
N MET F 81 23.94 4.21 28.68
CA MET F 81 22.88 5.01 28.09
C MET F 81 22.56 4.42 26.71
N ALA F 82 21.61 3.48 26.68
CA ALA F 82 21.19 2.85 25.45
C ALA F 82 19.91 3.51 24.93
N ASP F 83 19.56 3.21 23.68
CA ASP F 83 18.37 3.76 23.02
C ASP F 83 17.54 2.66 22.41
N ALA F 84 16.24 2.93 22.29
CA ALA F 84 15.29 2.01 21.67
C ALA F 84 14.86 2.43 20.27
N THR F 85 15.24 3.62 19.83
CA THR F 85 14.89 4.08 18.49
C THR F 85 15.59 3.27 17.42
N THR F 86 16.82 2.83 17.69
CA THR F 86 17.58 2.06 16.71
C THR F 86 16.93 0.71 16.44
N LEU F 87 16.42 0.05 17.49
CA LEU F 87 15.80 -1.26 17.35
C LEU F 87 14.66 -1.22 16.33
N THR F 88 14.53 -2.30 15.57
CA THR F 88 13.51 -2.42 14.54
C THR F 88 12.31 -3.22 15.07
N ASP F 96 20.13 -4.54 18.17
CA ASP F 96 19.27 -5.63 18.60
C ASP F 96 19.22 -5.67 20.13
N VAL F 97 18.39 -6.55 20.68
CA VAL F 97 18.28 -6.66 22.13
C VAL F 97 19.61 -7.03 22.75
N GLU F 98 20.36 -7.93 22.09
CA GLU F 98 21.67 -8.35 22.60
C GLU F 98 22.62 -7.16 22.72
N ASN F 99 22.50 -6.17 21.83
CA ASN F 99 23.38 -5.01 21.86
C ASN F 99 23.27 -4.28 23.20
N ILE F 100 22.05 -4.18 23.74
CA ILE F 100 21.85 -3.49 25.00
C ILE F 100 22.61 -4.16 26.14
N ILE F 101 22.55 -5.49 26.21
CA ILE F 101 23.20 -6.20 27.31
C ILE F 101 24.72 -6.07 27.21
N GLN F 102 25.29 -6.31 26.04
CA GLN F 102 26.73 -6.22 25.89
C GLN F 102 27.24 -4.81 26.11
N LYS F 103 26.46 -3.81 25.70
CA LYS F 103 26.81 -2.40 25.88
C LYS F 103 27.30 -2.11 27.29
N LEU F 104 26.48 -2.46 28.29
CA LEU F 104 26.86 -2.26 29.69
C LEU F 104 28.19 -2.92 30.01
N LEU F 105 28.39 -4.14 29.51
CA LEU F 105 29.63 -4.86 29.78
C LEU F 105 30.85 -4.14 29.21
N GLN F 106 30.68 -3.38 28.12
CA GLN F 106 31.79 -2.66 27.51
C GLN F 106 32.44 -1.65 28.46
N LYS F 107 31.79 -1.30 29.58
CA LYS F 107 32.38 -0.35 30.51
C LYS F 107 33.65 -0.92 31.13
N SER F 108 33.60 -2.17 31.59
CA SER F 108 34.73 -2.86 32.19
C SER F 108 35.12 -4.13 31.46
N ASP F 109 34.25 -4.68 30.61
CA ASP F 109 34.46 -5.88 29.80
C ASP F 109 34.57 -7.17 30.62
N TYR F 110 34.42 -7.12 31.95
CA TYR F 110 34.51 -8.31 32.79
C TYR F 110 33.67 -8.04 34.03
N ASP F 111 32.47 -8.60 34.06
CA ASP F 111 31.56 -8.40 35.19
C ASP F 111 30.67 -9.61 35.36
N VAL F 112 30.78 -10.28 36.51
CA VAL F 112 29.95 -11.43 36.85
C VAL F 112 28.89 -11.03 37.89
N GLN F 113 29.35 -10.55 39.05
CA GLN F 113 28.48 -10.08 40.13
C GLN F 113 28.58 -8.58 40.32
N LYS F 114 29.00 -7.84 39.29
CA LYS F 114 29.17 -6.39 39.35
C LYS F 114 28.32 -5.63 38.35
N ALA F 115 28.00 -6.22 37.20
CA ALA F 115 27.15 -5.54 36.23
C ALA F 115 25.67 -5.73 36.54
N GLN F 116 25.34 -6.72 37.37
CA GLN F 116 23.94 -6.95 37.72
C GLN F 116 23.33 -5.78 38.48
N ARG F 117 24.16 -5.02 39.19
CA ARG F 117 23.72 -3.87 39.97
C ARG F 117 23.78 -2.56 39.19
N GLY F 118 24.05 -2.61 37.88
CA GLY F 118 24.14 -1.41 37.09
C GLY F 118 22.77 -0.84 36.74
N ILE F 119 22.79 0.35 36.14
CA ILE F 119 21.60 1.09 35.74
C ILE F 119 21.68 1.36 34.25
N VAL F 120 20.50 1.46 33.62
CA VAL F 120 20.39 1.71 32.18
C VAL F 120 19.33 2.77 31.96
N TYR F 121 19.56 3.62 30.95
CA TYR F 121 18.64 4.70 30.58
C TYR F 121 18.25 4.54 29.11
N ILE F 122 17.00 4.86 28.80
CA ILE F 122 16.46 4.79 27.44
C ILE F 122 15.84 6.12 27.10
N ASP F 123 16.03 6.57 25.86
CA ASP F 123 15.52 7.84 25.36
C ASP F 123 14.55 7.62 24.20
N GLN F 124 13.61 8.56 24.05
CA GLN F 124 12.62 8.52 22.98
C GLN F 124 11.75 7.27 23.06
N ILE F 125 11.15 7.06 24.24
CA ILE F 125 10.29 5.91 24.46
C ILE F 125 8.97 6.04 23.70
N ASP F 126 8.55 7.26 23.36
CA ASP F 126 7.27 7.44 22.66
C ASP F 126 7.33 6.99 21.21
N LYS F 127 8.53 6.91 20.61
CA LYS F 127 8.65 6.51 19.22
C LYS F 127 8.04 5.12 18.96
N ILE F 128 8.24 4.18 19.89
CA ILE F 128 7.76 2.81 19.74
C ILE F 128 6.24 2.68 19.86
N SER F 129 5.54 3.79 20.11
CA SER F 129 4.09 3.79 20.21
C SER F 129 3.45 3.06 19.03
N ARG F 130 2.41 2.28 19.32
CA ARG F 130 1.74 1.45 18.32
C ARG F 130 0.88 2.30 17.39
N LYS F 131 1.34 2.47 16.16
CA LYS F 131 0.58 3.18 15.15
C LYS F 131 -0.52 2.27 14.61
N SER F 132 -1.70 2.84 14.37
CA SER F 132 -2.83 2.08 13.86
C SER F 132 -3.69 2.89 12.89
N ASP F 140 2.22 -1.59 10.07
CA ASP F 140 2.72 -0.82 11.21
C ASP F 140 3.79 -1.63 11.95
N VAL F 141 4.72 -2.20 11.19
CA VAL F 141 5.80 -2.98 11.78
C VAL F 141 6.79 -2.07 12.50
N SER F 142 6.85 -0.78 12.12
CA SER F 142 7.77 0.12 12.79
C SER F 142 7.45 0.20 14.28
N GLY F 143 6.17 0.35 14.64
CA GLY F 143 5.80 0.30 16.03
C GLY F 143 5.28 -1.07 16.40
N GLU F 144 5.17 -1.26 17.72
CA GLU F 144 4.66 -2.43 18.43
C GLU F 144 5.61 -3.64 18.35
N GLY F 145 6.63 -3.59 17.48
CA GLY F 145 7.67 -4.59 17.39
C GLY F 145 8.49 -4.72 18.65
N VAL F 146 8.87 -3.52 19.10
CA VAL F 146 9.78 -3.33 20.22
C VAL F 146 9.11 -3.66 21.55
N GLN F 147 7.87 -3.21 21.76
CA GLN F 147 7.21 -3.41 23.04
C GLN F 147 7.04 -4.89 23.35
N GLN F 148 6.57 -5.67 22.38
CA GLN F 148 6.46 -7.11 22.60
C GLN F 148 7.83 -7.72 22.86
N ALA F 149 8.87 -7.21 22.19
CA ALA F 149 10.22 -7.74 22.37
C ALA F 149 10.83 -7.34 23.70
N LEU F 150 10.50 -6.15 24.21
CA LEU F 150 11.06 -5.69 25.47
C LEU F 150 10.43 -6.35 26.69
N LEU F 151 9.25 -6.95 26.54
CA LEU F 151 8.58 -7.62 27.66
C LEU F 151 9.51 -8.63 28.33
N LYS F 152 10.06 -9.57 27.54
CA LYS F 152 10.96 -10.57 28.10
C LYS F 152 12.23 -9.93 28.64
N LEU F 153 12.67 -8.83 28.03
CA LEU F 153 13.88 -8.14 28.49
C LEU F 153 13.66 -7.55 29.87
N ILE F 154 12.53 -6.86 30.07
CA ILE F 154 12.25 -6.24 31.36
C ILE F 154 11.99 -7.30 32.42
N GLU F 155 11.23 -8.34 32.09
CA GLU F 155 10.92 -9.40 33.03
C GLU F 155 12.14 -10.18 33.52
N GLY F 156 13.31 -9.98 32.90
CA GLY F 156 14.52 -10.67 33.30
C GLY F 156 14.79 -11.91 32.50
N THR F 157 16.05 -12.10 32.13
CA THR F 157 16.51 -13.24 31.34
C THR F 157 18.03 -13.17 31.30
N VAL F 158 18.64 -14.16 30.65
CA VAL F 158 20.08 -14.24 30.48
C VAL F 158 20.36 -14.34 28.99
N ALA F 159 21.34 -13.56 28.52
CA ALA F 159 21.72 -13.53 27.11
C ALA F 159 23.22 -13.77 26.97
N ALA F 160 23.57 -14.52 25.94
CA ALA F 160 24.97 -14.82 25.66
C ALA F 160 25.69 -13.56 25.19
N VAL F 161 26.86 -13.29 25.75
CA VAL F 161 27.65 -12.11 25.39
C VAL F 161 29.13 -12.50 25.30
N PRO F 162 29.77 -12.45 24.13
CA PRO F 162 31.21 -12.77 24.08
C PRO F 162 32.02 -11.73 24.81
N PRO F 163 32.74 -12.09 25.89
CA PRO F 163 33.52 -11.06 26.61
C PRO F 163 34.73 -10.64 25.80
N GLN F 164 34.80 -9.34 25.49
CA GLN F 164 35.89 -8.72 24.73
C GLN F 164 35.88 -9.09 23.26
N GLY F 165 34.96 -9.94 22.80
CA GLY F 165 34.90 -10.34 21.40
C GLY F 165 35.73 -11.56 21.06
N GLY F 166 36.67 -11.95 21.92
CA GLY F 166 37.50 -13.10 21.67
C GLY F 166 38.68 -12.80 20.76
N GLN F 172 37.29 -18.45 24.24
CA GLN F 172 36.15 -18.82 23.41
C GLN F 172 35.05 -19.45 24.24
N GLU F 173 34.73 -18.80 25.37
CA GLU F 173 33.69 -19.25 26.29
C GLU F 173 32.67 -18.13 26.47
N PHE F 174 31.39 -18.46 26.33
CA PHE F 174 30.34 -17.47 26.44
C PHE F 174 30.08 -17.13 27.92
N LEU F 175 29.53 -15.94 28.13
CA LEU F 175 29.23 -15.43 29.47
C LEU F 175 27.73 -15.21 29.64
N GLN F 176 27.21 -15.68 30.78
CA GLN F 176 25.80 -15.52 31.14
C GLN F 176 25.70 -14.46 32.22
N VAL F 177 24.80 -13.50 32.03
CA VAL F 177 24.58 -12.40 32.97
C VAL F 177 23.09 -12.23 33.21
N ASP F 178 22.68 -12.22 34.48
CA ASP F 178 21.28 -12.05 34.81
C ASP F 178 20.84 -10.60 34.54
N THR F 179 19.59 -10.45 34.14
CA THR F 179 19.00 -9.14 33.84
C THR F 179 17.96 -8.69 34.86
N SER F 180 17.46 -9.60 35.71
CA SER F 180 16.45 -9.22 36.69
C SER F 180 16.98 -8.16 37.65
N LYS F 181 18.21 -8.34 38.13
CA LYS F 181 18.81 -7.38 39.03
C LYS F 181 19.01 -6.03 38.35
N ILE F 182 19.35 -6.04 37.07
CA ILE F 182 19.59 -4.82 36.32
C ILE F 182 18.33 -3.98 36.29
N LEU F 183 18.46 -2.72 36.72
CA LEU F 183 17.35 -1.78 36.74
C LEU F 183 17.27 -1.04 35.40
N PHE F 184 16.06 -0.69 35.01
CA PHE F 184 15.78 -0.01 33.75
C PHE F 184 15.06 1.30 34.03
N ILE F 185 15.44 2.35 33.29
CA ILE F 185 14.85 3.68 33.41
C ILE F 185 14.46 4.10 32.00
N CYS F 186 13.17 3.99 31.69
CA CYS F 186 12.67 4.35 30.36
C CYS F 186 12.36 5.84 30.31
N GLY F 187 13.27 6.61 29.73
CA GLY F 187 13.07 8.04 29.57
C GLY F 187 12.45 8.37 28.23
N GLY F 188 11.76 9.51 28.17
CA GLY F 188 11.14 9.92 26.93
C GLY F 188 10.22 11.10 27.13
N ALA F 189 9.78 11.65 26.01
CA ALA F 189 8.87 12.79 25.96
C ALA F 189 7.60 12.37 25.22
N PHE F 190 6.45 12.71 25.79
CA PHE F 190 5.14 12.37 25.22
C PHE F 190 4.46 13.67 24.80
N ALA F 191 4.72 14.09 23.56
CA ALA F 191 4.11 15.31 23.05
C ALA F 191 2.64 15.07 22.73
N GLY F 192 1.81 16.08 23.01
CA GLY F 192 0.38 15.99 22.77
C GLY F 192 -0.39 15.21 23.80
N LEU F 193 0.29 14.53 24.74
CA LEU F 193 -0.39 13.74 25.76
C LEU F 193 -1.27 14.61 26.64
N ASP F 194 -0.89 15.86 26.89
CA ASP F 194 -1.66 16.75 27.75
C ASP F 194 -3.10 16.89 27.27
N LYS F 195 -3.28 17.13 25.97
CA LYS F 195 -4.62 17.27 25.41
C LYS F 195 -5.45 15.99 25.60
N VAL F 196 -4.82 14.82 25.53
CA VAL F 196 -5.55 13.56 25.67
C VAL F 196 -6.24 13.47 27.01
N ILE F 197 -5.51 13.75 28.09
CA ILE F 197 -6.10 13.66 29.43
C ILE F 197 -7.09 14.79 29.66
N SER F 198 -6.84 15.96 29.07
CA SER F 198 -7.72 17.13 29.25
C SER F 198 -9.17 16.79 28.91
N HIS F 199 -9.40 16.16 27.77
CA HIS F 199 -10.77 15.81 27.38
C HIS F 199 -11.36 14.74 28.29
N ARG F 200 -10.52 13.90 28.90
CA ARG F 200 -10.99 12.82 29.75
C ARG F 200 -11.25 13.23 31.19
N VAL F 201 -10.36 14.02 31.79
CA VAL F 201 -10.43 14.38 33.21
C VAL F 201 -10.79 15.85 33.42
N GLU F 202 -10.00 16.77 32.87
CA GLU F 202 -10.22 18.19 33.18
C GLU F 202 -11.52 18.70 32.57
N THR F 203 -11.64 18.69 31.24
CA THR F 203 -12.86 19.19 30.59
C THR F 203 -12.79 18.94 29.09
N GLY F 204 -13.94 18.84 28.42
CA GLY F 204 -13.98 18.70 26.98
C GLY F 204 -14.10 20.11 26.43
N SER F 205 -13.01 20.64 25.89
CA SER F 205 -12.98 22.01 25.42
C SER F 205 -11.84 22.16 24.42
N GLY F 206 -11.58 23.40 24.00
CA GLY F 206 -10.54 23.73 23.04
C GLY F 206 -11.05 24.16 21.68
N ILE F 207 -12.27 23.81 21.31
CA ILE F 207 -12.82 24.14 19.99
C ILE F 207 -14.06 25.01 20.07
N GLY F 208 -14.81 24.96 21.18
CA GLY F 208 -16.02 25.73 21.29
C GLY F 208 -15.82 27.15 21.79
N PHE F 209 -16.91 27.91 21.83
CA PHE F 209 -16.86 29.29 22.28
C PHE F 209 -16.67 29.35 23.80
N GLY F 210 -17.61 28.78 24.54
CA GLY F 210 -17.48 28.74 25.99
C GLY F 210 -16.33 27.85 26.41
N ALA F 211 -16.03 26.85 25.60
CA ALA F 211 -14.92 25.94 25.89
C ALA F 211 -13.61 26.70 25.95
N THR F 212 -12.81 26.41 26.97
CA THR F 212 -11.53 27.09 27.14
C THR F 212 -10.53 26.65 26.08
N VAL F 213 -9.96 27.62 25.37
CA VAL F 213 -8.95 27.37 24.35
C VAL F 213 -7.61 27.19 25.04
N LYS F 214 -6.63 26.66 24.32
CA LYS F 214 -5.27 26.45 24.85
C LYS F 214 -4.46 27.74 24.76
N ALA F 215 -5.02 28.80 25.36
CA ALA F 215 -4.37 30.10 25.35
C ALA F 215 -3.05 30.08 26.12
N LYS F 216 -3.02 29.36 27.25
CA LYS F 216 -1.83 29.30 28.10
C LYS F 216 -0.84 28.25 27.59
N SER F 217 -0.38 28.45 26.36
CA SER F 217 0.61 27.55 25.78
C SER F 217 1.94 27.66 26.52
N ASP F 218 2.36 28.90 26.80
CA ASP F 218 3.60 29.19 27.52
C ASP F 218 3.35 30.02 28.77
N LYS F 219 2.14 30.55 28.97
CA LYS F 219 1.84 31.34 30.15
C LYS F 219 1.80 30.47 31.40
N ALA F 220 1.25 29.26 31.26
CA ALA F 220 1.14 28.29 32.34
C ALA F 220 1.86 27.01 31.92
N SER F 221 2.21 26.20 32.91
CA SER F 221 2.95 24.96 32.68
C SER F 221 1.99 23.78 32.62
N GLU F 222 2.11 22.99 31.56
CA GLU F 222 1.29 21.80 31.37
C GLU F 222 1.58 20.72 32.41
N GLY F 223 2.76 20.75 33.03
CA GLY F 223 3.18 19.79 34.04
C GLY F 223 2.15 19.36 35.06
N GLU F 224 1.41 20.33 35.63
CA GLU F 224 0.38 20.01 36.61
C GLU F 224 -0.61 18.98 36.09
N LEU F 225 -0.95 19.04 34.80
CA LEU F 225 -1.88 18.07 34.23
C LEU F 225 -1.24 16.69 34.17
N LEU F 226 0.05 16.63 33.83
CA LEU F 226 0.75 15.34 33.75
C LEU F 226 0.79 14.64 35.10
N ALA F 227 0.70 15.38 36.21
CA ALA F 227 0.73 14.77 37.53
C ALA F 227 -0.43 13.80 37.75
N GLN F 228 -1.52 13.95 37.00
CA GLN F 228 -2.69 13.08 37.08
C GLN F 228 -2.68 12.01 35.99
N VAL F 229 -1.52 11.71 35.43
CA VAL F 229 -1.41 10.73 34.36
C VAL F 229 -1.51 9.32 34.93
N GLU F 230 -2.52 8.58 34.49
CA GLU F 230 -2.77 7.20 34.88
C GLU F 230 -2.30 6.27 33.77
N PRO F 231 -2.13 4.97 34.06
CA PRO F 231 -1.70 4.07 32.99
C PRO F 231 -2.73 3.93 31.87
N GLU F 232 -4.01 4.13 32.18
CA GLU F 232 -5.03 4.03 31.16
C GLU F 232 -4.88 5.13 30.10
N ASP F 233 -4.43 6.31 30.50
CA ASP F 233 -4.25 7.39 29.54
C ASP F 233 -3.14 7.08 28.54
N LEU F 234 -2.09 6.38 28.99
CA LEU F 234 -1.00 6.01 28.10
C LEU F 234 -1.44 5.06 27.01
N ILE F 235 -2.53 4.32 27.22
CA ILE F 235 -3.00 3.38 26.20
C ILE F 235 -3.48 4.15 24.98
N LYS F 236 -4.19 5.27 25.20
CA LYS F 236 -4.66 6.06 24.08
C LYS F 236 -3.49 6.71 23.33
N PHE F 237 -2.38 6.97 24.02
CA PHE F 237 -1.22 7.54 23.36
C PHE F 237 -0.63 6.56 22.34
N GLY F 238 -0.72 5.26 22.62
CA GLY F 238 -0.21 4.24 21.71
C GLY F 238 0.47 3.08 22.42
N LEU F 239 0.88 3.27 23.67
CA LEU F 239 1.56 2.22 24.39
C LEU F 239 0.65 1.03 24.67
N ILE F 240 1.28 -0.09 24.99
CA ILE F 240 0.60 -1.36 25.29
C ILE F 240 0.41 -1.43 26.80
N PRO F 241 -0.75 -1.88 27.31
CA PRO F 241 -0.89 -1.95 28.78
C PRO F 241 0.05 -2.97 29.41
N GLU F 242 0.36 -4.06 28.70
CA GLU F 242 1.28 -5.06 29.26
C GLU F 242 2.67 -4.47 29.44
N PHE F 243 3.07 -3.54 28.56
CA PHE F 243 4.37 -2.92 28.68
C PHE F 243 4.41 -1.93 29.84
N ILE F 244 3.30 -1.22 30.06
CA ILE F 244 3.25 -0.23 31.13
C ILE F 244 3.11 -0.90 32.49
N GLY F 245 2.52 -2.09 32.54
CA GLY F 245 2.37 -2.78 33.80
C GLY F 245 3.69 -3.14 34.45
N ARG F 246 4.71 -3.40 33.63
CA ARG F 246 6.04 -3.72 34.15
C ARG F 246 6.75 -2.51 34.73
N LEU F 247 6.27 -1.29 34.45
CA LEU F 247 6.87 -0.05 34.93
C LEU F 247 5.83 0.66 35.79
N PRO F 248 5.59 0.19 37.02
CA PRO F 248 4.58 0.84 37.86
C PRO F 248 4.97 2.23 38.31
N VAL F 249 6.25 2.48 38.56
CA VAL F 249 6.68 3.81 39.00
C VAL F 249 6.52 4.79 37.85
N VAL F 250 6.08 6.00 38.18
CA VAL F 250 5.87 7.06 37.20
C VAL F 250 6.44 8.35 37.74
N ALA F 251 7.13 9.10 36.88
CA ALA F 251 7.74 10.38 37.23
C ALA F 251 7.25 11.42 36.24
N THR F 252 6.83 12.57 36.76
CA THR F 252 6.29 13.68 35.97
C THR F 252 7.18 14.90 36.15
N LEU F 253 8.21 15.03 35.32
CA LEU F 253 9.06 16.21 35.40
C LEU F 253 8.26 17.44 34.98
N ASN F 254 8.58 18.56 35.60
CA ASN F 254 7.87 19.81 35.30
C ASN F 254 8.49 20.50 34.09
N GLU F 255 7.77 21.51 33.60
CA GLU F 255 8.25 22.28 32.46
C GLU F 255 9.43 23.15 32.90
N LEU F 256 10.52 23.11 32.14
CA LEU F 256 11.69 23.89 32.51
C LEU F 256 11.37 25.38 32.47
N SER F 257 11.73 26.08 33.54
CA SER F 257 11.48 27.50 33.68
C SER F 257 12.59 28.35 33.06
N GLU F 258 12.26 29.61 32.81
CA GLU F 258 13.25 30.53 32.24
C GLU F 258 14.36 30.82 33.25
N GLU F 259 13.97 31.05 34.51
CA GLU F 259 14.97 31.32 35.54
C GLU F 259 15.86 30.10 35.77
N ALA F 260 15.30 28.89 35.60
CA ALA F 260 16.08 27.67 35.78
C ALA F 260 17.31 27.66 34.89
N LEU F 261 17.16 28.14 33.64
CA LEU F 261 18.31 28.21 32.75
C LEU F 261 19.38 29.12 33.34
N ILE F 262 18.98 30.26 33.89
CA ILE F 262 19.94 31.17 34.49
C ILE F 262 20.57 30.51 35.71
N GLN F 263 19.77 29.81 36.50
CA GLN F 263 20.30 29.10 37.66
C GLN F 263 21.30 28.04 37.23
N ILE F 264 20.97 27.30 36.16
CA ILE F 264 21.84 26.23 35.66
C ILE F 264 23.22 26.77 35.34
N LEU F 265 23.30 27.99 34.83
CA LEU F 265 24.59 28.58 34.51
C LEU F 265 25.42 28.86 35.76
N LYS F 266 24.78 29.16 36.90
CA LYS F 266 25.48 29.50 38.13
C LYS F 266 25.27 28.53 39.28
N GLU F 267 24.03 28.21 39.62
CA GLU F 267 23.75 27.38 40.79
C GLU F 267 24.37 25.98 40.82
N PRO F 268 24.43 25.21 39.73
CA PRO F 268 25.00 23.86 39.83
C PRO F 268 26.46 23.83 40.24
N LYS F 269 26.90 22.62 40.60
CA LYS F 269 28.29 22.38 40.98
C LYS F 269 29.22 22.70 39.81
N ASN F 270 28.85 22.23 38.62
CA ASN F 270 29.62 22.44 37.39
C ASN F 270 28.69 23.03 36.35
N ALA F 271 29.04 24.20 35.83
CA ALA F 271 28.26 24.90 34.83
C ALA F 271 29.19 25.42 33.75
N LEU F 272 28.58 25.79 32.61
CA LEU F 272 29.36 26.30 31.48
C LEU F 272 30.13 27.56 31.89
N THR F 273 29.49 28.46 32.64
CA THR F 273 30.17 29.67 33.07
C THR F 273 31.38 29.34 33.94
N LYS F 274 31.24 28.39 34.86
CA LYS F 274 32.35 27.97 35.69
C LYS F 274 33.49 27.42 34.85
N GLN F 275 33.16 26.53 33.91
CA GLN F 275 34.17 25.94 33.04
C GLN F 275 34.89 27.00 32.23
N TYR F 276 34.14 27.94 31.66
CA TYR F 276 34.75 29.02 30.88
C TYR F 276 35.60 29.90 31.78
N GLN F 277 35.11 30.18 32.99
CA GLN F 277 35.89 30.98 33.94
C GLN F 277 37.21 30.30 34.26
N ALA F 278 37.17 28.98 34.42
CA ALA F 278 38.38 28.21 34.73
C ALA F 278 39.38 28.29 33.59
N LEU F 279 38.91 28.16 32.35
CA LEU F 279 39.82 28.22 31.21
C LEU F 279 40.52 29.56 31.13
N PHE F 280 39.77 30.66 31.27
CA PHE F 280 40.39 31.98 31.26
C PHE F 280 41.21 32.20 32.52
N ASN F 281 40.80 31.59 33.64
CA ASN F 281 41.56 31.70 34.87
C ASN F 281 42.98 31.17 34.68
N LEU F 282 43.10 30.08 33.92
CA LEU F 282 44.42 29.53 33.64
C LEU F 282 45.23 30.50 32.79
N GLU F 283 44.57 31.14 31.82
CA GLU F 283 45.23 32.14 30.99
C GLU F 283 45.65 33.35 31.82
N GLY F 284 44.92 33.63 32.90
CA GLY F 284 45.19 34.75 33.77
C GLY F 284 44.22 35.90 33.67
N VAL F 285 43.13 35.76 32.91
CA VAL F 285 42.12 36.80 32.74
C VAL F 285 40.86 36.37 33.48
N ASP F 286 40.23 37.33 34.15
CA ASP F 286 39.00 37.06 34.87
C ASP F 286 37.80 37.14 33.93
N LEU F 287 36.78 36.34 34.22
CA LEU F 287 35.56 36.25 33.42
C LEU F 287 34.35 36.60 34.26
N GLU F 288 33.51 37.49 33.73
CA GLU F 288 32.29 37.92 34.41
C GLU F 288 31.14 37.95 33.40
N PHE F 289 30.00 37.39 33.81
CA PHE F 289 28.79 37.36 33.01
C PHE F 289 27.72 38.15 33.74
N ARG F 290 27.14 39.13 33.07
CA ARG F 290 26.12 39.97 33.69
C ARG F 290 24.76 39.28 33.63
N ASP F 291 23.90 39.63 34.57
CA ASP F 291 22.57 39.04 34.64
C ASP F 291 21.77 39.33 33.37
N GLU F 292 21.91 40.54 32.82
CA GLU F 292 21.18 40.91 31.62
C GLU F 292 21.54 40.00 30.45
N ALA F 293 22.82 39.65 30.34
CA ALA F 293 23.26 38.76 29.26
C ALA F 293 22.62 37.38 29.38
N LEU F 294 22.56 36.84 30.59
CA LEU F 294 22.04 35.49 30.80
C LEU F 294 20.58 35.36 30.38
N ASP F 295 19.74 36.35 30.70
CA ASP F 295 18.33 36.24 30.34
C ASP F 295 18.14 36.20 28.83
N ALA F 296 18.94 36.96 28.10
CA ALA F 296 18.84 36.96 26.65
C ALA F 296 19.11 35.58 26.08
N ILE F 297 20.08 34.86 26.66
CA ILE F 297 20.41 33.51 26.21
C ILE F 297 19.20 32.59 26.37
N ALA F 298 18.48 32.74 27.49
CA ALA F 298 17.31 31.91 27.73
C ALA F 298 16.27 32.07 26.63
N LYS F 299 16.03 33.30 26.20
CA LYS F 299 15.05 33.55 25.13
C LYS F 299 15.49 32.86 23.84
N LYS F 300 16.77 32.96 23.49
CA LYS F 300 17.27 32.32 22.29
C LYS F 300 17.12 30.81 22.36
N ALA F 301 17.43 30.22 23.51
CA ALA F 301 17.31 28.78 23.68
C ALA F 301 15.87 28.31 23.52
N MET F 302 14.92 29.13 24.00
CA MET F 302 13.51 28.76 23.87
C MET F 302 13.11 28.58 22.42
N ALA F 303 13.56 29.47 21.54
CA ALA F 303 13.22 29.36 20.12
C ALA F 303 13.79 28.06 19.53
N ARG F 304 15.00 27.70 19.94
CA ARG F 304 15.60 26.46 19.46
C ARG F 304 14.81 25.23 19.89
N LYS F 305 14.14 25.32 21.03
CA LYS F 305 13.36 24.21 21.60
C LYS F 305 14.24 23.02 21.92
N THR F 306 15.48 23.28 22.32
CA THR F 306 16.45 22.27 22.70
C THR F 306 16.78 22.30 24.19
N GLY F 307 16.17 23.21 24.95
CA GLY F 307 16.42 23.35 26.37
C GLY F 307 17.88 23.51 26.72
N ALA F 308 18.28 22.85 27.80
CA ALA F 308 19.67 22.91 28.25
C ALA F 308 20.63 22.20 27.31
N ARG F 309 20.17 21.13 26.65
CA ARG F 309 21.04 20.34 25.77
C ARG F 309 21.68 21.20 24.68
N GLY F 310 20.93 22.12 24.10
CA GLY F 310 21.42 22.97 23.03
C GLY F 310 21.89 24.33 23.47
N LEU F 311 21.84 24.64 24.77
CA LEU F 311 22.26 25.95 25.25
C LEU F 311 23.75 26.18 25.05
N ARG F 312 24.56 25.13 25.15
CA ARG F 312 26.01 25.27 25.00
C ARG F 312 26.39 25.85 23.63
N SER F 313 25.65 25.46 22.59
CA SER F 313 25.95 25.92 21.23
C SER F 313 25.95 27.44 21.12
N ILE F 314 24.98 28.10 21.73
CA ILE F 314 24.87 29.56 21.64
C ILE F 314 26.11 30.22 22.23
N VAL F 315 26.55 29.75 23.41
CA VAL F 315 27.71 30.36 24.07
C VAL F 315 28.97 30.16 23.24
N GLU F 316 29.13 28.97 22.64
CA GLU F 316 30.33 28.69 21.87
C GLU F 316 30.48 29.66 20.70
N ALA F 317 29.41 29.83 19.92
CA ALA F 317 29.46 30.75 18.78
C ALA F 317 29.62 32.19 19.22
N ALA F 318 28.92 32.59 20.28
CA ALA F 318 28.97 33.97 20.75
C ALA F 318 30.37 34.35 21.21
N LEU F 319 31.08 33.44 21.86
CA LEU F 319 32.42 33.70 22.38
C LEU F 319 33.53 33.19 21.48
N LEU F 320 33.20 32.64 20.30
CA LEU F 320 34.23 32.15 19.41
C LEU F 320 35.15 33.28 18.95
N ASP F 321 34.56 34.40 18.53
CA ASP F 321 35.36 35.53 18.08
C ASP F 321 36.23 36.08 19.20
N THR F 322 35.68 36.20 20.41
CA THR F 322 36.46 36.69 21.53
C THR F 322 37.58 35.72 21.89
N MET F 323 37.27 34.42 21.94
CA MET F 323 38.29 33.42 22.25
C MET F 323 39.41 33.43 21.22
N TYR F 324 39.09 33.67 19.96
CA TYR F 324 40.11 33.70 18.92
C TYR F 324 41.09 34.84 19.14
N ASP F 325 40.59 36.02 19.51
CA ASP F 325 41.42 37.20 19.72
C ASP F 325 41.87 37.41 21.16
N LEU F 326 41.36 36.64 22.11
CA LEU F 326 41.75 36.83 23.50
C LEU F 326 43.23 36.52 23.73
N PRO F 327 43.79 35.40 23.24
CA PRO F 327 45.23 35.19 23.47
C PRO F 327 46.09 36.23 22.78
N SER F 328 45.71 36.64 21.57
CA SER F 328 46.47 37.67 20.86
C SER F 328 46.41 38.99 21.61
N MET F 329 45.28 39.29 22.24
CA MET F 329 45.16 40.52 23.01
C MET F 329 46.10 40.48 24.21
N GLU F 330 46.64 41.65 24.56
CA GLU F 330 47.60 41.78 25.65
C GLU F 330 47.07 42.70 26.74
N ASP F 331 47.56 42.46 27.96
CA ASP F 331 47.22 43.21 29.17
C ASP F 331 45.71 43.43 29.32
N VAL F 332 44.96 42.33 29.23
CA VAL F 332 43.51 42.34 29.42
C VAL F 332 43.29 41.67 30.77
N GLU F 333 43.01 42.48 31.80
CA GLU F 333 42.84 41.93 33.14
C GLU F 333 41.52 41.18 33.31
N LYS F 334 40.42 41.78 32.84
CA LYS F 334 39.10 41.17 32.99
C LYS F 334 38.29 41.36 31.71
N VAL F 335 37.33 40.46 31.51
CA VAL F 335 36.44 40.47 30.36
C VAL F 335 35.01 40.70 30.83
N VAL F 336 34.35 41.71 30.25
CA VAL F 336 32.96 42.03 30.56
C VAL F 336 32.14 41.70 29.33
N ILE F 337 31.10 40.89 29.51
CA ILE F 337 30.23 40.44 28.43
C ILE F 337 28.91 41.20 28.53
N ASP F 338 28.66 42.06 27.54
CA ASP F 338 27.42 42.82 27.49
C ASP F 338 26.30 41.96 26.91
N GLU F 339 25.06 42.36 27.18
CA GLU F 339 23.93 41.61 26.65
C GLU F 339 23.84 41.73 25.14
N SER F 340 24.36 42.83 24.57
CA SER F 340 24.36 43.00 23.13
C SER F 340 25.16 41.91 22.43
N VAL F 341 26.16 41.36 23.10
CA VAL F 341 26.99 40.30 22.50
C VAL F 341 26.14 39.10 22.15
N ILE F 342 25.19 38.75 23.02
CA ILE F 342 24.32 37.60 22.74
C ILE F 342 23.47 37.89 21.52
N ASP F 343 23.00 39.13 21.39
CA ASP F 343 22.23 39.51 20.21
C ASP F 343 23.06 39.38 18.94
N GLY F 344 24.36 39.65 19.04
CA GLY F 344 25.27 39.56 17.91
C GLY F 344 25.59 40.88 17.23
N GLN F 345 25.14 42.00 17.78
CA GLN F 345 25.38 43.32 17.22
C GLN F 345 26.53 44.06 17.89
N SER F 346 27.25 43.44 18.82
CA SER F 346 28.33 44.10 19.51
C SER F 346 29.32 43.07 20.02
N GLU F 347 30.48 43.57 20.47
CA GLU F 347 31.59 42.79 21.01
C GLU F 347 31.73 43.03 22.50
N PRO F 348 32.15 42.05 23.29
CA PRO F 348 32.27 42.26 24.74
C PRO F 348 33.38 43.23 25.08
N LEU F 349 33.18 43.97 26.17
CA LEU F 349 34.14 44.94 26.64
C LEU F 349 35.32 44.24 27.30
N LEU F 350 36.53 44.73 27.03
CA LEU F 350 37.76 44.18 27.58
C LEU F 350 38.35 45.17 28.57
N ILE F 351 38.59 44.71 29.80
CA ILE F 351 39.15 45.52 30.86
C ILE F 351 40.65 45.28 30.92
N TYR F 352 41.43 46.34 30.83
CA TYR F 352 42.88 46.25 30.87
C TYR F 352 43.41 46.47 32.28
N LEU G 16 -18.78 19.40 -9.92
CA LEU G 16 -17.53 18.59 -9.83
C LEU G 16 -16.41 19.39 -9.18
N VAL G 17 -15.68 18.73 -8.29
CA VAL G 17 -14.56 19.33 -7.56
C VAL G 17 -13.32 18.49 -7.83
N PRO G 18 -12.21 19.06 -8.33
CA PRO G 18 -11.02 18.23 -8.56
C PRO G 18 -10.37 17.78 -7.26
N MET G 19 -9.66 16.66 -7.36
CA MET G 19 -8.93 16.06 -6.24
C MET G 19 -7.43 16.28 -6.44
N VAL G 20 -6.75 16.64 -5.36
CA VAL G 20 -5.30 16.86 -5.37
C VAL G 20 -4.66 15.90 -4.38
N ILE G 21 -3.33 15.77 -4.51
CA ILE G 21 -2.54 14.88 -3.66
C ILE G 21 -1.53 15.71 -2.89
N GLU G 22 -1.51 15.55 -1.57
CA GLU G 22 -0.59 16.23 -0.67
C GLU G 22 0.46 15.24 -0.22
N GLN G 23 1.73 15.55 -0.50
CA GLN G 23 2.82 14.65 -0.13
C GLN G 23 3.21 14.86 1.32
N THR G 24 3.26 13.76 2.07
CA THR G 24 3.62 13.75 3.49
C THR G 24 4.67 12.69 3.73
N SER G 25 5.23 12.70 4.94
CA SER G 25 6.25 11.72 5.30
C SER G 25 5.67 10.32 5.37
N ARG G 26 4.44 10.18 5.89
CA ARG G 26 3.83 8.86 6.00
C ARG G 26 3.43 8.31 4.65
N GLY G 27 2.81 9.14 3.82
CA GLY G 27 2.38 8.69 2.51
C GLY G 27 1.50 9.73 1.84
N GLU G 28 1.05 9.37 0.64
CA GLU G 28 0.19 10.26 -0.13
C GLU G 28 -1.23 10.22 0.41
N ARG G 29 -1.89 11.38 0.36
CA ARG G 29 -3.26 11.53 0.83
C ARG G 29 -4.02 12.39 -0.16
N SER G 30 -5.19 11.91 -0.60
CA SER G 30 -6.00 12.61 -1.58
C SER G 30 -6.96 13.54 -0.88
N PHE G 31 -6.90 14.82 -1.21
CA PHE G 31 -7.75 15.87 -0.65
C PHE G 31 -8.40 16.67 -1.76
N ASP G 32 -9.58 17.20 -1.47
CA ASP G 32 -10.25 18.07 -2.42
C ASP G 32 -9.62 19.45 -2.37
N ILE G 33 -9.87 20.26 -3.41
CA ILE G 33 -9.27 21.59 -3.48
C ILE G 33 -9.70 22.45 -2.29
N TYR G 34 -11.00 22.46 -1.98
CA TYR G 34 -11.48 23.26 -0.85
C TYR G 34 -10.86 22.81 0.46
N SER G 35 -10.74 21.49 0.66
CA SER G 35 -10.21 20.98 1.92
C SER G 35 -8.71 21.22 2.02
N ARG G 36 -7.99 21.19 0.89
CA ARG G 36 -6.55 21.42 0.92
C ARG G 36 -6.24 22.82 1.43
N LEU G 37 -6.92 23.83 0.91
CA LEU G 37 -6.67 25.19 1.34
C LEU G 37 -7.12 25.42 2.78
N LEU G 38 -8.14 24.69 3.23
CA LEU G 38 -8.59 24.83 4.61
C LEU G 38 -7.49 24.42 5.58
N LYS G 39 -6.67 23.45 5.19
CA LYS G 39 -5.56 23.02 6.03
C LYS G 39 -4.58 24.14 6.29
N GLU G 40 -4.50 25.12 5.36
CA GLU G 40 -3.60 26.25 5.46
C GLU G 40 -4.28 27.49 6.05
N ARG G 41 -5.37 27.32 6.79
CA ARG G 41 -6.08 28.43 7.42
C ARG G 41 -6.65 29.38 6.38
N VAL G 42 -7.38 28.82 5.41
CA VAL G 42 -8.01 29.59 4.33
C VAL G 42 -9.46 29.17 4.21
N ILE G 43 -10.36 30.14 4.26
CA ILE G 43 -11.81 29.90 4.15
C ILE G 43 -12.33 30.68 2.95
N PHE G 44 -13.28 30.08 2.24
CA PHE G 44 -13.91 30.68 1.06
C PHE G 44 -15.35 31.07 1.38
N LEU G 45 -15.71 32.30 1.05
CA LEU G 45 -17.07 32.81 1.24
C LEU G 45 -17.61 33.10 -0.16
N THR G 46 -18.40 32.18 -0.69
CA THR G 46 -18.96 32.28 -2.03
C THR G 46 -20.49 32.25 -2.00
N GLY G 47 -21.08 33.00 -2.93
CA GLY G 47 -22.51 33.08 -3.10
C GLY G 47 -23.24 33.88 -2.04
N GLN G 48 -24.57 33.73 -2.06
CA GLN G 48 -25.44 34.45 -1.16
C GLN G 48 -25.23 34.01 0.29
N VAL G 49 -25.37 34.97 1.19
CA VAL G 49 -25.20 34.72 2.62
C VAL G 49 -26.52 34.25 3.18
N GLU G 50 -26.55 33.00 3.66
CA GLU G 50 -27.73 32.36 4.23
C GLU G 50 -27.34 31.73 5.56
N ASP G 51 -28.33 31.16 6.24
CA ASP G 51 -28.09 30.53 7.53
C ASP G 51 -27.26 29.26 7.42
N HIS G 52 -27.38 28.52 6.32
CA HIS G 52 -26.63 27.27 6.19
C HIS G 52 -25.16 27.53 5.86
N MET G 53 -24.88 28.36 4.85
CA MET G 53 -23.50 28.63 4.50
C MET G 53 -22.77 29.37 5.62
N ALA G 54 -23.48 30.25 6.34
CA ALA G 54 -22.84 31.00 7.42
C ALA G 54 -22.50 30.09 8.59
N ASN G 55 -23.40 29.14 8.91
CA ASN G 55 -23.14 28.22 9.99
C ASN G 55 -21.96 27.31 9.69
N LEU G 56 -21.60 27.14 8.41
CA LEU G 56 -20.47 26.31 8.04
C LEU G 56 -19.15 27.04 8.24
N ILE G 57 -19.14 28.35 7.96
CA ILE G 57 -17.91 29.14 8.11
C ILE G 57 -17.54 29.27 9.58
N VAL G 58 -18.52 29.36 10.47
CA VAL G 58 -18.22 29.51 11.89
C VAL G 58 -17.48 28.28 12.40
N ALA G 59 -17.90 27.09 11.95
CA ALA G 59 -17.22 25.87 12.36
C ALA G 59 -15.79 25.83 11.85
N GLN G 60 -15.55 26.40 10.67
CA GLN G 60 -14.20 26.41 10.12
C GLN G 60 -13.27 27.29 10.93
N MET G 61 -13.75 28.47 11.34
CA MET G 61 -12.94 29.38 12.14
C MET G 61 -12.57 28.73 13.47
N LEU G 62 -13.54 28.11 14.12
CA LEU G 62 -13.29 27.46 15.41
C LEU G 62 -12.28 26.33 15.26
N PHE G 63 -12.35 25.57 14.16
CA PHE G 63 -11.41 24.48 13.96
C PHE G 63 -9.99 25.00 13.82
N LEU G 64 -9.81 26.10 13.10
CA LEU G 64 -8.46 26.65 12.94
C LEU G 64 -7.94 27.24 14.24
N GLU G 65 -8.84 27.77 15.08
CA GLU G 65 -8.42 28.33 16.35
C GLU G 65 -7.82 27.26 17.24
N ALA G 66 -8.46 26.10 17.32
CA ALA G 66 -7.96 25.01 18.16
C ALA G 66 -6.68 24.42 17.60
N GLU G 67 -6.58 24.29 16.28
CA GLU G 67 -5.37 23.73 15.69
C GLU G 67 -4.16 24.62 15.94
N ASN G 68 -4.33 25.93 15.76
CA ASN G 68 -3.26 26.88 16.00
C ASN G 68 -3.85 28.23 16.36
N PRO G 69 -3.68 28.75 17.58
CA PRO G 69 -4.24 30.06 17.92
C PRO G 69 -3.30 31.24 17.65
N GLU G 70 -2.10 31.00 17.15
CA GLU G 70 -1.12 32.04 16.89
C GLU G 70 -0.90 32.33 15.41
N LYS G 71 -1.57 31.62 14.51
CA LYS G 71 -1.42 31.83 13.07
C LYS G 71 -2.62 32.59 12.53
N ASP G 72 -2.33 33.56 11.66
CA ASP G 72 -3.37 34.38 11.07
C ASP G 72 -4.22 33.56 10.09
N ILE G 73 -5.51 33.88 10.05
CA ILE G 73 -6.47 33.23 9.17
C ILE G 73 -6.77 34.16 8.02
N TYR G 74 -6.95 33.60 6.82
CA TYR G 74 -7.23 34.36 5.60
C TYR G 74 -8.63 34.02 5.12
N LEU G 75 -9.45 35.05 4.92
CA LEU G 75 -10.83 34.91 4.48
C LEU G 75 -11.03 35.67 3.17
N TYR G 76 -11.26 34.92 2.09
CA TYR G 76 -11.50 35.51 0.78
C TYR G 76 -13.01 35.62 0.61
N ILE G 77 -13.50 36.82 0.32
CA ILE G 77 -14.93 37.08 0.20
C ILE G 77 -15.28 37.51 -1.22
N ASN G 78 -16.18 36.76 -1.84
CA ASN G 78 -16.72 37.04 -3.17
C ASN G 78 -18.20 36.66 -3.06
N SER G 79 -19.04 37.64 -2.76
CA SER G 79 -20.47 37.34 -2.57
C SER G 79 -21.30 38.59 -2.79
N PRO G 80 -22.54 38.47 -3.26
CA PRO G 80 -23.41 39.64 -3.43
C PRO G 80 -24.20 40.00 -2.18
N GLY G 81 -23.86 39.45 -1.02
CA GLY G 81 -24.58 39.72 0.20
C GLY G 81 -25.73 38.76 0.42
N GLY G 82 -26.51 39.03 1.46
CA GLY G 82 -27.63 38.19 1.79
C GLY G 82 -28.35 38.57 3.07
N VAL G 83 -28.67 37.58 3.89
CA VAL G 83 -29.37 37.83 5.15
C VAL G 83 -28.44 38.56 6.11
N ILE G 84 -29.01 39.47 6.88
CA ILE G 84 -28.22 40.25 7.83
C ILE G 84 -27.89 39.43 9.07
N THR G 85 -28.89 38.77 9.65
CA THR G 85 -28.68 37.97 10.86
C THR G 85 -27.66 36.87 10.64
N ALA G 86 -27.58 36.33 9.42
CA ALA G 86 -26.60 35.28 9.14
C ALA G 86 -25.19 35.85 9.15
N GLY G 87 -25.01 37.09 8.69
CA GLY G 87 -23.70 37.69 8.65
C GLY G 87 -23.18 38.18 9.98
N MET G 88 -24.06 38.64 10.86
CA MET G 88 -23.62 39.15 12.15
C MET G 88 -23.02 38.06 13.03
N SER G 89 -23.39 36.80 12.79
CA SER G 89 -22.83 35.71 13.58
C SER G 89 -21.33 35.55 13.28
N ILE G 90 -20.92 35.84 12.04
CA ILE G 90 -19.53 35.72 11.66
C ILE G 90 -18.72 36.88 12.22
N TYR G 91 -19.31 38.07 12.28
CA TYR G 91 -18.61 39.24 12.79
C TYR G 91 -18.21 39.05 14.26
N ASP G 92 -19.16 38.63 15.09
CA ASP G 92 -18.85 38.43 16.50
C ASP G 92 -17.84 37.31 16.69
N THR G 93 -17.88 36.28 15.82
CA THR G 93 -16.95 35.18 15.93
C THR G 93 -15.53 35.62 15.62
N MET G 94 -15.35 36.44 14.58
CA MET G 94 -14.02 36.91 14.22
C MET G 94 -13.38 37.71 15.34
N GLN G 95 -14.18 38.51 16.04
CA GLN G 95 -13.67 39.32 17.14
C GLN G 95 -13.48 38.50 18.41
N PHE G 96 -14.29 37.45 18.58
CA PHE G 96 -14.20 36.62 19.78
C PHE G 96 -12.91 35.80 19.81
N ILE G 97 -12.52 35.25 18.67
CA ILE G 97 -11.31 34.42 18.60
C ILE G 97 -10.06 35.29 18.60
N LYS G 98 -9.02 34.80 19.28
CA LYS G 98 -7.76 35.53 19.35
C LYS G 98 -7.05 35.70 18.01
N PRO G 99 -6.97 34.70 17.11
CA PRO G 99 -6.26 34.91 15.85
C PRO G 99 -6.82 36.05 15.02
N ASP G 100 -5.93 36.69 14.26
CA ASP G 100 -6.30 37.80 13.40
C ASP G 100 -6.84 37.27 12.08
N VAL G 101 -8.11 37.55 11.82
CA VAL G 101 -8.78 37.08 10.60
C VAL G 101 -8.51 38.11 9.50
N SER G 102 -7.58 37.77 8.60
CA SER G 102 -7.29 38.63 7.47
C SER G 102 -8.39 38.48 6.44
N THR G 103 -8.84 39.60 5.87
CA THR G 103 -9.88 39.60 4.85
C THR G 103 -9.35 40.17 3.55
N ILE G 104 -9.91 39.66 2.44
CA ILE G 104 -9.52 40.04 1.09
C ILE G 104 -10.77 40.07 0.23
N CYS G 105 -10.86 41.05 -0.67
CA CYS G 105 -12.02 41.23 -1.54
C CYS G 105 -11.70 40.75 -2.94
N MET G 106 -12.48 39.77 -3.41
CA MET G 106 -12.35 39.20 -4.75
C MET G 106 -13.68 39.33 -5.47
N GLY G 107 -13.67 40.01 -6.62
CA GLY G 107 -14.87 40.15 -7.41
C GLY G 107 -15.82 41.25 -6.97
N GLN G 108 -16.50 41.05 -5.84
CA GLN G 108 -17.47 42.03 -5.37
C GLN G 108 -17.65 41.91 -3.87
N ALA G 109 -18.12 43.00 -3.27
CA ALA G 109 -18.36 43.07 -1.82
C ALA G 109 -19.61 43.91 -1.62
N ALA G 110 -20.73 43.25 -1.32
CA ALA G 110 -22.00 43.94 -1.13
C ALA G 110 -22.11 44.44 0.31
N SER G 111 -23.31 44.90 0.68
CA SER G 111 -23.61 45.42 2.00
C SER G 111 -23.04 44.58 3.13
N MET G 112 -23.38 43.29 3.16
CA MET G 112 -22.86 42.42 4.21
C MET G 112 -21.45 41.97 3.91
N GLY G 113 -21.11 41.81 2.63
CA GLY G 113 -19.75 41.43 2.27
C GLY G 113 -18.76 42.51 2.64
N ALA G 114 -19.17 43.77 2.56
CA ALA G 114 -18.29 44.88 2.92
C ALA G 114 -18.12 44.98 4.42
N PHE G 115 -19.16 44.63 5.19
CA PHE G 115 -19.07 44.71 6.64
C PHE G 115 -18.13 43.64 7.19
N LEU G 116 -18.17 42.44 6.61
CA LEU G 116 -17.25 41.39 7.06
C LEU G 116 -15.84 41.65 6.57
N LEU G 117 -15.71 42.33 5.44
CA LEU G 117 -14.39 42.65 4.90
C LEU G 117 -13.67 43.63 5.80
N THR G 118 -14.30 44.76 6.09
CA THR G 118 -13.70 45.77 6.96
C THR G 118 -13.58 45.30 8.41
N ALA G 119 -14.34 44.29 8.81
CA ALA G 119 -14.28 43.79 10.17
C ALA G 119 -13.03 42.97 10.46
N GLY G 120 -12.20 42.71 9.46
CA GLY G 120 -10.98 41.96 9.65
C GLY G 120 -10.01 42.72 10.53
N ALA G 121 -8.90 42.05 10.84
CA ALA G 121 -7.88 42.66 11.68
C ALA G 121 -7.27 43.86 10.98
N LYS G 122 -7.04 44.93 11.74
CA LYS G 122 -6.46 46.14 11.20
C LYS G 122 -5.04 45.88 10.72
N GLY G 123 -4.74 46.35 9.51
CA GLY G 123 -3.42 46.16 8.92
C GLY G 123 -3.27 44.92 8.07
N LYS G 124 -4.29 44.05 8.04
CA LYS G 124 -4.27 42.81 7.27
C LYS G 124 -5.47 42.74 6.33
N ARG G 125 -5.87 43.89 5.79
CA ARG G 125 -6.99 43.99 4.87
C ARG G 125 -6.47 44.45 3.51
N PHE G 126 -6.82 43.72 2.46
CA PHE G 126 -6.36 44.01 1.11
C PHE G 126 -7.51 43.91 0.12
N CYS G 127 -7.43 44.71 -0.93
CA CYS G 127 -8.43 44.72 -2.00
C CYS G 127 -7.70 44.55 -3.32
N LEU G 128 -8.32 43.82 -4.26
CA LEU G 128 -7.71 43.61 -5.55
C LEU G 128 -7.76 44.90 -6.37
N PRO G 129 -6.89 45.04 -7.37
CA PRO G 129 -6.90 46.29 -8.17
C PRO G 129 -8.20 46.53 -8.93
N ASN G 130 -8.93 45.47 -9.28
CA ASN G 130 -10.18 45.59 -10.03
C ASN G 130 -11.41 45.22 -9.20
N SER G 131 -11.25 45.03 -7.89
CA SER G 131 -12.38 44.69 -7.05
C SER G 131 -13.29 45.91 -6.89
N ARG G 132 -14.50 45.65 -6.41
CA ARG G 132 -15.50 46.70 -6.21
C ARG G 132 -16.32 46.38 -4.97
N VAL G 133 -16.59 47.42 -4.19
CA VAL G 133 -17.38 47.32 -2.96
C VAL G 133 -18.66 48.13 -3.14
N MET G 134 -19.74 47.61 -2.58
CA MET G 134 -21.05 48.26 -2.64
C MET G 134 -21.66 48.26 -1.25
N ILE G 135 -22.24 49.39 -0.86
CA ILE G 135 -22.86 49.54 0.44
C ILE G 135 -24.20 50.24 0.29
N HIS G 136 -25.19 49.78 1.04
CA HIS G 136 -26.52 50.37 1.02
C HIS G 136 -27.14 50.15 2.40
N GLN G 137 -28.43 50.50 2.53
CA GLN G 137 -29.10 50.36 3.82
C GLN G 137 -29.76 48.99 3.92
N PRO G 138 -30.12 48.54 5.12
CA PRO G 138 -30.78 47.24 5.26
C PRO G 138 -32.11 47.22 4.52
N LEU G 139 -32.45 46.05 3.98
CA LEU G 139 -33.69 45.84 3.25
C LEU G 139 -34.65 44.99 4.08
N GLY G 140 -35.93 45.27 3.93
CA GLY G 140 -36.92 44.52 4.66
C GLY G 140 -38.31 44.74 4.09
N GLY G 141 -39.29 44.38 4.90
CA GLY G 141 -40.69 44.52 4.53
C GLY G 141 -41.57 43.71 5.44
N TYR G 142 -42.84 44.10 5.50
CA TYR G 142 -43.80 43.39 6.33
C TYR G 142 -45.20 43.65 5.80
N GLN G 143 -46.10 42.72 6.08
CA GLN G 143 -47.50 42.82 5.67
C GLN G 143 -48.36 42.41 6.86
N GLY G 144 -49.27 43.29 7.26
CA GLY G 144 -50.14 42.99 8.38
C GLY G 144 -50.76 44.26 8.93
N GLN G 145 -51.17 44.17 10.19
CA GLN G 145 -51.78 45.29 10.88
C GLN G 145 -50.76 46.41 11.08
N ALA G 146 -51.28 47.64 11.30
CA ALA G 146 -50.41 48.79 11.50
C ALA G 146 -49.58 48.64 12.76
N THR G 147 -50.12 47.98 13.79
CA THR G 147 -49.38 47.80 15.03
C THR G 147 -48.14 46.94 14.82
N ASP G 148 -48.24 45.93 13.95
CA ASP G 148 -47.10 45.07 13.68
C ASP G 148 -46.04 45.77 12.84
N ILE G 149 -46.46 46.66 11.94
CA ILE G 149 -45.51 47.37 11.09
C ILE G 149 -44.62 48.27 11.94
N GLU G 150 -45.20 48.89 12.97
CA GLU G 150 -44.42 49.75 13.85
C GLU G 150 -43.35 48.96 14.60
N ILE G 151 -43.68 47.74 15.00
CA ILE G 151 -42.72 46.90 15.73
C ILE G 151 -41.55 46.53 14.81
N HIS G 152 -41.85 46.01 13.62
CA HIS G 152 -40.80 45.62 12.71
C HIS G 152 -40.06 46.82 12.14
N ALA G 153 -40.70 47.99 12.10
CA ALA G 153 -40.01 49.18 11.59
C ALA G 153 -38.99 49.67 12.60
N ARG G 154 -39.34 49.66 13.88
CA ARG G 154 -38.40 50.07 14.92
C ARG G 154 -37.21 49.11 15.00
N GLU G 155 -37.45 47.81 14.76
CA GLU G 155 -36.38 46.83 14.84
C GLU G 155 -35.38 47.01 13.69
N ILE G 156 -35.88 47.14 12.46
CA ILE G 156 -34.96 47.30 11.34
C ILE G 156 -34.22 48.63 11.43
N LEU G 157 -34.82 49.64 12.07
CA LEU G 157 -34.14 50.91 12.23
C LEU G 157 -32.97 50.77 13.20
N LYS G 158 -33.13 49.94 14.23
CA LYS G 158 -32.06 49.71 15.19
C LYS G 158 -30.87 49.05 14.52
N VAL G 159 -31.12 48.10 13.62
CA VAL G 159 -30.04 47.40 12.94
C VAL G 159 -29.27 48.37 12.05
N LYS G 160 -29.97 49.22 11.30
CA LYS G 160 -29.30 50.19 10.44
C LYS G 160 -28.40 51.11 11.26
N GLY G 161 -28.89 51.54 12.43
CA GLY G 161 -28.05 52.37 13.29
C GLY G 161 -26.89 51.59 13.85
N ARG G 162 -27.11 50.32 14.21
CA ARG G 162 -26.05 49.48 14.73
C ARG G 162 -25.02 49.17 13.67
N MET G 163 -25.47 48.92 12.44
CA MET G 163 -24.53 48.60 11.37
C MET G 163 -23.67 49.80 11.00
N ASN G 164 -24.20 51.00 11.17
CA ASN G 164 -23.42 52.20 10.85
C ASN G 164 -22.39 52.49 11.94
N GLU G 165 -22.75 52.21 13.19
CA GLU G 165 -21.82 52.43 14.30
C GLU G 165 -20.59 51.55 14.16
N LEU G 166 -20.79 50.28 13.84
CA LEU G 166 -19.66 49.36 13.70
C LEU G 166 -18.83 49.70 12.47
N MET G 167 -19.49 50.13 11.39
CA MET G 167 -18.76 50.50 10.17
C MET G 167 -17.82 51.66 10.45
N ALA G 168 -18.27 52.63 11.26
CA ALA G 168 -17.43 53.77 11.58
C ALA G 168 -16.26 53.36 12.46
N LEU G 169 -16.49 52.42 13.38
CA LEU G 169 -15.43 51.97 14.28
C LEU G 169 -14.25 51.38 13.54
N HIS G 170 -14.51 50.53 12.54
CA HIS G 170 -13.42 49.90 11.80
C HIS G 170 -12.91 50.78 10.67
N THR G 171 -13.81 51.50 9.98
CA THR G 171 -13.39 52.37 8.90
C THR G 171 -12.78 53.68 9.38
N GLY G 172 -13.04 54.07 10.64
CA GLY G 172 -12.51 55.29 11.18
C GLY G 172 -13.31 56.54 10.85
N GLN G 173 -14.22 56.47 9.90
CA GLN G 173 -15.04 57.61 9.52
C GLN G 173 -15.98 57.99 10.67
N SER G 174 -16.67 59.11 10.49
CA SER G 174 -17.62 59.58 11.49
C SER G 174 -18.98 58.91 11.26
N LEU G 175 -19.77 58.86 12.33
CA LEU G 175 -21.08 58.24 12.24
C LEU G 175 -21.99 58.97 11.27
N GLU G 176 -21.85 60.30 11.18
CA GLU G 176 -22.68 61.07 10.27
C GLU G 176 -22.31 60.79 8.81
N GLN G 177 -21.05 60.52 8.54
CA GLN G 177 -20.61 60.26 7.17
C GLN G 177 -21.13 58.91 6.68
N ILE G 178 -21.09 57.89 7.54
CA ILE G 178 -21.56 56.57 7.14
C ILE G 178 -23.06 56.60 6.85
N GLU G 179 -23.82 57.37 7.63
CA GLU G 179 -25.26 57.46 7.39
C GLU G 179 -25.56 58.11 6.05
N ARG G 180 -24.87 59.20 5.74
CA ARG G 180 -25.09 59.89 4.46
C ARG G 180 -24.68 59.02 3.28
N ASP G 181 -23.60 58.25 3.44
CA ASP G 181 -23.10 57.42 2.35
C ASP G 181 -23.87 56.11 2.18
N THR G 182 -24.56 55.63 3.21
CA THR G 182 -25.29 54.37 3.13
C THR G 182 -26.79 54.56 2.87
N GLU G 183 -27.25 55.79 2.67
CA GLU G 183 -28.67 56.00 2.39
C GLU G 183 -29.08 55.35 1.07
N ARG G 184 -28.16 55.28 0.12
CA ARG G 184 -28.40 54.68 -1.18
C ARG G 184 -27.16 53.88 -1.57
N ASP G 185 -27.29 53.12 -2.66
CA ASP G 185 -26.17 52.32 -3.14
C ASP G 185 -24.98 53.23 -3.47
N ARG G 186 -23.80 52.84 -3.00
CA ARG G 186 -22.58 53.60 -3.22
C ARG G 186 -21.45 52.65 -3.58
N PHE G 187 -20.95 52.77 -4.80
CA PHE G 187 -19.86 51.94 -5.27
C PHE G 187 -18.52 52.63 -5.01
N LEU G 188 -17.55 51.85 -4.53
CA LEU G 188 -16.22 52.37 -4.22
C LEU G 188 -15.17 51.45 -4.85
N SER G 189 -14.32 52.01 -5.69
CA SER G 189 -13.26 51.24 -6.33
C SER G 189 -12.19 50.91 -5.28
N ALA G 190 -11.20 50.13 -5.70
CA ALA G 190 -10.14 49.73 -4.78
C ALA G 190 -9.32 50.90 -4.24
N PRO G 191 -8.91 51.91 -5.03
CA PRO G 191 -8.14 53.02 -4.43
C PRO G 191 -8.97 53.82 -3.43
N GLU G 192 -10.23 54.07 -3.75
CA GLU G 192 -11.08 54.85 -2.86
C GLU G 192 -11.30 54.15 -1.52
N ALA G 193 -11.29 52.81 -1.52
CA ALA G 193 -11.47 52.08 -0.27
C ALA G 193 -10.32 52.34 0.69
N VAL G 194 -9.10 52.51 0.16
CA VAL G 194 -7.96 52.80 1.02
C VAL G 194 -8.12 54.17 1.64
N GLU G 195 -8.48 55.17 0.83
CA GLU G 195 -8.69 56.52 1.34
C GLU G 195 -9.84 56.57 2.33
N TYR G 196 -10.80 55.65 2.21
CA TYR G 196 -11.95 55.60 3.09
C TYR G 196 -11.70 54.80 4.36
N GLY G 197 -10.51 54.22 4.53
CA GLY G 197 -10.22 53.44 5.71
C GLY G 197 -10.79 52.04 5.70
N LEU G 198 -11.47 51.63 4.63
CA LEU G 198 -12.07 50.31 4.57
C LEU G 198 -11.01 49.22 4.49
N VAL G 199 -9.89 49.49 3.84
CA VAL G 199 -8.81 48.53 3.66
C VAL G 199 -7.48 49.23 3.94
N ASP G 200 -6.40 48.45 3.92
CA ASP G 200 -5.06 48.95 4.19
C ASP G 200 -4.19 49.13 2.96
N SER G 201 -4.24 48.21 2.00
CA SER G 201 -3.42 48.33 0.80
C SER G 201 -4.06 47.51 -0.32
N ILE G 202 -3.34 47.42 -1.44
CA ILE G 202 -3.77 46.68 -2.63
C ILE G 202 -2.71 45.64 -2.95
N LEU G 203 -3.14 44.42 -3.26
CA LEU G 203 -2.25 43.31 -3.59
C LEU G 203 -2.08 43.21 -5.10
N THR G 204 -1.36 44.19 -5.66
CA THR G 204 -1.12 44.21 -7.09
C THR G 204 -0.29 43.02 -7.54
N HIS G 205 0.92 42.91 -7.00
CA HIS G 205 1.85 41.84 -7.34
C HIS G 205 2.42 41.21 -6.08
N ARG G 206 3.01 40.03 -6.26
CA ARG G 206 3.61 39.29 -5.16
C ARG G 206 5.05 39.73 -4.97
N ASN G 207 5.42 39.95 -3.71
CA ASN G 207 6.77 40.38 -3.34
C ASN G 207 7.34 39.48 -2.26
N LEU H 16 -21.32 12.02 -15.50
CA LEU H 16 -20.28 10.94 -15.41
C LEU H 16 -18.92 11.47 -15.82
N VAL H 17 -17.90 11.12 -15.04
CA VAL H 17 -16.52 11.53 -15.29
C VAL H 17 -15.67 10.26 -15.41
N PRO H 18 -14.91 10.06 -16.49
CA PRO H 18 -14.09 8.86 -16.56
C PRO H 18 -12.93 8.90 -15.57
N MET H 19 -12.47 7.71 -15.19
CA MET H 19 -11.36 7.54 -14.27
C MET H 19 -10.15 7.00 -15.03
N VAL H 20 -8.98 7.55 -14.72
CA VAL H 20 -7.73 7.13 -15.33
C VAL H 20 -6.78 6.66 -14.23
N ILE H 21 -5.73 5.97 -14.66
CA ILE H 21 -4.72 5.42 -13.76
C ILE H 21 -3.37 6.04 -14.09
N GLU H 22 -2.72 6.59 -13.07
CA GLU H 22 -1.41 7.21 -13.21
C GLU H 22 -0.38 6.27 -12.61
N GLN H 23 0.59 5.85 -13.43
CA GLN H 23 1.63 4.94 -12.97
C GLN H 23 2.72 5.70 -12.23
N THR H 24 3.04 5.25 -11.03
CA THR H 24 4.07 5.86 -10.20
C THR H 24 4.99 4.76 -9.69
N SER H 25 6.09 5.19 -9.06
CA SER H 25 7.05 4.24 -8.51
C SER H 25 6.44 3.47 -7.34
N ARG H 26 5.67 4.14 -6.50
CA ARG H 26 5.07 3.48 -5.35
C ARG H 26 3.97 2.51 -5.76
N GLY H 27 3.10 2.93 -6.67
CA GLY H 27 2.02 2.06 -7.10
C GLY H 27 1.03 2.83 -7.96
N GLU H 28 0.00 2.10 -8.38
CA GLU H 28 -1.05 2.68 -9.22
C GLU H 28 -1.98 3.53 -8.38
N ARG H 29 -2.46 4.62 -8.98
CA ARG H 29 -3.36 5.56 -8.32
C ARG H 29 -4.48 5.92 -9.29
N SER H 30 -5.72 5.80 -8.84
CA SER H 30 -6.89 6.11 -9.67
C SER H 30 -7.26 7.57 -9.48
N PHE H 31 -7.28 8.32 -10.60
CA PHE H 31 -7.61 9.73 -10.61
C PHE H 31 -8.63 10.01 -11.70
N ASP H 32 -9.42 11.06 -11.50
CA ASP H 32 -10.37 11.49 -12.50
C ASP H 32 -9.65 12.25 -13.60
N ILE H 33 -10.31 12.41 -14.74
CA ILE H 33 -9.70 13.06 -15.89
C ILE H 33 -9.35 14.51 -15.57
N TYR H 34 -10.31 15.26 -15.00
CA TYR H 34 -10.05 16.66 -14.68
C TYR H 34 -8.92 16.81 -13.67
N SER H 35 -8.87 15.94 -12.67
CA SER H 35 -7.82 16.03 -11.66
C SER H 35 -6.48 15.59 -12.23
N ARG H 36 -6.49 14.66 -13.18
CA ARG H 36 -5.25 14.21 -13.80
C ARG H 36 -4.56 15.36 -14.53
N LEU H 37 -5.33 16.12 -15.31
CA LEU H 37 -4.75 17.25 -16.02
C LEU H 37 -4.33 18.36 -15.07
N LEU H 38 -5.00 18.47 -13.91
CA LEU H 38 -4.61 19.47 -12.93
C LEU H 38 -3.20 19.20 -12.43
N LYS H 39 -2.83 17.92 -12.35
CA LYS H 39 -1.48 17.56 -11.92
C LYS H 39 -0.42 18.13 -12.86
N GLU H 40 -0.77 18.34 -14.12
CA GLU H 40 0.13 18.90 -15.12
C GLU H 40 -0.04 20.40 -15.30
N ARG H 41 -0.62 21.08 -14.30
CA ARG H 41 -0.81 22.53 -14.33
C ARG H 41 -1.74 22.95 -15.47
N VAL H 42 -2.91 22.30 -15.54
CA VAL H 42 -3.90 22.59 -16.55
C VAL H 42 -5.27 22.74 -15.88
N ILE H 43 -5.93 23.86 -16.15
CA ILE H 43 -7.25 24.18 -15.60
C ILE H 43 -8.22 24.39 -16.74
N PHE H 44 -9.47 23.94 -16.55
CA PHE H 44 -10.53 24.04 -17.54
C PHE H 44 -11.56 25.08 -17.11
N LEU H 45 -11.90 25.97 -18.02
CA LEU H 45 -12.92 27.00 -17.82
C LEU H 45 -14.07 26.65 -18.76
N THR H 46 -15.09 26.01 -18.20
CA THR H 46 -16.25 25.54 -18.97
C THR H 46 -17.54 26.16 -18.45
N GLY H 47 -18.45 26.42 -19.38
CA GLY H 47 -19.76 26.97 -19.09
C GLY H 47 -19.74 28.44 -18.71
N GLN H 48 -20.87 28.89 -18.19
CA GLN H 48 -21.04 30.27 -17.80
C GLN H 48 -20.15 30.61 -16.62
N VAL H 49 -19.65 31.84 -16.61
CA VAL H 49 -18.78 32.33 -15.56
C VAL H 49 -19.66 32.85 -14.44
N GLU H 50 -19.60 32.20 -13.28
CA GLU H 50 -20.38 32.55 -12.10
C GLU H 50 -19.43 32.60 -10.91
N ASP H 51 -20.00 32.96 -9.76
CA ASP H 51 -19.21 33.07 -8.53
C ASP H 51 -18.71 31.72 -8.04
N HIS H 52 -19.48 30.65 -8.26
CA HIS H 52 -19.07 29.34 -7.76
C HIS H 52 -17.93 28.75 -8.59
N MET H 53 -18.09 28.75 -9.92
CA MET H 53 -17.04 28.20 -10.77
C MET H 53 -15.78 29.06 -10.74
N ALA H 54 -15.93 30.38 -10.62
CA ALA H 54 -14.76 31.25 -10.59
C ALA H 54 -13.99 31.09 -9.28
N ASN H 55 -14.70 30.95 -8.16
CA ASN H 55 -14.04 30.76 -6.88
C ASN H 55 -13.26 29.45 -6.82
N LEU H 56 -13.64 28.48 -7.66
CA LEU H 56 -12.95 27.20 -7.70
C LEU H 56 -11.66 27.31 -8.49
N ILE H 57 -11.66 28.10 -9.56
CA ILE H 57 -10.48 28.26 -10.39
C ILE H 57 -9.39 29.00 -9.64
N VAL H 58 -9.76 29.96 -8.78
CA VAL H 58 -8.77 30.71 -8.03
C VAL H 58 -7.97 29.79 -7.12
N ALA H 59 -8.66 28.85 -6.46
CA ALA H 59 -7.98 27.91 -5.59
C ALA H 59 -7.04 27.00 -6.37
N GLN H 60 -7.40 26.68 -7.61
CA GLN H 60 -6.56 25.81 -8.43
C GLN H 60 -5.26 26.51 -8.82
N MET H 61 -5.34 27.79 -9.19
CA MET H 61 -4.15 28.54 -9.57
C MET H 61 -3.17 28.64 -8.40
N LEU H 62 -3.69 28.95 -7.21
CA LEU H 62 -2.85 29.06 -6.03
C LEU H 62 -2.16 27.75 -5.72
N PHE H 63 -2.87 26.64 -5.94
CA PHE H 63 -2.29 25.33 -5.67
C PHE H 63 -1.09 25.08 -6.57
N LEU H 64 -1.20 25.47 -7.85
CA LEU H 64 -0.08 25.26 -8.76
C LEU H 64 1.06 26.22 -8.48
N GLU H 65 0.75 27.42 -7.99
CA GLU H 65 1.79 28.38 -7.66
C GLU H 65 2.70 27.85 -6.56
N ALA H 66 2.12 27.28 -5.51
CA ALA H 66 2.92 26.74 -4.41
C ALA H 66 3.68 25.51 -4.85
N GLU H 67 3.06 24.66 -5.67
CA GLU H 67 3.72 23.45 -6.13
C GLU H 67 4.93 23.79 -7.00
N ASN H 68 4.75 24.73 -7.93
CA ASN H 68 5.86 25.15 -8.79
C ASN H 68 5.63 26.58 -9.28
N PRO H 69 6.44 27.57 -8.89
CA PRO H 69 6.27 28.92 -9.40
C PRO H 69 7.04 29.22 -10.68
N GLU H 70 7.78 28.26 -11.21
CA GLU H 70 8.59 28.44 -12.41
C GLU H 70 8.05 27.72 -13.63
N LYS H 71 6.93 27.00 -13.52
CA LYS H 71 6.36 26.27 -14.65
C LYS H 71 5.13 27.01 -15.17
N ASP H 72 5.04 27.10 -16.49
CA ASP H 72 3.93 27.79 -17.12
C ASP H 72 2.63 27.01 -16.95
N ILE H 73 1.54 27.76 -16.79
CA ILE H 73 0.20 27.20 -16.61
C ILE H 73 -0.56 27.34 -17.93
N TYR H 74 -1.38 26.34 -18.24
CA TYR H 74 -2.19 26.32 -19.45
C TYR H 74 -3.65 26.39 -19.05
N LEU H 75 -4.38 27.36 -19.62
CA LEU H 75 -5.78 27.59 -19.33
C LEU H 75 -6.59 27.50 -20.62
N TYR H 76 -7.43 26.47 -20.73
CA TYR H 76 -8.29 26.28 -21.88
C TYR H 76 -9.64 26.89 -21.54
N ILE H 77 -10.10 27.82 -22.39
CA ILE H 77 -11.35 28.55 -22.14
C ILE H 77 -12.33 28.24 -23.25
N ASN H 78 -13.51 27.75 -22.85
CA ASN H 78 -14.64 27.46 -23.74
C ASN H 78 -15.86 27.87 -22.93
N SER H 79 -16.32 29.10 -23.13
CA SER H 79 -17.44 29.60 -22.33
C SER H 79 -18.13 30.74 -23.08
N PRO H 80 -19.44 30.90 -22.92
CA PRO H 80 -20.15 32.02 -23.57
C PRO H 80 -20.16 33.30 -22.74
N GLY H 81 -19.34 33.39 -21.70
CA GLY H 81 -19.29 34.55 -20.85
C GLY H 81 -20.29 34.48 -19.71
N GLY H 82 -20.36 35.57 -18.96
CA GLY H 82 -21.26 35.63 -17.83
C GLY H 82 -21.12 36.90 -17.01
N VAL H 83 -21.12 36.76 -15.69
CA VAL H 83 -21.01 37.91 -14.80
C VAL H 83 -19.62 38.51 -14.92
N ILE H 84 -19.55 39.83 -14.85
CA ILE H 84 -18.28 40.54 -14.98
C ILE H 84 -17.48 40.45 -13.68
N THR H 85 -18.11 40.73 -12.55
CA THR H 85 -17.41 40.70 -11.27
C THR H 85 -16.81 39.33 -10.98
N ALA H 86 -17.46 38.27 -11.45
CA ALA H 86 -16.90 36.93 -11.25
C ALA H 86 -15.64 36.73 -12.07
N GLY H 87 -15.59 37.33 -13.26
CA GLY H 87 -14.43 37.18 -14.12
C GLY H 87 -13.23 38.01 -13.73
N MET H 88 -13.47 39.21 -13.17
CA MET H 88 -12.36 40.07 -12.79
C MET H 88 -11.53 39.49 -11.67
N SER H 89 -12.10 38.60 -10.86
CA SER H 89 -11.32 37.98 -9.79
C SER H 89 -10.24 37.08 -10.37
N ILE H 90 -10.51 36.45 -11.51
CA ILE H 90 -9.55 35.57 -12.17
C ILE H 90 -8.46 36.40 -12.84
N TYR H 91 -8.83 37.55 -13.40
CA TYR H 91 -7.86 38.39 -14.09
C TYR H 91 -6.77 38.88 -13.14
N ASP H 92 -7.18 39.40 -11.97
CA ASP H 92 -6.20 39.89 -11.01
C ASP H 92 -5.33 38.75 -10.48
N THR H 93 -5.91 37.55 -10.36
CA THR H 93 -5.14 36.42 -9.85
C THR H 93 -4.04 36.02 -10.82
N MET H 94 -4.35 35.97 -12.12
CA MET H 94 -3.36 35.58 -13.12
C MET H 94 -2.19 36.54 -13.13
N GLN H 95 -2.44 37.82 -12.94
CA GLN H 95 -1.37 38.81 -12.95
C GLN H 95 -0.61 38.85 -11.62
N PHE H 96 -1.28 38.51 -10.52
CA PHE H 96 -0.62 38.54 -9.22
C PHE H 96 0.43 37.45 -9.09
N ILE H 97 0.15 36.25 -9.58
CA ILE H 97 1.09 35.14 -9.46
C ILE H 97 2.22 35.30 -10.47
N LYS H 98 3.42 34.92 -10.04
CA LYS H 98 4.60 35.01 -10.88
C LYS H 98 4.54 34.15 -12.16
N PRO H 99 4.07 32.90 -12.14
CA PRO H 99 4.06 32.10 -13.38
C PRO H 99 3.23 32.75 -14.49
N ASP H 100 3.66 32.48 -15.73
CA ASP H 100 2.98 32.98 -16.91
C ASP H 100 1.81 32.06 -17.21
N VAL H 101 0.59 32.59 -17.14
CA VAL H 101 -0.62 31.81 -17.37
C VAL H 101 -0.94 31.82 -18.86
N SER H 102 -0.63 30.71 -19.53
CA SER H 102 -0.92 30.58 -20.95
C SER H 102 -2.40 30.30 -21.13
N THR H 103 -3.00 30.97 -22.12
CA THR H 103 -4.42 30.84 -22.41
C THR H 103 -4.62 30.32 -23.83
N ILE H 104 -5.73 29.60 -24.02
CA ILE H 104 -6.10 29.02 -25.31
C ILE H 104 -7.62 29.13 -25.43
N CYS H 105 -8.10 29.44 -26.63
CA CYS H 105 -9.52 29.57 -26.91
C CYS H 105 -9.99 28.34 -27.68
N MET H 106 -10.96 27.63 -27.11
CA MET H 106 -11.54 26.44 -27.70
C MET H 106 -13.04 26.66 -27.86
N GLY H 107 -13.52 26.58 -29.10
CA GLY H 107 -14.93 26.75 -29.37
C GLY H 107 -15.38 28.20 -29.45
N GLN H 108 -15.42 28.90 -28.32
CA GLN H 108 -15.87 30.27 -28.32
C GLN H 108 -15.32 31.02 -27.12
N ALA H 109 -15.22 32.34 -27.26
CA ALA H 109 -14.73 33.23 -26.22
C ALA H 109 -15.56 34.51 -26.28
N ALA H 110 -16.46 34.67 -25.32
CA ALA H 110 -17.34 35.83 -25.29
C ALA H 110 -16.62 37.03 -24.65
N SER H 111 -17.39 38.09 -24.38
CA SER H 111 -16.90 39.33 -23.78
C SER H 111 -15.93 39.10 -22.62
N MET H 112 -16.35 38.36 -21.60
CA MET H 112 -15.46 38.11 -20.48
C MET H 112 -14.45 37.02 -20.80
N GLY H 113 -14.84 36.06 -21.64
CA GLY H 113 -13.89 35.03 -22.02
C GLY H 113 -12.74 35.60 -22.84
N ALA H 114 -13.04 36.63 -23.65
CA ALA H 114 -12.01 37.28 -24.45
C ALA H 114 -11.10 38.13 -23.59
N PHE H 115 -11.64 38.73 -22.52
CA PHE H 115 -10.83 39.58 -21.65
C PHE H 115 -9.79 38.75 -20.89
N LEU H 116 -10.19 37.56 -20.43
CA LEU H 116 -9.24 36.70 -19.73
C LEU H 116 -8.28 36.04 -20.71
N LEU H 117 -8.72 35.84 -21.95
CA LEU H 117 -7.87 35.23 -22.96
C LEU H 117 -6.69 36.13 -23.31
N THR H 118 -6.99 37.39 -23.68
CA THR H 118 -5.94 38.34 -24.04
C THR H 118 -5.11 38.76 -22.84
N ALA H 119 -5.60 38.56 -21.62
CA ALA H 119 -4.84 38.94 -20.43
C ALA H 119 -3.70 37.99 -20.12
N GLY H 120 -3.56 36.89 -20.87
CA GLY H 120 -2.49 35.94 -20.63
C GLY H 120 -1.12 36.52 -20.89
N ALA H 121 -0.09 35.74 -20.59
CA ALA H 121 1.27 36.21 -20.81
C ALA H 121 1.54 36.42 -22.29
N LYS H 122 2.26 37.51 -22.59
CA LYS H 122 2.59 37.83 -23.97
C LYS H 122 3.50 36.75 -24.56
N GLY H 123 3.15 36.28 -25.75
CA GLY H 123 3.90 35.24 -26.41
C GLY H 123 3.45 33.83 -26.13
N LYS H 124 2.50 33.64 -25.21
CA LYS H 124 1.97 32.32 -24.85
C LYS H 124 0.45 32.27 -25.00
N ARG H 125 -0.09 32.98 -25.98
CA ARG H 125 -1.52 33.01 -26.28
C ARG H 125 -1.72 32.38 -27.66
N PHE H 126 -2.63 31.41 -27.73
CA PHE H 126 -2.91 30.71 -28.98
C PHE H 126 -4.41 30.56 -29.18
N CYS H 127 -4.82 30.55 -30.44
CA CYS H 127 -6.21 30.38 -30.83
C CYS H 127 -6.27 29.30 -31.90
N LEU H 128 -7.31 28.46 -31.82
CA LEU H 128 -7.45 27.38 -32.79
C LEU H 128 -7.82 27.95 -34.16
N PRO H 129 -7.58 27.20 -35.24
CA PRO H 129 -7.91 27.73 -36.58
C PRO H 129 -9.38 28.00 -36.80
N ASN H 130 -10.27 27.29 -36.10
CA ASN H 130 -11.72 27.47 -36.25
C ASN H 130 -12.36 28.12 -35.04
N SER H 131 -11.57 28.61 -34.09
CA SER H 131 -12.13 29.26 -32.91
C SER H 131 -12.70 30.61 -33.30
N ARG H 132 -13.50 31.17 -32.40
CA ARG H 132 -14.14 32.46 -32.62
C ARG H 132 -14.23 33.23 -31.32
N VAL H 133 -13.95 34.52 -31.39
CA VAL H 133 -14.00 35.43 -30.25
C VAL H 133 -15.09 36.45 -30.50
N MET H 134 -15.78 36.84 -29.43
CA MET H 134 -16.86 37.82 -29.50
C MET H 134 -16.66 38.83 -28.38
N ILE H 135 -16.84 40.11 -28.71
CA ILE H 135 -16.68 41.20 -27.76
C ILE H 135 -17.83 42.18 -27.92
N HIS H 136 -18.34 42.67 -26.79
CA HIS H 136 -19.42 43.64 -26.79
C HIS H 136 -19.26 44.49 -25.52
N GLN H 137 -20.25 45.36 -25.26
CA GLN H 137 -20.19 46.22 -24.10
C GLN H 137 -20.86 45.56 -22.91
N PRO H 138 -20.59 46.03 -21.68
CA PRO H 138 -21.25 45.41 -20.52
C PRO H 138 -22.76 45.55 -20.58
N LEU H 139 -23.44 44.53 -20.05
CA LEU H 139 -24.89 44.50 -19.98
C LEU H 139 -25.35 44.72 -18.54
N GLY H 140 -26.49 45.37 -18.41
CA GLY H 140 -27.02 45.64 -17.09
C GLY H 140 -28.48 46.06 -17.15
N GLY H 141 -28.93 46.65 -16.04
CA GLY H 141 -30.29 47.14 -15.94
C GLY H 141 -30.64 47.43 -14.50
N TYR H 142 -31.66 48.27 -14.29
CA TYR H 142 -32.08 48.62 -12.94
C TYR H 142 -33.52 49.11 -12.98
N GLN H 143 -34.21 48.96 -11.85
CA GLN H 143 -35.60 49.41 -11.71
C GLN H 143 -35.73 50.08 -10.36
N GLY H 144 -36.22 51.31 -10.36
CA GLY H 144 -36.38 52.06 -9.13
C GLY H 144 -36.53 53.54 -9.42
N GLN H 145 -36.20 54.34 -8.41
CA GLN H 145 -36.27 55.79 -8.53
C GLN H 145 -35.24 56.28 -9.54
N ALA H 146 -35.48 57.50 -10.05
CA ALA H 146 -34.56 58.07 -11.03
C ALA H 146 -33.20 58.34 -10.42
N THR H 147 -33.14 58.67 -9.12
CA THR H 147 -31.85 58.91 -8.48
C THR H 147 -31.01 57.64 -8.44
N ASP H 148 -31.66 56.49 -8.23
CA ASP H 148 -30.93 55.23 -8.19
C ASP H 148 -30.44 54.80 -9.56
N ILE H 149 -31.21 55.11 -10.61
CA ILE H 149 -30.81 54.73 -11.96
C ILE H 149 -29.54 55.48 -12.36
N GLU H 150 -29.41 56.74 -11.94
CA GLU H 150 -28.22 57.51 -12.25
C GLU H 150 -26.99 56.91 -11.58
N ILE H 151 -27.16 56.40 -10.36
CA ILE H 151 -26.04 55.82 -9.63
C ILE H 151 -25.53 54.57 -10.33
N HIS H 152 -26.44 53.64 -10.66
CA HIS H 152 -26.02 52.41 -11.32
C HIS H 152 -25.58 52.65 -12.76
N ALA H 153 -26.06 53.72 -13.40
CA ALA H 153 -25.63 54.00 -14.77
C ALA H 153 -24.20 54.51 -14.78
N ARG H 154 -23.85 55.38 -13.83
CA ARG H 154 -22.49 55.89 -13.76
C ARG H 154 -21.50 54.79 -13.44
N GLU H 155 -21.91 53.81 -12.62
CA GLU H 155 -21.01 52.72 -12.25
C GLU H 155 -20.70 51.82 -13.43
N ILE H 156 -21.73 51.38 -14.16
CA ILE H 156 -21.48 50.50 -15.30
C ILE H 156 -20.74 51.25 -16.39
N LEU H 157 -20.86 52.57 -16.45
CA LEU H 157 -20.10 53.33 -17.44
C LEU H 157 -18.62 53.31 -17.08
N LYS H 158 -18.31 53.38 -15.79
CA LYS H 158 -16.93 53.32 -15.34
C LYS H 158 -16.31 51.97 -15.66
N VAL H 159 -17.09 50.90 -15.50
CA VAL H 159 -16.61 49.55 -15.79
C VAL H 159 -16.27 49.42 -17.26
N LYS H 160 -17.15 49.93 -18.14
CA LYS H 160 -16.89 49.87 -19.57
C LYS H 160 -15.59 50.59 -19.92
N GLY H 161 -15.34 51.74 -19.29
CA GLY H 161 -14.10 52.44 -19.54
C GLY H 161 -12.90 51.68 -19.02
N ARG H 162 -13.06 51.05 -17.86
CA ARG H 162 -11.95 50.29 -17.27
C ARG H 162 -11.65 49.04 -18.10
N MET H 163 -12.69 48.38 -18.61
CA MET H 163 -12.47 47.18 -19.41
C MET H 163 -11.80 47.51 -20.74
N ASN H 164 -12.03 48.71 -21.27
CA ASN H 164 -11.44 49.09 -22.53
C ASN H 164 -9.96 49.46 -22.37
N GLU H 165 -9.61 50.07 -21.23
CA GLU H 165 -8.23 50.45 -20.99
C GLU H 165 -7.32 49.22 -20.93
N LEU H 166 -7.76 48.17 -20.22
CA LEU H 166 -6.94 46.97 -20.10
C LEU H 166 -6.87 46.22 -21.41
N MET H 167 -7.96 46.22 -22.19
CA MET H 167 -7.95 45.53 -23.47
C MET H 167 -6.91 46.14 -24.40
N ALA H 168 -6.79 47.47 -24.38
CA ALA H 168 -5.81 48.15 -25.21
C ALA H 168 -4.39 47.87 -24.73
N LEU H 169 -4.22 47.78 -23.41
CA LEU H 169 -2.89 47.54 -22.84
C LEU H 169 -2.30 46.22 -23.30
N HIS H 170 -3.09 45.15 -23.30
CA HIS H 170 -2.57 43.85 -23.69
C HIS H 170 -2.63 43.65 -25.20
N THR H 171 -3.68 44.14 -25.87
CA THR H 171 -3.78 44.00 -27.31
C THR H 171 -2.89 44.98 -28.07
N GLY H 172 -2.45 46.05 -27.42
CA GLY H 172 -1.61 47.05 -28.04
C GLY H 172 -2.35 48.09 -28.86
N GLN H 173 -3.63 47.87 -29.16
CA GLN H 173 -4.40 48.84 -29.93
C GLN H 173 -4.61 50.11 -29.12
N SER H 174 -5.18 51.12 -29.77
CA SER H 174 -5.45 52.39 -29.11
C SER H 174 -6.79 52.32 -28.37
N LEU H 175 -6.93 53.19 -27.37
CA LEU H 175 -8.16 53.21 -26.59
C LEU H 175 -9.36 53.60 -27.43
N GLU H 176 -9.16 54.46 -28.44
CA GLU H 176 -10.27 54.87 -29.29
C GLU H 176 -10.74 53.72 -30.18
N GLN H 177 -9.83 52.85 -30.59
CA GLN H 177 -10.21 51.74 -31.45
C GLN H 177 -11.04 50.70 -30.70
N ILE H 178 -10.67 50.41 -29.46
CA ILE H 178 -11.40 49.41 -28.67
C ILE H 178 -12.82 49.88 -28.40
N GLU H 179 -13.00 51.18 -28.15
CA GLU H 179 -14.34 51.70 -27.89
C GLU H 179 -15.24 51.57 -29.10
N ARG H 180 -14.72 51.93 -30.28
CA ARG H 180 -15.51 51.84 -31.51
C ARG H 180 -15.88 50.41 -31.85
N ASP H 181 -14.97 49.47 -31.58
CA ASP H 181 -15.20 48.06 -31.92
C ASP H 181 -16.08 47.34 -30.90
N THR H 182 -16.16 47.83 -29.66
CA THR H 182 -16.95 47.18 -28.62
C THR H 182 -18.32 47.81 -28.43
N GLU H 183 -18.71 48.79 -29.25
CA GLU H 183 -20.03 49.38 -29.11
C GLU H 183 -21.13 48.35 -29.37
N ARG H 184 -20.87 47.39 -30.25
CA ARG H 184 -21.81 46.33 -30.59
C ARG H 184 -21.04 45.02 -30.70
N ASP H 185 -21.77 43.92 -30.83
CA ASP H 185 -21.16 42.61 -30.95
C ASP H 185 -20.25 42.57 -32.18
N ARG H 186 -19.04 42.06 -31.99
CA ARG H 186 -18.05 41.96 -33.06
C ARG H 186 -17.38 40.60 -32.98
N PHE H 187 -17.58 39.77 -34.01
CA PHE H 187 -16.98 38.45 -34.06
C PHE H 187 -15.66 38.53 -34.82
N LEU H 188 -14.65 37.87 -34.30
CA LEU H 188 -13.31 37.87 -34.89
C LEU H 188 -12.83 36.44 -35.09
N SER H 189 -12.54 36.09 -36.34
CA SER H 189 -12.03 34.77 -36.65
C SER H 189 -10.63 34.60 -36.10
N ALA H 190 -10.08 33.39 -36.23
CA ALA H 190 -8.75 33.12 -35.72
C ALA H 190 -7.66 33.94 -36.40
N PRO H 191 -7.64 34.12 -37.73
CA PRO H 191 -6.56 34.94 -38.31
C PRO H 191 -6.64 36.40 -37.92
N GLU H 192 -7.85 36.96 -37.88
CA GLU H 192 -8.02 38.36 -37.53
C GLU H 192 -7.55 38.65 -36.10
N ALA H 193 -7.66 37.67 -35.21
CA ALA H 193 -7.22 37.87 -33.82
C ALA H 193 -5.72 38.11 -33.76
N VAL H 194 -4.95 37.43 -34.63
CA VAL H 194 -3.50 37.62 -34.65
C VAL H 194 -3.17 39.03 -35.10
N GLU H 195 -3.81 39.47 -36.20
CA GLU H 195 -3.58 40.81 -36.71
C GLU H 195 -4.01 41.88 -35.71
N TYR H 196 -4.96 41.57 -34.84
CA TYR H 196 -5.45 42.51 -33.84
C TYR H 196 -4.63 42.51 -32.57
N GLY H 197 -3.62 41.67 -32.45
CA GLY H 197 -2.81 41.61 -31.25
C GLY H 197 -3.44 40.87 -30.10
N LEU H 198 -4.64 40.30 -30.29
CA LEU H 198 -5.32 39.59 -29.22
C LEU H 198 -4.60 38.29 -28.86
N VAL H 199 -3.97 37.65 -29.84
CA VAL H 199 -3.25 36.39 -29.65
C VAL H 199 -1.90 36.50 -30.36
N ASP H 200 -1.07 35.48 -30.19
CA ASP H 200 0.26 35.45 -30.79
C ASP H 200 0.37 34.55 -32.01
N SER H 201 -0.24 33.38 -32.01
CA SER H 201 -0.16 32.48 -33.16
C SER H 201 -1.34 31.52 -33.13
N ILE H 202 -1.32 30.55 -34.04
CA ILE H 202 -2.35 29.52 -34.17
C ILE H 202 -1.66 28.17 -34.07
N LEU H 203 -2.26 27.26 -33.29
CA LEU H 203 -1.72 25.93 -33.08
C LEU H 203 -2.37 24.93 -34.03
N THR H 204 -2.00 25.06 -35.31
CA THR H 204 -2.54 24.17 -36.33
C THR H 204 -2.11 22.73 -36.10
N HIS H 205 -0.81 22.48 -36.05
CA HIS H 205 -0.24 21.16 -35.85
C HIS H 205 0.82 21.22 -34.76
N ARG H 206 1.16 20.03 -34.24
CA ARG H 206 2.17 19.91 -33.20
C ARG H 206 3.55 19.79 -33.84
N ASN H 207 4.50 20.54 -33.29
CA ASN H 207 5.88 20.54 -33.80
C ASN H 207 6.87 20.45 -32.65
N LEU I 16 -27.73 4.01 -14.17
CA LEU I 16 -26.64 3.20 -13.55
C LEU I 16 -25.60 2.82 -14.59
N VAL I 17 -24.36 2.65 -14.14
CA VAL I 17 -23.24 2.29 -14.99
C VAL I 17 -22.64 1.00 -14.44
N PRO I 18 -22.51 -0.08 -15.22
CA PRO I 18 -21.91 -1.30 -14.66
C PRO I 18 -20.43 -1.13 -14.38
N MET I 19 -19.94 -1.95 -13.43
CA MET I 19 -18.54 -1.99 -13.05
C MET I 19 -17.92 -3.28 -13.55
N VAL I 20 -16.70 -3.18 -14.08
CA VAL I 20 -15.97 -4.33 -14.60
C VAL I 20 -14.65 -4.46 -13.84
N ILE I 21 -14.04 -5.64 -13.98
CA ILE I 21 -12.79 -5.97 -13.32
C ILE I 21 -11.74 -6.28 -14.38
N GLU I 22 -10.59 -5.61 -14.28
CA GLU I 22 -9.46 -5.80 -15.17
C GLU I 22 -8.38 -6.57 -14.43
N GLN I 23 -8.01 -7.74 -14.97
CA GLN I 23 -6.99 -8.56 -14.34
C GLN I 23 -5.61 -8.05 -14.74
N THR I 24 -4.75 -7.82 -13.74
CA THR I 24 -3.40 -7.34 -13.95
C THR I 24 -2.43 -8.19 -13.15
N SER I 25 -1.14 -7.98 -13.40
CA SER I 25 -0.11 -8.73 -12.68
C SER I 25 -0.09 -8.37 -11.21
N ARG I 26 -0.27 -7.09 -10.89
CA ARG I 26 -0.24 -6.65 -9.49
C ARG I 26 -1.48 -7.14 -8.74
N GLY I 27 -2.64 -6.98 -9.34
CA GLY I 27 -3.87 -7.41 -8.70
C GLY I 27 -5.08 -6.94 -9.48
N GLU I 28 -6.25 -7.27 -8.94
CA GLU I 28 -7.50 -6.90 -9.57
C GLU I 28 -7.81 -5.43 -9.31
N ARG I 29 -8.42 -4.79 -10.31
CA ARG I 29 -8.80 -3.38 -10.22
C ARG I 29 -10.19 -3.22 -10.82
N SER I 30 -11.07 -2.56 -10.08
CA SER I 30 -12.44 -2.35 -10.53
C SER I 30 -12.53 -1.03 -11.29
N PHE I 31 -12.99 -1.10 -12.52
CA PHE I 31 -13.13 0.07 -13.40
C PHE I 31 -14.53 0.09 -14.00
N ASP I 32 -15.01 1.29 -14.29
CA ASP I 32 -16.30 1.44 -14.93
C ASP I 32 -16.16 1.13 -16.42
N ILE I 33 -17.29 0.84 -17.06
CA ILE I 33 -17.29 0.46 -18.47
C ILE I 33 -16.70 1.58 -19.33
N TYR I 34 -17.15 2.81 -19.14
CA TYR I 34 -16.65 3.92 -19.94
C TYR I 34 -15.14 4.13 -19.73
N SER I 35 -14.68 4.01 -18.48
CA SER I 35 -13.27 4.22 -18.20
C SER I 35 -12.42 3.06 -18.70
N ARG I 36 -12.96 1.84 -18.71
CA ARG I 36 -12.21 0.70 -19.19
C ARG I 36 -11.87 0.86 -20.66
N LEU I 37 -12.85 1.25 -21.47
CA LEU I 37 -12.61 1.43 -22.89
C LEU I 37 -11.71 2.62 -23.17
N LEU I 38 -11.73 3.63 -22.30
CA LEU I 38 -10.86 4.79 -22.50
C LEU I 38 -9.39 4.38 -22.43
N LYS I 39 -9.07 3.38 -21.61
CA LYS I 39 -7.70 2.90 -21.51
C LYS I 39 -7.20 2.36 -22.84
N GLU I 40 -8.09 1.87 -23.69
CA GLU I 40 -7.76 1.32 -24.99
C GLU I 40 -7.91 2.32 -26.13
N ARG I 41 -7.86 3.61 -25.83
CA ARG I 41 -7.97 4.67 -26.84
C ARG I 41 -9.33 4.63 -27.53
N VAL I 42 -10.39 4.62 -26.71
CA VAL I 42 -11.77 4.58 -27.20
C VAL I 42 -12.57 5.65 -26.48
N ILE I 43 -13.24 6.52 -27.23
CA ILE I 43 -14.05 7.61 -26.68
C ILE I 43 -15.44 7.51 -27.26
N PHE I 44 -16.44 7.81 -26.42
CA PHE I 44 -17.84 7.78 -26.80
C PHE I 44 -18.41 9.20 -26.89
N LEU I 45 -19.08 9.50 -27.99
CA LEU I 45 -19.72 10.79 -28.23
C LEU I 45 -21.22 10.52 -28.24
N THR I 46 -21.89 10.79 -27.12
CA THR I 46 -23.31 10.54 -26.96
C THR I 46 -24.08 11.81 -26.63
N GLY I 47 -25.32 11.85 -27.12
CA GLY I 47 -26.22 12.96 -26.89
C GLY I 47 -25.87 14.20 -27.69
N GLN I 48 -26.55 15.28 -27.34
CA GLN I 48 -26.35 16.55 -28.01
C GLN I 48 -24.96 17.10 -27.71
N VAL I 49 -24.42 17.80 -28.70
CA VAL I 49 -23.08 18.39 -28.58
C VAL I 49 -23.23 19.72 -27.87
N GLU I 50 -22.66 19.82 -26.67
CA GLU I 50 -22.71 21.01 -25.85
C GLU I 50 -21.30 21.33 -25.36
N ASP I 51 -21.19 22.43 -24.62
CA ASP I 51 -19.90 22.90 -24.14
C ASP I 51 -19.32 21.97 -23.07
N HIS I 52 -20.14 21.36 -22.23
CA HIS I 52 -19.61 20.52 -21.16
C HIS I 52 -19.14 19.16 -21.68
N MET I 53 -19.98 18.48 -22.47
CA MET I 53 -19.57 17.17 -23.00
C MET I 53 -18.40 17.31 -23.97
N ALA I 54 -18.34 18.42 -24.70
CA ALA I 54 -17.25 18.61 -25.65
C ALA I 54 -15.94 18.87 -24.92
N ASN I 55 -15.98 19.63 -23.84
CA ASN I 55 -14.77 19.90 -23.07
C ASN I 55 -14.21 18.63 -22.44
N LEU I 56 -15.04 17.61 -22.25
CA LEU I 56 -14.59 16.36 -21.67
C LEU I 56 -13.85 15.51 -22.70
N ILE I 57 -14.32 15.52 -23.94
CA ILE I 57 -13.70 14.72 -24.99
C ILE I 57 -12.32 15.28 -25.34
N VAL I 58 -12.16 16.60 -25.29
CA VAL I 58 -10.88 17.21 -25.61
C VAL I 58 -9.81 16.74 -24.63
N ALA I 59 -10.16 16.66 -23.35
CA ALA I 59 -9.21 16.20 -22.35
C ALA I 59 -8.85 14.74 -22.58
N GLN I 60 -9.79 13.95 -23.09
CA GLN I 60 -9.53 12.54 -23.34
C GLN I 60 -8.54 12.37 -24.49
N MET I 61 -8.71 13.14 -25.56
CA MET I 61 -7.80 13.04 -26.70
C MET I 61 -6.39 13.43 -26.29
N LEU I 62 -6.25 14.52 -25.54
CA LEU I 62 -4.93 14.94 -25.09
C LEU I 62 -4.29 13.91 -24.17
N PHE I 63 -5.10 13.27 -23.32
CA PHE I 63 -4.58 12.26 -22.40
C PHE I 63 -4.02 11.06 -23.16
N LEU I 64 -4.71 10.64 -24.21
CA LEU I 64 -4.24 9.48 -24.98
C LEU I 64 -3.01 9.83 -25.80
N GLU I 65 -2.89 11.07 -26.24
CA GLU I 65 -1.72 11.49 -27.02
C GLU I 65 -0.44 11.32 -26.22
N ALA I 66 -0.46 11.74 -24.95
CA ALA I 66 0.72 11.63 -24.10
C ALA I 66 1.03 10.18 -23.78
N GLU I 67 0.01 9.36 -23.55
CA GLU I 67 0.24 7.95 -23.21
C GLU I 67 0.90 7.22 -24.37
N ASN I 68 0.40 7.43 -25.58
CA ASN I 68 0.99 6.79 -26.76
C ASN I 68 0.70 7.65 -28.00
N PRO I 69 1.69 8.26 -28.64
CA PRO I 69 1.42 9.05 -29.85
C PRO I 69 1.44 8.26 -31.15
N GLU I 70 1.71 6.96 -31.10
CA GLU I 70 1.80 6.12 -32.29
C GLU I 70 0.64 5.16 -32.47
N LYS I 71 -0.33 5.15 -31.54
CA LYS I 71 -1.47 4.25 -31.63
C LYS I 71 -2.70 5.03 -32.07
N ASP I 72 -3.46 4.44 -32.98
CA ASP I 72 -4.66 5.09 -33.51
C ASP I 72 -5.74 5.17 -32.44
N ILE I 73 -6.50 6.26 -32.49
CA ILE I 73 -7.60 6.52 -31.57
C ILE I 73 -8.90 6.19 -32.29
N TYR I 74 -9.86 5.62 -31.55
CA TYR I 74 -11.16 5.25 -32.11
C TYR I 74 -12.23 6.11 -31.45
N LEU I 75 -13.04 6.76 -32.29
CA LEU I 75 -14.10 7.66 -31.85
C LEU I 75 -15.44 7.17 -32.39
N TYR I 76 -16.30 6.70 -31.49
CA TYR I 76 -17.64 6.24 -31.87
C TYR I 76 -18.60 7.41 -31.68
N ILE I 77 -19.34 7.75 -32.74
CA ILE I 77 -20.24 8.90 -32.71
C ILE I 77 -21.67 8.42 -32.92
N ASN I 78 -22.53 8.75 -31.95
CA ASN I 78 -23.97 8.47 -32.01
C ASN I 78 -24.60 9.69 -31.35
N SER I 79 -24.99 10.68 -32.16
CA SER I 79 -25.55 11.90 -31.60
C SER I 79 -26.40 12.61 -32.64
N PRO I 80 -27.44 13.34 -32.24
CA PRO I 80 -28.26 14.08 -33.21
C PRO I 80 -27.74 15.48 -33.51
N GLY I 81 -26.51 15.80 -33.13
CA GLY I 81 -25.94 17.12 -33.34
C GLY I 81 -26.22 18.06 -32.19
N GLY I 82 -25.81 19.31 -32.38
CA GLY I 82 -25.99 20.31 -31.35
C GLY I 82 -25.37 21.64 -31.68
N VAL I 83 -24.70 22.26 -30.71
CA VAL I 83 -24.08 23.55 -30.92
C VAL I 83 -22.90 23.40 -31.88
N ILE I 84 -22.72 24.40 -32.74
CA ILE I 84 -21.66 24.37 -33.72
C ILE I 84 -20.31 24.71 -33.09
N THR I 85 -20.26 25.79 -32.31
CA THR I 85 -19.00 26.22 -31.70
C THR I 85 -18.41 25.14 -30.81
N ALA I 86 -19.26 24.34 -30.17
CA ALA I 86 -18.75 23.26 -29.33
C ALA I 86 -18.09 22.18 -30.16
N GLY I 87 -18.61 21.93 -31.37
CA GLY I 87 -18.06 20.90 -32.22
C GLY I 87 -16.77 21.28 -32.92
N MET I 88 -16.60 22.55 -33.26
CA MET I 88 -15.37 22.96 -33.96
C MET I 88 -14.14 22.78 -33.10
N SER I 89 -14.30 22.75 -31.77
CA SER I 89 -13.16 22.52 -30.90
C SER I 89 -12.63 21.10 -31.06
N ILE I 90 -13.53 20.16 -31.35
CA ILE I 90 -13.14 18.76 -31.53
C ILE I 90 -12.42 18.57 -32.85
N TYR I 91 -12.86 19.29 -33.88
CA TYR I 91 -12.24 19.16 -35.20
C TYR I 91 -10.79 19.62 -35.17
N ASP I 92 -10.53 20.79 -34.59
CA ASP I 92 -9.17 21.29 -34.53
C ASP I 92 -8.30 20.40 -33.66
N THR I 93 -8.88 19.80 -32.62
CA THR I 93 -8.10 18.93 -31.74
C THR I 93 -7.64 17.68 -32.46
N MET I 94 -8.52 17.06 -33.25
CA MET I 94 -8.16 15.85 -33.97
C MET I 94 -7.02 16.10 -34.95
N GLN I 95 -7.01 17.26 -35.59
CA GLN I 95 -5.97 17.56 -36.58
C GLN I 95 -4.67 18.00 -35.92
N PHE I 96 -4.72 18.61 -34.74
CA PHE I 96 -3.51 19.07 -34.08
C PHE I 96 -2.65 17.91 -33.59
N ILE I 97 -3.28 16.88 -33.02
CA ILE I 97 -2.54 15.75 -32.49
C ILE I 97 -2.07 14.84 -33.62
N LYS I 98 -0.86 14.30 -33.44
CA LYS I 98 -0.28 13.40 -34.43
C LYS I 98 -1.08 12.12 -34.67
N PRO I 99 -1.60 11.42 -33.64
CA PRO I 99 -2.32 10.17 -33.90
C PRO I 99 -3.52 10.34 -34.82
N ASP I 100 -3.81 9.27 -35.57
CA ASP I 100 -4.93 9.26 -36.50
C ASP I 100 -6.19 8.91 -35.74
N VAL I 101 -7.15 9.85 -35.72
CA VAL I 101 -8.40 9.69 -34.99
C VAL I 101 -9.38 8.95 -35.90
N SER I 102 -9.57 7.66 -35.63
CA SER I 102 -10.52 6.86 -36.39
C SER I 102 -11.93 7.17 -35.92
N THR I 103 -12.85 7.31 -36.88
CA THR I 103 -14.25 7.61 -36.61
C THR I 103 -15.15 6.49 -37.10
N ILE I 104 -16.27 6.34 -36.42
CA ILE I 104 -17.28 5.32 -36.73
C ILE I 104 -18.65 5.93 -36.50
N CYS I 105 -19.60 5.60 -37.38
CA CYS I 105 -20.95 6.12 -37.30
C CYS I 105 -21.88 5.04 -36.77
N MET I 106 -22.54 5.33 -35.64
CA MET I 106 -23.46 4.42 -35.00
C MET I 106 -24.79 5.14 -34.80
N GLY I 107 -25.86 4.59 -35.38
CA GLY I 107 -27.18 5.16 -35.24
C GLY I 107 -27.48 6.33 -36.14
N GLN I 108 -26.86 7.47 -35.89
CA GLN I 108 -27.11 8.67 -36.69
C GLN I 108 -25.94 9.62 -36.59
N ALA I 109 -25.84 10.49 -37.60
CA ALA I 109 -24.78 11.49 -37.70
C ALA I 109 -25.43 12.75 -38.29
N ALA I 110 -25.68 13.73 -37.45
CA ALA I 110 -26.33 14.97 -37.87
C ALA I 110 -25.28 15.91 -38.46
N SER I 111 -25.70 17.16 -38.70
CA SER I 111 -24.85 18.21 -39.28
C SER I 111 -23.46 18.26 -38.67
N MET I 112 -23.37 18.41 -37.35
CA MET I 112 -22.06 18.46 -36.72
C MET I 112 -21.49 17.07 -36.52
N GLY I 113 -22.35 16.06 -36.30
CA GLY I 113 -21.85 14.71 -36.15
C GLY I 113 -21.22 14.20 -37.43
N ALA I 114 -21.76 14.62 -38.58
CA ALA I 114 -21.22 14.20 -39.86
C ALA I 114 -19.90 14.88 -40.16
N PHE I 115 -19.73 16.13 -39.71
CA PHE I 115 -18.49 16.85 -39.96
C PHE I 115 -17.33 16.23 -39.19
N LEU I 116 -17.58 15.77 -37.97
CA LEU I 116 -16.52 15.12 -37.21
C LEU I 116 -16.26 13.72 -37.74
N LEU I 117 -17.27 13.09 -38.33
CA LEU I 117 -17.09 11.76 -38.89
C LEU I 117 -16.16 11.81 -40.09
N THR I 118 -16.46 12.68 -41.06
CA THR I 118 -15.63 12.82 -42.24
C THR I 118 -14.28 13.44 -41.92
N ALA I 119 -14.16 14.12 -40.78
CA ALA I 119 -12.89 14.74 -40.40
C ALA I 119 -11.87 13.72 -39.91
N GLY I 120 -12.24 12.45 -39.78
CA GLY I 120 -11.32 11.43 -39.32
C GLY I 120 -10.17 11.22 -40.29
N ALA I 121 -9.22 10.37 -39.91
CA ALA I 121 -8.08 10.11 -40.77
C ALA I 121 -8.52 9.42 -42.05
N LYS I 122 -7.92 9.83 -43.17
CA LYS I 122 -8.26 9.26 -44.46
C LYS I 122 -7.87 7.78 -44.49
N GLY I 123 -8.80 6.94 -44.93
CA GLY I 123 -8.58 5.51 -44.98
C GLY I 123 -8.95 4.77 -43.71
N LYS I 124 -9.32 5.49 -42.64
CA LYS I 124 -9.69 4.90 -41.37
C LYS I 124 -11.07 5.36 -40.92
N ARG I 125 -11.98 5.55 -41.87
CA ARG I 125 -13.35 5.97 -41.62
C ARG I 125 -14.28 4.85 -42.04
N PHE I 126 -15.19 4.47 -41.14
CA PHE I 126 -16.13 3.39 -41.40
C PHE I 126 -17.53 3.79 -40.96
N CYS I 127 -18.52 3.26 -41.66
CA CYS I 127 -19.93 3.50 -41.40
C CYS I 127 -20.63 2.16 -41.27
N LEU I 128 -21.58 2.06 -40.33
CA LEU I 128 -22.29 0.82 -40.13
C LEU I 128 -23.25 0.55 -41.29
N PRO I 129 -23.65 -0.71 -41.49
CA PRO I 129 -24.57 -1.00 -42.61
C PRO I 129 -25.93 -0.34 -42.49
N ASN I 130 -26.40 -0.04 -41.29
CA ASN I 130 -27.70 0.59 -41.07
C ASN I 130 -27.60 2.02 -40.57
N SER I 131 -26.41 2.60 -40.56
CA SER I 131 -26.25 3.97 -40.10
C SER I 131 -26.84 4.94 -41.13
N ARG I 132 -27.04 6.18 -40.68
CA ARG I 132 -27.60 7.22 -41.53
C ARG I 132 -26.96 8.55 -41.18
N VAL I 133 -26.65 9.34 -42.21
CA VAL I 133 -26.03 10.65 -42.07
C VAL I 133 -26.99 11.71 -42.57
N MET I 134 -27.01 12.86 -41.90
CA MET I 134 -27.83 13.99 -42.27
C MET I 134 -26.98 15.24 -42.24
N ILE I 135 -27.15 16.09 -43.25
CA ILE I 135 -26.40 17.34 -43.37
C ILE I 135 -27.33 18.47 -43.77
N HIS I 136 -27.13 19.63 -43.16
CA HIS I 136 -27.92 20.81 -43.47
C HIS I 136 -27.05 22.04 -43.21
N GLN I 137 -27.66 23.22 -43.30
CA GLN I 137 -26.95 24.47 -43.09
C GLN I 137 -27.04 24.88 -41.63
N PRO I 138 -26.18 25.79 -41.17
CA PRO I 138 -26.25 26.22 -39.76
C PRO I 138 -27.58 26.88 -39.44
N LEU I 139 -28.03 26.67 -38.20
CA LEU I 139 -29.27 27.23 -37.71
C LEU I 139 -28.96 28.36 -36.72
N GLY I 140 -29.83 29.36 -36.70
CA GLY I 140 -29.65 30.46 -35.79
C GLY I 140 -30.89 31.31 -35.69
N GLY I 141 -30.70 32.51 -35.17
CA GLY I 141 -31.77 33.46 -35.01
C GLY I 141 -31.36 34.58 -34.09
N TYR I 142 -32.02 35.72 -34.24
CA TYR I 142 -31.74 36.88 -33.41
C TYR I 142 -32.95 37.81 -33.40
N GLN I 143 -33.06 38.59 -32.34
CA GLN I 143 -34.15 39.55 -32.18
C GLN I 143 -33.54 40.86 -31.69
N GLY I 144 -33.80 41.94 -32.41
CA GLY I 144 -33.25 43.23 -32.03
C GLY I 144 -33.32 44.20 -33.20
N GLN I 145 -32.45 45.20 -33.13
CA GLN I 145 -32.38 46.22 -34.16
C GLN I 145 -31.91 45.62 -35.48
N ALA I 146 -32.21 46.31 -36.58
CA ALA I 146 -31.81 45.85 -37.90
C ALA I 146 -30.29 45.83 -38.05
N THR I 147 -29.60 46.77 -37.40
CA THR I 147 -28.14 46.81 -37.49
C THR I 147 -27.51 45.57 -36.87
N ASP I 148 -28.10 45.07 -35.78
CA ASP I 148 -27.56 43.89 -35.12
C ASP I 148 -27.82 42.63 -35.93
N ILE I 149 -28.96 42.57 -36.64
CA ILE I 149 -29.27 41.40 -37.45
C ILE I 149 -28.26 41.24 -38.58
N GLU I 150 -27.82 42.37 -39.15
CA GLU I 150 -26.84 42.32 -40.24
C GLU I 150 -25.50 41.77 -39.74
N ILE I 151 -25.12 42.12 -38.52
CA ILE I 151 -23.85 41.65 -37.98
C ILE I 151 -23.89 40.15 -37.76
N HIS I 152 -24.93 39.66 -37.09
CA HIS I 152 -25.04 38.22 -36.83
C HIS I 152 -25.34 37.44 -38.10
N ALA I 153 -25.94 38.07 -39.11
CA ALA I 153 -26.23 37.37 -40.36
C ALA I 153 -24.94 37.13 -41.14
N ARG I 154 -24.07 38.13 -41.18
CA ARG I 154 -22.79 37.98 -41.88
C ARG I 154 -21.93 36.94 -41.18
N GLU I 155 -22.04 36.84 -39.85
CA GLU I 155 -21.22 35.89 -39.10
C GLU I 155 -21.62 34.45 -39.40
N ILE I 156 -22.92 34.15 -39.34
CA ILE I 156 -23.36 32.79 -39.61
C ILE I 156 -23.11 32.42 -41.07
N LEU I 157 -23.07 33.41 -41.97
CA LEU I 157 -22.78 33.12 -43.36
C LEU I 157 -21.33 32.68 -43.51
N LYS I 158 -20.44 33.27 -42.72
CA LYS I 158 -19.03 32.89 -42.75
C LYS I 158 -18.86 31.43 -42.33
N VAL I 159 -19.60 31.02 -41.30
CA VAL I 159 -19.50 29.65 -40.80
C VAL I 159 -19.99 28.67 -41.87
N LYS I 160 -21.11 28.99 -42.52
CA LYS I 160 -21.63 28.11 -43.57
C LYS I 160 -20.61 27.96 -44.69
N GLY I 161 -19.96 29.06 -45.07
CA GLY I 161 -18.93 28.97 -46.09
C GLY I 161 -17.73 28.19 -45.60
N ARG I 162 -17.35 28.39 -44.33
CA ARG I 162 -16.21 27.69 -43.77
C ARG I 162 -16.49 26.20 -43.61
N MET I 163 -17.72 25.85 -43.21
CA MET I 163 -18.05 24.43 -43.04
C MET I 163 -18.09 23.70 -44.37
N ASN I 164 -18.44 24.40 -45.45
CA ASN I 164 -18.49 23.75 -46.76
C ASN I 164 -17.08 23.56 -47.32
N GLU I 165 -16.18 24.51 -47.06
CA GLU I 165 -14.81 24.39 -47.54
C GLU I 165 -14.12 23.17 -46.93
N LEU I 166 -14.28 22.98 -45.62
CA LEU I 166 -13.65 21.85 -44.96
C LEU I 166 -14.31 20.53 -45.37
N MET I 167 -15.64 20.56 -45.58
CA MET I 167 -16.32 19.34 -46.00
C MET I 167 -15.79 18.85 -47.35
N ALA I 168 -15.51 19.79 -48.26
CA ALA I 168 -14.97 19.43 -49.56
C ALA I 168 -13.56 18.90 -49.44
N LEU I 169 -12.79 19.46 -48.49
CA LEU I 169 -11.41 19.04 -48.30
C LEU I 169 -11.30 17.58 -47.92
N HIS I 170 -12.16 17.11 -47.01
CA HIS I 170 -12.10 15.72 -46.57
C HIS I 170 -12.87 14.79 -47.52
N THR I 171 -14.02 15.24 -48.02
CA THR I 171 -14.81 14.40 -48.92
C THR I 171 -14.27 14.40 -50.34
N GLY I 172 -13.46 15.39 -50.71
CA GLY I 172 -12.91 15.47 -52.05
C GLY I 172 -13.82 16.10 -53.08
N GLN I 173 -15.11 16.27 -52.79
CA GLN I 173 -16.03 16.87 -53.73
C GLN I 173 -15.70 18.33 -53.95
N SER I 174 -16.38 18.95 -54.91
CA SER I 174 -16.18 20.35 -55.20
C SER I 174 -17.00 21.23 -54.26
N LEU I 175 -16.55 22.47 -54.09
CA LEU I 175 -17.26 23.40 -53.21
C LEU I 175 -18.67 23.69 -53.69
N GLU I 176 -18.87 23.72 -55.01
CA GLU I 176 -20.20 24.01 -55.55
C GLU I 176 -21.17 22.86 -55.28
N GLN I 177 -20.68 21.63 -55.26
CA GLN I 177 -21.56 20.48 -55.03
C GLN I 177 -22.03 20.44 -53.58
N ILE I 178 -21.14 20.73 -52.63
CA ILE I 178 -21.50 20.69 -51.22
C ILE I 178 -22.53 21.76 -50.90
N GLU I 179 -22.41 22.94 -51.53
CA GLU I 179 -23.36 24.01 -51.27
C GLU I 179 -24.76 23.64 -51.75
N ARG I 180 -24.86 23.07 -52.95
CA ARG I 180 -26.15 22.67 -53.49
C ARG I 180 -26.77 21.55 -52.67
N ASP I 181 -25.95 20.63 -52.13
CA ASP I 181 -26.45 19.50 -51.37
C ASP I 181 -26.79 19.84 -49.93
N THR I 182 -26.22 20.91 -49.37
CA THR I 182 -26.47 21.29 -47.98
C THR I 182 -27.51 22.39 -47.83
N GLU I 183 -28.15 22.83 -48.91
CA GLU I 183 -29.18 23.86 -48.79
C GLU I 183 -30.35 23.38 -47.95
N ARG I 184 -30.65 22.08 -48.01
CA ARG I 184 -31.74 21.46 -47.26
C ARG I 184 -31.25 20.13 -46.72
N ASP I 185 -32.08 19.53 -45.86
CA ASP I 185 -31.75 18.23 -45.29
C ASP I 185 -31.54 17.20 -46.40
N ARG I 186 -30.46 16.46 -46.31
CA ARG I 186 -30.13 15.44 -47.30
C ARG I 186 -29.63 14.20 -46.57
N PHE I 187 -30.39 13.11 -46.66
CA PHE I 187 -30.02 11.86 -46.02
C PHE I 187 -29.24 11.00 -46.99
N LEU I 188 -28.16 10.38 -46.51
CA LEU I 188 -27.31 9.52 -47.32
C LEU I 188 -27.11 8.20 -46.61
N SER I 189 -27.46 7.11 -47.29
CA SER I 189 -27.30 5.77 -46.75
C SER I 189 -25.81 5.43 -46.64
N ALA I 190 -25.54 4.29 -46.02
CA ALA I 190 -24.14 3.86 -45.87
C ALA I 190 -23.44 3.62 -47.19
N PRO I 191 -24.04 2.98 -48.20
CA PRO I 191 -23.31 2.82 -49.47
C PRO I 191 -23.04 4.15 -50.17
N GLU I 192 -24.01 5.06 -50.14
CA GLU I 192 -23.84 6.35 -50.81
C GLU I 192 -22.73 7.17 -50.16
N ALA I 193 -22.50 6.99 -48.86
CA ALA I 193 -21.45 7.74 -48.18
C ALA I 193 -20.08 7.37 -48.73
N VAL I 194 -19.88 6.12 -49.11
CA VAL I 194 -18.60 5.70 -49.67
C VAL I 194 -18.39 6.36 -51.02
N GLU I 195 -19.41 6.33 -51.88
CA GLU I 195 -19.32 6.95 -53.19
C GLU I 195 -19.14 8.46 -53.09
N TYR I 196 -19.62 9.06 -52.00
CA TYR I 196 -19.52 10.49 -51.79
C TYR I 196 -18.20 10.91 -51.14
N GLY I 197 -17.33 9.97 -50.80
CA GLY I 197 -16.07 10.30 -50.17
C GLY I 197 -16.17 10.59 -48.68
N LEU I 198 -17.36 10.50 -48.10
CA LEU I 198 -17.54 10.78 -46.68
C LEU I 198 -16.86 9.73 -45.81
N VAL I 199 -16.83 8.47 -46.27
CA VAL I 199 -16.21 7.37 -45.54
C VAL I 199 -15.39 6.54 -46.51
N ASP I 200 -14.68 5.56 -45.97
CA ASP I 200 -13.79 4.70 -46.75
C ASP I 200 -14.36 3.31 -47.01
N SER I 201 -15.00 2.67 -46.04
CA SER I 201 -15.54 1.34 -46.24
C SER I 201 -16.66 1.10 -45.23
N ILE I 202 -17.15 -0.13 -45.18
CA ILE I 202 -18.23 -0.55 -44.29
C ILE I 202 -17.73 -1.72 -43.46
N LEU I 203 -17.99 -1.67 -42.15
CA LEU I 203 -17.60 -2.73 -41.22
C LEU I 203 -18.78 -3.68 -41.01
N THR I 204 -19.08 -4.44 -42.07
CA THR I 204 -20.20 -5.38 -42.01
C THR I 204 -19.95 -6.48 -40.99
N HIS I 205 -18.85 -7.23 -41.16
CA HIS I 205 -18.51 -8.34 -40.28
C HIS I 205 -17.06 -8.24 -39.84
N ARG I 206 -16.72 -8.98 -38.79
CA ARG I 206 -15.38 -8.99 -38.23
C ARG I 206 -14.54 -10.03 -38.97
N ASN I 207 -13.32 -9.63 -39.32
CA ASN I 207 -12.38 -10.50 -40.03
C ASN I 207 -11.10 -10.67 -39.23
N LEU J 16 -32.68 2.54 -5.34
CA LEU J 16 -31.62 1.80 -4.60
C LEU J 16 -31.30 0.49 -5.30
N VAL J 17 -30.02 0.11 -5.27
CA VAL J 17 -29.53 -1.11 -5.89
C VAL J 17 -28.84 -1.94 -4.81
N PRO J 18 -29.23 -3.20 -4.58
CA PRO J 18 -28.53 -3.98 -3.54
C PRO J 18 -27.11 -4.33 -3.94
N MET J 19 -26.29 -4.56 -2.92
CA MET J 19 -24.90 -4.96 -3.08
C MET J 19 -24.75 -6.42 -2.70
N VAL J 20 -23.98 -7.16 -3.50
CA VAL J 20 -23.73 -8.58 -3.28
C VAL J 20 -22.24 -8.81 -3.13
N ILE J 21 -21.89 -9.99 -2.61
CA ILE J 21 -20.52 -10.41 -2.40
C ILE J 21 -20.26 -11.66 -3.22
N GLU J 22 -19.20 -11.62 -4.02
CA GLU J 22 -18.79 -12.73 -4.87
C GLU J 22 -17.57 -13.39 -4.25
N GLN J 23 -17.69 -14.68 -3.93
CA GLN J 23 -16.58 -15.41 -3.34
C GLN J 23 -15.64 -15.90 -4.43
N THR J 24 -14.35 -15.58 -4.29
CA THR J 24 -13.32 -15.96 -5.23
C THR J 24 -12.13 -16.54 -4.49
N SER J 25 -11.19 -17.09 -5.26
CA SER J 25 -9.99 -17.68 -4.66
C SER J 25 -9.11 -16.61 -4.04
N ARG J 26 -9.03 -15.44 -4.66
CA ARG J 26 -8.19 -14.37 -4.13
C ARG J 26 -8.79 -13.78 -2.85
N GLY J 27 -10.08 -13.47 -2.88
CA GLY J 27 -10.73 -12.91 -1.72
C GLY J 27 -12.12 -12.43 -2.07
N GLU J 28 -12.79 -11.89 -1.06
CA GLU J 28 -14.13 -11.38 -1.24
C GLU J 28 -14.10 -10.03 -1.94
N ARG J 29 -15.08 -9.82 -2.81
CA ARG J 29 -15.19 -8.57 -3.59
C ARG J 29 -16.66 -8.16 -3.60
N SER J 30 -16.92 -6.90 -3.29
CA SER J 30 -18.28 -6.37 -3.28
C SER J 30 -18.63 -5.85 -4.66
N PHE J 31 -19.69 -6.41 -5.26
CA PHE J 31 -20.17 -6.03 -6.57
C PHE J 31 -21.67 -5.76 -6.51
N ASP J 32 -22.13 -4.89 -7.39
CA ASP J 32 -23.55 -4.60 -7.46
C ASP J 32 -24.24 -5.72 -8.24
N ILE J 33 -25.57 -5.75 -8.13
CA ILE J 33 -26.34 -6.81 -8.78
C ILE J 33 -26.14 -6.78 -10.29
N TYR J 34 -26.28 -5.60 -10.92
CA TYR J 34 -26.12 -5.50 -12.36
C TYR J 34 -24.73 -5.89 -12.80
N SER J 35 -23.70 -5.48 -12.05
CA SER J 35 -22.33 -5.80 -12.42
C SER J 35 -22.02 -7.27 -12.18
N ARG J 36 -22.65 -7.87 -11.17
CA ARG J 36 -22.43 -9.29 -10.90
C ARG J 36 -22.89 -10.13 -12.10
N LEU J 37 -24.08 -9.85 -12.61
CA LEU J 37 -24.59 -10.59 -13.75
C LEU J 37 -23.80 -10.28 -15.02
N LEU J 38 -23.25 -9.07 -15.12
CA LEU J 38 -22.46 -8.71 -16.29
C LEU J 38 -21.22 -9.60 -16.40
N LYS J 39 -20.66 -10.01 -15.27
CA LYS J 39 -19.49 -10.88 -15.26
C LYS J 39 -19.79 -12.21 -15.95
N GLU J 40 -21.05 -12.63 -15.94
CA GLU J 40 -21.48 -13.89 -16.54
C GLU J 40 -22.02 -13.71 -17.96
N ARG J 41 -21.66 -12.62 -18.63
CA ARG J 41 -22.12 -12.35 -20.00
C ARG J 41 -23.63 -12.20 -20.06
N VAL J 42 -24.16 -11.32 -19.20
CA VAL J 42 -25.59 -11.05 -19.11
C VAL J 42 -25.79 -9.55 -19.14
N ILE J 43 -26.64 -9.08 -20.06
CA ILE J 43 -26.94 -7.66 -20.22
C ILE J 43 -28.45 -7.46 -20.03
N PHE J 44 -28.80 -6.34 -19.41
CA PHE J 44 -30.20 -5.98 -19.17
C PHE J 44 -30.60 -4.80 -20.04
N LEU J 45 -31.73 -4.92 -20.72
CA LEU J 45 -32.30 -3.87 -21.56
C LEU J 45 -33.63 -3.49 -20.91
N THR J 46 -33.62 -2.42 -20.12
CA THR J 46 -34.78 -1.96 -19.39
C THR J 46 -35.16 -0.53 -19.78
N GLY J 47 -36.46 -0.27 -19.73
CA GLY J 47 -37.02 1.04 -20.03
C GLY J 47 -37.00 1.39 -21.52
N GLN J 48 -37.26 2.67 -21.77
CA GLN J 48 -37.32 3.15 -23.14
C GLN J 48 -35.95 3.10 -23.79
N VAL J 49 -35.95 2.86 -25.10
CA VAL J 49 -34.72 2.77 -25.88
C VAL J 49 -34.32 4.19 -26.29
N GLU J 50 -33.18 4.64 -25.78
CA GLU J 50 -32.64 5.96 -26.05
C GLU J 50 -31.18 5.83 -26.44
N ASP J 51 -30.57 6.97 -26.79
CA ASP J 51 -29.18 6.99 -27.21
C ASP J 51 -28.23 6.68 -26.07
N HIS J 52 -28.54 7.09 -24.85
CA HIS J 52 -27.63 6.86 -23.73
C HIS J 52 -27.62 5.40 -23.32
N MET J 53 -28.80 4.81 -23.12
CA MET J 53 -28.84 3.41 -22.71
C MET J 53 -28.34 2.47 -23.80
N ALA J 54 -28.59 2.80 -25.07
CA ALA J 54 -28.14 1.95 -26.15
C ALA J 54 -26.63 2.01 -26.30
N ASN J 55 -26.05 3.21 -26.17
CA ASN J 55 -24.60 3.35 -26.27
C ASN J 55 -23.88 2.63 -25.14
N LEU J 56 -24.56 2.40 -24.01
CA LEU J 56 -23.96 1.71 -22.89
C LEU J 56 -23.94 0.21 -23.11
N ILE J 57 -24.98 -0.33 -23.74
CA ILE J 57 -25.05 -1.75 -24.01
C ILE J 57 -24.00 -2.15 -25.04
N VAL J 58 -23.74 -1.27 -26.01
CA VAL J 58 -22.76 -1.57 -27.05
C VAL J 58 -21.38 -1.75 -26.42
N ALA J 59 -21.04 -0.89 -25.46
CA ALA J 59 -19.74 -1.01 -24.80
C ALA J 59 -19.64 -2.31 -24.02
N GLN J 60 -20.76 -2.79 -23.45
CA GLN J 60 -20.74 -4.03 -22.71
C GLN J 60 -20.53 -5.22 -23.65
N MET J 61 -21.21 -5.22 -24.80
CA MET J 61 -21.06 -6.30 -25.76
C MET J 61 -19.63 -6.36 -26.28
N LEU J 62 -19.07 -5.21 -26.63
CA LEU J 62 -17.69 -5.17 -27.12
C LEU J 62 -16.72 -5.64 -26.04
N PHE J 63 -17.01 -5.31 -24.79
CA PHE J 63 -16.16 -5.72 -23.68
C PHE J 63 -16.16 -7.24 -23.53
N LEU J 64 -17.32 -7.87 -23.67
CA LEU J 64 -17.41 -9.31 -23.53
C LEU J 64 -16.79 -10.05 -24.70
N GLU J 65 -16.84 -9.46 -25.89
CA GLU J 65 -16.27 -10.12 -27.08
C GLU J 65 -14.77 -10.34 -26.90
N ALA J 66 -14.08 -9.32 -26.42
CA ALA J 66 -12.62 -9.43 -26.23
C ALA J 66 -12.28 -10.39 -25.11
N GLU J 67 -13.06 -10.37 -24.03
CA GLU J 67 -12.78 -11.25 -22.89
C GLU J 67 -12.92 -12.72 -23.29
N ASN J 68 -13.98 -13.05 -24.03
CA ASN J 68 -14.18 -14.42 -24.48
C ASN J 68 -15.01 -14.41 -25.77
N PRO J 69 -14.46 -14.81 -26.92
CA PRO J 69 -15.27 -14.83 -28.15
C PRO J 69 -16.01 -16.13 -28.42
N GLU J 70 -15.86 -17.14 -27.55
CA GLU J 70 -16.48 -18.45 -27.73
C GLU J 70 -17.61 -18.74 -26.76
N LYS J 71 -17.93 -17.82 -25.85
CA LYS J 71 -18.99 -18.02 -24.87
C LYS J 71 -20.25 -17.25 -25.28
N ASP J 72 -21.39 -17.90 -25.15
CA ASP J 72 -22.66 -17.29 -25.53
C ASP J 72 -23.03 -16.16 -24.59
N ILE J 73 -23.66 -15.13 -25.16
CA ILE J 73 -24.11 -13.95 -24.42
C ILE J 73 -25.62 -14.04 -24.29
N TYR J 74 -26.14 -13.59 -23.14
CA TYR J 74 -27.57 -13.61 -22.86
C TYR J 74 -28.06 -12.16 -22.74
N LEU J 75 -29.08 -11.83 -23.51
CA LEU J 75 -29.66 -10.49 -23.54
C LEU J 75 -31.14 -10.57 -23.16
N TYR J 76 -31.49 -10.02 -21.99
CA TYR J 76 -32.87 -9.99 -21.53
C TYR J 76 -33.46 -8.65 -21.93
N ILE J 77 -34.58 -8.68 -22.65
CA ILE J 77 -35.22 -7.46 -23.14
C ILE J 77 -36.60 -7.33 -22.52
N ASN J 78 -36.83 -6.21 -21.83
CA ASN J 78 -38.12 -5.85 -21.24
C ASN J 78 -38.19 -4.34 -21.46
N SER J 79 -38.82 -3.92 -22.55
CA SER J 79 -38.89 -2.50 -22.86
C SER J 79 -40.06 -2.23 -23.78
N PRO J 80 -40.68 -1.04 -23.70
CA PRO J 80 -41.77 -0.69 -24.62
C PRO J 80 -41.32 -0.08 -25.94
N GLY J 81 -40.03 -0.16 -26.25
CA GLY J 81 -39.50 0.43 -27.47
C GLY J 81 -39.02 1.84 -27.24
N GLY J 82 -38.64 2.49 -28.33
CA GLY J 82 -38.15 3.85 -28.26
C GLY J 82 -37.66 4.40 -29.59
N VAL J 83 -36.52 5.09 -29.57
CA VAL J 83 -35.97 5.68 -30.78
C VAL J 83 -35.50 4.57 -31.71
N ILE J 84 -35.70 4.78 -33.01
CA ILE J 84 -35.32 3.78 -34.00
C ILE J 84 -33.81 3.80 -34.23
N THR J 85 -33.24 4.99 -34.47
CA THR J 85 -31.81 5.09 -34.73
C THR J 85 -30.98 4.56 -33.57
N ALA J 86 -31.48 4.68 -32.33
CA ALA J 86 -30.75 4.17 -31.18
C ALA J 86 -30.73 2.64 -31.19
N GLY J 87 -31.81 2.02 -31.66
CA GLY J 87 -31.90 0.58 -31.68
C GLY J 87 -31.11 -0.06 -32.80
N MET J 88 -31.00 0.60 -33.95
CA MET J 88 -30.28 0.03 -35.07
C MET J 88 -28.79 -0.10 -34.78
N SER J 89 -28.25 0.70 -33.85
CA SER J 89 -26.84 0.59 -33.51
C SER J 89 -26.57 -0.73 -32.80
N ILE J 90 -27.54 -1.23 -32.04
CA ILE J 90 -27.37 -2.50 -31.33
C ILE J 90 -27.47 -3.67 -32.29
N TYR J 91 -28.34 -3.56 -33.30
CA TYR J 91 -28.52 -4.66 -34.25
C TYR J 91 -27.24 -4.93 -35.02
N ASP J 92 -26.60 -3.88 -35.55
CA ASP J 92 -25.36 -4.08 -36.29
C ASP J 92 -24.26 -4.61 -35.39
N THR J 93 -24.26 -4.21 -34.13
CA THR J 93 -23.23 -4.69 -33.21
C THR J 93 -23.39 -6.18 -32.93
N MET J 94 -24.61 -6.64 -32.71
CA MET J 94 -24.84 -8.04 -32.43
C MET J 94 -24.41 -8.93 -33.60
N GLN J 95 -24.64 -8.47 -34.83
CA GLN J 95 -24.27 -9.24 -36.00
C GLN J 95 -22.78 -9.14 -36.32
N PHE J 96 -22.16 -8.00 -35.99
CA PHE J 96 -20.75 -7.82 -36.29
C PHE J 96 -19.87 -8.74 -35.45
N ILE J 97 -20.19 -8.89 -34.17
CA ILE J 97 -19.37 -9.71 -33.28
C ILE J 97 -19.64 -11.19 -33.53
N LYS J 98 -18.58 -11.98 -33.44
CA LYS J 98 -18.68 -13.42 -33.65
C LYS J 98 -19.56 -14.16 -32.65
N PRO J 99 -19.49 -13.90 -31.33
CA PRO J 99 -20.32 -14.67 -30.39
C PRO J 99 -21.81 -14.57 -30.67
N ASP J 100 -22.51 -15.64 -30.35
CA ASP J 100 -23.95 -15.71 -30.54
C ASP J 100 -24.65 -15.06 -29.35
N VAL J 101 -25.37 -13.97 -29.62
CA VAL J 101 -26.07 -13.22 -28.59
C VAL J 101 -27.46 -13.84 -28.42
N SER J 102 -27.63 -14.61 -27.34
CA SER J 102 -28.91 -15.22 -27.04
C SER J 102 -29.85 -14.16 -26.46
N THR J 103 -31.10 -14.18 -26.92
CA THR J 103 -32.09 -13.20 -26.51
C THR J 103 -33.26 -13.88 -25.80
N ILE J 104 -33.88 -13.14 -24.88
CA ILE J 104 -35.02 -13.60 -24.10
C ILE J 104 -35.98 -12.43 -23.95
N CYS J 105 -37.27 -12.72 -24.03
CA CYS J 105 -38.32 -11.72 -23.92
C CYS J 105 -38.99 -11.82 -22.55
N MET J 106 -38.93 -10.74 -21.78
CA MET J 106 -39.53 -10.66 -20.45
C MET J 106 -40.54 -9.53 -20.43
N GLY J 107 -41.80 -9.86 -20.13
CA GLY J 107 -42.84 -8.86 -20.03
C GLY J 107 -43.45 -8.41 -21.35
N GLN J 108 -42.69 -7.66 -22.15
CA GLN J 108 -43.21 -7.16 -23.40
C GLN J 108 -42.06 -6.86 -24.36
N ALA J 109 -42.40 -6.84 -25.65
CA ALA J 109 -41.45 -6.58 -26.73
C ALA J 109 -42.18 -5.76 -27.78
N ALA J 110 -41.90 -4.46 -27.81
CA ALA J 110 -42.54 -3.55 -28.74
C ALA J 110 -41.86 -3.62 -30.10
N SER J 111 -42.24 -2.68 -30.99
CA SER J 111 -41.71 -2.60 -32.34
C SER J 111 -40.19 -2.75 -32.38
N MET J 112 -39.48 -1.88 -31.64
CA MET J 112 -38.03 -1.98 -31.64
C MET J 112 -37.54 -3.12 -30.75
N GLY J 113 -38.27 -3.42 -29.68
CA GLY J 113 -37.89 -4.53 -28.83
C GLY J 113 -37.98 -5.85 -29.56
N ALA J 114 -38.96 -5.98 -30.45
CA ALA J 114 -39.14 -7.20 -31.23
C ALA J 114 -38.06 -7.34 -32.30
N PHE J 115 -37.60 -6.22 -32.85
CA PHE J 115 -36.58 -6.28 -33.90
C PHE J 115 -35.25 -6.76 -33.34
N LEU J 116 -34.89 -6.33 -32.14
CA LEU J 116 -33.65 -6.80 -31.53
C LEU J 116 -33.82 -8.22 -31.01
N LEU J 117 -35.04 -8.61 -30.65
CA LEU J 117 -35.29 -9.95 -30.16
C LEU J 117 -35.10 -10.98 -31.27
N THR J 118 -35.76 -10.78 -32.41
CA THR J 118 -35.64 -11.70 -33.52
C THR J 118 -34.27 -11.67 -34.17
N ALA J 119 -33.50 -10.60 -33.96
CA ALA J 119 -32.17 -10.49 -34.54
C ALA J 119 -31.14 -11.36 -33.84
N GLY J 120 -31.52 -12.04 -32.74
CA GLY J 120 -30.60 -12.89 -32.02
C GLY J 120 -30.16 -14.08 -32.84
N ALA J 121 -29.24 -14.87 -32.28
CA ALA J 121 -28.72 -16.03 -33.00
C ALA J 121 -29.82 -17.06 -33.22
N LYS J 122 -29.81 -17.66 -34.41
CA LYS J 122 -30.81 -18.66 -34.76
C LYS J 122 -30.65 -19.88 -33.86
N GLY J 123 -31.77 -20.34 -33.30
CA GLY J 123 -31.78 -21.48 -32.41
C GLY J 123 -31.56 -21.15 -30.96
N LYS J 124 -31.26 -19.90 -30.62
CA LYS J 124 -31.01 -19.46 -29.25
C LYS J 124 -31.94 -18.30 -28.86
N ARG J 125 -33.17 -18.32 -29.37
CA ARG J 125 -34.16 -17.30 -29.08
C ARG J 125 -35.30 -17.95 -28.32
N PHE J 126 -35.67 -17.36 -27.17
CA PHE J 126 -36.73 -17.91 -26.33
C PHE J 126 -37.65 -16.78 -25.86
N CYS J 127 -38.93 -17.13 -25.67
CA CYS J 127 -39.95 -16.21 -25.19
C CYS J 127 -40.63 -16.86 -23.99
N LEU J 128 -40.96 -16.06 -22.98
CA LEU J 128 -41.59 -16.59 -21.79
C LEU J 128 -43.02 -17.03 -22.11
N PRO J 129 -43.60 -17.91 -21.28
CA PRO J 129 -44.98 -18.38 -21.57
C PRO J 129 -46.04 -17.29 -21.52
N ASN J 130 -45.82 -16.22 -20.75
CA ASN J 130 -46.79 -15.15 -20.63
C ASN J 130 -46.33 -13.84 -21.26
N SER J 131 -45.22 -13.86 -22.00
CA SER J 131 -44.76 -12.66 -22.67
C SER J 131 -45.65 -12.34 -23.86
N ARG J 132 -45.53 -11.12 -24.38
CA ARG J 132 -46.29 -10.67 -25.52
C ARG J 132 -45.43 -9.75 -26.37
N VAL J 133 -45.53 -9.91 -27.69
CA VAL J 133 -44.78 -9.11 -28.65
C VAL J 133 -45.74 -8.25 -29.44
N MET J 134 -45.32 -7.03 -29.75
CA MET J 134 -46.11 -6.08 -30.51
C MET J 134 -45.24 -5.49 -31.60
N ILE J 135 -45.80 -5.38 -32.81
CA ILE J 135 -45.11 -4.83 -33.97
C ILE J 135 -46.03 -3.87 -34.70
N HIS J 136 -45.47 -2.76 -35.16
CA HIS J 136 -46.21 -1.76 -35.92
C HIS J 136 -45.23 -1.08 -36.87
N GLN J 137 -45.69 -0.03 -37.56
CA GLN J 137 -44.85 0.70 -38.48
C GLN J 137 -44.15 1.84 -37.77
N PRO J 138 -43.08 2.41 -38.35
CA PRO J 138 -42.40 3.52 -37.69
C PRO J 138 -43.30 4.73 -37.52
N LEU J 139 -43.09 5.45 -36.42
CA LEU J 139 -43.84 6.65 -36.09
C LEU J 139 -42.96 7.87 -36.30
N GLY J 140 -43.58 8.96 -36.71
CA GLY J 140 -42.83 10.18 -36.92
C GLY J 140 -43.74 11.38 -37.06
N GLY J 141 -43.17 12.44 -37.59
CA GLY J 141 -43.88 13.68 -37.81
C GLY J 141 -42.92 14.81 -38.08
N TYR J 142 -43.44 15.85 -38.73
CA TYR J 142 -42.62 17.01 -39.03
C TYR J 142 -43.53 18.22 -39.25
N GLN J 143 -42.97 19.40 -39.01
CA GLN J 143 -43.69 20.65 -39.19
C GLN J 143 -42.76 21.62 -39.91
N GLY J 144 -43.22 22.16 -41.03
CA GLY J 144 -42.41 23.08 -41.81
C GLY J 144 -42.97 23.22 -43.21
N GLN J 145 -42.10 23.61 -44.12
CA GLN J 145 -42.50 23.80 -45.51
C GLN J 145 -42.85 22.44 -46.14
N ALA J 146 -43.63 22.51 -47.22
CA ALA J 146 -44.03 21.29 -47.91
C ALA J 146 -42.85 20.56 -48.52
N THR J 147 -41.83 21.31 -48.97
CA THR J 147 -40.66 20.67 -49.56
C THR J 147 -39.90 19.83 -48.54
N ASP J 148 -39.84 20.31 -47.29
CA ASP J 148 -39.12 19.56 -46.26
C ASP J 148 -39.89 18.32 -45.83
N ILE J 149 -41.22 18.37 -45.85
CA ILE J 149 -42.02 17.21 -45.45
C ILE J 149 -41.80 16.06 -46.42
N GLU J 150 -41.65 16.38 -47.72
CA GLU J 150 -41.43 15.34 -48.72
C GLU J 150 -40.10 14.65 -48.50
N ILE J 151 -39.08 15.39 -48.08
CA ILE J 151 -37.77 14.81 -47.85
C ILE J 151 -37.81 13.82 -46.69
N HIS J 152 -38.36 14.26 -45.55
CA HIS J 152 -38.45 13.37 -44.40
C HIS J 152 -39.45 12.26 -44.61
N ALA J 153 -40.45 12.46 -45.48
CA ALA J 153 -41.42 11.42 -45.75
C ALA J 153 -40.81 10.30 -46.57
N ARG J 154 -39.99 10.65 -47.57
CA ARG J 154 -39.34 9.63 -48.38
C ARG J 154 -38.32 8.85 -47.56
N GLU J 155 -37.65 9.52 -46.63
CA GLU J 155 -36.65 8.85 -45.81
C GLU J 155 -37.29 7.85 -44.85
N ILE J 156 -38.33 8.27 -44.13
CA ILE J 156 -38.98 7.37 -43.19
C ILE J 156 -39.66 6.23 -43.92
N LEU J 157 -40.04 6.44 -45.19
CA LEU J 157 -40.62 5.35 -45.96
C LEU J 157 -39.58 4.30 -46.27
N LYS J 158 -38.35 4.73 -46.55
CA LYS J 158 -37.26 3.82 -46.82
C LYS J 158 -36.93 2.98 -45.59
N VAL J 159 -36.98 3.61 -44.41
CA VAL J 159 -36.70 2.89 -43.17
C VAL J 159 -37.72 1.80 -42.96
N LYS J 160 -39.00 2.10 -43.18
CA LYS J 160 -40.05 1.10 -43.03
C LYS J 160 -39.80 -0.08 -43.95
N GLY J 161 -39.39 0.19 -45.19
CA GLY J 161 -39.08 -0.89 -46.10
C GLY J 161 -37.85 -1.66 -45.67
N ARG J 162 -36.85 -0.95 -45.16
CA ARG J 162 -35.62 -1.59 -44.71
C ARG J 162 -35.86 -2.43 -43.46
N MET J 163 -36.70 -1.94 -42.55
CA MET J 163 -36.97 -2.68 -41.32
C MET J 163 -37.75 -3.96 -41.60
N ASN J 164 -38.57 -3.97 -42.66
CA ASN J 164 -39.34 -5.16 -42.99
C ASN J 164 -38.47 -6.22 -43.66
N GLU J 165 -37.50 -5.79 -44.47
CA GLU J 165 -36.62 -6.73 -45.14
C GLU J 165 -35.80 -7.53 -44.14
N LEU J 166 -35.25 -6.85 -43.13
CA LEU J 166 -34.44 -7.55 -42.13
C LEU J 166 -35.31 -8.43 -41.24
N MET J 167 -36.53 -7.98 -40.94
CA MET J 167 -37.43 -8.78 -40.12
C MET J 167 -37.74 -10.11 -40.80
N ALA J 168 -37.92 -10.07 -42.12
CA ALA J 168 -38.20 -11.29 -42.87
C ALA J 168 -36.98 -12.20 -42.91
N LEU J 169 -35.78 -11.61 -42.96
CA LEU J 169 -34.56 -12.39 -43.03
C LEU J 169 -34.39 -13.29 -41.81
N HIS J 170 -34.65 -12.77 -40.61
CA HIS J 170 -34.49 -13.56 -39.40
C HIS J 170 -35.71 -14.42 -39.11
N THR J 171 -36.91 -13.90 -39.36
CA THR J 171 -38.12 -14.67 -39.11
C THR J 171 -38.39 -15.72 -40.19
N GLY J 172 -37.79 -15.57 -41.37
CA GLY J 172 -38.00 -16.50 -42.46
C GLY J 172 -39.24 -16.26 -43.28
N GLN J 173 -40.16 -15.43 -42.81
CA GLN J 173 -41.38 -15.13 -43.55
C GLN J 173 -41.04 -14.35 -44.82
N SER J 174 -42.06 -14.14 -45.64
CA SER J 174 -41.88 -13.40 -46.88
C SER J 174 -42.01 -11.89 -46.61
N LEU J 175 -41.41 -11.10 -47.52
CA LEU J 175 -41.45 -9.66 -47.37
C LEU J 175 -42.88 -9.12 -47.45
N GLU J 176 -43.73 -9.75 -48.25
CA GLU J 176 -45.11 -9.29 -48.37
C GLU J 176 -45.90 -9.53 -47.09
N GLN J 177 -45.58 -10.61 -46.37
CA GLN J 177 -46.31 -10.92 -45.14
C GLN J 177 -45.97 -9.93 -44.04
N ILE J 178 -44.68 -9.55 -43.92
CA ILE J 178 -44.27 -8.63 -42.87
C ILE J 178 -44.92 -7.26 -43.08
N GLU J 179 -45.06 -6.83 -44.33
CA GLU J 179 -45.67 -5.53 -44.61
C GLU J 179 -47.14 -5.53 -44.19
N ARG J 180 -47.88 -6.58 -44.54
CA ARG J 180 -49.29 -6.66 -44.19
C ARG J 180 -49.51 -6.72 -42.69
N ASP J 181 -48.61 -7.41 -41.97
CA ASP J 181 -48.77 -7.57 -40.53
C ASP J 181 -48.28 -6.36 -39.74
N THR J 182 -47.39 -5.54 -40.30
CA THR J 182 -46.86 -4.37 -39.59
C THR J 182 -47.54 -3.07 -39.97
N GLU J 183 -48.59 -3.11 -40.80
CA GLU J 183 -49.29 -1.88 -41.15
C GLU J 183 -49.94 -1.25 -39.91
N ARG J 184 -50.36 -2.08 -38.97
CA ARG J 184 -50.98 -1.62 -37.73
C ARG J 184 -50.45 -2.47 -36.59
N ASP J 185 -50.78 -2.07 -35.36
CA ASP J 185 -50.34 -2.83 -34.19
C ASP J 185 -50.90 -4.24 -34.23
N ARG J 186 -50.02 -5.22 -33.98
CA ARG J 186 -50.40 -6.63 -34.01
C ARG J 186 -49.73 -7.33 -32.83
N PHE J 187 -50.55 -7.82 -31.90
CA PHE J 187 -50.04 -8.52 -30.73
C PHE J 187 -50.00 -10.01 -31.04
N LEU J 188 -48.90 -10.66 -30.65
CA LEU J 188 -48.69 -12.09 -30.87
C LEU J 188 -48.29 -12.74 -29.56
N SER J 189 -49.07 -13.74 -29.13
CA SER J 189 -48.78 -14.46 -27.91
C SER J 189 -47.48 -15.27 -28.06
N ALA J 190 -47.03 -15.84 -26.95
CA ALA J 190 -45.79 -16.63 -27.00
C ALA J 190 -45.91 -17.86 -27.89
N PRO J 191 -47.00 -18.63 -27.89
CA PRO J 191 -47.06 -19.77 -28.82
C PRO J 191 -47.08 -19.33 -30.28
N GLU J 192 -47.78 -18.24 -30.59
CA GLU J 192 -47.84 -17.76 -31.96
C GLU J 192 -46.48 -17.27 -32.44
N ALA J 193 -45.64 -16.76 -31.53
CA ALA J 193 -44.33 -16.27 -31.92
C ALA J 193 -43.46 -17.40 -32.45
N VAL J 194 -43.60 -18.60 -31.89
CA VAL J 194 -42.82 -19.74 -32.36
C VAL J 194 -43.25 -20.11 -33.77
N GLU J 195 -44.57 -20.21 -33.99
CA GLU J 195 -45.08 -20.53 -35.32
C GLU J 195 -44.73 -19.45 -36.33
N TYR J 196 -44.53 -18.22 -35.87
CA TYR J 196 -44.20 -17.10 -36.74
C TYR J 196 -42.71 -16.99 -37.05
N GLY J 197 -41.88 -17.86 -36.48
CA GLY J 197 -40.45 -17.81 -36.72
C GLY J 197 -39.70 -16.76 -35.94
N LEU J 198 -40.39 -15.99 -35.10
CA LEU J 198 -39.73 -14.96 -34.31
C LEU J 198 -38.80 -15.55 -33.26
N VAL J 199 -39.15 -16.72 -32.71
CA VAL J 199 -38.35 -17.39 -31.69
C VAL J 199 -38.31 -18.87 -32.02
N ASP J 200 -37.52 -19.61 -31.23
CA ASP J 200 -37.32 -21.03 -31.42
C ASP J 200 -38.10 -21.91 -30.46
N SER J 201 -38.15 -21.55 -29.17
CA SER J 201 -38.87 -22.37 -28.20
C SER J 201 -39.25 -21.50 -27.00
N ILE J 202 -39.79 -22.15 -25.96
CA ILE J 202 -40.22 -21.48 -24.73
C ILE J 202 -39.54 -22.16 -23.56
N LEU J 203 -39.02 -21.35 -22.63
CA LEU J 203 -38.34 -21.85 -21.43
C LEU J 203 -39.33 -21.89 -20.27
N THR J 204 -40.25 -22.87 -20.36
CA THR J 204 -41.30 -23.01 -19.35
C THR J 204 -40.71 -23.29 -17.97
N HIS J 205 -39.99 -24.40 -17.82
CA HIS J 205 -39.43 -24.83 -16.55
C HIS J 205 -37.90 -24.94 -16.63
N ARG J 206 -37.29 -25.07 -15.46
CA ARG J 206 -35.84 -25.18 -15.32
C ARG J 206 -35.47 -26.65 -15.57
N ASN J 207 -35.45 -27.01 -16.85
CA ASN J 207 -35.10 -28.36 -17.28
C ASN J 207 -34.10 -28.31 -18.42
N LEU K 16 -32.11 8.09 3.07
CA LEU K 16 -31.14 7.58 4.08
C LEU K 16 -31.41 6.10 4.39
N VAL K 17 -30.36 5.29 4.36
CA VAL K 17 -30.44 3.86 4.62
C VAL K 17 -29.49 3.55 5.78
N PRO K 18 -29.94 2.94 6.87
CA PRO K 18 -29.01 2.61 7.96
C PRO K 18 -28.04 1.51 7.56
N MET K 19 -26.89 1.52 8.23
CA MET K 19 -25.82 0.54 8.00
C MET K 19 -25.74 -0.44 9.16
N VAL K 20 -25.59 -1.73 8.83
CA VAL K 20 -25.48 -2.80 9.81
C VAL K 20 -24.14 -3.52 9.60
N ILE K 21 -23.77 -4.30 10.60
CA ILE K 21 -22.52 -5.06 10.60
C ILE K 21 -22.77 -6.57 10.68
N GLU K 22 -22.07 -7.32 9.85
CA GLU K 22 -22.19 -8.78 9.78
C GLU K 22 -20.77 -9.34 9.70
N GLN K 23 -20.29 -9.94 10.79
CA GLN K 23 -18.93 -10.48 10.87
C GLN K 23 -18.94 -12.00 10.71
N THR K 24 -18.75 -12.47 9.47
CA THR K 24 -18.71 -13.90 9.17
C THR K 24 -17.32 -14.33 8.68
N SER K 25 -16.44 -14.67 9.62
CA SER K 25 -15.10 -15.21 9.38
C SER K 25 -14.10 -14.26 8.73
N ARG K 26 -14.47 -13.01 8.43
CA ARG K 26 -13.56 -12.07 7.78
C ARG K 26 -13.45 -10.74 8.52
N GLY K 27 -13.91 -10.66 9.77
CA GLY K 27 -13.84 -9.43 10.51
C GLY K 27 -15.12 -8.64 10.36
N GLU K 28 -15.01 -7.33 10.57
CA GLU K 28 -16.15 -6.45 10.45
C GLU K 28 -16.42 -6.11 8.98
N ARG K 29 -17.70 -6.07 8.62
CA ARG K 29 -18.15 -5.77 7.27
C ARG K 29 -19.31 -4.79 7.33
N SER K 30 -19.21 -3.70 6.56
CA SER K 30 -20.26 -2.70 6.51
C SER K 30 -21.23 -3.06 5.39
N PHE K 31 -22.49 -3.32 5.75
CA PHE K 31 -23.53 -3.68 4.80
C PHE K 31 -24.77 -2.83 5.03
N ASP K 32 -25.51 -2.61 3.96
CA ASP K 32 -26.77 -1.89 4.05
C ASP K 32 -27.86 -2.83 4.56
N ILE K 33 -28.94 -2.24 5.06
CA ILE K 33 -30.03 -3.04 5.62
C ILE K 33 -30.65 -3.95 4.56
N TYR K 34 -30.96 -3.38 3.39
CA TYR K 34 -31.56 -4.18 2.31
C TYR K 34 -30.65 -5.33 1.90
N SER K 35 -29.34 -5.08 1.83
CA SER K 35 -28.41 -6.13 1.44
C SER K 35 -28.23 -7.16 2.55
N ARG K 36 -28.36 -6.74 3.81
CA ARG K 36 -28.23 -7.68 4.92
C ARG K 36 -29.32 -8.73 4.85
N LEU K 37 -30.57 -8.29 4.66
CA LEU K 37 -31.66 -9.25 4.54
C LEU K 37 -31.57 -10.04 3.25
N LEU K 38 -30.99 -9.43 2.20
CA LEU K 38 -30.83 -10.14 0.93
C LEU K 38 -29.93 -11.36 1.11
N LYS K 39 -28.93 -11.26 2.00
CA LYS K 39 -28.05 -12.38 2.26
C LYS K 39 -28.80 -13.58 2.80
N GLU K 40 -29.95 -13.36 3.45
CA GLU K 40 -30.76 -14.41 4.03
C GLU K 40 -31.91 -14.83 3.10
N ARG K 41 -31.80 -14.54 1.80
CA ARG K 41 -32.83 -14.93 0.83
C ARG K 41 -34.16 -14.23 1.14
N VAL K 42 -34.10 -12.91 1.29
CA VAL K 42 -35.27 -12.09 1.59
C VAL K 42 -35.30 -10.93 0.62
N ILE K 43 -36.43 -10.76 -0.06
CA ILE K 43 -36.63 -9.69 -1.05
C ILE K 43 -37.83 -8.86 -0.61
N PHE K 44 -37.73 -7.55 -0.84
CA PHE K 44 -38.78 -6.61 -0.50
C PHE K 44 -39.40 -6.05 -1.78
N LEU K 45 -40.72 -6.06 -1.86
CA LEU K 45 -41.47 -5.52 -2.99
C LEU K 45 -42.27 -4.35 -2.42
N THR K 46 -41.76 -3.14 -2.60
CA THR K 46 -42.36 -1.92 -2.09
C THR K 46 -42.68 -0.96 -3.21
N GLY K 47 -43.75 -0.19 -3.01
CA GLY K 47 -44.20 0.80 -3.97
C GLY K 47 -44.85 0.20 -5.21
N GLN K 48 -45.10 1.09 -6.16
CA GLN K 48 -45.75 0.71 -7.40
C GLN K 48 -44.86 -0.21 -8.23
N VAL K 49 -45.51 -1.12 -8.96
CA VAL K 49 -44.82 -2.08 -9.80
C VAL K 49 -44.58 -1.43 -11.15
N GLU K 50 -43.31 -1.24 -11.49
CA GLU K 50 -42.88 -0.61 -12.73
C GLU K 50 -41.82 -1.49 -13.39
N ASP K 51 -41.37 -1.06 -14.57
CA ASP K 51 -40.40 -1.81 -15.34
C ASP K 51 -39.02 -1.83 -14.67
N HIS K 52 -38.65 -0.75 -13.97
CA HIS K 52 -37.33 -0.71 -13.36
C HIS K 52 -37.25 -1.59 -12.13
N MET K 53 -38.22 -1.48 -11.23
CA MET K 53 -38.20 -2.31 -10.02
C MET K 53 -38.42 -3.77 -10.35
N ALA K 54 -39.18 -4.08 -11.40
CA ALA K 54 -39.43 -5.48 -11.74
C ALA K 54 -38.18 -6.14 -12.29
N ASN K 55 -37.43 -5.43 -13.14
CA ASN K 55 -36.20 -5.99 -13.67
C ASN K 55 -35.15 -6.18 -12.59
N LEU K 56 -35.24 -5.43 -11.48
CA LEU K 56 -34.28 -5.54 -10.41
C LEU K 56 -34.55 -6.76 -9.52
N ILE K 57 -35.83 -7.06 -9.29
CA ILE K 57 -36.18 -8.22 -8.46
C ILE K 57 -35.80 -9.52 -9.15
N VAL K 58 -35.92 -9.57 -10.48
CA VAL K 58 -35.59 -10.78 -11.22
C VAL K 58 -34.12 -11.12 -11.04
N ALA K 59 -33.25 -10.11 -11.08
CA ALA K 59 -31.82 -10.36 -10.90
C ALA K 59 -31.52 -10.87 -9.50
N GLN K 60 -32.29 -10.44 -8.50
CA GLN K 60 -32.06 -10.91 -7.14
C GLN K 60 -32.43 -12.39 -7.02
N MET K 61 -33.56 -12.78 -7.60
CA MET K 61 -33.97 -14.18 -7.54
C MET K 61 -32.95 -15.08 -8.23
N LEU K 62 -32.49 -14.68 -9.41
CA LEU K 62 -31.48 -15.47 -10.11
C LEU K 62 -30.19 -15.56 -9.31
N PHE K 63 -29.81 -14.45 -8.67
CA PHE K 63 -28.59 -14.44 -7.87
C PHE K 63 -28.72 -15.37 -6.67
N LEU K 64 -29.87 -15.39 -6.02
CA LEU K 64 -30.07 -16.26 -4.88
C LEU K 64 -30.19 -17.71 -5.31
N GLU K 65 -30.75 -17.95 -6.50
CA GLU K 65 -30.87 -19.31 -7.01
C GLU K 65 -29.50 -19.94 -7.17
N ALA K 66 -28.53 -19.17 -7.66
CA ALA K 66 -27.18 -19.69 -7.85
C ALA K 66 -26.50 -19.97 -6.52
N GLU K 67 -26.72 -19.11 -5.52
CA GLU K 67 -26.09 -19.31 -4.22
C GLU K 67 -26.60 -20.58 -3.57
N ASN K 68 -27.93 -20.75 -3.51
CA ASN K 68 -28.51 -21.96 -2.95
C ASN K 68 -29.89 -22.21 -3.55
N PRO K 69 -30.11 -23.26 -4.34
CA PRO K 69 -31.45 -23.54 -4.87
C PRO K 69 -32.30 -24.43 -3.97
N GLU K 70 -31.80 -24.81 -2.80
CA GLU K 70 -32.52 -25.68 -1.88
C GLU K 70 -33.09 -24.96 -0.66
N LYS K 71 -32.87 -23.66 -0.54
CA LYS K 71 -33.36 -22.88 0.59
C LYS K 71 -34.55 -22.05 0.16
N ASP K 72 -35.56 -21.98 1.03
CA ASP K 72 -36.77 -21.23 0.73
C ASP K 72 -36.47 -19.74 0.65
N ILE K 73 -37.17 -19.06 -0.25
CA ILE K 73 -37.03 -17.62 -0.46
C ILE K 73 -38.24 -16.94 0.18
N TYR K 74 -38.02 -15.77 0.78
CA TYR K 74 -39.06 -15.00 1.42
C TYR K 74 -39.26 -13.71 0.65
N LEU K 75 -40.52 -13.46 0.25
CA LEU K 75 -40.88 -12.27 -0.52
C LEU K 75 -41.97 -11.51 0.23
N TYR K 76 -41.63 -10.34 0.76
CA TYR K 76 -42.59 -9.50 1.45
C TYR K 76 -43.14 -8.51 0.44
N ILE K 77 -44.47 -8.47 0.29
CA ILE K 77 -45.13 -7.60 -0.68
C ILE K 77 -46.02 -6.61 0.05
N ASN K 78 -45.76 -5.32 -0.18
CA ASN K 78 -46.56 -4.22 0.33
C ASN K 78 -46.57 -3.22 -0.82
N SER K 79 -47.60 -3.28 -1.65
CA SER K 79 -47.64 -2.41 -2.82
C SER K 79 -49.09 -2.26 -3.29
N PRO K 80 -49.47 -1.10 -3.84
CA PRO K 80 -50.82 -0.92 -4.37
C PRO K 80 -51.01 -1.38 -5.80
N GLY K 81 -50.05 -2.14 -6.35
CA GLY K 81 -50.11 -2.61 -7.71
C GLY K 81 -49.49 -1.65 -8.70
N GLY K 82 -49.65 -1.97 -9.98
CA GLY K 82 -49.09 -1.15 -11.03
C GLY K 82 -49.26 -1.74 -12.42
N VAL K 83 -48.21 -1.68 -13.22
CA VAL K 83 -48.26 -2.20 -14.58
C VAL K 83 -48.37 -3.72 -14.55
N ILE K 84 -49.15 -4.27 -15.48
CA ILE K 84 -49.34 -5.71 -15.54
C ILE K 84 -48.13 -6.40 -16.14
N THR K 85 -47.65 -5.91 -17.29
CA THR K 85 -46.51 -6.52 -17.95
C THR K 85 -45.27 -6.55 -17.05
N ALA K 86 -45.10 -5.54 -16.20
CA ALA K 86 -43.97 -5.54 -15.29
C ALA K 86 -44.13 -6.62 -14.24
N GLY K 87 -45.36 -6.87 -13.81
CA GLY K 87 -45.60 -7.88 -12.80
C GLY K 87 -45.56 -9.30 -13.32
N MET K 88 -45.98 -9.52 -14.58
CA MET K 88 -45.97 -10.86 -15.13
C MET K 88 -44.57 -11.41 -15.31
N SER K 89 -43.56 -10.54 -15.40
CA SER K 89 -42.19 -11.02 -15.53
C SER K 89 -41.74 -11.71 -14.26
N ILE K 90 -42.22 -11.26 -13.11
CA ILE K 90 -41.86 -11.86 -11.83
C ILE K 90 -42.56 -13.19 -11.65
N TYR K 91 -43.81 -13.29 -12.11
CA TYR K 91 -44.57 -14.52 -11.96
C TYR K 91 -43.91 -15.67 -12.71
N ASP K 92 -43.54 -15.44 -13.97
CA ASP K 92 -42.91 -16.50 -14.75
C ASP K 92 -41.55 -16.89 -14.16
N THR K 93 -40.84 -15.91 -13.58
CA THR K 93 -39.54 -16.22 -12.98
C THR K 93 -39.70 -17.11 -11.75
N MET K 94 -40.69 -16.80 -10.90
CA MET K 94 -40.89 -17.58 -9.69
C MET K 94 -41.24 -19.03 -10.01
N GLN K 95 -42.01 -19.25 -11.08
CA GLN K 95 -42.39 -20.60 -11.46
C GLN K 95 -41.27 -21.33 -12.19
N PHE K 96 -40.42 -20.59 -12.91
CA PHE K 96 -39.33 -21.22 -13.63
C PHE K 96 -38.28 -21.78 -12.69
N ILE K 97 -37.95 -21.06 -11.64
CA ILE K 97 -36.92 -21.49 -10.70
C ILE K 97 -37.46 -22.57 -9.78
N LYS K 98 -36.60 -23.54 -9.47
CA LYS K 98 -36.97 -24.63 -8.58
C LYS K 98 -37.31 -24.23 -7.14
N PRO K 99 -36.59 -23.32 -6.47
CA PRO K 99 -36.91 -23.00 -5.08
C PRO K 99 -38.32 -22.46 -4.88
N ASP K 100 -38.86 -22.76 -3.70
CA ASP K 100 -40.21 -22.32 -3.32
C ASP K 100 -40.12 -20.89 -2.80
N VAL K 101 -40.78 -19.97 -3.51
CA VAL K 101 -40.77 -18.56 -3.14
C VAL K 101 -41.91 -18.32 -2.15
N SER K 102 -41.57 -18.19 -0.88
CA SER K 102 -42.57 -17.92 0.15
C SER K 102 -42.97 -16.45 0.07
N THR K 103 -44.27 -16.20 0.18
CA THR K 103 -44.82 -14.85 0.09
C THR K 103 -45.52 -14.47 1.38
N ILE K 104 -45.54 -13.17 1.65
CA ILE K 104 -46.15 -12.59 2.85
C ILE K 104 -46.79 -11.27 2.43
N CYS K 105 -47.97 -10.98 2.97
CA CYS K 105 -48.70 -9.77 2.69
C CYS K 105 -48.59 -8.81 3.86
N MET K 106 -48.04 -7.63 3.63
CA MET K 106 -47.86 -6.60 4.65
C MET K 106 -48.59 -5.33 4.20
N GLY K 107 -49.54 -4.90 5.01
CA GLY K 107 -50.26 -3.67 4.72
C GLY K 107 -51.38 -3.83 3.70
N GLN K 108 -51.01 -4.03 2.44
CA GLN K 108 -52.02 -4.16 1.38
C GLN K 108 -51.42 -4.92 0.20
N ALA K 109 -52.32 -5.53 -0.57
CA ALA K 109 -51.96 -6.30 -1.76
C ALA K 109 -53.05 -6.06 -2.79
N ALA K 110 -52.75 -5.26 -3.81
CA ALA K 110 -53.72 -4.92 -4.83
C ALA K 110 -53.79 -6.04 -5.87
N SER K 111 -54.51 -5.76 -6.97
CA SER K 111 -54.70 -6.70 -8.08
C SER K 111 -53.42 -7.42 -8.48
N MET K 112 -52.37 -6.67 -8.83
CA MET K 112 -51.11 -7.30 -9.20
C MET K 112 -50.34 -7.76 -7.97
N GLY K 113 -50.48 -7.04 -6.86
CA GLY K 113 -49.80 -7.48 -5.64
C GLY K 113 -50.34 -8.80 -5.14
N ALA K 114 -51.63 -9.03 -5.34
CA ALA K 114 -52.26 -10.28 -4.93
C ALA K 114 -51.90 -11.43 -5.85
N PHE K 115 -51.68 -11.13 -7.14
CA PHE K 115 -51.35 -12.19 -8.09
C PHE K 115 -49.99 -12.81 -7.77
N LEU K 116 -49.03 -11.98 -7.34
CA LEU K 116 -47.74 -12.51 -6.95
C LEU K 116 -47.81 -13.19 -5.60
N LEU K 117 -48.75 -12.75 -4.76
CA LEU K 117 -48.92 -13.35 -3.44
C LEU K 117 -49.44 -14.78 -3.56
N THR K 118 -50.54 -14.95 -4.29
CA THR K 118 -51.11 -16.28 -4.49
C THR K 118 -50.24 -17.16 -5.36
N ALA K 119 -49.33 -16.57 -6.15
CA ALA K 119 -48.46 -17.36 -7.01
C ALA K 119 -47.33 -18.05 -6.24
N GLY K 120 -47.21 -17.81 -4.94
CA GLY K 120 -46.19 -18.44 -4.14
C GLY K 120 -46.37 -19.94 -4.04
N ALA K 121 -45.41 -20.60 -3.40
CA ALA K 121 -45.49 -22.05 -3.25
C ALA K 121 -46.68 -22.46 -2.39
N LYS K 122 -47.34 -23.53 -2.81
CA LYS K 122 -48.50 -24.02 -2.07
C LYS K 122 -48.07 -24.49 -0.69
N GLY K 123 -48.80 -24.04 0.34
CA GLY K 123 -48.48 -24.39 1.71
C GLY K 123 -47.52 -23.44 2.39
N LYS K 124 -46.95 -22.47 1.67
CA LYS K 124 -45.99 -21.51 2.20
C LYS K 124 -46.44 -20.08 1.95
N ARG K 125 -47.74 -19.85 2.01
CA ARG K 125 -48.34 -18.54 1.80
C ARG K 125 -48.99 -18.09 3.10
N PHE K 126 -48.64 -16.87 3.55
CA PHE K 126 -49.16 -16.32 4.79
C PHE K 126 -49.59 -14.88 4.59
N CYS K 127 -50.61 -14.49 5.37
CA CYS K 127 -51.16 -13.14 5.36
C CYS K 127 -51.19 -12.64 6.80
N LEU K 128 -50.88 -11.36 7.00
CA LEU K 128 -50.87 -10.80 8.34
C LEU K 128 -52.30 -10.71 8.88
N PRO K 129 -52.45 -10.65 10.21
CA PRO K 129 -53.81 -10.58 10.77
C PRO K 129 -54.60 -9.34 10.38
N ASN K 130 -53.92 -8.22 10.09
CA ASN K 130 -54.58 -6.98 9.73
C ASN K 130 -54.38 -6.59 8.27
N SER K 131 -53.80 -7.48 7.46
CA SER K 131 -53.61 -7.18 6.05
C SER K 131 -54.95 -7.24 5.31
N ARG K 132 -54.96 -6.69 4.10
CA ARG K 132 -56.15 -6.69 3.27
C ARG K 132 -55.74 -6.84 1.81
N VAL K 133 -56.49 -7.65 1.07
CA VAL K 133 -56.23 -7.93 -0.33
C VAL K 133 -57.36 -7.34 -1.16
N MET K 134 -57.00 -6.82 -2.35
CA MET K 134 -57.97 -6.24 -3.28
C MET K 134 -57.68 -6.78 -4.67
N ILE K 135 -58.76 -7.13 -5.38
CA ILE K 135 -58.66 -7.69 -6.73
C ILE K 135 -59.69 -7.02 -7.62
N HIS K 136 -59.30 -6.72 -8.85
CA HIS K 136 -60.21 -6.10 -9.81
C HIS K 136 -59.76 -6.54 -11.21
N GLN K 137 -60.39 -5.96 -12.24
CA GLN K 137 -60.07 -6.30 -13.62
C GLN K 137 -58.99 -5.37 -14.16
N PRO K 138 -58.32 -5.74 -15.25
CA PRO K 138 -57.28 -4.86 -15.80
C PRO K 138 -57.85 -3.52 -16.24
N LEU K 139 -57.02 -2.48 -16.09
CA LEU K 139 -57.38 -1.12 -16.48
C LEU K 139 -56.60 -0.72 -17.73
N GLY K 140 -57.23 0.10 -18.56
CA GLY K 140 -56.58 0.53 -19.77
C GLY K 140 -57.29 1.70 -20.41
N GLY K 141 -56.96 1.93 -21.67
CA GLY K 141 -57.54 3.00 -22.45
C GLY K 141 -56.74 3.25 -23.71
N TYR K 142 -57.40 3.86 -24.68
CA TYR K 142 -56.74 4.18 -25.95
C TYR K 142 -57.49 5.32 -26.61
N GLN K 143 -56.77 6.06 -27.46
CA GLN K 143 -57.34 7.18 -28.20
C GLN K 143 -56.85 7.08 -29.64
N GLY K 144 -57.78 7.05 -30.58
CA GLY K 144 -57.41 6.97 -31.99
C GLY K 144 -58.60 6.53 -32.82
N GLN K 145 -58.29 5.97 -33.98
CA GLN K 145 -59.32 5.47 -34.89
C GLN K 145 -60.02 4.27 -34.27
N ALA K 146 -61.24 4.00 -34.79
CA ALA K 146 -62.02 2.88 -34.27
C ALA K 146 -61.35 1.55 -34.56
N THR K 147 -60.63 1.43 -35.67
CA THR K 147 -59.96 0.18 -36.00
C THR K 147 -58.89 -0.15 -34.99
N ASP K 148 -58.17 0.86 -34.50
CA ASP K 148 -57.12 0.61 -33.52
C ASP K 148 -57.68 0.26 -32.15
N ILE K 149 -58.83 0.83 -31.80
CA ILE K 149 -59.44 0.55 -30.50
C ILE K 149 -59.86 -0.92 -30.42
N GLU K 150 -60.34 -1.48 -31.54
CA GLU K 150 -60.74 -2.88 -31.54
C GLU K 150 -59.54 -3.78 -31.30
N ILE K 151 -58.38 -3.40 -31.84
CA ILE K 151 -57.17 -4.20 -31.67
C ILE K 151 -56.74 -4.20 -30.21
N HIS K 152 -56.65 -3.00 -29.61
CA HIS K 152 -56.23 -2.91 -28.22
C HIS K 152 -57.29 -3.49 -27.28
N ALA K 153 -58.56 -3.51 -27.71
CA ALA K 153 -59.61 -4.08 -26.86
C ALA K 153 -59.49 -5.58 -26.81
N ARG K 154 -59.21 -6.22 -27.94
CA ARG K 154 -59.05 -7.67 -27.98
C ARG K 154 -57.84 -8.10 -27.17
N GLU K 155 -56.78 -7.29 -27.19
CA GLU K 155 -55.56 -7.63 -26.46
C GLU K 155 -55.79 -7.57 -24.95
N ILE K 156 -56.37 -6.48 -24.46
CA ILE K 156 -56.60 -6.36 -23.02
C ILE K 156 -57.62 -7.39 -22.56
N LEU K 157 -58.53 -7.82 -23.45
CA LEU K 157 -59.49 -8.85 -23.07
C LEU K 157 -58.78 -10.19 -22.88
N LYS K 158 -57.76 -10.44 -23.69
CA LYS K 158 -56.98 -11.67 -23.57
C LYS K 158 -56.29 -11.74 -22.22
N VAL K 159 -55.75 -10.61 -21.76
CA VAL K 159 -55.06 -10.57 -20.48
C VAL K 159 -56.02 -10.86 -19.35
N LYS K 160 -57.21 -10.26 -19.38
CA LYS K 160 -58.19 -10.49 -18.33
C LYS K 160 -58.56 -11.97 -18.27
N GLY K 161 -58.72 -12.61 -19.42
CA GLY K 161 -59.02 -14.04 -19.43
C GLY K 161 -57.85 -14.85 -18.93
N ARG K 162 -56.63 -14.45 -19.30
CA ARG K 162 -55.44 -15.17 -18.87
C ARG K 162 -55.20 -15.01 -17.39
N MET K 163 -55.45 -13.81 -16.85
CA MET K 163 -55.22 -13.58 -15.42
C MET K 163 -56.21 -14.35 -14.56
N ASN K 164 -57.41 -14.61 -15.08
CA ASN K 164 -58.39 -15.37 -14.30
C ASN K 164 -58.07 -16.86 -14.29
N GLU K 165 -57.52 -17.38 -15.39
CA GLU K 165 -57.18 -18.80 -15.44
C GLU K 165 -56.11 -19.14 -14.42
N LEU K 166 -55.07 -18.30 -14.32
CA LEU K 166 -53.99 -18.57 -13.38
C LEU K 166 -54.45 -18.38 -11.93
N MET K 167 -55.31 -17.40 -11.70
CA MET K 167 -55.82 -17.17 -10.34
C MET K 167 -56.57 -18.40 -9.83
N ALA K 168 -57.36 -19.02 -10.71
CA ALA K 168 -58.11 -20.21 -10.33
C ALA K 168 -57.18 -21.40 -10.07
N LEU K 169 -56.11 -21.50 -10.87
CA LEU K 169 -55.18 -22.61 -10.74
C LEU K 169 -54.53 -22.65 -9.36
N HIS K 170 -54.09 -21.51 -8.84
CA HIS K 170 -53.44 -21.49 -7.53
C HIS K 170 -54.44 -21.41 -6.40
N THR K 171 -55.52 -20.65 -6.57
CA THR K 171 -56.53 -20.54 -5.52
C THR K 171 -57.45 -21.75 -5.45
N GLY K 172 -57.52 -22.55 -6.51
CA GLY K 172 -58.37 -23.72 -6.54
C GLY K 172 -59.82 -23.45 -6.89
N GLN K 173 -60.26 -22.20 -6.86
CA GLN K 173 -61.63 -21.86 -7.20
C GLN K 173 -61.90 -22.13 -8.68
N SER K 174 -63.16 -22.00 -9.07
CA SER K 174 -63.55 -22.21 -10.46
C SER K 174 -63.35 -20.91 -11.25
N LEU K 175 -63.20 -21.07 -12.57
CA LEU K 175 -62.99 -19.92 -13.44
C LEU K 175 -64.20 -18.98 -13.43
N GLU K 176 -65.40 -19.54 -13.30
CA GLU K 176 -66.60 -18.71 -13.29
C GLU K 176 -66.69 -17.86 -12.03
N GLN K 177 -66.20 -18.37 -10.91
CA GLN K 177 -66.28 -17.63 -9.65
C GLN K 177 -65.33 -16.44 -9.66
N ILE K 178 -64.13 -16.60 -10.21
CA ILE K 178 -63.16 -15.51 -10.24
C ILE K 178 -63.66 -14.37 -11.11
N GLU K 179 -64.34 -14.70 -12.22
CA GLU K 179 -64.86 -13.66 -13.11
C GLU K 179 -65.92 -12.82 -12.41
N ARG K 180 -66.85 -13.48 -11.72
CA ARG K 180 -67.92 -12.78 -11.02
C ARG K 180 -67.36 -11.91 -9.89
N ASP K 181 -66.32 -12.40 -9.21
CA ASP K 181 -65.75 -11.68 -8.08
C ASP K 181 -64.80 -10.56 -8.49
N THR K 182 -64.23 -10.63 -9.71
CA THR K 182 -63.30 -9.61 -10.19
C THR K 182 -63.95 -8.57 -11.09
N GLU K 183 -65.28 -8.61 -11.26
CA GLU K 183 -65.94 -7.61 -12.09
C GLU K 183 -65.78 -6.21 -11.52
N ARG K 184 -65.68 -6.10 -10.20
CA ARG K 184 -65.50 -4.83 -9.52
C ARG K 184 -64.52 -5.05 -8.37
N ASP K 185 -64.09 -3.96 -7.75
CA ASP K 185 -63.16 -4.06 -6.63
C ASP K 185 -63.80 -4.87 -5.51
N ARG K 186 -63.02 -5.81 -4.97
CA ARG K 186 -63.49 -6.70 -3.90
C ARG K 186 -62.39 -6.83 -2.86
N PHE K 187 -62.67 -6.34 -1.65
CA PHE K 187 -61.73 -6.43 -0.54
C PHE K 187 -62.00 -7.69 0.26
N LEU K 188 -60.93 -8.36 0.66
CA LEU K 188 -61.01 -9.59 1.45
C LEU K 188 -60.12 -9.44 2.67
N SER K 189 -60.71 -9.60 3.85
CA SER K 189 -59.95 -9.52 5.08
C SER K 189 -59.00 -10.71 5.18
N ALA K 190 -58.14 -10.68 6.19
CA ALA K 190 -57.19 -11.77 6.37
C ALA K 190 -57.86 -13.11 6.62
N PRO K 191 -58.89 -13.23 7.47
CA PRO K 191 -59.52 -14.55 7.63
C PRO K 191 -60.19 -15.05 6.36
N GLU K 192 -60.85 -14.15 5.62
CA GLU K 192 -61.53 -14.55 4.40
C GLU K 192 -60.55 -15.05 3.33
N ALA K 193 -59.31 -14.56 3.36
CA ALA K 193 -58.33 -15.00 2.38
C ALA K 193 -58.01 -16.48 2.54
N VAL K 194 -58.02 -16.97 3.79
CA VAL K 194 -57.75 -18.39 4.03
C VAL K 194 -58.88 -19.24 3.46
N GLU K 195 -60.12 -18.85 3.74
CA GLU K 195 -61.27 -19.59 3.23
C GLU K 195 -61.34 -19.56 1.71
N TYR K 196 -60.77 -18.53 1.09
CA TYR K 196 -60.79 -18.38 -0.36
C TYR K 196 -59.64 -19.10 -1.05
N GLY K 197 -58.73 -19.73 -0.30
CA GLY K 197 -57.62 -20.43 -0.90
C GLY K 197 -56.48 -19.53 -1.35
N LEU K 198 -56.58 -18.22 -1.12
CA LEU K 198 -55.53 -17.30 -1.53
C LEU K 198 -54.25 -17.51 -0.73
N VAL K 199 -54.38 -17.90 0.54
CA VAL K 199 -53.24 -18.14 1.43
C VAL K 199 -53.50 -19.43 2.20
N ASP K 200 -52.51 -19.85 2.97
CA ASP K 200 -52.56 -21.09 3.74
C ASP K 200 -52.82 -20.88 5.22
N SER K 201 -52.20 -19.88 5.85
CA SER K 201 -52.41 -19.65 7.27
C SER K 201 -52.06 -18.19 7.58
N ILE K 202 -52.07 -17.86 8.87
CA ILE K 202 -51.78 -16.52 9.37
C ILE K 202 -50.63 -16.62 10.36
N LEU K 203 -49.66 -15.71 10.23
CA LEU K 203 -48.49 -15.67 11.11
C LEU K 203 -48.74 -14.69 12.26
N THR K 204 -49.62 -15.11 13.17
CA THR K 204 -49.98 -14.26 14.31
C THR K 204 -48.78 -14.04 15.23
N HIS K 205 -48.22 -15.13 15.76
CA HIS K 205 -47.09 -15.07 16.68
C HIS K 205 -46.01 -16.06 16.24
N ARG K 206 -44.82 -15.86 16.78
CA ARG K 206 -43.67 -16.70 16.47
C ARG K 206 -43.66 -17.91 17.38
N ASN K 207 -43.41 -19.09 16.80
CA ASN K 207 -43.37 -20.35 17.53
C ASN K 207 -42.02 -21.03 17.34
N LEU L 16 -28.05 16.38 5.29
CA LEU L 16 -26.71 16.00 5.82
C LEU L 16 -26.85 15.12 7.06
N VAL L 17 -26.00 14.11 7.16
CA VAL L 17 -25.98 13.17 8.27
C VAL L 17 -24.57 13.21 8.88
N PRO L 18 -24.40 13.59 10.14
CA PRO L 18 -23.05 13.58 10.72
C PRO L 18 -22.54 12.15 10.91
N MET L 19 -21.22 12.01 10.92
CA MET L 19 -20.54 10.75 11.10
C MET L 19 -19.88 10.69 12.48
N VAL L 20 -20.03 9.55 13.14
CA VAL L 20 -19.44 9.31 14.46
C VAL L 20 -18.51 8.10 14.35
N ILE L 21 -17.68 7.93 15.38
CA ILE L 21 -16.71 6.86 15.45
C ILE L 21 -17.02 6.00 16.66
N GLU L 22 -17.20 4.70 16.43
CA GLU L 22 -17.49 3.72 17.48
C GLU L 22 -16.25 2.88 17.71
N GLN L 23 -15.82 2.79 18.96
CA GLN L 23 -14.62 2.02 19.27
C GLN L 23 -14.89 0.54 19.05
N THR L 24 -13.88 -0.15 18.50
CA THR L 24 -13.96 -1.57 18.19
C THR L 24 -12.69 -2.25 18.69
N SER L 25 -12.72 -3.58 18.69
CA SER L 25 -11.58 -4.37 19.16
C SER L 25 -10.30 -4.08 18.36
N ARG L 26 -10.34 -4.30 17.04
CA ARG L 26 -9.16 -4.16 16.19
C ARG L 26 -9.22 -3.01 15.20
N GLY L 27 -10.25 -2.94 14.36
CA GLY L 27 -10.37 -1.90 13.34
C GLY L 27 -11.47 -0.91 13.65
N GLU L 28 -11.13 0.37 13.50
CA GLU L 28 -12.09 1.45 13.74
C GLU L 28 -13.08 1.53 12.58
N ARG L 29 -14.27 2.05 12.88
CA ARG L 29 -15.33 2.18 11.89
C ARG L 29 -15.99 3.55 12.02
N SER L 30 -16.53 4.02 10.90
CA SER L 30 -17.21 5.31 10.79
C SER L 30 -18.69 5.05 10.54
N PHE L 31 -19.51 5.23 11.57
CA PHE L 31 -20.95 5.02 11.50
C PHE L 31 -21.70 6.34 11.53
N ASP L 32 -22.86 6.34 10.89
CA ASP L 32 -23.73 7.51 10.92
C ASP L 32 -24.49 7.51 12.25
N ILE L 33 -25.06 8.67 12.59
CA ILE L 33 -25.78 8.79 13.86
C ILE L 33 -26.95 7.82 13.92
N TYR L 34 -27.75 7.74 12.86
CA TYR L 34 -28.89 6.84 12.84
C TYR L 34 -28.46 5.39 12.98
N SER L 35 -27.38 5.00 12.30
CA SER L 35 -26.92 3.61 12.38
C SER L 35 -26.28 3.32 13.73
N ARG L 36 -25.64 4.32 14.35
CA ARG L 36 -25.02 4.11 15.66
C ARG L 36 -26.07 3.75 16.70
N LEU L 37 -27.18 4.50 16.72
CA LEU L 37 -28.24 4.22 17.68
C LEU L 37 -28.94 2.91 17.35
N LEU L 38 -28.97 2.52 16.08
CA LEU L 38 -29.59 1.26 15.71
C LEU L 38 -28.86 0.09 16.35
N LYS L 39 -27.55 0.21 16.53
CA LYS L 39 -26.77 -0.83 17.18
C LYS L 39 -27.24 -1.06 18.61
N GLU L 40 -27.82 -0.04 19.25
CA GLU L 40 -28.33 -0.13 20.61
C GLU L 40 -29.83 -0.42 20.65
N ARG L 41 -30.39 -0.98 19.59
CA ARG L 41 -31.80 -1.34 19.54
C ARG L 41 -32.70 -0.11 19.66
N VAL L 42 -32.43 0.89 18.82
CA VAL L 42 -33.19 2.14 18.82
C VAL L 42 -33.58 2.46 17.39
N ILE L 43 -34.89 2.68 17.16
CA ILE L 43 -35.43 3.00 15.85
C ILE L 43 -36.14 4.34 15.94
N PHE L 44 -36.02 5.15 14.89
CA PHE L 44 -36.64 6.47 14.80
C PHE L 44 -37.75 6.45 13.75
N LEU L 45 -38.92 6.96 14.14
CA LEU L 45 -40.09 7.08 13.25
C LEU L 45 -40.32 8.56 13.05
N THR L 46 -39.85 9.09 11.92
CA THR L 46 -39.95 10.51 11.59
C THR L 46 -40.73 10.73 10.31
N GLY L 47 -41.47 11.84 10.29
CA GLY L 47 -42.26 12.26 9.15
C GLY L 47 -43.51 11.44 8.91
N GLN L 48 -44.09 11.66 7.74
CA GLN L 48 -45.32 10.99 7.34
C GLN L 48 -45.09 9.49 7.15
N VAL L 49 -46.12 8.72 7.46
CA VAL L 49 -46.08 7.27 7.33
C VAL L 49 -46.49 6.90 5.90
N GLU L 50 -45.54 6.34 5.16
CA GLU L 50 -45.72 5.92 3.78
C GLU L 50 -45.23 4.48 3.62
N ASP L 51 -45.34 3.96 2.40
CA ASP L 51 -44.94 2.60 2.14
C ASP L 51 -43.42 2.40 2.23
N HIS L 52 -42.63 3.40 1.84
CA HIS L 52 -41.19 3.23 1.86
C HIS L 52 -40.62 3.34 3.27
N MET L 53 -40.98 4.39 4.01
CA MET L 53 -40.45 4.54 5.37
C MET L 53 -40.94 3.43 6.28
N ALA L 54 -42.17 2.95 6.09
CA ALA L 54 -42.70 1.89 6.93
C ALA L 54 -41.99 0.57 6.62
N ASN L 55 -41.72 0.31 5.34
CA ASN L 55 -41.04 -0.92 4.96
C ASN L 55 -39.62 -0.96 5.51
N LEU L 56 -39.03 0.19 5.82
CA LEU L 56 -37.68 0.24 6.34
C LEU L 56 -37.65 -0.10 7.83
N ILE L 57 -38.68 0.33 8.57
CA ILE L 57 -38.72 0.06 10.00
C ILE L 57 -38.92 -1.43 10.26
N VAL L 58 -39.69 -2.10 9.41
CA VAL L 58 -39.93 -3.53 9.58
C VAL L 58 -38.62 -4.31 9.49
N ALA L 59 -37.76 -3.93 8.54
CA ALA L 59 -36.49 -4.62 8.38
C ALA L 59 -35.59 -4.41 9.60
N GLN L 60 -35.68 -3.25 10.24
CA GLN L 60 -34.85 -2.98 11.41
C GLN L 60 -35.26 -3.85 12.59
N MET L 61 -36.57 -3.99 12.82
CA MET L 61 -37.04 -4.83 13.91
C MET L 61 -36.64 -6.28 13.71
N LEU L 62 -36.79 -6.80 12.48
CA LEU L 62 -36.42 -8.17 12.20
C LEU L 62 -34.93 -8.39 12.40
N PHE L 63 -34.11 -7.41 12.01
CA PHE L 63 -32.66 -7.52 12.20
C PHE L 63 -32.31 -7.57 13.68
N LEU L 64 -32.97 -6.75 14.49
CA LEU L 64 -32.68 -6.74 15.92
C LEU L 64 -33.22 -7.99 16.61
N GLU L 65 -34.33 -8.54 16.10
CA GLU L 65 -34.89 -9.74 16.69
C GLU L 65 -33.90 -10.89 16.59
N ALA L 66 -33.28 -11.06 15.44
CA ALA L 66 -32.31 -12.13 15.25
C ALA L 66 -31.05 -11.88 16.06
N GLU L 67 -30.60 -10.63 16.14
CA GLU L 67 -29.38 -10.32 16.88
C GLU L 67 -29.57 -10.59 18.36
N ASN L 68 -30.68 -10.12 18.95
CA ASN L 68 -30.94 -10.37 20.35
C ASN L 68 -32.44 -10.33 20.64
N PRO L 69 -33.08 -11.44 21.02
CA PRO L 69 -34.50 -11.40 21.36
C PRO L 69 -34.79 -11.16 22.83
N GLU L 70 -33.77 -10.95 23.66
CA GLU L 70 -33.92 -10.74 25.10
C GLU L 70 -33.66 -9.32 25.54
N LYS L 71 -33.30 -8.41 24.63
CA LYS L 71 -33.02 -7.02 24.95
C LYS L 71 -34.18 -6.15 24.49
N ASP L 72 -34.57 -5.21 25.34
CA ASP L 72 -35.69 -4.32 25.03
C ASP L 72 -35.33 -3.37 23.90
N ILE L 73 -36.33 -3.07 23.07
CA ILE L 73 -36.20 -2.17 21.94
C ILE L 73 -36.84 -0.83 22.31
N TYR L 74 -36.24 0.26 21.86
CA TYR L 74 -36.74 1.61 22.11
C TYR L 74 -37.18 2.22 20.79
N LEU L 75 -38.42 2.72 20.75
CA LEU L 75 -39.00 3.32 19.55
C LEU L 75 -39.48 4.73 19.87
N TYR L 76 -38.80 5.73 19.30
CA TYR L 76 -39.17 7.13 19.46
C TYR L 76 -40.05 7.49 18.27
N ILE L 77 -41.25 7.99 18.52
CA ILE L 77 -42.21 8.32 17.47
C ILE L 77 -42.50 9.81 17.50
N ASN L 78 -42.26 10.47 16.37
CA ASN L 78 -42.56 11.89 16.16
C ASN L 78 -43.06 11.95 14.71
N SER L 79 -44.37 11.88 14.53
CA SER L 79 -44.93 11.88 13.18
C SER L 79 -46.37 12.34 13.23
N PRO L 80 -46.86 13.01 12.19
CA PRO L 80 -48.28 13.43 12.14
C PRO L 80 -49.21 12.38 11.57
N GLY L 81 -48.76 11.14 11.43
CA GLY L 81 -49.56 10.08 10.86
C GLY L 81 -49.38 9.96 9.36
N GLY L 82 -50.20 9.10 8.76
CA GLY L 82 -50.11 8.87 7.33
C GLY L 82 -51.02 7.78 6.82
N VAL L 83 -50.50 6.92 5.94
CA VAL L 83 -51.30 5.85 5.37
C VAL L 83 -51.64 4.83 6.45
N ILE L 84 -52.84 4.28 6.38
CA ILE L 84 -53.28 3.31 7.38
C ILE L 84 -52.64 1.95 7.11
N THR L 85 -52.69 1.47 5.86
CA THR L 85 -52.10 0.18 5.54
C THR L 85 -50.61 0.14 5.85
N ALA L 86 -49.93 1.27 5.73
CA ALA L 86 -48.50 1.32 6.03
C ALA L 86 -48.26 1.16 7.53
N GLY L 87 -49.16 1.71 8.36
CA GLY L 87 -48.98 1.62 9.79
C GLY L 87 -49.32 0.28 10.40
N MET L 88 -50.31 -0.43 9.83
CA MET L 88 -50.70 -1.71 10.39
C MET L 88 -49.61 -2.76 10.25
N SER L 89 -48.69 -2.59 9.29
CA SER L 89 -47.60 -3.54 9.14
C SER L 89 -46.66 -3.48 10.34
N ILE L 90 -46.49 -2.29 10.93
CA ILE L 90 -45.62 -2.14 12.08
C ILE L 90 -46.29 -2.72 13.33
N TYR L 91 -47.60 -2.55 13.45
CA TYR L 91 -48.32 -3.05 14.61
C TYR L 91 -48.22 -4.56 14.71
N ASP L 92 -48.50 -5.27 13.61
CA ASP L 92 -48.44 -6.72 13.63
C ASP L 92 -47.02 -7.21 13.88
N THR L 93 -46.01 -6.48 13.42
CA THR L 93 -44.64 -6.88 13.63
C THR L 93 -44.26 -6.80 15.10
N MET L 94 -44.66 -5.71 15.78
CA MET L 94 -44.33 -5.55 17.19
C MET L 94 -44.91 -6.67 18.03
N GLN L 95 -46.11 -7.13 17.71
CA GLN L 95 -46.74 -8.20 18.46
C GLN L 95 -46.20 -9.57 18.07
N PHE L 96 -45.75 -9.72 16.82
CA PHE L 96 -45.24 -11.01 16.36
C PHE L 96 -43.91 -11.35 17.04
N ILE L 97 -43.03 -10.37 17.17
CA ILE L 97 -41.71 -10.62 17.75
C ILE L 97 -41.82 -10.74 19.26
N LYS L 98 -41.02 -11.64 19.82
CA LYS L 98 -41.01 -11.85 21.27
C LYS L 98 -40.58 -10.63 22.08
N PRO L 99 -39.55 -9.86 21.71
CA PRO L 99 -39.15 -8.72 22.54
C PRO L 99 -40.25 -7.69 22.74
N ASP L 100 -40.20 -7.04 23.90
CA ASP L 100 -41.15 -6.00 24.25
C ASP L 100 -40.69 -4.70 23.61
N VAL L 101 -41.50 -4.17 22.69
CA VAL L 101 -41.16 -2.95 21.97
C VAL L 101 -41.61 -1.75 22.81
N SER L 102 -40.67 -1.10 23.48
CA SER L 102 -40.98 0.08 24.27
C SER L 102 -41.15 1.27 23.32
N THR L 103 -42.18 2.07 23.58
CA THR L 103 -42.49 3.23 22.76
C THR L 103 -42.42 4.51 23.57
N ILE L 104 -42.09 5.60 22.88
CA ILE L 104 -41.98 6.94 23.48
C ILE L 104 -42.56 7.93 22.48
N CYS L 105 -43.27 8.93 22.99
CA CYS L 105 -43.89 9.95 22.17
C CYS L 105 -43.09 11.25 22.29
N MET L 106 -42.59 11.72 21.15
CA MET L 106 -41.80 12.95 21.07
C MET L 106 -42.47 13.90 20.10
N GLY L 107 -42.83 15.08 20.58
CA GLY L 107 -43.44 16.09 19.73
C GLY L 107 -44.92 15.91 19.49
N GLN L 108 -45.31 14.89 18.73
CA GLN L 108 -46.72 14.68 18.42
C GLN L 108 -46.96 13.23 18.04
N ALA L 109 -48.20 12.79 18.26
CA ALA L 109 -48.65 11.43 17.96
C ALA L 109 -50.07 11.54 17.42
N ALA L 110 -50.22 11.41 16.11
CA ALA L 110 -51.52 11.53 15.46
C ALA L 110 -52.26 10.19 15.53
N SER L 111 -53.37 10.11 14.79
CA SER L 111 -54.24 8.93 14.73
C SER L 111 -53.46 7.63 14.60
N MET L 112 -52.62 7.51 13.58
CA MET L 112 -51.86 6.27 13.41
C MET L 112 -50.67 6.24 14.37
N GLY L 113 -50.10 7.40 14.69
CA GLY L 113 -49.01 7.42 15.65
C GLY L 113 -49.47 7.00 17.02
N ALA L 114 -50.71 7.32 17.38
CA ALA L 114 -51.25 6.94 18.68
C ALA L 114 -51.55 5.45 18.75
N PHE L 115 -51.95 4.85 17.63
CA PHE L 115 -52.26 3.42 17.63
C PHE L 115 -51.01 2.59 17.84
N LEU L 116 -49.89 2.99 17.23
CA LEU L 116 -48.64 2.27 17.42
C LEU L 116 -48.03 2.58 18.78
N LEU L 117 -48.32 3.76 19.33
CA LEU L 117 -47.80 4.12 20.65
C LEU L 117 -48.41 3.25 21.73
N THR L 118 -49.75 3.18 21.77
CA THR L 118 -50.42 2.37 22.78
C THR L 118 -50.23 0.88 22.54
N ALA L 119 -49.86 0.48 21.31
CA ALA L 119 -49.63 -0.92 21.00
C ALA L 119 -48.34 -1.47 21.60
N GLY L 120 -47.52 -0.63 22.21
CA GLY L 120 -46.28 -1.08 22.80
C GLY L 120 -46.50 -2.04 23.96
N ALA L 121 -45.41 -2.58 24.50
CA ALA L 121 -45.52 -3.51 25.60
C ALA L 121 -46.10 -2.83 26.83
N LYS L 122 -46.99 -3.55 27.52
CA LYS L 122 -47.62 -3.02 28.71
C LYS L 122 -46.57 -2.79 29.79
N GLY L 123 -46.60 -1.61 30.40
CA GLY L 123 -45.65 -1.24 31.42
C GLY L 123 -44.38 -0.60 30.92
N LYS L 124 -44.18 -0.54 29.60
CA LYS L 124 -43.00 0.06 28.99
C LYS L 124 -43.38 1.15 27.99
N ARG L 125 -44.46 1.88 28.28
CA ARG L 125 -44.94 2.97 27.44
C ARG L 125 -44.81 4.25 28.23
N PHE L 126 -44.17 5.26 27.63
CA PHE L 126 -43.93 6.53 28.29
C PHE L 126 -44.24 7.69 27.34
N CYS L 127 -44.70 8.79 27.94
CA CYS L 127 -45.02 10.02 27.22
C CYS L 127 -44.24 11.17 27.85
N LEU L 128 -43.75 12.07 27.01
CA LEU L 128 -42.99 13.20 27.52
C LEU L 128 -43.91 14.17 28.27
N PRO L 129 -43.35 15.00 29.15
CA PRO L 129 -44.21 15.95 29.89
C PRO L 129 -44.92 16.96 29.02
N ASN L 130 -44.36 17.30 27.85
CA ASN L 130 -44.95 18.28 26.94
C ASN L 130 -45.48 17.68 25.66
N SER L 131 -45.43 16.36 25.51
CA SER L 131 -45.96 15.73 24.31
C SER L 131 -47.48 15.63 24.39
N ARG L 132 -48.11 15.54 23.23
CA ARG L 132 -49.56 15.45 23.15
C ARG L 132 -49.96 14.47 22.05
N VAL L 133 -51.07 13.78 22.30
CA VAL L 133 -51.62 12.79 21.39
C VAL L 133 -52.96 13.28 20.85
N MET L 134 -53.23 12.94 19.59
CA MET L 134 -54.49 13.30 18.93
C MET L 134 -55.03 12.05 18.25
N ILE L 135 -56.33 11.83 18.38
CA ILE L 135 -57.00 10.66 17.82
C ILE L 135 -58.27 11.09 17.10
N HIS L 136 -58.53 10.48 15.95
CA HIS L 136 -59.74 10.75 15.18
C HIS L 136 -60.08 9.48 14.41
N GLN L 137 -61.08 9.57 13.52
CA GLN L 137 -61.51 8.41 12.74
C GLN L 137 -60.75 8.35 11.42
N PRO L 138 -60.74 7.19 10.75
CA PRO L 138 -60.02 7.11 9.48
C PRO L 138 -60.60 8.05 8.43
N LEU L 139 -59.71 8.56 7.58
CA LEU L 139 -60.09 9.46 6.49
C LEU L 139 -59.99 8.73 5.16
N GLY L 140 -60.86 9.10 4.24
CA GLY L 140 -60.85 8.48 2.94
C GLY L 140 -61.66 9.26 1.94
N GLY L 141 -61.99 8.59 0.85
CA GLY L 141 -62.78 9.18 -0.21
C GLY L 141 -62.70 8.36 -1.47
N TYR L 142 -63.70 8.54 -2.33
CA TYR L 142 -63.74 7.81 -3.60
C TYR L 142 -64.61 8.58 -4.57
N GLN L 143 -64.35 8.37 -5.86
CA GLN L 143 -65.11 9.00 -6.93
C GLN L 143 -65.43 7.93 -7.97
N GLY L 144 -66.71 7.77 -8.29
CA GLY L 144 -67.12 6.78 -9.27
C GLY L 144 -68.59 6.50 -9.14
N GLN L 145 -68.97 5.32 -9.63
CA GLN L 145 -70.36 4.88 -9.56
C GLN L 145 -70.79 4.66 -8.12
N ALA L 146 -72.11 4.69 -7.90
CA ALA L 146 -72.64 4.50 -6.56
C ALA L 146 -72.34 3.09 -6.05
N THR L 147 -72.31 2.10 -6.94
CA THR L 147 -72.03 0.73 -6.50
C THR L 147 -70.61 0.60 -5.97
N ASP L 148 -69.66 1.31 -6.57
CA ASP L 148 -68.28 1.23 -6.10
C ASP L 148 -68.09 1.97 -4.78
N ILE L 149 -68.83 3.06 -4.57
CA ILE L 149 -68.71 3.82 -3.34
C ILE L 149 -69.16 2.97 -2.15
N GLU L 150 -70.19 2.16 -2.34
CA GLU L 150 -70.70 1.32 -1.26
C GLU L 150 -69.65 0.30 -0.84
N ILE L 151 -68.89 -0.23 -1.79
CA ILE L 151 -67.87 -1.22 -1.48
C ILE L 151 -66.77 -0.57 -0.66
N HIS L 152 -66.24 0.56 -1.13
CA HIS L 152 -65.18 1.24 -0.40
C HIS L 152 -65.68 1.82 0.92
N ALA L 153 -66.98 2.11 1.01
CA ALA L 153 -67.53 2.64 2.26
C ALA L 153 -67.60 1.54 3.31
N ARG L 154 -68.02 0.34 2.91
CA ARG L 154 -68.08 -0.76 3.85
C ARG L 154 -66.69 -1.18 4.31
N GLU L 155 -65.70 -1.10 3.41
CA GLU L 155 -64.34 -1.50 3.75
C GLU L 155 -63.72 -0.54 4.76
N ILE L 156 -63.82 0.77 4.49
CA ILE L 156 -63.22 1.73 5.41
C ILE L 156 -63.96 1.72 6.73
N LEU L 157 -65.25 1.35 6.74
CA LEU L 157 -65.99 1.25 7.98
C LEU L 157 -65.47 0.07 8.80
N LYS L 158 -65.08 -1.01 8.12
CA LYS L 158 -64.54 -2.19 8.80
C LYS L 158 -63.25 -1.84 9.53
N VAL L 159 -62.40 -1.02 8.90
CA VAL L 159 -61.14 -0.62 9.51
C VAL L 159 -61.40 0.20 10.77
N LYS L 160 -62.37 1.12 10.69
CA LYS L 160 -62.71 1.94 11.84
C LYS L 160 -63.13 1.08 13.03
N GLY L 161 -63.94 0.06 12.78
CA GLY L 161 -64.35 -0.83 13.85
C GLY L 161 -63.19 -1.66 14.36
N ARG L 162 -62.33 -2.13 13.45
CA ARG L 162 -61.18 -2.93 13.83
C ARG L 162 -60.17 -2.11 14.62
N MET L 163 -59.96 -0.86 14.22
CA MET L 163 -59.00 -0.01 14.92
C MET L 163 -59.47 0.35 16.32
N ASN L 164 -60.79 0.40 16.53
CA ASN L 164 -61.32 0.71 17.85
C ASN L 164 -61.22 -0.50 18.79
N GLU L 165 -61.41 -1.70 18.24
CA GLU L 165 -61.33 -2.90 19.07
C GLU L 165 -59.93 -3.08 19.65
N LEU L 166 -58.90 -2.88 18.83
CA LEU L 166 -57.53 -3.03 19.31
C LEU L 166 -57.16 -1.90 20.26
N MET L 167 -57.66 -0.69 20.01
CA MET L 167 -57.37 0.43 20.89
C MET L 167 -57.88 0.17 22.30
N ALA L 168 -59.06 -0.44 22.40
CA ALA L 168 -59.63 -0.75 23.71
C ALA L 168 -58.84 -1.86 24.40
N LEU L 169 -58.35 -2.82 23.62
CA LEU L 169 -57.61 -3.95 24.19
C LEU L 169 -56.34 -3.49 24.91
N HIS L 170 -55.59 -2.57 24.31
CA HIS L 170 -54.35 -2.13 24.93
C HIS L 170 -54.58 -1.00 25.94
N THR L 171 -55.51 -0.09 25.64
CA THR L 171 -55.81 1.00 26.57
C THR L 171 -56.65 0.57 27.76
N GLY L 172 -57.35 -0.57 27.66
CA GLY L 172 -58.20 -1.05 28.71
C GLY L 172 -59.58 -0.45 28.75
N GLN L 173 -59.82 0.64 28.03
CA GLN L 173 -61.13 1.27 27.99
C GLN L 173 -62.13 0.36 27.29
N SER L 174 -63.39 0.76 27.33
CA SER L 174 -64.45 0.00 26.68
C SER L 174 -64.53 0.38 25.20
N LEU L 175 -65.08 -0.53 24.40
CA LEU L 175 -65.21 -0.28 22.97
C LEU L 175 -66.14 0.90 22.70
N GLU L 176 -67.16 1.08 23.54
CA GLU L 176 -68.08 2.20 23.35
C GLU L 176 -67.41 3.53 23.64
N GLN L 177 -66.46 3.56 24.59
CA GLN L 177 -65.78 4.79 24.94
C GLN L 177 -64.85 5.24 23.83
N ILE L 178 -64.13 4.31 23.21
CA ILE L 178 -63.20 4.67 22.14
C ILE L 178 -63.96 5.24 20.95
N GLU L 179 -65.14 4.69 20.66
CA GLU L 179 -65.93 5.18 19.54
C GLU L 179 -66.40 6.61 19.78
N ARG L 180 -66.89 6.89 20.98
CA ARG L 180 -67.36 8.24 21.30
C ARG L 180 -66.22 9.25 21.27
N ASP L 181 -65.04 8.85 21.71
CA ASP L 181 -63.89 9.76 21.77
C ASP L 181 -63.20 9.93 20.43
N THR L 182 -63.34 8.99 19.49
CA THR L 182 -62.69 9.08 18.20
C THR L 182 -63.60 9.60 17.09
N GLU L 183 -64.84 10.00 17.42
CA GLU L 183 -65.72 10.54 16.39
C GLU L 183 -65.16 11.83 15.80
N ARG L 184 -64.45 12.60 16.61
CA ARG L 184 -63.83 13.86 16.19
C ARG L 184 -62.45 13.95 16.82
N ASP L 185 -61.68 14.94 16.40
CA ASP L 185 -60.35 15.15 16.94
C ASP L 185 -60.43 15.38 18.44
N ARG L 186 -59.57 14.68 19.19
CA ARG L 186 -59.52 14.79 20.64
C ARG L 186 -58.08 14.83 21.09
N PHE L 187 -57.66 15.95 21.67
CA PHE L 187 -56.29 16.10 22.15
C PHE L 187 -56.24 15.72 23.63
N LEU L 188 -55.19 15.00 23.99
CA LEU L 188 -54.97 14.56 25.37
C LEU L 188 -53.58 14.96 25.81
N SER L 189 -53.51 15.72 26.91
CA SER L 189 -52.21 16.13 27.44
C SER L 189 -51.47 14.91 27.97
N ALA L 190 -50.21 15.12 28.36
CA ALA L 190 -49.42 14.02 28.89
C ALA L 190 -50.00 13.42 30.17
N PRO L 191 -50.49 14.19 31.15
CA PRO L 191 -51.08 13.54 32.33
C PRO L 191 -52.33 12.75 32.00
N GLU L 192 -53.17 13.28 31.12
CA GLU L 192 -54.42 12.61 30.75
C GLU L 192 -54.17 11.29 30.04
N ALA L 193 -53.05 11.16 29.33
CA ALA L 193 -52.77 9.92 28.61
C ALA L 193 -52.59 8.76 29.58
N VAL L 194 -51.99 9.02 30.75
CA VAL L 194 -51.79 7.96 31.74
C VAL L 194 -53.14 7.50 32.28
N GLU L 195 -53.99 8.46 32.66
CA GLU L 195 -55.31 8.13 33.20
C GLU L 195 -56.17 7.40 32.17
N TYR L 196 -55.92 7.63 30.89
CA TYR L 196 -56.69 6.99 29.83
C TYR L 196 -56.18 5.60 29.47
N GLY L 197 -55.09 5.14 30.08
CA GLY L 197 -54.54 3.84 29.77
C GLY L 197 -53.72 3.81 28.51
N LEU L 198 -53.55 4.94 27.83
CA LEU L 198 -52.76 4.98 26.59
C LEU L 198 -51.28 4.75 26.88
N VAL L 199 -50.79 5.21 28.03
CA VAL L 199 -49.41 5.06 28.43
C VAL L 199 -49.37 4.60 29.88
N ASP L 200 -48.17 4.32 30.36
CA ASP L 200 -47.95 3.84 31.72
C ASP L 200 -47.43 4.91 32.67
N SER L 201 -46.49 5.75 32.23
CA SER L 201 -45.94 6.79 33.10
C SER L 201 -45.35 7.89 32.23
N ILE L 202 -44.64 8.82 32.87
CA ILE L 202 -43.98 9.94 32.22
C ILE L 202 -42.49 9.83 32.52
N LEU L 203 -41.66 10.04 31.50
CA LEU L 203 -40.21 9.91 31.64
C LEU L 203 -39.58 11.27 31.93
N THR L 204 -39.43 11.56 33.22
CA THR L 204 -38.77 12.78 33.66
C THR L 204 -37.28 12.55 33.86
N HIS L 205 -36.90 11.31 34.16
CA HIS L 205 -35.52 10.90 34.36
C HIS L 205 -35.48 9.39 34.15
N ARG L 206 -34.34 8.89 33.69
CA ARG L 206 -34.23 7.45 33.43
C ARG L 206 -34.40 6.66 34.71
N ASN L 207 -34.95 5.45 34.57
CA ASN L 207 -35.20 4.55 35.69
C ASN L 207 -36.05 5.21 36.77
N LEU M 16 -21.56 21.79 -0.78
CA LEU M 16 -20.28 21.10 -0.43
C LEU M 16 -19.95 21.29 1.03
N VAL M 17 -19.30 20.30 1.62
CA VAL M 17 -18.88 20.31 3.01
C VAL M 17 -17.37 20.10 3.04
N PRO M 18 -16.57 20.98 3.66
CA PRO M 18 -15.13 20.74 3.67
C PRO M 18 -14.76 19.55 4.55
N MET M 19 -13.62 18.95 4.23
CA MET M 19 -13.09 17.82 4.97
C MET M 19 -11.87 18.29 5.77
N VAL M 20 -11.80 17.84 7.01
CA VAL M 20 -10.70 18.18 7.91
C VAL M 20 -10.03 16.89 8.37
N ILE M 21 -8.84 17.05 8.93
CA ILE M 21 -8.04 15.93 9.43
C ILE M 21 -7.83 16.11 10.91
N GLU M 22 -8.18 15.08 11.68
CA GLU M 22 -7.99 15.05 13.13
C GLU M 22 -6.82 14.13 13.40
N GLN M 23 -5.78 14.66 14.04
CA GLN M 23 -4.60 13.86 14.33
C GLN M 23 -4.83 13.05 15.59
N THR M 24 -4.59 11.74 15.50
CA THR M 24 -4.76 10.82 16.61
C THR M 24 -3.51 9.96 16.75
N SER M 25 -3.47 9.21 17.85
CA SER M 25 -2.34 8.31 18.09
C SER M 25 -2.32 7.17 17.08
N ARG M 26 -3.49 6.67 16.70
CA ARG M 26 -3.55 5.56 15.76
C ARG M 26 -3.14 6.00 14.36
N GLY M 27 -3.68 7.11 13.88
CA GLY M 27 -3.35 7.59 12.56
C GLY M 27 -4.24 8.73 12.15
N GLU M 28 -4.00 9.21 10.93
CA GLU M 28 -4.78 10.31 10.39
C GLU M 28 -6.14 9.80 9.93
N ARG M 29 -7.18 10.60 10.18
CA ARG M 29 -8.54 10.27 9.80
C ARG M 29 -9.21 11.51 9.23
N SER M 30 -9.84 11.35 8.07
CA SER M 30 -10.54 12.46 7.42
C SER M 30 -11.97 12.52 7.93
N PHE M 31 -12.35 13.67 8.48
CA PHE M 31 -13.68 13.89 9.01
C PHE M 31 -14.25 15.18 8.44
N ASP M 32 -15.58 15.24 8.37
CA ASP M 32 -16.24 16.44 7.91
C ASP M 32 -16.26 17.46 9.06
N ILE M 33 -16.51 18.72 8.70
CA ILE M 33 -16.51 19.79 9.71
C ILE M 33 -17.60 19.53 10.76
N TYR M 34 -18.81 19.19 10.33
CA TYR M 34 -19.89 18.94 11.27
C TYR M 34 -19.57 17.76 12.19
N SER M 35 -18.97 16.69 11.65
CA SER M 35 -18.66 15.53 12.46
C SER M 35 -17.51 15.78 13.40
N ARG M 36 -16.56 16.63 13.02
CA ARG M 36 -15.44 16.94 13.89
C ARG M 36 -15.92 17.62 15.16
N LEU M 37 -16.80 18.61 15.02
CA LEU M 37 -17.32 19.33 16.18
C LEU M 37 -18.24 18.44 17.01
N LEU M 38 -18.91 17.47 16.38
CA LEU M 38 -19.79 16.58 17.12
C LEU M 38 -19.01 15.77 18.15
N LYS M 39 -17.77 15.42 17.83
CA LYS M 39 -16.93 14.68 18.77
C LYS M 39 -16.69 15.45 20.05
N GLU M 40 -16.74 16.79 19.99
CA GLU M 40 -16.52 17.66 21.14
C GLU M 40 -17.80 18.06 21.84
N ARG M 41 -18.89 17.29 21.66
CA ARG M 41 -20.17 17.58 22.30
C ARG M 41 -20.72 18.93 21.81
N VAL M 42 -20.77 19.10 20.49
CA VAL M 42 -21.27 20.31 19.87
C VAL M 42 -22.27 19.93 18.79
N ILE M 43 -23.46 20.52 18.87
CA ILE M 43 -24.54 20.28 17.91
C ILE M 43 -24.93 21.60 17.28
N PHE M 44 -25.25 21.57 15.98
CA PHE M 44 -25.64 22.75 15.22
C PHE M 44 -27.13 22.71 14.89
N LEU M 45 -27.82 23.81 15.16
CA LEU M 45 -29.24 23.97 14.84
C LEU M 45 -29.31 25.04 13.77
N THR M 46 -29.44 24.61 12.51
CA THR M 46 -29.47 25.50 11.36
C THR M 46 -30.77 25.34 10.58
N GLY M 47 -31.23 26.45 10.02
CA GLY M 47 -32.43 26.50 9.22
C GLY M 47 -33.72 26.37 10.00
N GLN M 48 -34.80 26.19 9.24
CA GLN M 48 -36.13 26.08 9.82
C GLN M 48 -36.26 24.80 10.64
N VAL M 49 -37.07 24.88 11.69
CA VAL M 49 -37.30 23.74 12.58
C VAL M 49 -38.40 22.89 11.97
N GLU M 50 -38.05 21.66 11.58
CA GLU M 50 -38.95 20.70 10.97
C GLU M 50 -38.80 19.37 11.69
N ASP M 51 -39.59 18.38 11.26
CA ASP M 51 -39.56 17.07 11.87
C ASP M 51 -38.26 16.32 11.63
N HIS M 52 -37.65 16.49 10.44
CA HIS M 52 -36.43 15.76 10.13
C HIS M 52 -35.20 16.35 10.83
N MET M 53 -35.01 17.67 10.74
CA MET M 53 -33.86 18.28 11.39
C MET M 53 -33.94 18.16 12.91
N ALA M 54 -35.14 18.22 13.47
CA ALA M 54 -35.28 18.12 14.92
C ALA M 54 -34.98 16.70 15.39
N ASN M 55 -35.42 15.71 14.61
CA ASN M 55 -35.15 14.32 14.94
C ASN M 55 -33.66 14.00 14.89
N LEU M 56 -32.89 14.79 14.13
CA LEU M 56 -31.46 14.57 14.01
C LEU M 56 -30.71 15.08 15.24
N ILE M 57 -31.15 16.21 15.79
CA ILE M 57 -30.49 16.76 16.98
C ILE M 57 -30.73 15.87 18.18
N VAL M 58 -31.92 15.27 18.26
CA VAL M 58 -32.23 14.38 19.39
C VAL M 58 -31.31 13.17 19.39
N ALA M 59 -31.04 12.61 18.20
CA ALA M 59 -30.15 11.46 18.11
C ALA M 59 -28.74 11.82 18.53
N GLN M 60 -28.30 13.05 18.28
CA GLN M 60 -26.96 13.47 18.66
C GLN M 60 -26.82 13.56 20.17
N MET M 61 -27.83 14.11 20.84
CA MET M 61 -27.78 14.23 22.30
C MET M 61 -27.73 12.87 22.95
N LEU M 62 -28.56 11.93 22.48
CA LEU M 62 -28.57 10.59 23.05
C LEU M 62 -27.23 9.89 22.87
N PHE M 63 -26.59 10.10 21.72
CA PHE M 63 -25.30 9.47 21.47
C PHE M 63 -24.24 9.99 22.44
N LEU M 64 -24.25 11.28 22.74
CA LEU M 64 -23.25 11.83 23.65
C LEU M 64 -23.54 11.41 25.09
N GLU M 65 -24.82 11.23 25.44
CA GLU M 65 -25.15 10.81 26.79
C GLU M 65 -24.55 9.45 27.12
N ALA M 66 -24.66 8.50 26.19
CA ALA M 66 -24.11 7.17 26.42
C ALA M 66 -22.58 7.19 26.46
N GLU M 67 -21.96 7.99 25.58
CA GLU M 67 -20.51 8.04 25.56
C GLU M 67 -19.96 8.63 26.86
N ASN M 68 -20.55 9.73 27.32
CA ASN M 68 -20.12 10.35 28.57
C ASN M 68 -21.29 11.12 29.19
N PRO M 69 -21.83 10.72 30.34
CA PRO M 69 -22.92 11.48 30.96
C PRO M 69 -22.49 12.60 31.89
N GLU M 70 -21.20 12.86 32.05
CA GLU M 70 -20.70 13.89 32.96
C GLU M 70 -20.12 15.11 32.26
N LYS M 71 -20.08 15.15 30.93
CA LYS M 71 -19.53 16.27 30.19
C LYS M 71 -20.64 17.12 29.60
N ASP M 72 -20.47 18.44 29.71
CA ASP M 72 -21.47 19.39 29.22
C ASP M 72 -21.53 19.40 27.70
N ILE M 73 -22.74 19.59 27.19
CA ILE M 73 -23.02 19.66 25.77
C ILE M 73 -23.21 21.12 25.38
N TYR M 74 -22.75 21.49 24.19
CA TYR M 74 -22.85 22.85 23.68
C TYR M 74 -23.76 22.85 22.46
N LEU M 75 -24.76 23.74 22.46
CA LEU M 75 -25.73 23.86 21.38
C LEU M 75 -25.74 25.27 20.82
N TYR M 76 -25.27 25.42 19.59
CA TYR M 76 -25.27 26.71 18.90
C TYR M 76 -26.56 26.75 18.08
N ILE M 77 -27.36 27.79 18.28
CA ILE M 77 -28.67 27.92 17.63
C ILE M 77 -28.68 29.15 16.72
N ASN M 78 -28.96 28.91 15.45
CA ASN M 78 -29.13 29.96 14.43
C ASN M 78 -30.27 29.46 13.56
N SER M 79 -31.49 29.89 13.87
CA SER M 79 -32.65 29.43 13.12
C SER M 79 -33.79 30.42 13.26
N PRO M 80 -34.64 30.59 12.24
CA PRO M 80 -35.79 31.49 12.36
C PRO M 80 -37.03 30.84 12.95
N GLY M 81 -36.91 29.65 13.53
CA GLY M 81 -38.04 28.94 14.09
C GLY M 81 -38.68 27.99 13.09
N GLY M 82 -39.80 27.41 13.51
CA GLY M 82 -40.50 26.46 12.68
C GLY M 82 -41.69 25.81 13.36
N VAL M 83 -41.83 24.50 13.18
CA VAL M 83 -42.94 23.77 13.78
C VAL M 83 -42.77 23.73 15.29
N ILE M 84 -43.89 23.82 16.00
CA ILE M 84 -43.86 23.82 17.46
C ILE M 84 -43.64 22.41 17.99
N THR M 85 -44.41 21.44 17.50
CA THR M 85 -44.28 20.06 17.97
C THR M 85 -42.87 19.52 17.74
N ALA M 86 -42.21 19.97 16.68
CA ALA M 86 -40.85 19.53 16.42
C ALA M 86 -39.88 20.07 17.45
N GLY M 87 -40.11 21.29 17.93
CA GLY M 87 -39.21 21.89 18.90
C GLY M 87 -39.36 21.37 20.31
N MET M 88 -40.58 20.99 20.71
CA MET M 88 -40.77 20.49 22.07
C MET M 88 -40.06 19.17 22.30
N SER M 89 -39.79 18.41 21.24
CA SER M 89 -39.06 17.16 21.42
C SER M 89 -37.63 17.42 21.87
N ILE M 90 -37.05 18.53 21.42
CA ILE M 90 -35.69 18.90 21.80
C ILE M 90 -35.65 19.40 23.23
N TYR M 91 -36.66 20.17 23.64
CA TYR M 91 -36.68 20.72 25.00
C TYR M 91 -36.77 19.60 26.03
N ASP M 92 -37.71 18.67 25.84
CA ASP M 92 -37.85 17.58 26.78
C ASP M 92 -36.62 16.68 26.78
N THR M 93 -35.97 16.54 25.62
CA THR M 93 -34.78 15.71 25.56
C THR M 93 -33.63 16.32 26.36
N MET M 94 -33.44 17.64 26.25
CA MET M 94 -32.36 18.29 26.98
C MET M 94 -32.53 18.14 28.49
N GLN M 95 -33.78 18.20 28.96
CA GLN M 95 -34.04 18.07 30.39
C GLN M 95 -34.01 16.61 30.84
N PHE M 96 -34.34 15.69 29.94
CA PHE M 96 -34.35 14.28 30.31
C PHE M 96 -32.94 13.75 30.56
N ILE M 97 -31.99 14.16 29.73
CA ILE M 97 -30.61 13.70 29.87
C ILE M 97 -29.93 14.42 31.01
N LYS M 98 -29.07 13.68 31.73
CA LYS M 98 -28.35 14.26 32.85
C LYS M 98 -27.37 15.38 32.48
N PRO M 99 -26.59 15.29 31.41
CA PRO M 99 -25.64 16.38 31.10
C PRO M 99 -26.33 17.73 30.90
N ASP M 100 -25.60 18.78 31.25
CA ASP M 100 -26.10 20.15 31.12
C ASP M 100 -25.89 20.61 29.69
N VAL M 101 -26.98 20.89 29.00
CA VAL M 101 -26.93 21.33 27.60
C VAL M 101 -26.77 22.84 27.58
N SER M 102 -25.54 23.31 27.32
CA SER M 102 -25.28 24.72 27.21
C SER M 102 -25.77 25.22 25.85
N THR M 103 -26.42 26.39 25.85
CA THR M 103 -26.96 26.96 24.63
C THR M 103 -26.31 28.31 24.35
N ILE M 104 -26.24 28.64 23.05
CA ILE M 104 -25.65 29.88 22.56
C ILE M 104 -26.49 30.35 21.38
N CYS M 105 -26.70 31.66 21.27
CA CYS M 105 -27.49 32.25 20.20
C CYS M 105 -26.57 32.89 19.18
N MET M 106 -26.67 32.42 17.94
CA MET M 106 -25.88 32.92 16.82
C MET M 106 -26.82 33.42 15.75
N GLY M 107 -26.71 34.69 15.40
CA GLY M 107 -27.54 35.25 14.36
C GLY M 107 -28.94 35.67 14.79
N GLN M 108 -29.79 34.69 15.08
CA GLN M 108 -31.16 35.00 15.47
C GLN M 108 -31.75 33.85 16.27
N ALA M 109 -32.78 34.18 17.05
CA ALA M 109 -33.49 33.23 17.90
C ALA M 109 -34.96 33.61 17.87
N ALA M 110 -35.75 32.85 17.11
CA ALA M 110 -37.17 33.14 16.95
C ALA M 110 -37.95 32.56 18.14
N SER M 111 -39.29 32.59 18.02
CA SER M 111 -40.20 32.09 19.04
C SER M 111 -39.78 30.73 19.59
N MET M 112 -39.63 29.73 18.71
CA MET M 112 -39.24 28.41 19.19
C MET M 112 -37.74 28.37 19.47
N GLY M 113 -36.94 29.13 18.72
CA GLY M 113 -35.51 29.17 18.99
C GLY M 113 -35.22 29.79 20.34
N ALA M 114 -36.04 30.76 20.75
CA ALA M 114 -35.85 31.41 22.04
C ALA M 114 -36.25 30.50 23.19
N PHE M 115 -37.24 29.63 22.99
CA PHE M 115 -37.67 28.75 24.07
C PHE M 115 -36.61 27.68 24.34
N LEU M 116 -35.97 27.18 23.29
CA LEU M 116 -34.90 26.20 23.49
C LEU M 116 -33.64 26.87 24.00
N LEU M 117 -33.44 28.15 23.68
CA LEU M 117 -32.27 28.87 24.13
C LEU M 117 -32.31 29.07 25.64
N THR M 118 -33.41 29.64 26.15
CA THR M 118 -33.55 29.86 27.59
C THR M 118 -33.70 28.57 28.38
N ALA M 119 -34.07 27.47 27.71
CA ALA M 119 -34.24 26.19 28.39
C ALA M 119 -32.92 25.53 28.76
N GLY M 120 -31.79 26.10 28.37
CA GLY M 120 -30.49 25.53 28.69
C GLY M 120 -30.21 25.53 30.17
N ALA M 121 -29.09 24.94 30.56
CA ALA M 121 -28.72 24.88 31.97
C ALA M 121 -28.47 26.27 32.52
N LYS M 122 -28.94 26.50 33.74
CA LYS M 122 -28.77 27.79 34.40
C LYS M 122 -27.29 28.07 34.63
N GLY M 123 -26.86 29.27 34.25
CA GLY M 123 -25.47 29.65 34.38
C GLY M 123 -24.61 29.32 33.18
N LYS M 124 -25.13 28.59 32.20
CA LYS M 124 -24.40 28.21 31.00
C LYS M 124 -25.12 28.66 29.72
N ARG M 125 -25.77 29.82 29.79
CA ARG M 125 -26.48 30.39 28.66
C ARG M 125 -25.79 31.69 28.27
N PHE M 126 -25.47 31.83 26.99
CA PHE M 126 -24.77 33.01 26.48
C PHE M 126 -25.40 33.49 25.19
N CYS M 127 -25.34 34.79 24.97
CA CYS M 127 -25.85 35.45 23.78
C CYS M 127 -24.75 36.30 23.19
N LEU M 128 -24.66 36.33 21.86
CA LEU M 128 -23.62 37.10 21.21
C LEU M 128 -23.90 38.60 21.37
N PRO M 129 -22.88 39.45 21.24
CA PRO M 129 -23.11 40.89 21.42
C PRO M 129 -24.06 41.51 20.40
N ASN M 130 -24.15 40.95 19.19
CA ASN M 130 -25.01 41.48 18.14
C ASN M 130 -26.20 40.59 17.82
N SER M 131 -26.41 39.52 18.59
CA SER M 131 -27.55 38.66 18.32
C SER M 131 -28.84 39.34 18.76
N ARG M 132 -29.97 38.80 18.30
CA ARG M 132 -31.28 39.34 18.64
C ARG M 132 -32.26 38.19 18.75
N VAL M 133 -33.13 38.28 19.77
CA VAL M 133 -34.14 37.27 20.04
C VAL M 133 -35.51 37.88 19.80
N MET M 134 -36.42 37.06 19.25
CA MET M 134 -37.79 37.46 18.98
C MET M 134 -38.73 36.41 19.53
N ILE M 135 -39.81 36.86 20.17
CA ILE M 135 -40.80 35.98 20.78
C ILE M 135 -42.20 36.47 20.43
N HIS M 136 -43.09 35.54 20.13
CA HIS M 136 -44.48 35.85 19.80
C HIS M 136 -45.35 34.67 20.23
N GLN M 137 -46.64 34.72 19.89
CA GLN M 137 -47.55 33.66 20.26
C GLN M 137 -47.59 32.59 19.17
N PRO M 138 -48.09 31.38 19.49
CA PRO M 138 -48.16 30.33 18.48
C PRO M 138 -49.06 30.74 17.31
N LEU M 139 -48.70 30.28 16.12
CA LEU M 139 -49.44 30.55 14.90
C LEU M 139 -50.15 29.28 14.45
N GLY M 140 -51.32 29.46 13.86
CA GLY M 140 -52.08 28.32 13.38
C GLY M 140 -53.19 28.74 12.45
N GLY M 141 -54.11 27.82 12.25
CA GLY M 141 -55.26 28.05 11.39
C GLY M 141 -55.94 26.75 11.05
N TYR M 142 -57.20 26.86 10.67
CA TYR M 142 -57.98 25.68 10.30
C TYR M 142 -59.14 26.10 9.41
N GLN M 143 -59.60 25.17 8.58
CA GLN M 143 -60.73 25.39 7.69
C GLN M 143 -61.64 24.19 7.77
N GLY M 144 -62.91 24.43 8.07
CA GLY M 144 -63.86 23.33 8.19
C GLY M 144 -65.10 23.79 8.94
N GLN M 145 -65.80 22.82 9.51
CA GLN M 145 -67.00 23.09 10.26
C GLN M 145 -66.68 23.87 11.54
N ALA M 146 -67.70 24.54 12.07
CA ALA M 146 -67.51 25.32 13.30
C ALA M 146 -67.16 24.44 14.47
N THR M 147 -67.68 23.20 14.51
CA THR M 147 -67.37 22.30 15.60
C THR M 147 -65.89 21.93 15.60
N ASP M 148 -65.30 21.78 14.41
CA ASP M 148 -63.89 21.45 14.32
C ASP M 148 -63.00 22.62 14.70
N ILE M 149 -63.44 23.85 14.40
CA ILE M 149 -62.65 25.03 14.74
C ILE M 149 -62.52 25.16 16.25
N GLU M 150 -63.57 24.82 16.99
CA GLU M 150 -63.52 24.88 18.44
C GLU M 150 -62.51 23.88 18.99
N ILE M 151 -62.39 22.72 18.36
CA ILE M 151 -61.46 21.70 18.82
C ILE M 151 -60.02 22.18 18.64
N HIS M 152 -59.70 22.64 17.43
CA HIS M 152 -58.34 23.11 17.16
C HIS M 152 -58.03 24.43 17.86
N ALA M 153 -59.05 25.23 18.18
CA ALA M 153 -58.81 26.49 18.86
C ALA M 153 -58.41 26.27 20.31
N ARG M 154 -59.07 25.32 20.98
CA ARG M 154 -58.75 25.04 22.38
C ARG M 154 -57.34 24.47 22.52
N GLU M 155 -56.89 23.70 21.55
CA GLU M 155 -55.57 23.08 21.63
C GLU M 155 -54.47 24.13 21.49
N ILE M 156 -54.59 25.03 20.51
CA ILE M 156 -53.55 26.05 20.34
C ILE M 156 -53.49 26.98 21.55
N LEU M 157 -54.63 27.17 22.22
CA LEU M 157 -54.62 27.99 23.43
C LEU M 157 -53.87 27.26 24.55
N LYS M 158 -53.99 25.93 24.59
CA LYS M 158 -53.29 25.14 25.60
C LYS M 158 -51.79 25.26 25.43
N VAL M 159 -51.32 25.23 24.18
CA VAL M 159 -49.89 25.34 23.91
C VAL M 159 -49.37 26.70 24.35
N LYS M 160 -50.10 27.77 24.02
CA LYS M 160 -49.69 29.11 24.43
C LYS M 160 -49.58 29.22 25.94
N GLY M 161 -50.54 28.64 26.66
CA GLY M 161 -50.47 28.65 28.11
C GLY M 161 -49.31 27.81 28.62
N ARG M 162 -49.07 26.66 27.98
CA ARG M 162 -47.99 25.78 28.40
C ARG M 162 -46.63 26.41 28.11
N MET M 163 -46.49 27.09 26.96
CA MET M 163 -45.23 27.70 26.61
C MET M 163 -44.91 28.88 27.52
N ASN M 164 -45.93 29.56 28.05
CA ASN M 164 -45.69 30.70 28.93
C ASN M 164 -45.28 30.24 30.32
N GLU M 165 -45.85 29.13 30.79
CA GLU M 165 -45.51 28.61 32.11
C GLU M 165 -44.04 28.21 32.17
N LEU M 166 -43.55 27.51 31.15
CA LEU M 166 -42.16 27.07 31.13
C LEU M 166 -41.23 28.26 30.92
N MET M 167 -41.64 29.24 30.11
CA MET M 167 -40.81 30.41 29.87
C MET M 167 -40.54 31.16 31.16
N ALA M 168 -41.56 31.27 32.02
CA ALA M 168 -41.40 31.95 33.29
C ALA M 168 -40.49 31.17 34.23
N LEU M 169 -40.56 29.84 34.16
CA LEU M 169 -39.75 28.99 35.03
C LEU M 169 -38.26 29.22 34.82
N HIS M 170 -37.82 29.29 33.55
CA HIS M 170 -36.40 29.46 33.27
C HIS M 170 -35.99 30.92 33.31
N THR M 171 -36.85 31.82 32.82
CA THR M 171 -36.53 33.24 32.83
C THR M 171 -36.71 33.87 34.21
N GLY M 172 -37.48 33.24 35.10
CA GLY M 172 -37.74 33.75 36.42
C GLY M 172 -38.84 34.78 36.50
N GLN M 173 -39.28 35.33 35.37
CA GLN M 173 -40.34 36.31 35.36
C GLN M 173 -41.66 35.69 35.78
N SER M 174 -42.68 36.52 35.94
CA SER M 174 -44.00 36.06 36.32
C SER M 174 -44.78 35.60 35.08
N LEU M 175 -45.77 34.74 35.31
CA LEU M 175 -46.58 34.23 34.21
C LEU M 175 -47.35 35.35 33.52
N GLU M 176 -47.78 36.37 34.28
CA GLU M 176 -48.51 37.47 33.68
C GLU M 176 -47.60 38.31 32.77
N GLN M 177 -46.33 38.43 33.12
CA GLN M 177 -45.40 39.22 32.32
C GLN M 177 -45.11 38.55 30.99
N ILE M 178 -44.93 37.23 31.00
CA ILE M 178 -44.62 36.51 29.76
C ILE M 178 -45.81 36.60 28.79
N GLU M 179 -47.03 36.55 29.33
CA GLU M 179 -48.21 36.64 28.48
C GLU M 179 -48.31 38.00 27.81
N ARG M 180 -48.09 39.07 28.59
CA ARG M 180 -48.18 40.42 28.03
C ARG M 180 -47.11 40.66 26.97
N ASP M 181 -45.92 40.10 27.16
CA ASP M 181 -44.83 40.29 26.21
C ASP M 181 -44.93 39.40 24.99
N THR M 182 -45.64 38.28 25.07
CA THR M 182 -45.78 37.36 23.95
C THR M 182 -47.05 37.57 23.14
N GLU M 183 -47.85 38.60 23.46
CA GLU M 183 -49.07 38.85 22.69
C GLU M 183 -48.74 39.24 21.25
N ARG M 184 -47.62 39.92 21.05
CA ARG M 184 -47.17 40.34 19.72
C ARG M 184 -45.67 40.13 19.64
N ASP M 185 -45.12 40.29 18.44
CA ASP M 185 -43.68 40.16 18.23
C ASP M 185 -42.94 41.15 19.11
N ARG M 186 -41.92 40.67 19.80
CA ARG M 186 -41.12 41.51 20.70
C ARG M 186 -39.64 41.16 20.51
N PHE M 187 -38.86 42.12 20.01
CA PHE M 187 -37.44 41.92 19.81
C PHE M 187 -36.68 42.40 21.05
N LEU M 188 -35.67 41.63 21.44
CA LEU M 188 -34.85 41.94 22.61
C LEU M 188 -33.39 41.87 22.22
N SER M 189 -32.67 42.97 22.43
CA SER M 189 -31.24 43.01 22.15
C SER M 189 -30.49 42.09 23.12
N ALA M 190 -29.20 41.93 22.87
CA ALA M 190 -28.39 41.07 23.74
C ALA M 190 -28.32 41.56 25.18
N PRO M 191 -28.12 42.86 25.46
CA PRO M 191 -28.12 43.28 26.87
C PRO M 191 -29.47 43.08 27.55
N GLU M 192 -30.56 43.32 26.80
CA GLU M 192 -31.89 43.16 27.38
C GLU M 192 -32.18 41.71 27.77
N ALA M 193 -31.59 40.75 27.05
CA ALA M 193 -31.83 39.34 27.38
C ALA M 193 -31.29 39.01 28.76
N VAL M 194 -30.15 39.61 29.13
CA VAL M 194 -29.58 39.37 30.44
C VAL M 194 -30.50 39.94 31.53
N GLU M 195 -30.95 41.18 31.34
CA GLU M 195 -31.85 41.80 32.30
C GLU M 195 -33.17 41.07 32.41
N TYR M 196 -33.59 40.39 31.34
CA TYR M 196 -34.84 39.65 31.32
C TYR M 196 -34.72 38.22 31.85
N GLY M 197 -33.51 37.78 32.22
CA GLY M 197 -33.35 36.43 32.70
C GLY M 197 -33.28 35.38 31.61
N LEU M 198 -33.35 35.79 30.34
CA LEU M 198 -33.31 34.84 29.25
C LEU M 198 -31.95 34.17 29.12
N VAL M 199 -30.88 34.89 29.46
CA VAL M 199 -29.51 34.39 29.38
C VAL M 199 -28.78 34.82 30.65
N ASP M 200 -27.54 34.36 30.78
CA ASP M 200 -26.71 34.63 31.94
C ASP M 200 -25.65 35.70 31.71
N SER M 201 -24.99 35.71 30.56
CA SER M 201 -23.95 36.69 30.29
C SER M 201 -23.79 36.84 28.78
N ILE M 202 -22.77 37.61 28.38
CA ILE M 202 -22.46 37.86 26.98
C ILE M 202 -21.03 37.42 26.72
N LEU M 203 -20.83 36.71 25.60
CA LEU M 203 -19.52 36.21 25.20
C LEU M 203 -18.85 37.18 24.23
N THR M 204 -18.46 38.34 24.77
CA THR M 204 -17.81 39.35 23.94
C THR M 204 -16.46 38.85 23.42
N HIS M 205 -15.56 38.51 24.34
CA HIS M 205 -14.24 38.00 24.01
C HIS M 205 -13.96 36.76 24.83
N ARG M 206 -12.96 36.00 24.38
CA ARG M 206 -12.57 34.76 25.06
C ARG M 206 -11.58 35.09 26.16
N ASN M 207 -11.79 34.49 27.34
CA ASN M 207 -10.93 34.70 28.49
C ASN M 207 -10.56 33.37 29.14
N UNK N 1 30.54 -16.83 5.79
CA UNK N 1 31.44 -15.90 5.05
C UNK N 1 30.86 -14.49 5.01
N UNK N 2 29.97 -14.26 4.04
CA UNK N 2 29.32 -12.97 3.88
C UNK N 2 28.02 -12.96 4.67
N HIS N 3 27.20 -11.92 4.46
CA HIS N 3 25.93 -11.75 5.13
C HIS N 3 24.84 -11.49 4.09
N UNK N 4 23.68 -12.08 4.33
CA UNK N 4 22.52 -11.93 3.45
C UNK N 4 21.32 -11.56 4.29
N UNK N 5 20.60 -10.53 3.87
CA UNK N 5 19.43 -10.06 4.60
C UNK N 5 18.56 -9.26 3.66
N UNK N 6 17.34 -9.72 3.41
CA UNK N 6 16.41 -9.03 2.52
C UNK N 6 15.02 -9.60 2.73
N UNK N 7 14.05 -8.96 2.10
CA UNK N 7 12.66 -9.37 2.20
C UNK N 7 11.82 -8.75 1.09
#